data_4NWN
#
_entry.id   4NWN
#
_cell.length_a   246.010
_cell.length_b   246.010
_cell.length_c   290.940
_cell.angle_alpha   90.000
_cell.angle_beta   90.000
_cell.angle_gamma   120.000
#
_symmetry.space_group_name_H-M   'P 31 2 1'
#
loop_
_entity.id
_entity.type
_entity.pdbx_description
1 polymer 'Uncharacterized protein'
2 polymer 'Propanediol utilization: polyhedral bodies pduT'
#
loop_
_entity_poly.entity_id
_entity_poly.type
_entity_poly.pdbx_seq_one_letter_code
_entity_poly.pdbx_strand_id
1 'polypeptide(L)'
;MSQAIGILELTSIAKGMELGDAMLKSANVDLLVSKTISPGKFLLMLGGDIGAIQQAIETGTSQAGEMLVDSLVLANIHPS
VLPAISGLNSVDKRQAVGIVETWSVAACISAADLAVKGSNVTLVRVHMAFGIGGKCYMVVAGDVLDVAAAVATASLAAGA
KGLLVYASIIPRPHEAMWRQMVEGLEHHHHHH
;
A,C,E,G,I,K,M,O,Q,S,U,W
2 'polypeptide(L)'
;MGEVPIGDPKELNGMEIAAVYLQPIEMEPRGIDLAASLADIHLEADIHALKNNPNGFPEGFWMPYLTIAYALANADTGAI
KTGTLMPMVADDGPHYGANIAMEKDKKGGFGVGTYALTFLISNPEKQGFGRHVDEETGVGKWFEPFVVTYFFKYTGTPK
;
B,D,F,H,J,L,N,P,R,T,V,X
#
# COMPACT_ATOMS: atom_id res chain seq x y z
N SER A 2 58.10 -35.66 0.06
CA SER A 2 59.40 -35.04 -0.14
C SER A 2 59.36 -34.04 -1.29
N GLN A 3 58.30 -34.09 -2.09
CA GLN A 3 58.13 -33.19 -3.20
C GLN A 3 56.97 -32.22 -2.96
N ALA A 4 56.74 -31.31 -3.90
CA ALA A 4 55.67 -30.33 -3.76
C ALA A 4 54.98 -30.04 -5.08
N ILE A 5 53.70 -29.76 -5.02
CA ILE A 5 52.90 -29.43 -6.21
C ILE A 5 52.39 -28.00 -6.15
N GLY A 6 52.60 -27.25 -7.22
CA GLY A 6 52.15 -25.88 -7.31
C GLY A 6 51.07 -25.70 -8.36
N ILE A 7 50.03 -24.96 -8.01
CA ILE A 7 48.92 -24.74 -8.94
C ILE A 7 48.65 -23.24 -9.12
N LEU A 8 48.55 -22.81 -10.37
CA LEU A 8 48.28 -21.41 -10.68
C LEU A 8 47.23 -21.26 -11.77
N GLU A 9 46.20 -20.47 -11.49
CA GLU A 9 45.12 -20.25 -12.44
C GLU A 9 45.05 -18.77 -12.82
N LEU A 10 45.01 -18.51 -14.13
CA LEU A 10 44.96 -17.14 -14.63
C LEU A 10 43.71 -16.92 -15.49
N THR A 11 43.28 -15.66 -15.59
CA THR A 11 42.09 -15.32 -16.36
C THR A 11 42.41 -15.05 -17.82
N SER A 12 43.70 -14.97 -18.14
CA SER A 12 44.13 -14.71 -19.50
C SER A 12 44.98 -15.85 -20.05
N ILE A 13 44.70 -16.27 -21.28
CA ILE A 13 45.43 -17.35 -21.91
C ILE A 13 46.87 -16.95 -22.23
N ALA A 14 47.04 -15.74 -22.77
CA ALA A 14 48.36 -15.23 -23.13
C ALA A 14 49.25 -15.03 -21.90
N LYS A 15 48.69 -14.42 -20.86
CA LYS A 15 49.42 -14.18 -19.62
C LYS A 15 49.83 -15.49 -18.95
N GLY A 16 48.96 -16.50 -19.07
CA GLY A 16 49.24 -17.82 -18.54
C GLY A 16 50.46 -18.45 -19.18
N MET A 17 50.53 -18.32 -20.50
CA MET A 17 51.68 -18.83 -21.25
C MET A 17 52.92 -18.01 -20.91
N GLU A 18 52.74 -16.71 -20.72
CA GLU A 18 53.83 -15.82 -20.36
C GLU A 18 54.40 -16.20 -19.00
N LEU A 19 53.51 -16.45 -18.05
CA LEU A 19 53.92 -16.84 -16.71
C LEU A 19 54.48 -18.26 -16.71
N GLY A 20 53.99 -19.08 -17.62
CA GLY A 20 54.46 -20.45 -17.77
C GLY A 20 55.93 -20.49 -18.13
N ASP A 21 56.30 -19.71 -19.13
CA ASP A 21 57.70 -19.59 -19.52
C ASP A 21 58.52 -18.96 -18.40
N ALA A 22 57.92 -17.96 -17.75
CA ALA A 22 58.58 -17.26 -16.65
C ALA A 22 58.80 -18.17 -15.44
N MET A 23 57.78 -18.96 -15.10
CA MET A 23 57.86 -19.83 -13.93
C MET A 23 58.85 -20.97 -14.14
N LEU A 24 58.84 -21.55 -15.33
CA LEU A 24 59.73 -22.67 -15.66
C LEU A 24 61.20 -22.23 -15.62
N LYS A 25 61.44 -20.99 -16.03
CA LYS A 25 62.79 -20.43 -16.05
C LYS A 25 63.18 -19.89 -14.67
N SER A 26 62.20 -19.70 -13.81
CA SER A 26 62.44 -19.11 -12.49
C SER A 26 63.10 -20.09 -11.51
N ALA A 27 62.79 -21.37 -11.68
CA ALA A 27 63.34 -22.40 -10.79
C ALA A 27 63.32 -23.77 -11.46
N ASN A 28 63.99 -24.74 -10.84
CA ASN A 28 64.03 -26.10 -11.39
C ASN A 28 62.78 -26.88 -11.03
N VAL A 29 61.72 -26.67 -11.81
CA VAL A 29 60.45 -27.35 -11.59
C VAL A 29 59.91 -27.92 -12.90
N ASP A 30 59.14 -29.00 -12.80
CA ASP A 30 58.56 -29.63 -13.97
C ASP A 30 57.10 -29.21 -14.13
N LEU A 31 56.70 -28.93 -15.36
CA LEU A 31 55.33 -28.55 -15.67
C LEU A 31 54.42 -29.76 -15.69
N LEU A 32 53.42 -29.77 -14.82
CA LEU A 32 52.51 -30.91 -14.72
C LEU A 32 51.30 -30.73 -15.62
N VAL A 33 50.74 -29.53 -15.65
CA VAL A 33 49.58 -29.24 -16.47
C VAL A 33 49.63 -27.84 -17.08
N SER A 34 49.22 -27.74 -18.33
CA SER A 34 49.18 -26.45 -19.02
C SER A 34 48.14 -26.46 -20.13
N LYS A 35 46.92 -26.05 -19.79
CA LYS A 35 45.82 -26.05 -20.74
C LYS A 35 44.79 -24.98 -20.40
N THR A 36 44.00 -24.58 -21.41
CA THR A 36 42.96 -23.58 -21.22
C THR A 36 41.70 -24.23 -20.65
N ILE A 37 41.05 -23.53 -19.71
CA ILE A 37 39.82 -24.02 -19.10
C ILE A 37 38.66 -23.07 -19.38
N SER A 38 37.45 -23.64 -19.42
CA SER A 38 36.24 -22.84 -19.63
C SER A 38 36.05 -21.80 -18.52
N PRO A 39 35.57 -20.61 -18.88
CA PRO A 39 35.20 -20.22 -20.25
C PRO A 39 36.37 -19.66 -21.06
N GLY A 40 37.43 -19.24 -20.38
CA GLY A 40 38.59 -18.69 -21.05
C GLY A 40 39.76 -18.50 -20.11
N LYS A 41 39.81 -19.31 -19.06
CA LYS A 41 40.89 -19.23 -18.09
C LYS A 41 42.03 -20.19 -18.48
N PHE A 42 43.16 -20.06 -17.78
CA PHE A 42 44.31 -20.92 -18.01
C PHE A 42 44.80 -21.52 -16.71
N LEU A 43 45.06 -22.82 -16.72
CA LEU A 43 45.49 -23.52 -15.52
C LEU A 43 46.90 -24.07 -15.66
N LEU A 44 47.74 -23.77 -14.66
CA LEU A 44 49.11 -24.26 -14.67
C LEU A 44 49.39 -25.06 -13.39
N MET A 45 50.03 -26.22 -13.57
CA MET A 45 50.39 -27.07 -12.44
C MET A 45 51.87 -27.44 -12.55
N LEU A 46 52.62 -27.22 -11.47
CA LEU A 46 54.05 -27.49 -11.48
C LEU A 46 54.44 -28.44 -10.35
N GLY A 47 55.49 -29.21 -10.59
CA GLY A 47 55.98 -30.16 -9.60
C GLY A 47 57.48 -30.04 -9.40
N GLY A 48 57.95 -30.38 -8.20
CA GLY A 48 59.35 -30.30 -7.88
C GLY A 48 59.59 -30.18 -6.39
N ASP A 49 60.82 -29.82 -6.02
CA ASP A 49 61.19 -29.60 -4.62
C ASP A 49 60.34 -28.49 -3.98
N ILE A 50 60.21 -28.55 -2.66
CA ILE A 50 59.39 -27.59 -1.92
C ILE A 50 59.89 -26.16 -2.12
N GLY A 51 61.21 -25.99 -2.10
CA GLY A 51 61.80 -24.67 -2.29
C GLY A 51 61.56 -24.10 -3.67
N ALA A 52 61.79 -24.92 -4.70
CA ALA A 52 61.60 -24.50 -6.08
C ALA A 52 60.13 -24.19 -6.37
N ILE A 53 59.24 -25.03 -5.85
CA ILE A 53 57.81 -24.86 -6.06
C ILE A 53 57.31 -23.59 -5.37
N GLN A 54 57.83 -23.33 -4.18
CA GLN A 54 57.46 -22.13 -3.42
C GLN A 54 57.90 -20.87 -4.15
N GLN A 55 59.11 -20.90 -4.70
CA GLN A 55 59.65 -19.76 -5.43
C GLN A 55 58.90 -19.53 -6.74
N ALA A 56 58.57 -20.62 -7.44
CA ALA A 56 57.85 -20.54 -8.70
C ALA A 56 56.45 -19.98 -8.53
N ILE A 57 55.74 -20.45 -7.51
CA ILE A 57 54.39 -19.97 -7.23
C ILE A 57 54.38 -18.52 -6.80
N GLU A 58 55.40 -18.13 -6.04
CA GLU A 58 55.56 -16.74 -5.62
C GLU A 58 55.81 -15.84 -6.83
N THR A 59 56.74 -16.26 -7.69
CA THR A 59 57.06 -15.52 -8.90
C THR A 59 55.86 -15.40 -9.82
N GLY A 60 55.13 -16.50 -9.99
CA GLY A 60 53.95 -16.52 -10.84
C GLY A 60 52.85 -15.59 -10.34
N THR A 61 52.61 -15.63 -9.03
CA THR A 61 51.58 -14.81 -8.42
C THR A 61 51.96 -13.33 -8.45
N SER A 62 53.25 -13.04 -8.26
CA SER A 62 53.74 -11.67 -8.23
C SER A 62 53.62 -11.00 -9.59
N GLN A 63 53.63 -11.80 -10.65
CA GLN A 63 53.58 -11.28 -12.01
C GLN A 63 52.22 -11.52 -12.64
N ALA A 64 51.33 -12.17 -11.89
CA ALA A 64 50.00 -12.49 -12.39
C ALA A 64 49.12 -11.24 -12.51
N GLY A 65 49.30 -10.30 -11.58
CA GLY A 65 48.52 -9.08 -11.58
C GLY A 65 47.05 -9.33 -11.27
N GLU A 66 46.18 -8.63 -11.99
CA GLU A 66 44.73 -8.76 -11.77
C GLU A 66 44.13 -9.95 -12.51
N MET A 67 44.95 -10.68 -13.26
CA MET A 67 44.48 -11.83 -14.00
C MET A 67 44.51 -13.10 -13.15
N LEU A 68 45.04 -12.98 -11.94
CA LEU A 68 45.15 -14.12 -11.02
C LEU A 68 43.78 -14.58 -10.54
N VAL A 69 43.52 -15.87 -10.70
CA VAL A 69 42.26 -16.45 -10.24
C VAL A 69 42.39 -17.07 -8.86
N ASP A 70 43.33 -17.99 -8.71
CA ASP A 70 43.58 -18.65 -7.43
C ASP A 70 44.97 -19.27 -7.40
N SER A 71 45.47 -19.53 -6.19
CA SER A 71 46.78 -20.14 -6.03
C SER A 71 46.84 -21.00 -4.78
N LEU A 72 47.63 -22.07 -4.84
CA LEU A 72 47.75 -22.99 -3.72
C LEU A 72 49.05 -23.78 -3.80
N VAL A 73 49.65 -24.08 -2.65
CA VAL A 73 50.87 -24.87 -2.59
C VAL A 73 50.72 -26.07 -1.66
N LEU A 74 50.96 -27.27 -2.19
CA LEU A 74 50.85 -28.49 -1.42
C LEU A 74 52.21 -29.11 -1.13
N ALA A 75 52.65 -29.02 0.12
CA ALA A 75 53.95 -29.53 0.53
C ALA A 75 53.83 -30.96 1.07
N ASN A 76 54.97 -31.64 1.13
CA ASN A 76 55.05 -33.00 1.67
C ASN A 76 54.10 -33.98 0.96
N ILE A 77 54.18 -34.03 -0.36
CA ILE A 77 53.35 -34.93 -1.15
C ILE A 77 54.14 -36.13 -1.65
N HIS A 78 53.48 -37.28 -1.71
CA HIS A 78 54.07 -38.51 -2.22
C HIS A 78 54.60 -38.33 -3.64
N PRO A 79 55.75 -38.94 -3.95
CA PRO A 79 56.37 -38.77 -5.27
C PRO A 79 55.60 -39.49 -6.37
N SER A 80 54.77 -40.46 -6.00
CA SER A 80 53.96 -41.17 -6.98
C SER A 80 52.83 -40.28 -7.46
N VAL A 81 52.54 -39.22 -6.70
CA VAL A 81 51.47 -38.29 -7.04
C VAL A 81 51.86 -37.35 -8.18
N LEU A 82 53.15 -37.04 -8.28
CA LEU A 82 53.64 -36.10 -9.29
C LEU A 82 53.35 -36.57 -10.73
N PRO A 83 53.76 -37.80 -11.10
CA PRO A 83 53.45 -38.16 -12.49
C PRO A 83 51.99 -38.57 -12.64
N ALA A 84 51.33 -38.85 -11.52
CA ALA A 84 49.92 -39.23 -11.53
C ALA A 84 49.06 -38.03 -11.93
N ILE A 85 49.60 -36.84 -11.71
CA ILE A 85 48.91 -35.61 -12.06
C ILE A 85 49.20 -35.26 -13.52
N SER A 86 50.44 -35.45 -13.94
CA SER A 86 50.84 -35.12 -15.31
C SER A 86 50.38 -36.19 -16.29
N GLY A 87 50.19 -37.41 -15.81
CA GLY A 87 49.73 -38.50 -16.67
C GLY A 87 49.22 -39.72 -15.91
N LEU A 88 49.48 -40.89 -16.48
CA LEU A 88 49.08 -42.15 -15.86
C LEU A 88 50.25 -43.13 -15.86
N ASN A 89 50.45 -43.81 -14.73
CA ASN A 89 51.49 -44.81 -14.61
C ASN A 89 51.01 -46.20 -15.03
N SER A 90 51.91 -46.97 -15.62
CA SER A 90 51.59 -48.33 -16.08
C SER A 90 51.20 -49.24 -14.91
N VAL A 91 50.17 -50.05 -15.12
CA VAL A 91 49.67 -50.95 -14.08
C VAL A 91 49.88 -52.41 -14.46
N ASP A 92 51.01 -52.97 -14.04
CA ASP A 92 51.36 -54.36 -14.38
C ASP A 92 50.41 -55.35 -13.72
N LYS A 93 49.73 -54.90 -12.68
CA LYS A 93 48.76 -55.74 -12.00
C LYS A 93 47.34 -55.27 -12.35
N ARG A 94 46.49 -56.21 -12.69
CA ARG A 94 45.10 -55.93 -13.05
C ARG A 94 44.14 -56.49 -12.02
N GLN A 95 44.70 -57.06 -10.95
CA GLN A 95 43.92 -57.76 -9.94
C GLN A 95 42.80 -56.92 -9.32
N ALA A 96 43.11 -55.67 -8.97
CA ALA A 96 42.11 -54.81 -8.35
C ALA A 96 42.31 -53.33 -8.69
N VAL A 97 41.19 -52.62 -8.82
CA VAL A 97 41.23 -51.19 -9.11
C VAL A 97 40.43 -50.40 -8.06
N GLY A 98 40.92 -49.23 -7.72
CA GLY A 98 40.25 -48.38 -6.75
C GLY A 98 39.90 -47.01 -7.31
N ILE A 99 38.71 -46.53 -6.99
CA ILE A 99 38.27 -45.22 -7.45
C ILE A 99 37.65 -44.40 -6.32
N VAL A 100 38.22 -43.23 -6.07
CA VAL A 100 37.70 -42.32 -5.04
C VAL A 100 37.52 -40.93 -5.64
N GLU A 101 36.26 -40.50 -5.73
CA GLU A 101 35.95 -39.20 -6.30
C GLU A 101 35.72 -38.15 -5.22
N THR A 102 36.40 -37.02 -5.35
CA THR A 102 36.27 -35.93 -4.37
C THR A 102 36.04 -34.59 -5.06
N TRP A 103 35.45 -33.65 -4.32
CA TRP A 103 35.23 -32.30 -4.82
C TRP A 103 36.55 -31.52 -4.81
N SER A 104 36.85 -30.91 -5.96
CA SER A 104 38.10 -30.14 -6.16
C SER A 104 39.33 -31.04 -6.16
N VAL A 105 40.33 -30.63 -6.93
CA VAL A 105 41.56 -31.40 -7.06
C VAL A 105 42.39 -31.31 -5.78
N ALA A 106 42.15 -30.26 -5.00
CA ALA A 106 42.83 -30.06 -3.74
C ALA A 106 42.53 -31.22 -2.78
N ALA A 107 41.26 -31.55 -2.65
CA ALA A 107 40.85 -32.64 -1.77
C ALA A 107 41.30 -34.00 -2.32
N CYS A 108 41.25 -34.14 -3.63
CA CYS A 108 41.65 -35.38 -4.29
C CYS A 108 43.15 -35.65 -4.12
N ILE A 109 43.95 -34.59 -4.26
CA ILE A 109 45.40 -34.71 -4.12
C ILE A 109 45.79 -35.11 -2.71
N SER A 110 45.20 -34.42 -1.72
CA SER A 110 45.48 -34.70 -0.32
C SER A 110 45.05 -36.10 0.10
N ALA A 111 43.93 -36.57 -0.45
CA ALA A 111 43.43 -37.90 -0.14
C ALA A 111 44.35 -38.96 -0.74
N ALA A 112 44.80 -38.70 -1.97
CA ALA A 112 45.69 -39.60 -2.67
C ALA A 112 47.05 -39.67 -1.98
N ASP A 113 47.51 -38.51 -1.49
CA ASP A 113 48.78 -38.44 -0.79
C ASP A 113 48.77 -39.32 0.45
N LEU A 114 47.69 -39.21 1.23
CA LEU A 114 47.52 -40.01 2.43
C LEU A 114 47.31 -41.49 2.10
N ALA A 115 46.62 -41.74 1.00
CA ALA A 115 46.34 -43.10 0.57
C ALA A 115 47.62 -43.84 0.18
N VAL A 116 48.45 -43.20 -0.65
CA VAL A 116 49.68 -43.80 -1.13
C VAL A 116 50.67 -44.07 -0.01
N LYS A 117 50.76 -43.15 0.94
CA LYS A 117 51.69 -43.29 2.05
C LYS A 117 51.16 -44.25 3.11
N GLY A 118 49.86 -44.50 3.07
CA GLY A 118 49.22 -45.33 4.07
C GLY A 118 48.89 -46.73 3.58
N SER A 119 49.44 -47.10 2.43
CA SER A 119 49.20 -48.42 1.87
C SER A 119 50.34 -48.84 0.95
N ASN A 120 50.19 -50.01 0.33
CA ASN A 120 51.20 -50.52 -0.59
C ASN A 120 50.65 -50.57 -2.01
N VAL A 121 49.54 -49.87 -2.23
CA VAL A 121 48.93 -49.80 -3.54
C VAL A 121 49.64 -48.80 -4.44
N THR A 122 49.51 -49.00 -5.76
CA THR A 122 50.12 -48.08 -6.72
C THR A 122 49.07 -47.12 -7.29
N LEU A 123 49.36 -45.82 -7.19
CA LEU A 123 48.47 -44.79 -7.70
C LEU A 123 48.57 -44.69 -9.21
N VAL A 124 47.46 -45.01 -9.89
CA VAL A 124 47.46 -45.03 -11.34
C VAL A 124 47.48 -43.62 -11.93
N ARG A 125 46.48 -42.83 -11.56
CA ARG A 125 46.36 -41.46 -12.07
C ARG A 125 45.34 -40.64 -11.28
N VAL A 126 45.50 -39.32 -11.32
CA VAL A 126 44.53 -38.41 -10.73
C VAL A 126 43.98 -37.52 -11.83
N HIS A 127 42.67 -37.58 -12.05
CA HIS A 127 42.06 -36.89 -13.18
C HIS A 127 41.13 -35.76 -12.74
N MET A 128 41.27 -34.62 -13.40
CA MET A 128 40.40 -33.47 -13.18
C MET A 128 39.41 -33.35 -14.34
N ALA A 129 38.14 -33.61 -14.05
CA ALA A 129 37.11 -33.62 -15.07
C ALA A 129 36.92 -32.23 -15.69
N PHE A 130 36.95 -31.21 -14.84
CA PHE A 130 36.73 -29.84 -15.30
C PHE A 130 37.34 -28.82 -14.34
N GLY A 131 38.63 -28.57 -14.50
CA GLY A 131 39.32 -27.59 -13.68
C GLY A 131 39.69 -28.09 -12.31
N ILE A 132 40.32 -27.23 -11.52
CA ILE A 132 40.76 -27.59 -10.17
C ILE A 132 39.63 -27.48 -9.15
N GLY A 133 38.55 -26.81 -9.56
CA GLY A 133 37.41 -26.61 -8.68
C GLY A 133 36.28 -27.60 -8.92
N GLY A 134 36.38 -28.34 -10.02
CA GLY A 134 35.35 -29.29 -10.38
C GLY A 134 35.60 -30.64 -9.74
N LYS A 135 34.79 -31.62 -10.11
CA LYS A 135 34.92 -32.97 -9.59
C LYS A 135 36.25 -33.61 -9.98
N CYS A 136 36.95 -34.16 -9.01
CA CYS A 136 38.20 -34.85 -9.26
C CYS A 136 38.14 -36.27 -8.71
N TYR A 137 38.96 -37.16 -9.27
CA TYR A 137 38.92 -38.58 -8.89
C TYR A 137 40.31 -39.20 -8.88
N MET A 138 40.52 -40.15 -7.97
CA MET A 138 41.80 -40.84 -7.88
C MET A 138 41.66 -42.30 -8.29
N VAL A 139 42.70 -42.84 -8.92
CA VAL A 139 42.70 -44.23 -9.34
C VAL A 139 43.88 -45.00 -8.74
N VAL A 140 43.57 -46.05 -7.99
CA VAL A 140 44.59 -46.86 -7.36
C VAL A 140 44.56 -48.31 -7.85
N ALA A 141 45.69 -48.99 -7.76
CA ALA A 141 45.79 -50.38 -8.21
C ALA A 141 46.75 -51.16 -7.34
N GLY A 142 46.47 -52.44 -7.15
CA GLY A 142 47.30 -53.30 -6.32
C GLY A 142 46.53 -54.51 -5.82
N ASP A 143 47.00 -55.08 -4.73
CA ASP A 143 46.31 -56.20 -4.09
C ASP A 143 44.96 -55.74 -3.57
N VAL A 144 44.03 -56.69 -3.44
CA VAL A 144 42.69 -56.40 -2.95
C VAL A 144 42.70 -55.72 -1.58
N LEU A 145 43.57 -56.21 -0.69
CA LEU A 145 43.70 -55.64 0.64
C LEU A 145 44.32 -54.24 0.59
N ASP A 146 45.30 -54.07 -0.30
CA ASP A 146 46.00 -52.80 -0.43
C ASP A 146 45.11 -51.69 -1.02
N VAL A 147 44.35 -52.04 -2.05
CA VAL A 147 43.47 -51.07 -2.72
C VAL A 147 42.37 -50.57 -1.79
N ALA A 148 41.79 -51.48 -1.02
CA ALA A 148 40.74 -51.13 -0.08
C ALA A 148 41.25 -50.18 1.00
N ALA A 149 42.42 -50.49 1.53
CA ALA A 149 43.05 -49.69 2.56
C ALA A 149 43.34 -48.27 2.07
N ALA A 150 43.86 -48.18 0.85
CA ALA A 150 44.15 -46.90 0.24
C ALA A 150 42.88 -46.10 0.05
N VAL A 151 41.84 -46.77 -0.46
CA VAL A 151 40.55 -46.13 -0.69
C VAL A 151 39.94 -45.69 0.64
N ALA A 152 40.07 -46.54 1.65
CA ALA A 152 39.58 -46.21 2.98
C ALA A 152 40.32 -44.99 3.52
N THR A 153 41.64 -45.00 3.36
CA THR A 153 42.48 -43.89 3.80
C THR A 153 42.10 -42.62 3.06
N ALA A 154 41.89 -42.74 1.76
CA ALA A 154 41.49 -41.61 0.93
C ALA A 154 40.09 -41.11 1.28
N SER A 155 39.20 -42.05 1.58
CA SER A 155 37.82 -41.72 1.91
C SER A 155 37.74 -40.91 3.20
N LEU A 156 38.60 -41.25 4.16
CA LEU A 156 38.64 -40.55 5.43
C LEU A 156 39.14 -39.11 5.27
N ALA A 157 40.15 -38.93 4.42
CA ALA A 157 40.76 -37.63 4.19
C ALA A 157 39.78 -36.64 3.56
N ALA A 158 39.18 -37.05 2.45
CA ALA A 158 38.23 -36.19 1.74
C ALA A 158 36.93 -36.07 2.52
N GLY A 159 36.60 -37.13 3.25
CA GLY A 159 35.38 -37.17 4.04
C GLY A 159 35.43 -36.24 5.23
N ALA A 160 36.63 -35.99 5.74
CA ALA A 160 36.81 -35.10 6.87
C ALA A 160 36.49 -33.65 6.50
N LYS A 161 36.61 -33.34 5.22
CA LYS A 161 36.33 -31.98 4.74
C LYS A 161 34.96 -31.91 4.07
N GLY A 162 34.29 -33.05 3.98
CA GLY A 162 32.99 -33.11 3.36
C GLY A 162 33.08 -32.85 1.86
N LEU A 163 34.24 -33.15 1.30
CA LEU A 163 34.49 -32.92 -0.12
C LEU A 163 34.52 -34.22 -0.92
N LEU A 164 34.15 -35.32 -0.28
CA LEU A 164 34.14 -36.62 -0.94
C LEU A 164 32.85 -36.84 -1.74
N VAL A 165 33.01 -37.20 -3.02
CA VAL A 165 31.86 -37.43 -3.87
C VAL A 165 31.41 -38.88 -3.73
N TYR A 166 32.31 -39.80 -4.04
CA TYR A 166 32.01 -41.23 -3.93
C TYR A 166 33.29 -42.06 -3.93
N ALA A 167 33.23 -43.20 -3.24
CA ALA A 167 34.36 -44.11 -3.20
C ALA A 167 33.90 -45.52 -3.57
N SER A 168 34.76 -46.27 -4.24
CA SER A 168 34.43 -47.62 -4.67
C SER A 168 35.65 -48.51 -4.77
N ILE A 169 35.55 -49.72 -4.20
CA ILE A 169 36.59 -50.72 -4.33
C ILE A 169 36.12 -51.81 -5.29
N ILE A 170 36.85 -51.96 -6.40
CA ILE A 170 36.43 -52.88 -7.45
C ILE A 170 37.41 -54.03 -7.70
N PRO A 171 37.17 -55.17 -7.05
CA PRO A 171 37.98 -56.37 -7.27
C PRO A 171 37.55 -57.13 -8.53
N ARG A 172 38.53 -57.60 -9.28
CA ARG A 172 38.29 -58.30 -10.56
C ARG A 172 37.42 -57.48 -11.52
N PRO A 173 37.99 -56.39 -12.05
CA PRO A 173 37.29 -55.51 -12.99
C PRO A 173 37.17 -56.13 -14.38
N HIS A 174 36.07 -55.88 -15.07
CA HIS A 174 35.89 -56.37 -16.43
C HIS A 174 37.00 -55.87 -17.35
N GLU A 175 37.35 -56.65 -18.36
CA GLU A 175 38.44 -56.32 -19.26
C GLU A 175 38.26 -54.98 -19.98
N ALA A 176 37.03 -54.69 -20.37
CA ALA A 176 36.71 -53.43 -21.05
C ALA A 176 36.74 -52.25 -20.09
N MET A 177 36.27 -52.48 -18.87
CA MET A 177 36.21 -51.42 -17.86
C MET A 177 37.58 -51.12 -17.24
N TRP A 178 38.38 -52.17 -17.05
CA TRP A 178 39.70 -52.01 -16.46
C TRP A 178 40.63 -51.18 -17.36
N ARG A 179 40.59 -51.46 -18.65
CA ARG A 179 41.40 -50.74 -19.63
C ARG A 179 40.99 -49.28 -19.72
N GLN A 180 39.69 -49.04 -19.73
CA GLN A 180 39.15 -47.68 -19.81
C GLN A 180 39.49 -46.87 -18.56
N MET A 181 39.42 -47.51 -17.40
CA MET A 181 39.72 -46.85 -16.14
C MET A 181 41.19 -46.46 -16.05
N VAL A 182 42.07 -47.35 -16.51
CA VAL A 182 43.51 -47.11 -16.45
C VAL A 182 43.93 -46.07 -17.49
N GLU A 183 43.28 -46.09 -18.65
CA GLU A 183 43.66 -45.21 -19.74
C GLU A 183 42.81 -43.94 -19.73
N GLY B 2 36.47 -61.79 25.98
CA GLY B 2 36.21 -62.28 24.64
C GLY B 2 36.35 -61.19 23.60
N GLU B 3 37.56 -60.64 23.49
CA GLU B 3 37.83 -59.58 22.52
C GLU B 3 38.71 -60.07 21.38
N VAL B 4 38.32 -59.73 20.16
CA VAL B 4 39.09 -60.10 18.98
C VAL B 4 40.03 -58.99 18.53
N PRO B 5 41.33 -59.30 18.39
CA PRO B 5 42.33 -58.30 18.00
C PRO B 5 42.28 -58.00 16.51
N ILE B 6 42.46 -56.74 16.14
CA ILE B 6 42.40 -56.34 14.74
C ILE B 6 43.77 -55.92 14.23
N GLY B 7 44.40 -56.81 13.47
CA GLY B 7 45.69 -56.54 12.87
C GLY B 7 46.80 -56.33 13.87
N ASP B 8 47.80 -55.55 13.48
CA ASP B 8 48.95 -55.27 14.34
C ASP B 8 48.87 -53.84 14.85
N PRO B 9 49.30 -53.63 16.10
CA PRO B 9 49.28 -52.28 16.69
C PRO B 9 50.41 -51.42 16.16
N LYS B 10 50.18 -50.11 16.10
CA LYS B 10 51.19 -49.17 15.58
C LYS B 10 51.64 -48.19 16.65
N GLU B 11 52.93 -47.84 16.61
CA GLU B 11 53.49 -46.89 17.55
C GLU B 11 54.03 -45.66 16.80
N LEU B 12 53.37 -44.52 17.01
CA LEU B 12 53.77 -43.29 16.35
C LEU B 12 53.25 -42.07 17.13
N ASN B 13 53.92 -40.94 16.94
CA ASN B 13 53.57 -39.70 17.63
C ASN B 13 53.55 -39.86 19.15
N GLY B 14 54.37 -40.78 19.66
CA GLY B 14 54.48 -41.00 21.09
C GLY B 14 53.31 -41.76 21.69
N MET B 15 52.45 -42.30 20.84
CA MET B 15 51.27 -43.04 21.30
C MET B 15 51.13 -44.38 20.60
N GLU B 16 50.63 -45.38 21.32
CA GLU B 16 50.36 -46.69 20.75
C GLU B 16 48.89 -46.81 20.35
N ILE B 17 48.64 -47.21 19.10
CA ILE B 17 47.28 -47.30 18.59
C ILE B 17 46.94 -48.71 18.14
N ALA B 18 46.10 -49.39 18.91
CA ALA B 18 45.69 -50.75 18.59
C ALA B 18 44.17 -50.82 18.42
N ALA B 19 43.72 -51.81 17.66
CA ALA B 19 42.30 -51.98 17.39
C ALA B 19 41.82 -53.37 17.80
N VAL B 20 40.64 -53.42 18.40
CA VAL B 20 40.05 -54.67 18.84
C VAL B 20 38.54 -54.68 18.64
N TYR B 21 37.98 -55.88 18.49
CA TYR B 21 36.54 -56.03 18.30
C TYR B 21 35.98 -57.04 19.30
N LEU B 22 34.75 -56.80 19.75
CA LEU B 22 34.11 -57.69 20.71
C LEU B 22 32.59 -57.65 20.55
N GLN B 23 31.88 -58.23 21.51
CA GLN B 23 30.43 -58.23 21.48
C GLN B 23 29.91 -56.80 21.60
N PRO B 24 28.75 -56.52 21.00
CA PRO B 24 28.15 -55.18 21.04
C PRO B 24 27.82 -54.75 22.48
N ILE B 25 28.00 -53.47 22.78
CA ILE B 25 27.77 -52.96 24.13
C ILE B 25 26.69 -51.89 24.18
N GLU B 26 26.07 -51.76 25.35
CA GLU B 26 25.05 -50.74 25.57
C GLU B 26 25.64 -49.54 26.29
N MET B 27 25.65 -48.40 25.61
CA MET B 27 26.29 -47.20 26.14
C MET B 27 25.27 -46.16 26.59
N GLU B 28 25.56 -45.51 27.71
CA GLU B 28 24.73 -44.44 28.22
C GLU B 28 25.41 -43.10 28.02
N PRO B 29 24.64 -42.08 27.62
CA PRO B 29 23.19 -42.13 27.41
C PRO B 29 22.82 -42.71 26.04
N ARG B 30 21.62 -43.27 25.94
CA ARG B 30 21.15 -43.87 24.70
C ARG B 30 20.82 -42.81 23.66
N GLY B 31 20.65 -43.24 22.42
CA GLY B 31 20.34 -42.34 21.32
C GLY B 31 21.59 -41.76 20.70
N ILE B 32 22.74 -42.31 21.08
CA ILE B 32 24.02 -41.88 20.53
C ILE B 32 24.68 -43.01 19.75
N ASP B 33 25.20 -43.99 20.46
CA ASP B 33 25.81 -45.16 19.84
C ASP B 33 24.74 -46.08 19.27
N LEU B 34 25.09 -46.79 18.19
CA LEU B 34 24.19 -47.75 17.56
C LEU B 34 23.67 -48.77 18.57
N ALA B 35 22.39 -49.09 18.46
CA ALA B 35 21.75 -50.06 19.36
C ALA B 35 22.45 -51.42 19.30
N ALA B 36 22.57 -52.06 20.46
CA ALA B 36 23.22 -53.37 20.56
C ALA B 36 22.50 -54.42 19.71
N SER B 37 21.18 -54.36 19.70
CA SER B 37 20.37 -55.31 18.93
C SER B 37 20.49 -55.02 17.44
N LEU B 38 20.87 -53.80 17.10
CA LEU B 38 20.98 -53.38 15.71
C LEU B 38 22.40 -53.58 15.17
N ALA B 39 23.35 -53.85 16.08
CA ALA B 39 24.74 -54.02 15.68
C ALA B 39 25.14 -55.49 15.74
N ASP B 40 26.30 -55.81 15.16
CA ASP B 40 26.81 -57.17 15.18
C ASP B 40 28.10 -57.27 15.98
N ILE B 41 28.88 -56.19 15.96
CA ILE B 41 30.14 -56.15 16.70
C ILE B 41 30.44 -54.74 17.21
N HIS B 42 31.22 -54.66 18.28
CA HIS B 42 31.64 -53.38 18.81
C HIS B 42 33.15 -53.19 18.64
N LEU B 43 33.54 -52.24 17.80
CA LEU B 43 34.94 -51.97 17.52
C LEU B 43 35.48 -50.97 18.52
N GLU B 44 36.59 -51.31 19.17
CA GLU B 44 37.20 -50.44 20.16
C GLU B 44 38.66 -50.16 19.82
N ALA B 45 39.05 -48.89 19.94
CA ALA B 45 40.43 -48.49 19.67
C ALA B 45 41.18 -48.24 20.97
N ASP B 46 42.26 -48.99 21.17
CA ASP B 46 43.08 -48.86 22.37
C ASP B 46 44.24 -47.90 22.12
N ILE B 47 44.18 -46.73 22.75
CA ILE B 47 45.20 -45.72 22.56
C ILE B 47 45.85 -45.36 23.90
N HIS B 48 47.12 -45.73 24.05
CA HIS B 48 47.86 -45.43 25.27
C HIS B 48 49.19 -44.76 24.94
N ALA B 49 49.62 -43.86 25.81
CA ALA B 49 50.86 -43.11 25.57
C ALA B 49 52.08 -44.00 25.79
N LEU B 50 53.03 -43.90 24.86
CA LEU B 50 54.27 -44.65 24.97
C LEU B 50 55.26 -43.93 25.89
N LYS B 51 56.41 -44.55 26.13
CA LYS B 51 57.44 -43.96 26.96
C LYS B 51 57.98 -42.69 26.33
N ASN B 52 58.23 -41.68 27.16
CA ASN B 52 58.77 -40.40 26.72
C ASN B 52 57.93 -39.72 25.65
N ASN B 53 56.62 -39.67 25.88
CA ASN B 53 55.70 -39.00 24.96
C ASN B 53 56.05 -37.51 24.83
N PRO B 54 55.99 -36.99 23.60
CA PRO B 54 56.38 -35.59 23.34
C PRO B 54 55.27 -34.61 23.69
N ASN B 55 54.13 -35.12 24.12
CA ASN B 55 53.02 -34.28 24.53
C ASN B 55 52.91 -34.17 26.04
N GLY B 56 53.93 -34.67 26.74
CA GLY B 56 53.97 -34.62 28.19
C GLY B 56 53.12 -35.68 28.84
N PHE B 57 52.55 -36.56 28.01
CA PHE B 57 51.68 -37.61 28.50
C PHE B 57 52.49 -38.74 29.16
N PRO B 58 52.03 -39.22 30.33
CA PRO B 58 52.72 -40.30 31.03
C PRO B 58 52.54 -41.65 30.33
N GLU B 59 53.57 -42.48 30.34
CA GLU B 59 53.52 -43.78 29.71
C GLU B 59 52.39 -44.66 30.24
N GLY B 60 51.57 -45.19 29.33
CA GLY B 60 50.48 -46.05 29.69
C GLY B 60 49.14 -45.36 29.78
N PHE B 61 49.16 -44.05 30.00
CA PHE B 61 47.93 -43.26 30.10
C PHE B 61 47.19 -43.19 28.77
N TRP B 62 45.86 -43.29 28.83
CA TRP B 62 45.03 -43.22 27.63
C TRP B 62 45.02 -41.81 27.05
N MET B 63 44.96 -41.72 25.73
CA MET B 63 44.90 -40.41 25.06
C MET B 63 43.46 -39.96 24.90
N PRO B 64 43.07 -38.90 25.62
CA PRO B 64 41.69 -38.41 25.63
C PRO B 64 41.48 -37.23 24.69
N TYR B 65 40.21 -36.84 24.52
CA TYR B 65 39.84 -35.67 23.72
C TYR B 65 40.33 -35.77 22.27
N LEU B 66 40.68 -36.98 21.84
CA LEU B 66 41.16 -37.20 20.49
C LEU B 66 40.00 -37.37 19.51
N THR B 67 40.18 -36.86 18.29
CA THR B 67 39.19 -37.03 17.25
C THR B 67 39.59 -38.20 16.35
N ILE B 68 38.79 -39.25 16.38
CA ILE B 68 39.12 -40.49 15.68
C ILE B 68 37.97 -40.98 14.82
N ALA B 69 38.19 -41.02 13.50
CA ALA B 69 37.21 -41.57 12.57
C ALA B 69 37.66 -42.95 12.12
N TYR B 70 36.71 -43.80 11.74
CA TYR B 70 37.01 -45.17 11.37
C TYR B 70 36.48 -45.52 9.99
N ALA B 71 37.23 -46.37 9.28
CA ALA B 71 36.82 -46.83 7.97
C ALA B 71 37.04 -48.34 7.84
N LEU B 72 35.96 -49.07 7.58
CA LEU B 72 36.04 -50.52 7.45
C LEU B 72 35.59 -50.96 6.06
N ALA B 73 36.46 -51.68 5.37
CA ALA B 73 36.16 -52.17 4.03
C ALA B 73 36.47 -53.66 3.90
N ASN B 74 35.49 -54.42 3.47
CA ASN B 74 35.68 -55.85 3.22
C ASN B 74 36.26 -56.10 1.84
N ALA B 75 37.47 -56.63 1.78
CA ALA B 75 38.17 -56.82 0.52
C ALA B 75 37.51 -57.90 -0.33
N ASP B 76 36.69 -58.72 0.31
CA ASP B 76 35.98 -59.78 -0.39
C ASP B 76 34.81 -59.21 -1.18
N THR B 77 34.04 -58.34 -0.53
CA THR B 77 32.85 -57.78 -1.16
C THR B 77 33.10 -56.41 -1.77
N GLY B 78 34.10 -55.69 -1.25
CA GLY B 78 34.42 -54.37 -1.75
C GLY B 78 33.59 -53.29 -1.07
N ALA B 79 32.68 -53.70 -0.20
CA ALA B 79 31.83 -52.77 0.55
C ALA B 79 32.66 -51.95 1.52
N ILE B 80 32.37 -50.65 1.60
CA ILE B 80 33.11 -49.76 2.49
C ILE B 80 32.17 -48.81 3.23
N LYS B 81 32.37 -48.69 4.53
CA LYS B 81 31.56 -47.79 5.35
C LYS B 81 32.45 -46.86 6.17
N THR B 82 31.90 -45.70 6.55
CA THR B 82 32.66 -44.73 7.33
C THR B 82 31.87 -44.30 8.56
N GLY B 83 32.59 -43.97 9.62
CA GLY B 83 31.97 -43.53 10.86
C GLY B 83 32.97 -42.91 11.81
N THR B 84 32.48 -42.51 12.99
CA THR B 84 33.32 -41.89 14.00
C THR B 84 33.32 -42.71 15.29
N LEU B 85 34.43 -42.64 16.02
CA LEU B 85 34.55 -43.34 17.29
C LEU B 85 34.23 -42.42 18.46
N MET B 86 33.43 -42.89 19.40
CA MET B 86 33.03 -42.11 20.55
C MET B 86 33.76 -42.57 21.81
N PRO B 87 34.13 -41.62 22.69
CA PRO B 87 34.84 -41.93 23.93
C PRO B 87 33.92 -42.49 25.01
N MET B 88 34.31 -43.62 25.58
CA MET B 88 33.49 -44.28 26.60
C MET B 88 34.35 -45.09 27.55
N VAL B 89 33.79 -45.47 28.69
CA VAL B 89 34.53 -46.24 29.69
C VAL B 89 33.88 -47.60 29.93
N ALA B 90 34.71 -48.63 30.05
CA ALA B 90 34.22 -49.97 30.33
C ALA B 90 34.95 -50.57 31.52
N ASP B 91 34.68 -51.84 31.79
CA ASP B 91 35.34 -52.55 32.89
C ASP B 91 36.84 -52.75 32.62
N ASP B 92 37.21 -52.73 31.35
CA ASP B 92 38.61 -52.94 30.96
C ASP B 92 39.32 -51.61 30.72
N GLY B 93 38.73 -50.53 31.21
CA GLY B 93 39.33 -49.21 31.10
C GLY B 93 38.70 -48.34 30.03
N PRO B 94 39.28 -47.15 29.80
CA PRO B 94 38.77 -46.18 28.82
C PRO B 94 39.31 -46.40 27.42
N HIS B 95 38.45 -46.24 26.41
CA HIS B 95 38.85 -46.39 25.03
C HIS B 95 37.81 -45.75 24.10
N TYR B 96 38.13 -45.69 22.82
CA TYR B 96 37.18 -45.20 21.83
C TYR B 96 36.45 -46.36 21.17
N GLY B 97 35.14 -46.42 21.39
CA GLY B 97 34.35 -47.53 20.89
C GLY B 97 32.97 -47.13 20.41
N ALA B 98 32.39 -47.96 19.56
CA ALA B 98 31.07 -47.72 18.99
C ALA B 98 30.51 -48.99 18.38
N ASN B 99 29.23 -49.24 18.59
CA ASN B 99 28.59 -50.42 18.01
C ASN B 99 28.46 -50.28 16.50
N ILE B 100 28.83 -51.34 15.79
CA ILE B 100 28.81 -51.33 14.33
C ILE B 100 28.15 -52.58 13.77
N ALA B 101 27.23 -52.39 12.82
CA ALA B 101 26.53 -53.50 12.19
C ALA B 101 27.41 -54.14 11.12
N MET B 102 27.51 -55.46 11.17
CA MET B 102 28.30 -56.21 10.20
C MET B 102 27.39 -57.05 9.32
N GLU B 103 27.04 -58.23 9.80
CA GLU B 103 26.11 -59.10 9.10
C GLU B 103 24.72 -58.48 9.05
N LYS B 104 24.38 -57.70 10.07
CA LYS B 104 23.06 -57.08 10.17
C LYS B 104 22.97 -55.78 9.38
N ASP B 105 24.04 -55.44 8.67
CA ASP B 105 24.06 -54.23 7.85
C ASP B 105 23.06 -54.36 6.71
N LYS B 106 22.12 -53.43 6.65
CA LYS B 106 21.08 -53.43 5.61
C LYS B 106 21.68 -53.35 4.21
N LYS B 107 22.77 -52.62 4.07
CA LYS B 107 23.43 -52.46 2.77
C LYS B 107 24.17 -53.73 2.37
N GLY B 108 24.57 -54.51 3.37
CA GLY B 108 25.27 -55.76 3.13
C GLY B 108 26.70 -55.57 2.66
N GLY B 109 27.41 -56.68 2.49
CA GLY B 109 28.78 -56.66 2.02
C GLY B 109 29.80 -56.47 3.13
N PHE B 110 29.31 -56.37 4.37
CA PHE B 110 30.18 -56.21 5.52
C PHE B 110 30.13 -57.44 6.40
N GLY B 111 30.00 -58.61 5.76
CA GLY B 111 29.92 -59.87 6.48
C GLY B 111 31.27 -60.51 6.73
N VAL B 112 31.26 -61.81 6.96
CA VAL B 112 32.48 -62.57 7.20
C VAL B 112 33.40 -62.55 5.98
N GLY B 113 34.68 -62.31 6.22
CA GLY B 113 35.67 -62.29 5.15
C GLY B 113 36.92 -61.51 5.54
N THR B 114 37.69 -61.10 4.54
CA THR B 114 38.88 -60.31 4.79
C THR B 114 38.50 -58.84 4.77
N TYR B 115 38.92 -58.10 5.80
CA TYR B 115 38.56 -56.69 5.91
C TYR B 115 39.76 -55.81 6.26
N ALA B 116 39.73 -54.57 5.80
CA ALA B 116 40.77 -53.61 6.12
C ALA B 116 40.20 -52.44 6.92
N LEU B 117 40.90 -52.06 7.98
CA LEU B 117 40.45 -50.98 8.85
C LEU B 117 41.39 -49.78 8.79
N THR B 118 40.83 -48.60 8.54
CA THR B 118 41.62 -47.38 8.51
C THR B 118 41.07 -46.36 9.51
N PHE B 119 41.90 -46.00 10.48
CA PHE B 119 41.53 -45.02 11.49
C PHE B 119 42.24 -43.70 11.27
N LEU B 120 41.48 -42.61 11.35
CA LEU B 120 42.04 -41.26 11.19
C LEU B 120 42.00 -40.50 12.51
N ILE B 121 43.18 -40.23 13.07
CA ILE B 121 43.27 -39.60 14.38
C ILE B 121 43.79 -38.17 14.25
N SER B 122 43.16 -37.25 14.98
CA SER B 122 43.53 -35.84 14.93
C SER B 122 44.05 -35.33 16.27
N ASN B 123 44.64 -34.14 16.25
CA ASN B 123 45.19 -33.51 17.46
C ASN B 123 44.09 -33.17 18.47
N PRO B 124 44.43 -33.18 19.77
CA PRO B 124 43.42 -32.88 20.78
C PRO B 124 43.09 -31.38 20.86
N GLU B 125 43.86 -30.57 20.15
CA GLU B 125 43.61 -29.14 20.10
C GLU B 125 42.28 -28.84 19.40
N LYS B 126 41.86 -29.76 18.53
CA LYS B 126 40.59 -29.64 17.83
C LYS B 126 39.41 -29.76 18.79
N GLN B 127 39.62 -30.44 19.91
CA GLN B 127 38.55 -30.65 20.88
C GLN B 127 38.70 -29.71 22.09
N GLY B 128 39.57 -28.72 21.94
CA GLY B 128 39.75 -27.71 22.98
C GLY B 128 40.74 -28.08 24.07
N PHE B 129 41.51 -29.13 23.86
CA PHE B 129 42.53 -29.54 24.83
C PHE B 129 43.76 -28.65 24.68
N GLY B 130 44.26 -28.14 25.81
CA GLY B 130 45.37 -27.22 25.79
C GLY B 130 46.72 -27.86 25.99
N ARG B 131 47.78 -27.07 25.85
CA ARG B 131 49.14 -27.54 26.06
C ARG B 131 50.04 -26.39 26.51
N HIS B 132 50.76 -26.61 27.60
CA HIS B 132 51.67 -25.60 28.13
C HIS B 132 52.85 -25.38 27.18
N VAL B 133 53.29 -24.13 27.06
CA VAL B 133 54.39 -23.79 26.16
C VAL B 133 55.47 -22.99 26.89
N ASP B 134 55.46 -23.04 28.21
CA ASP B 134 56.46 -22.32 29.01
C ASP B 134 57.82 -23.02 28.93
N GLU B 135 58.86 -22.31 29.34
CA GLU B 135 60.20 -22.87 29.32
C GLU B 135 60.36 -23.95 30.39
N GLU B 136 59.67 -23.75 31.51
CA GLU B 136 59.79 -24.64 32.66
C GLU B 136 58.91 -25.89 32.55
N THR B 137 57.64 -25.69 32.22
CA THR B 137 56.66 -26.77 32.25
C THR B 137 55.99 -27.03 30.89
N GLY B 138 56.56 -26.46 29.83
CA GLY B 138 55.98 -26.61 28.50
C GLY B 138 56.23 -27.97 27.88
N VAL B 139 55.52 -28.25 26.80
CA VAL B 139 55.64 -29.52 26.09
C VAL B 139 55.70 -29.29 24.59
N GLY B 140 56.01 -30.33 23.83
CA GLY B 140 56.13 -30.21 22.38
C GLY B 140 54.79 -30.00 21.69
N LYS B 141 54.84 -29.70 20.41
CA LYS B 141 53.64 -29.46 19.60
C LYS B 141 52.77 -30.72 19.51
N TRP B 142 51.48 -30.52 19.27
CA TRP B 142 50.55 -31.63 19.13
C TRP B 142 50.75 -32.33 17.80
N PHE B 143 50.52 -33.64 17.78
CA PHE B 143 50.71 -34.45 16.57
C PHE B 143 49.76 -34.01 15.46
N GLU B 144 50.28 -33.96 14.24
CA GLU B 144 49.48 -33.67 13.06
C GLU B 144 48.46 -34.79 12.82
N PRO B 145 47.37 -34.48 12.10
CA PRO B 145 46.38 -35.53 11.84
C PRO B 145 46.96 -36.62 10.95
N PHE B 146 46.78 -37.87 11.35
CA PHE B 146 47.38 -38.98 10.64
C PHE B 146 46.43 -40.17 10.59
N VAL B 147 46.70 -41.09 9.67
CA VAL B 147 45.86 -42.27 9.51
C VAL B 147 46.65 -43.53 9.78
N VAL B 148 45.96 -44.56 10.28
CA VAL B 148 46.58 -45.85 10.52
C VAL B 148 45.75 -46.94 9.87
N THR B 149 46.42 -47.95 9.32
CA THR B 149 45.74 -49.02 8.61
C THR B 149 46.04 -50.38 9.23
N TYR B 150 45.00 -51.19 9.37
CA TYR B 150 45.14 -52.53 9.88
C TYR B 150 44.32 -53.51 9.03
N PHE B 151 44.78 -54.75 8.94
CA PHE B 151 44.07 -55.76 8.17
C PHE B 151 43.73 -56.95 9.07
N PHE B 152 42.47 -57.36 9.03
CA PHE B 152 42.00 -58.45 9.87
C PHE B 152 40.80 -59.15 9.26
N LYS B 153 40.58 -60.40 9.66
CA LYS B 153 39.46 -61.19 9.15
C LYS B 153 38.30 -61.22 10.14
N TYR B 154 37.13 -60.76 9.69
CA TYR B 154 35.95 -60.78 10.53
C TYR B 154 35.35 -62.18 10.57
N THR B 155 35.30 -62.76 11.77
CA THR B 155 34.83 -64.13 11.92
C THR B 155 33.34 -64.17 12.27
N GLY B 156 32.69 -63.01 12.28
CA GLY B 156 31.27 -62.95 12.55
C GLY B 156 30.97 -62.36 13.92
N THR B 157 29.69 -62.17 14.20
CA THR B 157 29.24 -61.64 15.48
C THR B 157 29.52 -62.62 16.62
N PRO B 158 30.22 -62.16 17.67
CA PRO B 158 30.55 -63.00 18.82
C PRO B 158 29.52 -62.86 19.94
N SER C 2 16.77 -57.34 -33.10
CA SER C 2 17.08 -58.56 -32.36
C SER C 2 17.95 -58.27 -31.14
N GLN C 3 18.53 -57.08 -31.11
CA GLN C 3 19.38 -56.66 -29.99
C GLN C 3 18.71 -55.56 -29.18
N ALA C 4 19.38 -55.13 -28.12
CA ALA C 4 18.86 -54.09 -27.25
C ALA C 4 19.96 -53.16 -26.74
N ILE C 5 19.61 -51.89 -26.55
CA ILE C 5 20.56 -50.90 -26.05
C ILE C 5 20.12 -50.38 -24.69
N GLY C 6 21.05 -50.40 -23.74
CA GLY C 6 20.77 -49.93 -22.39
C GLY C 6 21.58 -48.68 -22.04
N ILE C 7 20.92 -47.71 -21.42
CA ILE C 7 21.58 -46.46 -21.05
C ILE C 7 21.42 -46.17 -19.56
N LEU C 8 22.55 -45.84 -18.91
CA LEU C 8 22.55 -45.51 -17.49
C LEU C 8 23.39 -44.27 -17.21
N GLU C 9 22.78 -43.30 -16.53
CA GLU C 9 23.47 -42.06 -16.19
C GLU C 9 23.56 -41.86 -14.69
N LEU C 10 24.76 -41.55 -14.20
CA LEU C 10 24.98 -41.35 -12.78
C LEU C 10 25.53 -39.95 -12.50
N THR C 11 25.31 -39.45 -11.29
CA THR C 11 25.75 -38.11 -10.92
C THR C 11 27.17 -38.11 -10.35
N SER C 12 27.72 -39.30 -10.11
CA SER C 12 29.07 -39.42 -9.56
C SER C 12 29.98 -40.19 -10.52
N ILE C 13 31.19 -39.68 -10.71
CA ILE C 13 32.15 -40.30 -11.62
C ILE C 13 32.61 -41.66 -11.10
N ALA C 14 32.89 -41.73 -9.80
CA ALA C 14 33.33 -42.98 -9.19
C ALA C 14 32.22 -44.02 -9.22
N LYS C 15 31.01 -43.59 -8.88
CA LYS C 15 29.85 -44.48 -8.90
C LYS C 15 29.56 -44.97 -10.31
N GLY C 16 29.80 -44.12 -11.30
CA GLY C 16 29.63 -44.47 -12.69
C GLY C 16 30.54 -45.60 -13.10
N MET C 17 31.81 -45.51 -12.69
CA MET C 17 32.78 -46.56 -12.95
C MET C 17 32.46 -47.81 -12.16
N GLU C 18 31.97 -47.62 -10.94
CA GLU C 18 31.59 -48.72 -10.06
C GLU C 18 30.43 -49.55 -10.63
N LEU C 19 29.41 -48.87 -11.14
CA LEU C 19 28.25 -49.54 -11.71
C LEU C 19 28.57 -50.23 -13.03
N GLY C 20 29.55 -49.69 -13.76
CA GLY C 20 29.98 -50.25 -15.01
C GLY C 20 30.55 -51.65 -14.86
N ASP C 21 31.47 -51.80 -13.91
CA ASP C 21 32.06 -53.10 -13.62
C ASP C 21 31.02 -54.09 -13.11
N ALA C 22 30.11 -53.60 -12.27
CA ALA C 22 29.05 -54.43 -11.71
C ALA C 22 28.09 -54.93 -12.79
N MET C 23 27.71 -54.02 -13.69
CA MET C 23 26.76 -54.36 -14.75
C MET C 23 27.38 -55.33 -15.75
N LEU C 24 28.64 -55.10 -16.09
CA LEU C 24 29.36 -55.96 -17.04
C LEU C 24 29.53 -57.38 -16.51
N LYS C 25 29.69 -57.49 -15.19
CA LYS C 25 29.83 -58.79 -14.55
C LYS C 25 28.48 -59.45 -14.30
N SER C 26 27.41 -58.65 -14.37
CA SER C 26 26.07 -59.14 -14.09
C SER C 26 25.51 -59.98 -15.23
N ALA C 27 25.93 -59.67 -16.46
CA ALA C 27 25.44 -60.38 -17.63
C ALA C 27 26.41 -60.23 -18.81
N ASN C 28 26.20 -61.04 -19.85
CA ASN C 28 27.04 -61.00 -21.04
C ASN C 28 26.66 -59.86 -21.98
N VAL C 29 27.15 -58.66 -21.68
CA VAL C 29 26.86 -57.49 -22.49
C VAL C 29 28.13 -56.72 -22.85
N ASP C 30 28.11 -56.04 -23.98
CA ASP C 30 29.25 -55.26 -24.44
C ASP C 30 29.07 -53.78 -24.12
N LEU C 31 30.14 -53.14 -23.67
CA LEU C 31 30.11 -51.73 -23.34
C LEU C 31 30.16 -50.87 -24.60
N LEU C 32 29.12 -50.06 -24.81
CA LEU C 32 29.06 -49.21 -25.99
C LEU C 32 29.65 -47.84 -25.70
N VAL C 33 29.30 -47.28 -24.55
CA VAL C 33 29.81 -45.97 -24.16
C VAL C 33 30.05 -45.90 -22.65
N SER C 34 31.14 -45.28 -22.27
CA SER C 34 31.49 -45.09 -20.86
C SER C 34 32.37 -43.87 -20.70
N LYS C 35 31.75 -42.72 -20.47
CA LYS C 35 32.48 -41.48 -20.35
C LYS C 35 31.77 -40.48 -19.45
N THR C 36 32.53 -39.52 -18.92
CA THR C 36 31.99 -38.49 -18.06
C THR C 36 31.40 -37.35 -18.90
N ILE C 37 30.26 -36.83 -18.45
CA ILE C 37 29.60 -35.74 -19.15
C ILE C 37 29.51 -34.50 -18.26
N SER C 38 29.49 -33.33 -18.88
CA SER C 38 29.37 -32.07 -18.16
C SER C 38 28.07 -32.02 -17.36
N PRO C 39 28.11 -31.44 -16.15
CA PRO C 39 29.30 -30.84 -15.55
C PRO C 39 30.15 -31.83 -14.75
N GLY C 40 29.58 -32.98 -14.39
CA GLY C 40 30.32 -33.97 -13.62
C GLY C 40 29.58 -35.29 -13.51
N LYS C 41 28.72 -35.57 -14.48
CA LYS C 41 27.95 -36.80 -14.51
C LYS C 41 28.69 -37.89 -15.29
N PHE C 42 28.17 -39.11 -15.23
CA PHE C 42 28.77 -40.22 -15.96
C PHE C 42 27.70 -40.95 -16.78
N LEU C 43 28.02 -41.22 -18.04
CA LEU C 43 27.07 -41.87 -18.95
C LEU C 43 27.57 -43.24 -19.38
N LEU C 44 26.71 -44.24 -19.26
CA LEU C 44 27.05 -45.60 -19.67
C LEU C 44 26.05 -46.14 -20.67
N MET C 45 26.56 -46.75 -21.74
CA MET C 45 25.72 -47.36 -22.75
C MET C 45 26.15 -48.79 -23.01
N LEU C 46 25.20 -49.72 -22.95
CA LEU C 46 25.49 -51.13 -23.13
C LEU C 46 24.66 -51.74 -24.25
N GLY C 47 25.22 -52.75 -24.91
CA GLY C 47 24.53 -53.43 -25.98
C GLY C 47 24.57 -54.93 -25.83
N GLY C 48 23.56 -55.61 -26.38
CA GLY C 48 23.47 -57.05 -26.29
C GLY C 48 22.05 -57.55 -26.44
N ASP C 49 21.83 -58.82 -26.10
CA ASP C 49 20.50 -59.41 -26.14
C ASP C 49 19.53 -58.66 -25.23
N ILE C 50 18.24 -58.74 -25.55
CA ILE C 50 17.21 -58.05 -24.80
C ILE C 50 17.19 -58.47 -23.34
N GLY C 51 17.34 -59.76 -23.09
CA GLY C 51 17.37 -60.30 -21.74
C GLY C 51 18.55 -59.79 -20.94
N ALA C 52 19.73 -59.86 -21.54
CA ALA C 52 20.96 -59.42 -20.88
C ALA C 52 20.94 -57.92 -20.59
N ILE C 53 20.45 -57.14 -21.54
CA ILE C 53 20.38 -55.70 -21.39
C ILE C 53 19.39 -55.31 -20.29
N GLN C 54 18.26 -56.01 -20.25
CA GLN C 54 17.24 -55.76 -19.24
C GLN C 54 17.77 -56.08 -17.83
N GLN C 55 18.48 -57.18 -17.72
CA GLN C 55 19.04 -57.61 -16.44
C GLN C 55 20.16 -56.68 -15.96
N ALA C 56 21.01 -56.26 -16.90
CA ALA C 56 22.12 -55.36 -16.58
C ALA C 56 21.61 -54.00 -16.10
N ILE C 57 20.62 -53.47 -16.79
CA ILE C 57 20.04 -52.18 -16.43
C ILE C 57 19.31 -52.26 -15.09
N GLU C 58 18.65 -53.39 -14.84
CA GLU C 58 17.97 -53.61 -13.58
C GLU C 58 18.94 -53.65 -12.41
N THR C 59 20.02 -54.41 -12.58
CA THR C 59 21.06 -54.49 -11.55
C THR C 59 21.69 -53.14 -11.28
N GLY C 60 21.99 -52.41 -12.35
CA GLY C 60 22.59 -51.09 -12.23
C GLY C 60 21.70 -50.08 -11.51
N THR C 61 20.42 -50.08 -11.87
CA THR C 61 19.46 -49.16 -11.27
C THR C 61 19.20 -49.49 -9.81
N SER C 62 19.20 -50.79 -9.50
CA SER C 62 18.93 -51.25 -8.14
C SER C 62 20.04 -50.87 -7.18
N GLN C 63 21.25 -50.71 -7.70
CA GLN C 63 22.41 -50.38 -6.88
C GLN C 63 22.83 -48.93 -7.06
N ALA C 64 22.10 -48.22 -7.92
CA ALA C 64 22.41 -46.83 -8.22
C ALA C 64 22.08 -45.91 -7.04
N GLY C 65 21.01 -46.24 -6.32
CA GLY C 65 20.58 -45.44 -5.19
C GLY C 65 20.09 -44.07 -5.59
N GLU C 66 20.47 -43.06 -4.81
CA GLU C 66 20.05 -41.69 -5.06
C GLU C 66 20.93 -41.00 -6.11
N MET C 67 21.94 -41.71 -6.59
CA MET C 67 22.85 -41.17 -7.59
C MET C 67 22.31 -41.38 -9.00
N LEU C 68 21.21 -42.12 -9.11
CA LEU C 68 20.61 -42.42 -10.41
C LEU C 68 20.00 -41.18 -11.04
N VAL C 69 20.40 -40.89 -12.27
CA VAL C 69 19.86 -39.75 -13.00
C VAL C 69 18.70 -40.17 -13.90
N ASP C 70 18.98 -41.11 -14.80
CA ASP C 70 17.98 -41.61 -15.72
C ASP C 70 18.38 -42.97 -16.28
N SER C 71 17.40 -43.71 -16.78
CA SER C 71 17.66 -45.02 -17.37
C SER C 71 16.66 -45.33 -18.48
N LEU C 72 17.11 -46.07 -19.48
CA LEU C 72 16.26 -46.42 -20.61
C LEU C 72 16.76 -47.66 -21.34
N VAL C 73 15.82 -48.46 -21.83
CA VAL C 73 16.14 -49.67 -22.57
C VAL C 73 15.41 -49.69 -23.91
N LEU C 74 16.16 -49.83 -24.99
CA LEU C 74 15.58 -49.86 -26.33
C LEU C 74 15.60 -51.26 -26.91
N ALA C 75 14.42 -51.88 -27.00
CA ALA C 75 14.31 -53.24 -27.50
C ALA C 75 14.02 -53.25 -29.00
N ASN C 76 14.23 -54.42 -29.62
CA ASN C 76 14.00 -54.62 -31.04
C ASN C 76 14.77 -53.62 -31.90
N ILE C 77 16.06 -53.52 -31.64
CA ILE C 77 16.92 -52.60 -32.39
C ILE C 77 17.79 -53.35 -33.39
N HIS C 78 18.02 -52.71 -34.54
CA HIS C 78 18.89 -53.27 -35.57
C HIS C 78 20.29 -53.52 -35.02
N PRO C 79 20.92 -54.63 -35.45
CA PRO C 79 22.25 -54.97 -34.94
C PRO C 79 23.33 -54.04 -35.47
N SER C 80 23.05 -53.35 -36.57
CA SER C 80 24.00 -52.40 -37.14
C SER C 80 24.05 -51.10 -36.32
N VAL C 81 23.04 -50.89 -35.49
CA VAL C 81 22.96 -49.70 -34.66
C VAL C 81 23.91 -49.77 -33.46
N LEU C 82 24.18 -50.99 -33.00
CA LEU C 82 25.04 -51.19 -31.83
C LEU C 82 26.45 -50.66 -32.05
N PRO C 83 27.13 -51.05 -33.14
CA PRO C 83 28.50 -50.52 -33.30
C PRO C 83 28.50 -49.08 -33.80
N ALA C 84 27.36 -48.60 -34.29
CA ALA C 84 27.26 -47.23 -34.78
C ALA C 84 27.36 -46.23 -33.64
N ILE C 85 26.98 -46.66 -32.44
CA ILE C 85 27.07 -45.82 -31.25
C ILE C 85 28.44 -45.95 -30.59
N SER C 86 28.93 -47.19 -30.51
CA SER C 86 30.21 -47.47 -29.87
C SER C 86 31.41 -47.12 -30.75
N GLY C 87 31.21 -47.08 -32.06
CA GLY C 87 32.29 -46.79 -32.99
C GLY C 87 31.77 -46.41 -34.36
N LEU C 88 32.47 -46.87 -35.40
CA LEU C 88 32.05 -46.58 -36.77
C LEU C 88 32.00 -47.84 -37.63
N ASN C 89 30.93 -47.97 -38.40
CA ASN C 89 30.74 -49.09 -39.32
C ASN C 89 31.33 -48.82 -40.70
N SER C 90 31.82 -49.88 -41.34
CA SER C 90 32.40 -49.79 -42.68
C SER C 90 31.36 -49.33 -43.70
N VAL C 91 31.77 -48.43 -44.60
CA VAL C 91 30.85 -47.90 -45.61
C VAL C 91 31.25 -48.33 -47.02
N ASP C 92 30.68 -49.45 -47.47
CA ASP C 92 31.01 -50.00 -48.78
C ASP C 92 30.50 -49.12 -49.91
N LYS C 93 29.49 -48.31 -49.63
CA LYS C 93 28.94 -47.43 -50.65
C LYS C 93 29.32 -45.98 -50.39
N ARG C 94 29.79 -45.30 -51.43
CA ARG C 94 30.17 -43.90 -51.35
C ARG C 94 29.27 -43.01 -52.18
N GLN C 95 28.26 -43.61 -52.81
CA GLN C 95 27.37 -42.90 -53.73
C GLN C 95 26.64 -41.72 -53.10
N ALA C 96 26.08 -41.93 -51.91
CA ALA C 96 25.31 -40.89 -51.23
C ALA C 96 25.40 -41.00 -49.72
N VAL C 97 25.38 -39.86 -49.03
CA VAL C 97 25.45 -39.85 -47.58
C VAL C 97 24.25 -39.13 -46.97
N GLY C 98 23.77 -39.64 -45.84
CA GLY C 98 22.64 -39.06 -45.14
C GLY C 98 22.94 -38.68 -43.71
N ILE C 99 22.46 -37.52 -43.29
CA ILE C 99 22.66 -37.05 -41.92
C ILE C 99 21.35 -36.53 -41.33
N VAL C 100 20.93 -37.12 -40.21
CA VAL C 100 19.71 -36.71 -39.53
C VAL C 100 19.98 -36.43 -38.05
N GLU C 101 19.83 -35.16 -37.67
CA GLU C 101 20.08 -34.75 -36.28
C GLU C 101 18.77 -34.65 -35.50
N THR C 102 18.74 -35.28 -34.33
CA THR C 102 17.55 -35.27 -33.48
C THR C 102 17.89 -34.92 -32.04
N TRP C 103 16.89 -34.45 -31.30
CA TRP C 103 17.06 -34.16 -29.88
C TRP C 103 17.11 -35.44 -29.07
N SER C 104 18.14 -35.56 -28.22
CA SER C 104 18.39 -36.74 -27.38
C SER C 104 18.77 -37.97 -28.21
N VAL C 105 19.62 -38.81 -27.62
CA VAL C 105 20.11 -40.00 -28.30
C VAL C 105 19.03 -41.06 -28.45
N ALA C 106 18.01 -40.97 -27.60
CA ALA C 106 16.88 -41.89 -27.65
C ALA C 106 16.15 -41.81 -28.98
N ALA C 107 15.86 -40.58 -29.42
CA ALA C 107 15.18 -40.37 -30.68
C ALA C 107 16.05 -40.77 -31.87
N CYS C 108 17.35 -40.48 -31.75
CA CYS C 108 18.30 -40.81 -32.80
C CYS C 108 18.46 -42.32 -32.98
N ILE C 109 18.49 -43.04 -31.86
CA ILE C 109 18.62 -44.49 -31.89
C ILE C 109 17.40 -45.15 -32.54
N SER C 110 16.22 -44.73 -32.12
CA SER C 110 14.97 -45.26 -32.66
C SER C 110 14.82 -44.98 -34.15
N ALA C 111 15.32 -43.81 -34.56
CA ALA C 111 15.25 -43.41 -35.97
C ALA C 111 16.16 -44.27 -36.84
N ALA C 112 17.35 -44.58 -36.33
CA ALA C 112 18.32 -45.39 -37.08
C ALA C 112 17.83 -46.82 -37.28
N ASP C 113 17.17 -47.37 -36.25
CA ASP C 113 16.65 -48.74 -36.32
C ASP C 113 15.62 -48.90 -37.42
N LEU C 114 14.68 -47.96 -37.49
CA LEU C 114 13.65 -47.99 -38.53
C LEU C 114 14.25 -47.72 -39.90
N ALA C 115 15.28 -46.87 -39.94
CA ALA C 115 15.94 -46.52 -41.18
C ALA C 115 16.65 -47.72 -41.80
N VAL C 116 17.44 -48.42 -40.99
CA VAL C 116 18.19 -49.58 -41.46
C VAL C 116 17.27 -50.72 -41.89
N LYS C 117 16.21 -50.93 -41.13
CA LYS C 117 15.26 -52.01 -41.41
C LYS C 117 14.30 -51.68 -42.55
N GLY C 118 14.18 -50.38 -42.85
CA GLY C 118 13.25 -49.94 -43.87
C GLY C 118 13.94 -49.56 -45.16
N SER C 119 15.21 -49.91 -45.28
CA SER C 119 15.99 -49.61 -46.47
C SER C 119 17.17 -50.57 -46.62
N ASN C 120 17.98 -50.33 -47.65
CA ASN C 120 19.17 -51.14 -47.90
C ASN C 120 20.43 -50.31 -47.70
N VAL C 121 20.29 -49.15 -47.06
CA VAL C 121 21.42 -48.28 -46.79
C VAL C 121 22.21 -48.77 -45.58
N THR C 122 23.47 -48.39 -45.50
CA THR C 122 24.32 -48.76 -44.38
C THR C 122 24.45 -47.63 -43.36
N LEU C 123 24.13 -47.92 -42.11
CA LEU C 123 24.25 -46.93 -41.05
C LEU C 123 25.70 -46.75 -40.66
N VAL C 124 26.24 -45.56 -40.90
CA VAL C 124 27.65 -45.30 -40.65
C VAL C 124 27.94 -45.18 -39.16
N ARG C 125 27.29 -44.24 -38.50
CA ARG C 125 27.53 -44.00 -37.08
C ARG C 125 26.46 -43.12 -36.43
N VAL C 126 26.31 -43.25 -35.12
CA VAL C 126 25.43 -42.38 -34.34
C VAL C 126 26.25 -41.63 -33.30
N HIS C 127 26.24 -40.31 -33.38
CA HIS C 127 27.09 -39.48 -32.53
C HIS C 127 26.30 -38.63 -31.54
N MET C 128 26.74 -38.61 -30.29
CA MET C 128 26.15 -37.76 -29.28
C MET C 128 27.05 -36.56 -29.00
N ALA C 129 26.59 -35.38 -29.39
CA ALA C 129 27.39 -34.17 -29.27
C ALA C 129 27.66 -33.80 -27.82
N PHE C 130 26.64 -33.94 -26.97
CA PHE C 130 26.76 -33.56 -25.56
C PHE C 130 25.73 -34.27 -24.69
N GLY C 131 26.04 -35.48 -24.28
CA GLY C 131 25.18 -36.24 -23.39
C GLY C 131 24.00 -36.89 -24.07
N ILE C 132 23.19 -37.58 -23.28
CA ILE C 132 22.02 -38.29 -23.80
C ILE C 132 20.82 -37.35 -23.96
N GLY C 133 20.92 -36.18 -23.37
CA GLY C 133 19.85 -35.19 -23.44
C GLY C 133 20.10 -34.12 -24.49
N GLY C 134 21.32 -34.08 -25.00
CA GLY C 134 21.69 -33.08 -26.00
C GLY C 134 21.38 -33.52 -27.41
N LYS C 135 21.80 -32.70 -28.38
CA LYS C 135 21.57 -32.99 -29.79
C LYS C 135 22.31 -34.26 -30.22
N CYS C 136 21.59 -35.15 -30.89
CA CYS C 136 22.18 -36.37 -31.41
C CYS C 136 21.93 -36.48 -32.93
N TYR C 137 22.79 -37.23 -33.60
CA TYR C 137 22.71 -37.33 -35.06
C TYR C 137 23.05 -38.73 -35.57
N MET C 138 22.40 -39.12 -36.66
CA MET C 138 22.67 -40.41 -37.30
C MET C 138 23.31 -40.20 -38.67
N VAL C 139 24.20 -41.11 -39.05
CA VAL C 139 24.87 -41.02 -40.34
C VAL C 139 24.61 -42.28 -41.18
N VAL C 140 24.03 -42.08 -42.36
CA VAL C 140 23.72 -43.20 -43.24
C VAL C 140 24.46 -43.10 -44.58
N ALA C 141 24.67 -44.24 -45.22
CA ALA C 141 25.37 -44.29 -46.49
C ALA C 141 24.81 -45.40 -47.39
N GLY C 142 24.82 -45.15 -48.70
CA GLY C 142 24.33 -46.12 -49.66
C GLY C 142 23.95 -45.48 -50.99
N ASP C 143 23.11 -46.17 -51.75
CA ASP C 143 22.62 -45.65 -53.02
C ASP C 143 21.79 -44.38 -52.80
N VAL C 144 21.72 -43.53 -53.82
CA VAL C 144 20.96 -42.29 -53.73
C VAL C 144 19.50 -42.55 -53.37
N LEU C 145 18.90 -43.56 -54.00
CA LEU C 145 17.54 -43.94 -53.72
C LEU C 145 17.41 -44.57 -52.34
N ASP C 146 18.39 -45.39 -51.98
CA ASP C 146 18.39 -46.08 -50.69
C ASP C 146 18.59 -45.10 -49.53
N VAL C 147 19.50 -44.17 -49.70
CA VAL C 147 19.80 -43.19 -48.65
C VAL C 147 18.60 -42.30 -48.36
N ALA C 148 17.92 -41.90 -49.42
CA ALA C 148 16.74 -41.03 -49.30
C ALA C 148 15.63 -41.71 -48.51
N ALA C 149 15.38 -42.98 -48.83
CA ALA C 149 14.35 -43.75 -48.16
C ALA C 149 14.65 -43.90 -46.67
N ALA C 150 15.92 -44.18 -46.37
CA ALA C 150 16.36 -44.31 -44.98
C ALA C 150 16.21 -43.00 -44.24
N VAL C 151 16.62 -41.90 -44.88
CA VAL C 151 16.50 -40.58 -44.31
C VAL C 151 15.04 -40.18 -44.11
N ALA C 152 14.21 -40.51 -45.09
CA ALA C 152 12.78 -40.23 -45.02
C ALA C 152 12.13 -41.00 -43.88
N THR C 153 12.48 -42.28 -43.77
CA THR C 153 11.94 -43.13 -42.71
C THR C 153 12.37 -42.62 -41.34
N ALA C 154 13.63 -42.23 -41.22
CA ALA C 154 14.16 -41.69 -39.98
C ALA C 154 13.52 -40.36 -39.63
N SER C 155 13.28 -39.53 -40.65
CA SER C 155 12.70 -38.21 -40.44
C SER C 155 11.28 -38.31 -39.91
N LEU C 156 10.55 -39.32 -40.38
CA LEU C 156 9.17 -39.55 -39.95
C LEU C 156 9.11 -39.98 -38.48
N ALA C 157 10.06 -40.81 -38.08
CA ALA C 157 10.11 -41.33 -36.72
C ALA C 157 10.34 -40.20 -35.71
N ALA C 158 11.39 -39.42 -35.92
CA ALA C 158 11.72 -38.32 -35.02
C ALA C 158 10.72 -37.18 -35.14
N GLY C 159 10.18 -37.00 -36.34
CA GLY C 159 9.23 -35.94 -36.59
C GLY C 159 7.90 -36.15 -35.90
N ALA C 160 7.55 -37.42 -35.67
CA ALA C 160 6.30 -37.76 -35.00
C ALA C 160 6.30 -37.34 -33.54
N LYS C 161 7.50 -37.24 -32.96
CA LYS C 161 7.63 -36.84 -31.56
C LYS C 161 8.05 -35.38 -31.44
N GLY C 162 8.28 -34.74 -32.58
CA GLY C 162 8.71 -33.35 -32.61
C GLY C 162 10.11 -33.16 -32.09
N LEU C 163 10.93 -34.20 -32.21
CA LEU C 163 12.30 -34.16 -31.70
C LEU C 163 13.31 -34.07 -32.85
N LEU C 164 12.82 -33.87 -34.06
CA LEU C 164 13.68 -33.76 -35.24
C LEU C 164 14.23 -32.35 -35.39
N VAL C 165 15.55 -32.23 -35.52
CA VAL C 165 16.18 -30.94 -35.68
C VAL C 165 16.26 -30.53 -37.15
N TYR C 166 16.93 -31.35 -37.95
CA TYR C 166 17.09 -31.08 -39.38
C TYR C 166 17.52 -32.32 -40.13
N ALA C 167 17.14 -32.40 -41.40
CA ALA C 167 17.50 -33.51 -42.26
C ALA C 167 18.14 -33.02 -43.54
N SER C 168 19.11 -33.77 -44.05
CA SER C 168 19.80 -33.39 -45.28
C SER C 168 20.31 -34.60 -46.05
N ILE C 169 20.04 -34.62 -47.35
CA ILE C 169 20.56 -35.65 -48.23
C ILE C 169 21.67 -35.08 -49.10
N ILE C 170 22.87 -35.62 -48.97
CA ILE C 170 24.03 -35.07 -49.66
C ILE C 170 24.64 -36.09 -50.64
N PRO C 171 24.20 -36.03 -51.90
CA PRO C 171 24.76 -36.88 -52.96
C PRO C 171 26.05 -36.30 -53.51
N ARG C 172 27.04 -37.16 -53.76
CA ARG C 172 28.35 -36.74 -54.25
C ARG C 172 28.97 -35.66 -53.36
N PRO C 173 29.38 -36.03 -52.14
CA PRO C 173 29.97 -35.07 -51.20
C PRO C 173 31.38 -34.68 -51.60
N HIS C 174 31.75 -33.42 -51.36
CA HIS C 174 33.10 -32.94 -51.63
C HIS C 174 34.12 -33.75 -50.85
N GLU C 175 35.33 -33.86 -51.40
CA GLU C 175 36.39 -34.68 -50.79
C GLU C 175 36.69 -34.24 -49.36
N ALA C 176 36.65 -32.93 -49.12
CA ALA C 176 36.91 -32.41 -47.78
C ALA C 176 35.75 -32.66 -46.83
N MET C 177 34.52 -32.58 -47.34
CA MET C 177 33.33 -32.78 -46.52
C MET C 177 33.05 -34.26 -46.27
N TRP C 178 33.30 -35.09 -47.28
CA TRP C 178 33.06 -36.53 -47.16
C TRP C 178 33.97 -37.13 -46.10
N ARG C 179 35.23 -36.72 -46.12
CA ARG C 179 36.21 -37.19 -45.13
C ARG C 179 35.84 -36.73 -43.74
N GLN C 180 35.42 -35.48 -43.63
CA GLN C 180 35.02 -34.92 -42.35
C GLN C 180 33.79 -35.62 -41.79
N MET C 181 32.85 -35.94 -42.67
CA MET C 181 31.62 -36.62 -42.25
C MET C 181 31.91 -38.03 -41.75
N VAL C 182 32.79 -38.75 -42.46
CA VAL C 182 33.12 -40.12 -42.10
C VAL C 182 34.01 -40.22 -40.87
N GLU C 183 34.93 -39.26 -40.72
CA GLU C 183 35.90 -39.29 -39.63
C GLU C 183 35.45 -38.49 -38.42
N GLY C 184 34.40 -37.68 -38.60
CA GLY C 184 33.83 -36.80 -37.59
C GLY C 184 34.48 -36.67 -36.24
N GLY D 2 -8.03 -42.16 -63.67
CA GLY D 2 -6.76 -41.60 -64.09
C GLY D 2 -5.77 -41.48 -62.95
N GLU D 3 -5.40 -42.62 -62.37
CA GLU D 3 -4.46 -42.65 -61.26
C GLU D 3 -3.13 -43.24 -61.69
N VAL D 4 -2.03 -42.59 -61.31
CA VAL D 4 -0.70 -43.05 -61.63
C VAL D 4 -0.12 -43.88 -60.48
N PRO D 5 0.31 -45.11 -60.78
CA PRO D 5 0.84 -46.00 -59.74
C PRO D 5 2.26 -45.63 -59.34
N ILE D 6 2.57 -45.73 -58.05
CA ILE D 6 3.89 -45.40 -57.56
C ILE D 6 4.63 -46.63 -57.07
N GLY D 7 5.55 -47.12 -57.89
CA GLY D 7 6.36 -48.27 -57.53
C GLY D 7 5.57 -49.55 -57.35
N ASP D 8 6.08 -50.43 -56.50
CA ASP D 8 5.43 -51.70 -56.24
C ASP D 8 4.76 -51.71 -54.87
N PRO D 9 3.59 -52.35 -54.76
CA PRO D 9 2.87 -52.42 -53.48
C PRO D 9 3.49 -53.44 -52.53
N LYS D 10 3.35 -53.21 -51.24
CA LYS D 10 3.92 -54.10 -50.23
C LYS D 10 2.83 -54.76 -49.40
N GLU D 11 3.05 -56.01 -49.01
CA GLU D 11 2.09 -56.74 -48.21
C GLU D 11 2.69 -57.15 -46.86
N LEU D 12 2.18 -56.55 -45.79
CA LEU D 12 2.66 -56.82 -44.45
C LEU D 12 1.62 -56.45 -43.41
N ASN D 13 1.74 -57.06 -42.23
CA ASN D 13 0.81 -56.83 -41.12
C ASN D 13 -0.64 -57.08 -41.49
N GLY D 14 -0.87 -57.98 -42.44
CA GLY D 14 -2.20 -58.36 -42.86
C GLY D 14 -2.89 -57.32 -43.72
N MET D 15 -2.13 -56.32 -44.15
CA MET D 15 -2.68 -55.23 -44.95
C MET D 15 -1.82 -54.95 -46.19
N GLU D 16 -2.48 -54.59 -47.29
CA GLU D 16 -1.78 -54.21 -48.51
C GLU D 16 -1.64 -52.69 -48.59
N ILE D 17 -0.41 -52.23 -48.84
CA ILE D 17 -0.14 -50.80 -48.87
C ILE D 17 0.42 -50.39 -50.22
N ALA D 18 -0.40 -49.68 -51.00
CA ALA D 18 0.00 -49.20 -52.32
C ALA D 18 -0.08 -47.68 -52.38
N ALA D 19 0.72 -47.08 -53.26
CA ALA D 19 0.75 -45.63 -53.38
C ALA D 19 0.43 -45.17 -54.79
N VAL D 20 -0.35 -44.10 -54.89
CA VAL D 20 -0.73 -43.55 -56.18
C VAL D 20 -0.81 -42.02 -56.11
N TYR D 21 -0.61 -41.37 -57.25
CA TYR D 21 -0.68 -39.91 -57.31
C TYR D 21 -1.62 -39.46 -58.41
N LEU D 22 -2.32 -38.36 -58.17
CA LEU D 22 -3.27 -37.84 -59.15
C LEU D 22 -3.44 -36.33 -59.03
N GLN D 23 -4.45 -35.80 -59.72
CA GLN D 23 -4.77 -34.38 -59.69
C GLN D 23 -5.21 -33.97 -58.29
N PRO D 24 -4.96 -32.70 -57.91
CA PRO D 24 -5.36 -32.19 -56.60
C PRO D 24 -6.87 -32.24 -56.41
N ILE D 25 -7.31 -32.53 -55.19
CA ILE D 25 -8.73 -32.66 -54.91
C ILE D 25 -9.18 -31.66 -53.85
N GLU D 26 -10.47 -31.34 -53.87
CA GLU D 26 -11.07 -30.45 -52.89
C GLU D 26 -11.78 -31.25 -51.81
N MET D 27 -11.28 -31.17 -50.58
CA MET D 27 -11.82 -31.96 -49.48
C MET D 27 -12.62 -31.12 -48.49
N GLU D 28 -13.73 -31.68 -48.04
CA GLU D 28 -14.57 -31.02 -47.03
C GLU D 28 -14.42 -31.73 -45.69
N PRO D 29 -14.35 -30.94 -44.59
CA PRO D 29 -14.45 -29.49 -44.59
C PRO D 29 -13.13 -28.80 -44.93
N ARG D 30 -13.21 -27.56 -45.42
CA ARG D 30 -12.03 -26.82 -45.82
C ARG D 30 -11.23 -26.35 -44.61
N GLY D 31 -10.00 -25.92 -44.86
CA GLY D 31 -9.12 -25.48 -43.79
C GLY D 31 -8.33 -26.62 -43.18
N ILE D 32 -8.40 -27.79 -43.82
CA ILE D 32 -7.65 -28.96 -43.37
C ILE D 32 -6.61 -29.38 -44.40
N ASP D 33 -7.08 -29.96 -45.50
CA ASP D 33 -6.19 -30.36 -46.59
C ASP D 33 -5.73 -29.14 -47.39
N LEU D 34 -4.52 -29.23 -47.94
CA LEU D 34 -3.96 -28.17 -48.77
C LEU D 34 -4.87 -27.82 -49.93
N ALA D 35 -4.99 -26.53 -50.22
CA ALA D 35 -5.84 -26.05 -51.30
C ALA D 35 -5.43 -26.66 -52.64
N ALA D 36 -6.43 -27.02 -53.45
CA ALA D 36 -6.18 -27.62 -54.76
C ALA D 36 -5.36 -26.71 -55.67
N SER D 37 -5.63 -25.41 -55.59
CA SER D 37 -4.93 -24.43 -56.41
C SER D 37 -3.50 -24.22 -55.95
N LEU D 38 -3.23 -24.56 -54.69
CA LEU D 38 -1.90 -24.37 -54.11
C LEU D 38 -1.05 -25.63 -54.27
N ALA D 39 -1.70 -26.73 -54.66
CA ALA D 39 -1.01 -28.01 -54.81
C ALA D 39 -0.78 -28.36 -56.28
N ASP D 40 0.05 -29.37 -56.51
CA ASP D 40 0.32 -29.84 -57.87
C ASP D 40 -0.20 -31.26 -58.06
N ILE D 41 -0.20 -32.03 -56.98
CA ILE D 41 -0.70 -33.40 -57.02
C ILE D 41 -1.34 -33.79 -55.68
N HIS D 42 -2.25 -34.76 -55.73
CA HIS D 42 -2.86 -35.30 -54.52
C HIS D 42 -2.43 -36.74 -54.29
N LEU D 43 -1.68 -36.97 -53.21
CA LEU D 43 -1.18 -38.30 -52.91
C LEU D 43 -2.16 -39.09 -52.05
N GLU D 44 -2.52 -40.28 -52.51
CA GLU D 44 -3.47 -41.12 -51.79
C GLU D 44 -2.90 -42.51 -51.52
N ALA D 45 -3.10 -42.99 -50.29
CA ALA D 45 -2.65 -44.32 -49.90
C ALA D 45 -3.81 -45.30 -49.86
N ASP D 46 -3.72 -46.35 -50.68
CA ASP D 46 -4.78 -47.37 -50.73
C ASP D 46 -4.43 -48.52 -49.80
N ILE D 47 -5.18 -48.65 -48.72
CA ILE D 47 -4.93 -49.68 -47.72
C ILE D 47 -6.14 -50.59 -47.52
N HIS D 48 -6.00 -51.85 -47.92
CA HIS D 48 -7.07 -52.83 -47.76
C HIS D 48 -6.55 -54.09 -47.08
N ALA D 49 -7.42 -54.73 -46.30
CA ALA D 49 -7.03 -55.92 -45.56
C ALA D 49 -6.88 -57.14 -46.48
N LEU D 50 -5.80 -57.89 -46.27
CA LEU D 50 -5.56 -59.10 -47.04
C LEU D 50 -6.38 -60.26 -46.50
N LYS D 51 -6.30 -61.42 -47.16
CA LYS D 51 -7.01 -62.60 -46.71
C LYS D 51 -6.53 -63.06 -45.35
N ASN D 52 -7.47 -63.48 -44.50
CA ASN D 52 -7.18 -63.98 -43.17
C ASN D 52 -6.41 -62.97 -42.31
N ASN D 53 -6.87 -61.73 -42.33
CA ASN D 53 -6.28 -60.67 -41.50
C ASN D 53 -6.36 -61.02 -40.02
N PRO D 54 -5.27 -60.72 -39.28
CA PRO D 54 -5.22 -61.07 -37.85
C PRO D 54 -5.93 -60.04 -36.97
N ASN D 55 -6.45 -58.98 -37.58
CA ASN D 55 -7.19 -57.97 -36.84
C ASN D 55 -8.70 -58.15 -37.01
N GLY D 56 -9.08 -59.27 -37.61
CA GLY D 56 -10.48 -59.59 -37.82
C GLY D 56 -11.08 -58.84 -38.99
N PHE D 57 -10.24 -58.10 -39.70
CA PHE D 57 -10.69 -57.29 -40.82
C PHE D 57 -11.00 -58.15 -42.05
N PRO D 58 -12.14 -57.88 -42.71
CA PRO D 58 -12.54 -58.61 -43.91
C PRO D 58 -11.69 -58.23 -45.13
N GLU D 59 -11.40 -59.21 -45.97
CA GLU D 59 -10.58 -58.98 -47.17
C GLU D 59 -11.18 -57.91 -48.08
N GLY D 60 -10.36 -56.93 -48.44
CA GLY D 60 -10.79 -55.87 -49.34
C GLY D 60 -11.26 -54.62 -48.61
N PHE D 61 -11.68 -54.77 -47.37
CA PHE D 61 -12.14 -53.63 -46.57
C PHE D 61 -10.99 -52.69 -46.24
N TRP D 62 -11.28 -51.38 -46.32
CA TRP D 62 -10.27 -50.36 -46.02
C TRP D 62 -9.94 -50.34 -44.53
N MET D 63 -8.69 -50.04 -44.21
CA MET D 63 -8.25 -49.94 -42.82
C MET D 63 -8.43 -48.52 -42.31
N PRO D 64 -9.37 -48.33 -41.36
CA PRO D 64 -9.71 -47.01 -40.83
C PRO D 64 -9.03 -46.69 -39.51
N TYR D 65 -9.16 -45.45 -39.06
CA TYR D 65 -8.63 -45.00 -37.77
C TYR D 65 -7.13 -45.19 -37.64
N LEU D 66 -6.45 -45.38 -38.77
CA LEU D 66 -5.01 -45.57 -38.78
C LEU D 66 -4.27 -44.24 -38.78
N THR D 67 -3.13 -44.19 -38.08
CA THR D 67 -2.30 -43.00 -38.07
C THR D 67 -1.18 -43.17 -39.09
N ILE D 68 -1.21 -42.36 -40.14
CA ILE D 68 -0.27 -42.50 -41.24
C ILE D 68 0.39 -41.18 -41.62
N ALA D 69 1.71 -41.12 -41.45
CA ALA D 69 2.48 -39.96 -41.88
C ALA D 69 3.23 -40.27 -43.17
N TYR D 70 3.50 -39.24 -43.97
CA TYR D 70 4.13 -39.45 -45.27
C TYR D 70 5.40 -38.62 -45.45
N ALA D 71 6.37 -39.20 -46.14
CA ALA D 71 7.62 -38.51 -46.44
C ALA D 71 8.04 -38.73 -47.88
N LEU D 72 8.16 -37.65 -48.64
CA LEU D 72 8.54 -37.74 -50.04
C LEU D 72 9.85 -36.99 -50.29
N ALA D 73 10.83 -37.70 -50.85
CA ALA D 73 12.13 -37.09 -51.12
C ALA D 73 12.59 -37.35 -52.55
N ASN D 74 12.91 -36.27 -53.27
CA ASN D 74 13.43 -36.37 -54.62
C ASN D 74 14.94 -36.59 -54.62
N ALA D 75 15.36 -37.75 -55.12
CA ALA D 75 16.78 -38.12 -55.10
C ALA D 75 17.61 -37.28 -56.05
N ASP D 76 16.95 -36.63 -57.01
CA ASP D 76 17.63 -35.79 -57.98
C ASP D 76 18.04 -34.45 -57.38
N THR D 77 17.12 -33.82 -56.65
CA THR D 77 17.38 -32.51 -56.07
C THR D 77 17.80 -32.60 -54.60
N GLY D 78 17.41 -33.68 -53.94
CA GLY D 78 17.73 -33.89 -52.54
C GLY D 78 16.72 -33.26 -51.60
N ALA D 79 15.73 -32.57 -52.18
CA ALA D 79 14.68 -31.93 -51.38
C ALA D 79 13.83 -32.98 -50.67
N ILE D 80 13.51 -32.71 -49.41
CA ILE D 80 12.70 -33.65 -48.62
C ILE D 80 11.62 -32.90 -47.83
N LYS D 81 10.40 -33.41 -47.90
CA LYS D 81 9.28 -32.81 -47.18
C LYS D 81 8.54 -33.85 -46.34
N THR D 82 7.86 -33.39 -45.30
CA THR D 82 7.12 -34.26 -44.41
C THR D 82 5.68 -33.76 -44.22
N GLY D 83 4.76 -34.70 -44.01
CA GLY D 83 3.37 -34.36 -43.79
C GLY D 83 2.59 -35.55 -43.27
N THR D 84 1.29 -35.36 -43.06
CA THR D 84 0.43 -36.42 -42.55
C THR D 84 -0.70 -36.72 -43.53
N LEU D 85 -1.15 -37.98 -43.54
CA LEU D 85 -2.27 -38.38 -44.40
C LEU D 85 -3.58 -38.37 -43.64
N MET D 86 -4.61 -37.79 -44.25
CA MET D 86 -5.92 -37.69 -43.62
C MET D 86 -6.91 -38.67 -44.25
N PRO D 87 -7.80 -39.25 -43.43
CA PRO D 87 -8.80 -40.19 -43.92
C PRO D 87 -9.98 -39.48 -44.59
N MET D 88 -10.33 -39.91 -45.79
CA MET D 88 -11.40 -39.27 -46.56
C MET D 88 -12.06 -40.26 -47.51
N VAL D 89 -13.23 -39.91 -48.01
CA VAL D 89 -13.97 -40.78 -48.92
C VAL D 89 -14.18 -40.13 -50.28
N ALA D 90 -14.00 -40.91 -51.35
CA ALA D 90 -14.21 -40.43 -52.70
C ALA D 90 -15.14 -41.36 -53.48
N ASP D 91 -15.27 -41.09 -54.78
CA ASP D 91 -16.10 -41.92 -55.65
C ASP D 91 -15.49 -43.32 -55.79
N ASP D 92 -14.19 -43.42 -55.55
CA ASP D 92 -13.50 -44.70 -55.65
C ASP D 92 -13.34 -45.34 -54.27
N GLY D 93 -14.11 -44.85 -53.30
CA GLY D 93 -14.09 -45.41 -51.96
C GLY D 93 -13.33 -44.56 -50.96
N PRO D 94 -13.17 -45.08 -49.73
CA PRO D 94 -12.45 -44.39 -48.65
C PRO D 94 -10.96 -44.70 -48.64
N HIS D 95 -10.14 -43.69 -48.39
CA HIS D 95 -8.69 -43.87 -48.32
C HIS D 95 -8.03 -42.71 -47.60
N TYR D 96 -6.73 -42.83 -47.36
CA TYR D 96 -5.97 -41.75 -46.74
C TYR D 96 -5.27 -40.92 -47.80
N GLY D 97 -5.66 -39.65 -47.91
CA GLY D 97 -5.14 -38.78 -48.95
C GLY D 97 -4.93 -37.35 -48.51
N ALA D 98 -4.07 -36.64 -49.23
CA ALA D 98 -3.75 -35.25 -48.92
C ALA D 98 -3.08 -34.57 -50.11
N ASN D 99 -3.47 -33.33 -50.38
CA ASN D 99 -2.86 -32.55 -51.46
C ASN D 99 -1.43 -32.12 -51.11
N ILE D 100 -0.52 -32.30 -52.06
CA ILE D 100 0.89 -31.97 -51.85
C ILE D 100 1.44 -31.17 -53.02
N ALA D 101 2.14 -30.09 -52.71
CA ALA D 101 2.73 -29.23 -53.73
C ALA D 101 4.03 -29.81 -54.28
N MET D 102 4.12 -29.86 -55.61
CA MET D 102 5.31 -30.35 -56.27
C MET D 102 6.01 -29.22 -57.01
N GLU D 103 5.56 -28.94 -58.24
CA GLU D 103 6.08 -27.83 -59.01
C GLU D 103 5.74 -26.48 -58.37
N LYS D 104 4.59 -26.43 -57.70
CA LYS D 104 4.11 -25.19 -57.10
C LYS D 104 4.72 -24.95 -55.72
N ASP D 105 5.63 -25.84 -55.31
CA ASP D 105 6.30 -25.72 -54.01
C ASP D 105 7.17 -24.47 -53.96
N LYS D 106 6.88 -23.62 -52.97
CA LYS D 106 7.62 -22.36 -52.79
C LYS D 106 9.11 -22.60 -52.59
N LYS D 107 9.44 -23.69 -51.89
CA LYS D 107 10.83 -24.02 -51.61
C LYS D 107 11.53 -24.54 -52.86
N GLY D 108 10.76 -25.11 -53.78
CA GLY D 108 11.31 -25.64 -55.02
C GLY D 108 12.09 -26.92 -54.79
N GLY D 109 12.55 -27.52 -55.89
CA GLY D 109 13.35 -28.74 -55.81
C GLY D 109 12.47 -29.98 -55.79
N PHE D 110 11.16 -29.77 -55.87
CA PHE D 110 10.20 -30.87 -55.86
C PHE D 110 9.52 -31.00 -57.22
N GLY D 111 10.27 -30.76 -58.28
CA GLY D 111 9.73 -30.83 -59.63
C GLY D 111 9.83 -32.20 -60.25
N VAL D 112 9.78 -32.26 -61.57
CA VAL D 112 9.87 -33.52 -62.30
C VAL D 112 11.21 -34.21 -62.09
N GLY D 113 11.16 -35.51 -61.79
CA GLY D 113 12.36 -36.30 -61.57
C GLY D 113 12.07 -37.56 -60.78
N THR D 114 13.13 -38.15 -60.22
CA THR D 114 12.98 -39.36 -59.42
C THR D 114 12.76 -38.99 -57.95
N TYR D 115 11.75 -39.60 -57.34
CA TYR D 115 11.40 -39.32 -55.95
C TYR D 115 11.19 -40.61 -55.16
N ALA D 116 11.48 -40.55 -53.86
CA ALA D 116 11.27 -41.70 -52.99
C ALA D 116 10.23 -41.38 -51.92
N LEU D 117 9.30 -42.30 -51.71
CA LEU D 117 8.22 -42.10 -50.75
C LEU D 117 8.29 -43.08 -49.58
N THR D 118 8.26 -42.54 -48.36
CA THR D 118 8.25 -43.35 -47.16
C THR D 118 7.05 -43.03 -46.29
N PHE D 119 6.21 -44.03 -46.06
CA PHE D 119 5.01 -43.86 -45.25
C PHE D 119 5.17 -44.53 -43.88
N LEU D 120 4.76 -43.83 -42.84
CA LEU D 120 4.81 -44.37 -41.48
C LEU D 120 3.42 -44.62 -40.94
N ILE D 121 3.08 -45.89 -40.75
CA ILE D 121 1.73 -46.27 -40.32
C ILE D 121 1.75 -46.82 -38.91
N SER D 122 0.78 -46.38 -38.11
CA SER D 122 0.69 -46.79 -36.71
C SER D 122 -0.59 -47.58 -36.44
N ASN D 123 -0.65 -48.22 -35.28
CA ASN D 123 -1.82 -48.98 -34.87
C ASN D 123 -3.03 -48.07 -34.69
N PRO D 124 -4.24 -48.60 -34.91
CA PRO D 124 -5.44 -47.78 -34.77
C PRO D 124 -5.79 -47.52 -33.30
N GLU D 125 -5.09 -48.19 -32.39
CA GLU D 125 -5.29 -47.99 -30.97
C GLU D 125 -4.90 -46.58 -30.54
N LYS D 126 -4.01 -45.96 -31.30
CA LYS D 126 -3.59 -44.58 -31.04
C LYS D 126 -4.72 -43.58 -31.27
N GLN D 127 -5.67 -43.96 -32.12
CA GLN D 127 -6.79 -43.07 -32.44
C GLN D 127 -8.05 -43.49 -31.70
N GLY D 128 -7.90 -44.37 -30.72
CA GLY D 128 -9.02 -44.78 -29.88
C GLY D 128 -9.84 -45.95 -30.41
N PHE D 129 -9.35 -46.61 -31.46
CA PHE D 129 -10.03 -47.78 -32.00
C PHE D 129 -9.77 -48.99 -31.12
N GLY D 130 -10.83 -49.71 -30.78
CA GLY D 130 -10.72 -50.84 -29.86
C GLY D 130 -10.52 -52.17 -30.55
N ARG D 131 -10.28 -53.21 -29.76
CA ARG D 131 -10.12 -54.56 -30.28
C ARG D 131 -10.52 -55.60 -29.24
N HIS D 132 -11.38 -56.54 -29.65
CA HIS D 132 -11.81 -57.60 -28.75
C HIS D 132 -10.67 -58.55 -28.39
N VAL D 133 -10.67 -59.01 -27.15
CA VAL D 133 -9.63 -59.91 -26.67
C VAL D 133 -10.24 -61.15 -26.03
N ASP D 134 -11.51 -61.38 -26.30
CA ASP D 134 -12.22 -62.54 -25.75
C ASP D 134 -11.76 -63.83 -26.41
N GLU D 135 -12.09 -64.96 -25.81
CA GLU D 135 -11.72 -66.26 -26.36
C GLU D 135 -12.50 -66.58 -27.62
N GLU D 136 -13.75 -66.13 -27.68
CA GLU D 136 -14.63 -66.47 -28.78
C GLU D 136 -14.46 -65.56 -30.00
N THR D 137 -14.45 -64.25 -29.79
CA THR D 137 -14.45 -63.31 -30.89
C THR D 137 -13.27 -62.34 -30.84
N GLY D 138 -12.29 -62.66 -30.00
CA GLY D 138 -11.12 -61.80 -29.86
C GLY D 138 -10.14 -61.94 -31.00
N VAL D 139 -9.20 -61.00 -31.08
CA VAL D 139 -8.19 -61.01 -32.12
C VAL D 139 -6.81 -60.71 -31.54
N GLY D 140 -5.77 -60.88 -32.35
CA GLY D 140 -4.41 -60.66 -31.88
C GLY D 140 -4.10 -59.19 -31.67
N LYS D 141 -2.93 -58.93 -31.09
CA LYS D 141 -2.49 -57.56 -30.83
C LYS D 141 -2.29 -56.80 -32.14
N TRP D 142 -2.39 -55.49 -32.07
CA TRP D 142 -2.21 -54.65 -33.26
C TRP D 142 -0.73 -54.60 -33.66
N PHE D 143 -0.49 -54.48 -34.96
CA PHE D 143 0.86 -54.45 -35.50
C PHE D 143 1.63 -53.24 -34.97
N GLU D 144 2.90 -53.46 -34.65
CA GLU D 144 3.78 -52.37 -34.23
C GLU D 144 3.98 -51.38 -35.36
N PRO D 145 4.35 -50.13 -35.04
CA PRO D 145 4.53 -49.12 -36.08
C PRO D 145 5.71 -49.45 -37.00
N PHE D 146 5.47 -49.38 -38.30
CA PHE D 146 6.47 -49.75 -39.29
C PHE D 146 6.44 -48.80 -40.49
N VAL D 147 7.50 -48.81 -41.27
CA VAL D 147 7.59 -47.94 -42.43
C VAL D 147 7.69 -48.73 -43.74
N VAL D 148 7.19 -48.14 -44.81
CA VAL D 148 7.27 -48.75 -46.13
C VAL D 148 7.87 -47.78 -47.14
N THR D 149 8.67 -48.30 -48.06
CA THR D 149 9.37 -47.46 -49.02
C THR D 149 9.00 -47.82 -50.45
N TYR D 150 8.75 -46.80 -51.27
CA TYR D 150 8.44 -47.00 -52.68
C TYR D 150 9.21 -46.00 -53.53
N PHE D 151 9.52 -46.41 -54.76
CA PHE D 151 10.23 -45.54 -55.69
C PHE D 151 9.46 -45.36 -56.99
N PHE D 152 9.30 -44.12 -57.42
CA PHE D 152 8.55 -43.80 -58.62
C PHE D 152 9.03 -42.51 -59.26
N LYS D 153 8.77 -42.35 -60.55
CA LYS D 153 9.20 -41.14 -61.26
C LYS D 153 8.07 -40.15 -61.43
N TYR D 154 8.27 -38.94 -60.91
CA TYR D 154 7.28 -37.88 -61.04
C TYR D 154 7.35 -37.25 -62.42
N THR D 155 6.25 -37.33 -63.16
CA THR D 155 6.22 -36.83 -64.53
C THR D 155 5.66 -35.41 -64.57
N GLY D 156 5.42 -34.84 -63.40
CA GLY D 156 4.90 -33.49 -63.30
C GLY D 156 3.45 -33.46 -62.86
N THR D 157 2.93 -32.26 -62.64
CA THR D 157 1.54 -32.09 -62.23
C THR D 157 0.58 -32.50 -63.36
N PRO D 158 -0.35 -33.41 -63.06
CA PRO D 158 -1.35 -33.89 -64.03
C PRO D 158 -2.64 -33.09 -63.97
N SER E 2 46.41 -11.40 -49.91
CA SER E 2 46.09 -11.94 -51.23
C SER E 2 45.03 -13.04 -51.13
N GLN E 3 44.80 -13.51 -49.91
CA GLN E 3 43.80 -14.55 -49.67
C GLN E 3 42.63 -14.00 -48.87
N ALA E 4 41.64 -14.85 -48.62
CA ALA E 4 40.44 -14.43 -47.88
C ALA E 4 39.94 -15.54 -46.96
N ILE E 5 39.37 -15.13 -45.83
CA ILE E 5 38.82 -16.08 -44.87
C ILE E 5 37.30 -15.93 -44.72
N GLY E 6 36.59 -17.04 -44.82
CA GLY E 6 35.15 -17.04 -44.71
C GLY E 6 34.67 -17.80 -43.48
N ILE E 7 33.72 -17.22 -42.76
CA ILE E 7 33.17 -17.85 -41.55
C ILE E 7 31.66 -17.98 -41.63
N LEU E 8 31.16 -19.17 -41.33
CA LEU E 8 29.72 -19.41 -41.35
C LEU E 8 29.27 -20.21 -40.11
N GLU E 9 28.28 -19.68 -39.40
CA GLU E 9 27.77 -20.34 -38.21
C GLU E 9 26.30 -20.72 -38.36
N LEU E 10 25.97 -21.97 -38.05
CA LEU E 10 24.60 -22.46 -38.16
C LEU E 10 24.11 -22.98 -36.81
N THR E 11 22.79 -22.99 -36.63
CA THR E 11 22.18 -23.42 -35.38
C THR E 11 21.91 -24.92 -35.36
N SER E 12 22.07 -25.57 -36.50
CA SER E 12 21.84 -27.01 -36.60
C SER E 12 23.11 -27.73 -37.04
N ILE E 13 23.41 -28.83 -36.37
CA ILE E 13 24.61 -29.61 -36.67
C ILE E 13 24.52 -30.26 -38.04
N ALA E 14 23.36 -30.83 -38.35
CA ALA E 14 23.15 -31.48 -39.63
C ALA E 14 23.20 -30.48 -40.76
N LYS E 15 22.54 -29.34 -40.58
CA LYS E 15 22.52 -28.28 -41.58
C LYS E 15 23.93 -27.73 -41.81
N GLY E 16 24.73 -27.71 -40.74
CA GLY E 16 26.11 -27.29 -40.83
C GLY E 16 26.90 -28.19 -41.75
N MET E 17 26.68 -29.50 -41.61
CA MET E 17 27.31 -30.48 -42.48
C MET E 17 26.75 -30.36 -43.89
N GLU E 18 25.45 -30.09 -43.98
CA GLU E 18 24.78 -29.91 -45.27
C GLU E 18 25.33 -28.71 -46.03
N LEU E 19 25.54 -27.61 -45.32
CA LEU E 19 26.07 -26.40 -45.92
C LEU E 19 27.55 -26.56 -46.29
N GLY E 20 28.25 -27.41 -45.53
CA GLY E 20 29.65 -27.68 -45.80
C GLY E 20 29.89 -28.32 -47.16
N ASP E 21 29.14 -29.37 -47.46
CA ASP E 21 29.24 -30.05 -48.75
C ASP E 21 28.81 -29.14 -49.90
N ALA E 22 27.74 -28.39 -49.68
CA ALA E 22 27.23 -27.48 -50.71
C ALA E 22 28.21 -26.35 -51.01
N MET E 23 28.77 -25.76 -49.97
CA MET E 23 29.68 -24.63 -50.13
C MET E 23 30.98 -25.06 -50.78
N LEU E 24 31.50 -26.21 -50.38
CA LEU E 24 32.74 -26.73 -50.92
C LEU E 24 32.60 -27.04 -52.41
N LYS E 25 31.41 -27.48 -52.80
CA LYS E 25 31.13 -27.79 -54.19
C LYS E 25 30.75 -26.52 -54.95
N SER E 26 30.41 -25.47 -54.21
CA SER E 26 29.96 -24.21 -54.80
C SER E 26 31.12 -23.41 -55.38
N ALA E 27 32.30 -23.55 -54.78
CA ALA E 27 33.47 -22.80 -55.22
C ALA E 27 34.76 -23.48 -54.79
N ASN E 28 35.87 -23.02 -55.36
CA ASN E 28 37.18 -23.59 -55.03
C ASN E 28 37.72 -23.05 -53.71
N VAL E 29 37.28 -23.63 -52.60
CA VAL E 29 37.74 -23.20 -51.29
C VAL E 29 38.15 -24.40 -50.45
N ASP E 30 39.10 -24.19 -49.54
CA ASP E 30 39.56 -25.25 -48.65
C ASP E 30 38.93 -25.13 -47.27
N LEU E 31 38.53 -26.26 -46.71
CA LEU E 31 37.92 -26.28 -45.39
C LEU E 31 38.98 -26.12 -44.31
N LEU E 32 38.88 -25.04 -43.54
CA LEU E 32 39.85 -24.76 -42.49
C LEU E 32 39.40 -25.35 -41.15
N VAL E 33 38.13 -25.19 -40.83
CA VAL E 33 37.59 -25.70 -39.58
C VAL E 33 36.17 -26.22 -39.77
N SER E 34 35.87 -27.35 -39.13
CA SER E 34 34.54 -27.95 -39.21
C SER E 34 34.27 -28.80 -37.97
N LYS E 35 33.68 -28.18 -36.95
CA LYS E 35 33.40 -28.87 -35.70
C LYS E 35 32.18 -28.28 -35.01
N THR E 36 31.57 -29.05 -34.12
CA THR E 36 30.40 -28.61 -33.38
C THR E 36 30.79 -27.78 -32.17
N ILE E 37 30.03 -26.70 -31.92
CA ILE E 37 30.29 -25.83 -30.78
C ILE E 37 29.10 -25.83 -29.83
N SER E 38 29.38 -25.61 -28.54
CA SER E 38 28.34 -25.54 -27.52
C SER E 38 27.35 -24.42 -27.81
N PRO E 39 26.05 -24.65 -27.53
CA PRO E 39 25.49 -25.88 -26.95
C PRO E 39 25.12 -26.93 -27.99
N GLY E 40 24.97 -26.53 -29.25
CA GLY E 40 24.61 -27.46 -30.30
C GLY E 40 24.73 -26.84 -31.69
N LYS E 41 25.59 -25.84 -31.81
CA LYS E 41 25.81 -25.16 -33.08
C LYS E 41 26.95 -25.81 -33.88
N PHE E 42 27.10 -25.39 -35.13
CA PHE E 42 28.15 -25.90 -35.99
C PHE E 42 28.95 -24.76 -36.62
N LEU E 43 30.26 -24.85 -36.59
CA LEU E 43 31.13 -23.80 -37.11
C LEU E 43 31.93 -24.25 -38.32
N LEU E 44 31.87 -23.46 -39.39
CA LEU E 44 32.60 -23.75 -40.61
C LEU E 44 33.49 -22.57 -41.01
N MET E 45 34.74 -22.85 -41.36
CA MET E 45 35.66 -21.82 -41.80
C MET E 45 36.31 -22.22 -43.12
N LEU E 46 36.29 -21.32 -44.10
CA LEU E 46 36.86 -21.60 -45.41
C LEU E 46 37.89 -20.56 -45.82
N GLY E 47 38.87 -20.98 -46.61
CA GLY E 47 39.92 -20.10 -47.07
C GLY E 47 40.13 -20.22 -48.57
N GLY E 48 40.59 -19.13 -49.18
CA GLY E 48 40.82 -19.11 -50.62
C GLY E 48 40.78 -17.70 -51.18
N ASP E 49 40.67 -17.60 -52.50
CA ASP E 49 40.57 -16.31 -53.18
C ASP E 49 39.34 -15.52 -52.70
N ILE E 50 39.40 -14.21 -52.83
CA ILE E 50 38.33 -13.33 -52.38
C ILE E 50 37.02 -13.62 -53.09
N GLY E 51 37.10 -13.85 -54.40
CA GLY E 51 35.92 -14.17 -55.19
C GLY E 51 35.28 -15.48 -54.80
N ALA E 52 36.09 -16.51 -54.67
CA ALA E 52 35.60 -17.84 -54.32
C ALA E 52 35.01 -17.86 -52.92
N ILE E 53 35.67 -17.18 -51.98
CA ILE E 53 35.20 -17.14 -50.60
C ILE E 53 33.88 -16.38 -50.50
N GLN E 54 33.77 -15.29 -51.25
CA GLN E 54 32.57 -14.48 -51.27
C GLN E 54 31.38 -15.29 -51.79
N GLN E 55 31.64 -16.06 -52.84
CA GLN E 55 30.60 -16.89 -53.45
C GLN E 55 30.18 -18.03 -52.52
N ALA E 56 31.15 -18.64 -51.86
CA ALA E 56 30.89 -19.74 -50.95
C ALA E 56 30.05 -19.29 -49.76
N ILE E 57 30.42 -18.15 -49.17
CA ILE E 57 29.69 -17.59 -48.04
C ILE E 57 28.28 -17.15 -48.45
N GLU E 58 28.18 -16.61 -49.66
CA GLU E 58 26.89 -16.20 -50.20
C GLU E 58 25.95 -17.39 -50.40
N THR E 59 26.47 -18.45 -51.01
CA THR E 59 25.71 -19.66 -51.25
C THR E 59 25.25 -20.28 -49.92
N GLY E 60 26.16 -20.34 -48.97
CA GLY E 60 25.87 -20.89 -47.65
C GLY E 60 24.80 -20.11 -46.92
N THR E 61 24.91 -18.79 -46.97
CA THR E 61 23.97 -17.91 -46.30
C THR E 61 22.57 -17.98 -46.92
N SER E 62 22.53 -18.13 -48.24
CA SER E 62 21.27 -18.16 -48.96
C SER E 62 20.44 -19.40 -48.63
N GLN E 63 21.12 -20.48 -48.24
CA GLN E 63 20.45 -21.74 -47.96
C GLN E 63 20.41 -22.04 -46.46
N ALA E 64 21.00 -21.14 -45.66
CA ALA E 64 21.04 -21.33 -44.22
C ALA E 64 19.68 -21.14 -43.57
N GLY E 65 18.88 -20.23 -44.14
CA GLY E 65 17.56 -19.94 -43.62
C GLY E 65 17.57 -19.31 -42.24
N GLU E 66 16.66 -19.75 -41.38
CA GLU E 66 16.56 -19.20 -40.03
C GLU E 66 17.54 -19.86 -39.07
N MET E 67 18.31 -20.83 -39.58
CA MET E 67 19.28 -21.53 -38.76
C MET E 67 20.63 -20.78 -38.76
N LEU E 68 20.69 -19.72 -39.56
CA LEU E 68 21.92 -18.93 -39.67
C LEU E 68 22.18 -18.15 -38.38
N VAL E 69 23.38 -18.30 -37.85
CA VAL E 69 23.77 -17.58 -36.64
C VAL E 69 24.54 -16.31 -37.00
N ASP E 70 25.61 -16.47 -37.77
CA ASP E 70 26.44 -15.34 -38.17
C ASP E 70 27.29 -15.68 -39.40
N SER E 71 27.74 -14.65 -40.11
CA SER E 71 28.58 -14.84 -41.28
C SER E 71 29.54 -13.66 -41.45
N LEU E 72 30.73 -13.94 -41.96
CA LEU E 72 31.74 -12.90 -42.15
C LEU E 72 32.79 -13.29 -43.19
N VAL E 73 33.27 -12.30 -43.93
CA VAL E 73 34.32 -12.50 -44.91
C VAL E 73 35.48 -11.52 -44.67
N LEU E 74 36.68 -12.07 -44.50
CA LEU E 74 37.86 -11.24 -44.26
C LEU E 74 38.77 -11.20 -45.48
N ALA E 75 38.81 -10.06 -46.15
CA ALA E 75 39.60 -9.89 -47.37
C ALA E 75 41.00 -9.35 -47.09
N ASN E 76 41.88 -9.50 -48.08
CA ASN E 76 43.25 -9.01 -47.99
C ASN E 76 44.00 -9.58 -46.78
N ILE E 77 43.95 -10.90 -46.65
CA ILE E 77 44.61 -11.57 -45.54
C ILE E 77 45.89 -12.25 -45.98
N HIS E 78 46.90 -12.24 -45.10
CA HIS E 78 48.17 -12.89 -45.36
C HIS E 78 47.99 -14.39 -45.63
N PRO E 79 48.76 -14.93 -46.59
CA PRO E 79 48.62 -16.34 -46.95
C PRO E 79 49.16 -17.27 -45.88
N SER E 80 50.00 -16.74 -45.00
CA SER E 80 50.54 -17.52 -43.90
C SER E 80 49.48 -17.74 -42.82
N VAL E 81 48.41 -16.95 -42.87
CA VAL E 81 47.33 -17.04 -41.89
C VAL E 81 46.43 -18.25 -42.15
N LEU E 82 46.32 -18.65 -43.41
CA LEU E 82 45.45 -19.75 -43.79
C LEU E 82 45.80 -21.09 -43.12
N PRO E 83 47.06 -21.56 -43.24
CA PRO E 83 47.31 -22.85 -42.59
C PRO E 83 47.51 -22.71 -41.08
N ALA E 84 47.73 -21.49 -40.61
CA ALA E 84 47.90 -21.23 -39.20
C ALA E 84 46.59 -21.44 -38.45
N ILE E 85 45.48 -21.29 -39.16
CA ILE E 85 44.16 -21.49 -38.58
C ILE E 85 43.72 -22.95 -38.68
N SER E 86 43.99 -23.57 -39.83
CA SER E 86 43.60 -24.95 -40.06
C SER E 86 44.54 -25.93 -39.37
N GLY E 87 45.76 -25.46 -39.10
CA GLY E 87 46.77 -26.29 -38.47
C GLY E 87 47.89 -25.44 -37.91
N LEU E 88 49.13 -25.92 -38.06
CA LEU E 88 50.29 -25.19 -37.57
C LEU E 88 51.35 -25.07 -38.66
N ASN E 89 51.91 -23.87 -38.77
CA ASN E 89 53.00 -23.60 -39.72
C ASN E 89 54.37 -23.88 -39.13
N SER E 90 55.29 -24.34 -39.97
CA SER E 90 56.65 -24.68 -39.53
C SER E 90 57.38 -23.46 -38.97
N VAL E 91 58.08 -23.65 -37.86
CA VAL E 91 58.80 -22.57 -37.20
C VAL E 91 60.31 -22.79 -37.27
N ASP E 92 60.94 -22.24 -38.31
CA ASP E 92 62.38 -22.42 -38.50
C ASP E 92 63.19 -21.71 -37.43
N LYS E 93 62.59 -20.72 -36.79
CA LYS E 93 63.27 -19.98 -35.74
C LYS E 93 62.68 -20.32 -34.36
N ARG E 94 63.55 -20.62 -33.42
CA ARG E 94 63.15 -20.94 -32.05
C ARG E 94 63.59 -19.86 -31.08
N GLN E 95 64.22 -18.82 -31.61
CA GLN E 95 64.81 -17.76 -30.81
C GLN E 95 63.81 -17.07 -29.87
N ALA E 96 62.64 -16.74 -30.41
CA ALA E 96 61.61 -16.04 -29.63
C ALA E 96 60.21 -16.41 -30.08
N VAL E 97 59.28 -16.44 -29.14
CA VAL E 97 57.89 -16.77 -29.43
C VAL E 97 56.96 -15.65 -28.99
N GLY E 98 55.92 -15.41 -29.77
CA GLY E 98 54.95 -14.37 -29.46
C GLY E 98 53.54 -14.89 -29.31
N ILE E 99 52.82 -14.38 -28.31
CA ILE E 99 51.44 -14.78 -28.06
C ILE E 99 50.56 -13.55 -27.84
N VAL E 100 49.52 -13.43 -28.65
CA VAL E 100 48.58 -12.32 -28.54
C VAL E 100 47.16 -12.84 -28.45
N GLU E 101 46.52 -12.62 -27.31
CA GLU E 101 45.15 -13.08 -27.11
C GLU E 101 44.15 -11.95 -27.32
N THR E 102 43.15 -12.21 -28.15
CA THR E 102 42.13 -11.21 -28.44
C THR E 102 40.72 -11.78 -28.33
N TRP E 103 39.74 -10.91 -28.12
CA TRP E 103 38.34 -11.32 -28.08
C TRP E 103 37.84 -11.58 -29.50
N SER E 104 37.22 -12.75 -29.68
CA SER E 104 36.69 -13.19 -30.97
C SER E 104 37.79 -13.48 -32.00
N VAL E 105 37.55 -14.45 -32.86
CA VAL E 105 38.53 -14.86 -33.86
C VAL E 105 38.68 -13.80 -34.94
N ALA E 106 37.66 -12.96 -35.10
CA ALA E 106 37.68 -11.89 -36.08
C ALA E 106 38.81 -10.90 -35.82
N ALA E 107 38.92 -10.47 -34.57
CA ALA E 107 39.98 -9.54 -34.18
C ALA E 107 41.35 -10.19 -34.26
N CYS E 108 41.41 -11.46 -33.88
CA CYS E 108 42.67 -12.21 -33.91
C CYS E 108 43.15 -12.39 -35.34
N ILE E 109 42.22 -12.65 -36.24
CA ILE E 109 42.53 -12.83 -37.65
C ILE E 109 43.08 -11.54 -38.28
N SER E 110 42.39 -10.43 -38.03
CA SER E 110 42.80 -9.15 -38.57
C SER E 110 44.15 -8.70 -38.02
N ALA E 111 44.39 -9.00 -36.75
CA ALA E 111 45.65 -8.64 -36.10
C ALA E 111 46.79 -9.47 -36.64
N ALA E 112 46.55 -10.75 -36.86
CA ALA E 112 47.56 -11.66 -37.37
C ALA E 112 47.94 -11.26 -38.80
N ASP E 113 46.95 -10.86 -39.58
CA ASP E 113 47.18 -10.44 -40.95
C ASP E 113 48.10 -9.22 -41.00
N LEU E 114 47.82 -8.26 -40.14
CA LEU E 114 48.64 -7.06 -40.05
C LEU E 114 50.03 -7.37 -39.48
N ALA E 115 50.08 -8.34 -38.56
CA ALA E 115 51.33 -8.73 -37.93
C ALA E 115 52.29 -9.37 -38.93
N VAL E 116 51.78 -10.34 -39.70
CA VAL E 116 52.60 -11.04 -40.67
C VAL E 116 53.07 -10.12 -41.79
N LYS E 117 52.19 -9.22 -42.21
CA LYS E 117 52.51 -8.29 -43.29
C LYS E 117 53.39 -7.14 -42.81
N GLY E 118 53.43 -6.92 -41.51
CA GLY E 118 54.18 -5.82 -40.95
C GLY E 118 55.47 -6.22 -40.28
N SER E 119 55.89 -7.47 -40.49
CA SER E 119 57.13 -7.98 -39.90
C SER E 119 57.68 -9.16 -40.70
N ASN E 120 58.77 -9.73 -40.22
CA ASN E 120 59.37 -10.89 -40.87
C ASN E 120 59.25 -12.14 -40.00
N VAL E 121 58.39 -12.06 -38.99
CA VAL E 121 58.17 -13.18 -38.08
C VAL E 121 57.25 -14.22 -38.71
N THR E 122 57.34 -15.46 -38.22
CA THR E 122 56.49 -16.54 -38.72
C THR E 122 55.32 -16.82 -37.78
N LEU E 123 54.11 -16.78 -38.34
CA LEU E 123 52.90 -17.08 -37.58
C LEU E 123 52.77 -18.57 -37.35
N VAL E 124 52.84 -18.98 -36.09
CA VAL E 124 52.83 -20.41 -35.77
C VAL E 124 51.44 -21.01 -35.93
N ARG E 125 50.46 -20.46 -35.22
CA ARG E 125 49.10 -20.97 -35.26
C ARG E 125 48.10 -20.00 -34.65
N VAL E 126 46.85 -20.11 -35.07
CA VAL E 126 45.76 -19.34 -34.47
C VAL E 126 44.72 -20.29 -33.89
N HIS E 127 44.48 -20.19 -32.59
CA HIS E 127 43.62 -21.13 -31.90
C HIS E 127 42.35 -20.48 -31.36
N MET E 128 41.21 -21.14 -31.59
CA MET E 128 39.93 -20.68 -31.05
C MET E 128 39.51 -21.57 -29.88
N ALA E 129 39.53 -21.00 -28.68
CA ALA E 129 39.23 -21.78 -27.48
C ALA E 129 37.79 -22.28 -27.45
N PHE E 130 36.86 -21.43 -27.84
CA PHE E 130 35.44 -21.78 -27.80
C PHE E 130 34.60 -20.94 -28.75
N GLY E 131 34.54 -21.34 -30.02
CA GLY E 131 33.71 -20.66 -30.98
C GLY E 131 34.31 -19.38 -31.54
N ILE E 132 33.56 -18.73 -32.42
CA ILE E 132 34.01 -17.50 -33.07
C ILE E 132 33.79 -16.28 -32.18
N GLY E 133 33.00 -16.46 -31.13
CA GLY E 133 32.70 -15.37 -30.21
C GLY E 133 33.53 -15.42 -28.95
N GLY E 134 34.23 -16.54 -28.74
CA GLY E 134 35.04 -16.72 -27.55
C GLY E 134 36.44 -16.18 -27.69
N LYS E 135 37.26 -16.44 -26.68
CA LYS E 135 38.65 -15.99 -26.67
C LYS E 135 39.48 -16.65 -27.77
N CYS E 136 40.23 -15.83 -28.51
CA CYS E 136 41.12 -16.34 -29.54
C CYS E 136 42.55 -15.84 -29.30
N TYR E 137 43.53 -16.58 -29.80
CA TYR E 137 44.93 -16.25 -29.56
C TYR E 137 45.81 -16.52 -30.76
N MET E 138 46.83 -15.70 -30.94
CA MET E 138 47.78 -15.88 -32.04
C MET E 138 49.16 -16.27 -31.50
N VAL E 139 49.85 -17.11 -32.27
CA VAL E 139 51.19 -17.55 -31.88
C VAL E 139 52.20 -17.20 -32.97
N VAL E 140 53.21 -16.42 -32.61
CA VAL E 140 54.25 -16.02 -33.56
C VAL E 140 55.61 -16.53 -33.11
N ALA E 141 56.52 -16.70 -34.07
CA ALA E 141 57.86 -17.18 -33.77
C ALA E 141 58.88 -16.55 -34.71
N GLY E 142 60.08 -16.29 -34.19
CA GLY E 142 61.13 -15.69 -34.97
C GLY E 142 62.19 -15.03 -34.11
N ASP E 143 62.93 -14.09 -34.69
CA ASP E 143 63.93 -13.33 -33.96
C ASP E 143 63.27 -12.49 -32.87
N VAL E 144 64.04 -12.16 -31.83
CA VAL E 144 63.55 -11.37 -30.72
C VAL E 144 62.98 -10.03 -31.18
N LEU E 145 63.69 -9.39 -32.09
CA LEU E 145 63.26 -8.11 -32.66
C LEU E 145 62.03 -8.30 -33.54
N ASP E 146 62.00 -9.39 -34.30
CA ASP E 146 60.90 -9.66 -35.21
C ASP E 146 59.60 -9.95 -34.47
N VAL E 147 59.69 -10.77 -33.42
CA VAL E 147 58.52 -11.14 -32.64
C VAL E 147 57.89 -9.94 -31.94
N ALA E 148 58.75 -9.07 -31.39
CA ALA E 148 58.30 -7.88 -30.68
C ALA E 148 57.53 -6.93 -31.58
N ALA E 149 58.05 -6.71 -32.78
CA ALA E 149 57.40 -5.83 -33.75
C ALA E 149 56.03 -6.36 -34.13
N ALA E 150 55.95 -7.67 -34.36
CA ALA E 150 54.70 -8.32 -34.72
C ALA E 150 53.67 -8.23 -33.60
N VAL E 151 54.11 -8.50 -32.37
CA VAL E 151 53.23 -8.45 -31.21
C VAL E 151 52.70 -7.04 -30.98
N ALA E 152 53.57 -6.05 -31.16
CA ALA E 152 53.18 -4.65 -31.01
C ALA E 152 52.14 -4.26 -32.04
N THR E 153 52.37 -4.65 -33.29
CA THR E 153 51.44 -4.37 -34.37
C THR E 153 50.09 -5.03 -34.15
N ALA E 154 50.11 -6.28 -33.71
CA ALA E 154 48.89 -7.03 -33.44
C ALA E 154 48.14 -6.44 -32.26
N SER E 155 48.88 -6.01 -31.24
CA SER E 155 48.29 -5.45 -30.04
C SER E 155 47.55 -4.15 -30.33
N LEU E 156 48.11 -3.35 -31.24
CA LEU E 156 47.50 -2.09 -31.64
C LEU E 156 46.20 -2.35 -32.40
N ALA E 157 46.22 -3.38 -33.24
CA ALA E 157 45.07 -3.74 -34.05
C ALA E 157 43.88 -4.17 -33.19
N ALA E 158 44.12 -5.13 -32.30
CA ALA E 158 43.06 -5.64 -31.43
C ALA E 158 42.68 -4.61 -30.38
N GLY E 159 43.66 -3.79 -29.98
CA GLY E 159 43.44 -2.77 -28.98
C GLY E 159 42.53 -1.66 -29.49
N ALA E 160 42.55 -1.47 -30.80
CA ALA E 160 41.73 -0.43 -31.43
C ALA E 160 40.24 -0.75 -31.32
N LYS E 161 39.91 -2.03 -31.20
CA LYS E 161 38.53 -2.45 -31.09
C LYS E 161 38.17 -2.78 -29.64
N GLY E 162 39.16 -2.71 -28.76
CA GLY E 162 38.95 -3.02 -27.36
C GLY E 162 38.69 -4.51 -27.17
N LEU E 163 39.20 -5.32 -28.09
CA LEU E 163 39.00 -6.76 -28.06
C LEU E 163 40.27 -7.50 -27.67
N LEU E 164 41.29 -6.75 -27.26
CA LEU E 164 42.57 -7.35 -26.87
C LEU E 164 42.53 -7.84 -25.43
N VAL E 165 42.89 -9.10 -25.22
CA VAL E 165 42.90 -9.70 -23.89
C VAL E 165 44.23 -9.44 -23.20
N TYR E 166 45.30 -9.91 -23.81
CA TYR E 166 46.63 -9.74 -23.25
C TYR E 166 47.71 -10.00 -24.30
N ALA E 167 48.85 -9.33 -24.13
CA ALA E 167 49.98 -9.51 -25.04
C ALA E 167 51.23 -9.83 -24.24
N SER E 168 52.08 -10.68 -24.80
CA SER E 168 53.31 -11.08 -24.13
C SER E 168 54.41 -11.45 -25.11
N ILE E 169 55.60 -10.92 -24.88
CA ILE E 169 56.78 -11.29 -25.66
C ILE E 169 57.69 -12.17 -24.81
N ILE E 170 57.90 -13.40 -25.26
CA ILE E 170 58.66 -14.37 -24.49
C ILE E 170 59.93 -14.81 -25.21
N PRO E 171 61.06 -14.15 -24.91
CA PRO E 171 62.35 -14.53 -25.48
C PRO E 171 62.97 -15.70 -24.73
N ARG E 172 63.56 -16.63 -25.48
CA ARG E 172 64.17 -17.83 -24.92
C ARG E 172 63.21 -18.61 -24.02
N PRO E 173 62.20 -19.24 -24.62
CA PRO E 173 61.22 -20.02 -23.86
C PRO E 173 61.81 -21.33 -23.36
N HIS E 174 61.41 -21.76 -22.17
CA HIS E 174 61.85 -23.03 -21.61
C HIS E 174 61.47 -24.18 -22.54
N GLU E 175 62.27 -25.25 -22.53
CA GLU E 175 62.06 -26.38 -23.43
C GLU E 175 60.67 -27.00 -23.29
N ALA E 176 60.18 -27.08 -22.06
CA ALA E 176 58.85 -27.65 -21.82
C ALA E 176 57.75 -26.69 -22.26
N MET E 177 57.95 -25.40 -22.07
CA MET E 177 56.96 -24.40 -22.44
C MET E 177 56.97 -24.12 -23.93
N TRP E 178 58.16 -24.11 -24.53
CA TRP E 178 58.30 -23.86 -25.96
C TRP E 178 57.63 -24.97 -26.77
N ARG E 179 57.85 -26.20 -26.36
CA ARG E 179 57.25 -27.36 -27.01
C ARG E 179 55.74 -27.31 -26.87
N GLN E 180 55.27 -26.97 -25.67
CA GLN E 180 53.84 -26.87 -25.40
C GLN E 180 53.19 -25.74 -26.19
N MET E 181 53.87 -24.60 -26.28
CA MET E 181 53.35 -23.45 -27.01
C MET E 181 53.24 -23.72 -28.50
N VAL E 182 54.25 -24.37 -29.06
CA VAL E 182 54.30 -24.64 -30.50
C VAL E 182 53.36 -25.77 -30.91
N GLU E 183 53.21 -26.77 -30.05
CA GLU E 183 52.41 -27.95 -30.38
C GLU E 183 50.96 -27.82 -29.88
N GLY E 184 50.74 -26.84 -29.01
CA GLY E 184 49.46 -26.54 -28.37
C GLY E 184 48.27 -27.47 -28.61
N GLY F 2 67.91 19.07 -28.94
CA GLY F 2 68.33 17.84 -28.28
C GLY F 2 67.31 16.74 -28.40
N GLU F 3 67.05 16.31 -29.63
CA GLU F 3 66.08 15.25 -29.89
C GLU F 3 66.78 13.97 -30.35
N VAL F 4 66.37 12.85 -29.77
CA VAL F 4 66.94 11.56 -30.13
C VAL F 4 66.07 10.86 -31.18
N PRO F 5 66.66 10.48 -32.31
CA PRO F 5 65.92 9.84 -33.40
C PRO F 5 65.64 8.37 -33.12
N ILE F 6 64.44 7.93 -33.50
CA ILE F 6 64.03 6.55 -33.25
C ILE F 6 63.90 5.76 -34.56
N GLY F 7 64.89 4.92 -34.83
CA GLY F 7 64.88 4.09 -36.01
C GLY F 7 64.93 4.87 -37.31
N ASP F 8 64.36 4.28 -38.35
CA ASP F 8 64.35 4.92 -39.66
C ASP F 8 62.95 5.43 -40.01
N PRO F 9 62.87 6.59 -40.69
CA PRO F 9 61.60 7.17 -41.10
C PRO F 9 61.02 6.46 -42.32
N LYS F 10 59.70 6.45 -42.44
CA LYS F 10 59.03 5.77 -43.54
C LYS F 10 58.25 6.74 -44.42
N GLU F 11 58.23 6.48 -45.72
CA GLU F 11 57.49 7.32 -46.66
C GLU F 11 56.40 6.51 -47.36
N LEU F 12 55.15 6.82 -47.03
CA LEU F 12 54.00 6.12 -47.58
C LEU F 12 52.75 6.96 -47.45
N ASN F 13 51.77 6.70 -48.30
CA ASN F 13 50.50 7.43 -48.30
C ASN F 13 50.66 8.94 -48.46
N GLY F 14 51.73 9.35 -49.14
CA GLY F 14 51.96 10.76 -49.42
C GLY F 14 52.44 11.55 -48.22
N MET F 15 52.77 10.83 -47.14
CA MET F 15 53.21 11.48 -45.91
C MET F 15 54.48 10.82 -45.38
N GLU F 16 55.35 11.63 -44.78
CA GLU F 16 56.56 11.12 -44.15
C GLU F 16 56.34 10.94 -42.65
N ILE F 17 56.67 9.76 -42.13
CA ILE F 17 56.44 9.45 -40.73
C ILE F 17 57.73 9.09 -40.00
N ALA F 18 58.20 10.01 -39.15
CA ALA F 18 59.41 9.79 -38.37
C ALA F 18 59.11 9.90 -36.87
N ALA F 19 59.92 9.23 -36.07
CA ALA F 19 59.72 9.23 -34.62
C ALA F 19 60.96 9.73 -33.88
N VAL F 20 60.76 10.53 -32.85
CA VAL F 20 61.86 11.07 -32.06
C VAL F 20 61.51 11.17 -30.59
N TYR F 21 62.54 11.11 -29.74
CA TYR F 21 62.36 11.21 -28.29
C TYR F 21 63.28 12.27 -27.69
N LEU F 22 62.79 12.97 -26.67
CA LEU F 22 63.57 14.01 -26.02
C LEU F 22 63.17 14.19 -24.56
N GLN F 23 63.65 15.28 -23.96
CA GLN F 23 63.33 15.59 -22.57
C GLN F 23 61.83 15.85 -22.41
N PRO F 24 61.28 15.53 -21.24
CA PRO F 24 59.86 15.74 -20.95
C PRO F 24 59.46 17.21 -21.03
N ILE F 25 58.25 17.47 -21.53
CA ILE F 25 57.77 18.83 -21.69
C ILE F 25 56.50 19.07 -20.89
N GLU F 26 56.24 20.33 -20.56
CA GLU F 26 55.02 20.69 -19.85
C GLU F 26 53.99 21.22 -20.83
N MET F 27 52.90 20.48 -20.99
CA MET F 27 51.90 20.82 -21.99
C MET F 27 50.61 21.37 -21.37
N GLU F 28 50.05 22.38 -22.02
CA GLU F 28 48.79 22.95 -21.60
C GLU F 28 47.68 22.56 -22.58
N PRO F 29 46.49 22.22 -22.05
CA PRO F 29 46.14 22.26 -20.63
C PRO F 29 46.61 21.01 -19.88
N ARG F 30 46.80 21.15 -18.57
CA ARG F 30 47.25 20.04 -17.75
C ARG F 30 46.12 19.02 -17.55
N GLY F 31 46.48 17.83 -17.07
CA GLY F 31 45.50 16.79 -16.84
C GLY F 31 45.25 15.95 -18.08
N ILE F 32 46.07 16.16 -19.10
CA ILE F 32 45.97 15.39 -20.34
C ILE F 32 47.23 14.56 -20.56
N ASP F 33 48.31 15.23 -20.93
CA ASP F 33 49.60 14.57 -21.11
C ASP F 33 50.20 14.21 -19.75
N LEU F 34 50.97 13.14 -19.72
CA LEU F 34 51.63 12.69 -18.50
C LEU F 34 52.49 13.80 -17.89
N ALA F 35 52.44 13.93 -16.57
CA ALA F 35 53.20 14.94 -15.85
C ALA F 35 54.69 14.82 -16.15
N ALA F 36 55.34 15.97 -16.31
CA ALA F 36 56.78 16.00 -16.61
C ALA F 36 57.57 15.31 -15.51
N SER F 37 57.14 15.50 -14.27
CA SER F 37 57.83 14.90 -13.12
C SER F 37 57.57 13.39 -13.08
N LEU F 38 56.50 12.95 -13.72
CA LEU F 38 56.12 11.54 -13.74
C LEU F 38 56.70 10.80 -14.94
N ALA F 39 57.23 11.54 -15.90
CA ALA F 39 57.76 10.94 -17.12
C ALA F 39 59.28 10.92 -17.16
N ASP F 40 59.84 10.15 -18.09
CA ASP F 40 61.29 10.07 -18.25
C ASP F 40 61.73 10.62 -19.61
N ILE F 41 60.87 10.47 -20.61
CA ILE F 41 61.15 10.96 -21.96
C ILE F 41 59.88 11.41 -22.66
N HIS F 42 60.02 12.32 -23.63
CA HIS F 42 58.87 12.77 -24.42
C HIS F 42 58.98 12.31 -25.86
N LEU F 43 58.08 11.42 -26.27
CA LEU F 43 58.07 10.88 -27.63
C LEU F 43 57.20 11.75 -28.54
N GLU F 44 57.78 12.20 -29.65
CA GLU F 44 57.08 13.04 -30.60
C GLU F 44 57.10 12.43 -31.99
N ALA F 45 55.95 12.45 -32.67
CA ALA F 45 55.85 11.92 -34.02
C ALA F 45 55.80 13.06 -35.04
N ASP F 46 56.78 13.07 -35.93
CA ASP F 46 56.86 14.11 -36.97
C ASP F 46 56.18 13.65 -38.26
N ILE F 47 55.06 14.26 -38.57
CA ILE F 47 54.30 13.89 -39.76
C ILE F 47 54.12 15.07 -40.70
N HIS F 48 54.76 15.00 -41.86
CA HIS F 48 54.66 16.04 -42.86
C HIS F 48 54.31 15.46 -44.22
N ALA F 49 53.57 16.23 -45.02
CA ALA F 49 53.13 15.77 -46.32
C ALA F 49 54.28 15.79 -47.33
N LEU F 50 54.39 14.72 -48.11
CA LEU F 50 55.42 14.63 -49.15
C LEU F 50 54.98 15.39 -50.40
N LYS F 51 55.87 15.43 -51.40
CA LYS F 51 55.57 16.09 -52.66
C LYS F 51 54.43 15.38 -53.38
N ASN F 52 53.53 16.17 -53.97
CA ASN F 52 52.39 15.65 -54.72
C ASN F 52 51.53 14.70 -53.89
N ASN F 53 51.21 15.11 -52.67
CA ASN F 53 50.35 14.34 -51.79
C ASN F 53 48.96 14.12 -52.39
N PRO F 54 48.41 12.91 -52.23
CA PRO F 54 47.12 12.56 -52.83
C PRO F 54 45.94 13.08 -52.01
N ASN F 55 46.24 13.73 -50.88
CA ASN F 55 45.19 14.32 -50.05
C ASN F 55 45.10 15.82 -50.27
N GLY F 56 45.81 16.30 -51.30
CA GLY F 56 45.80 17.71 -51.65
C GLY F 56 46.70 18.53 -50.74
N PHE F 57 47.40 17.84 -49.85
CA PHE F 57 48.27 18.49 -48.88
C PHE F 57 49.56 18.99 -49.54
N PRO F 58 49.96 20.23 -49.24
CA PRO F 58 51.18 20.83 -49.78
C PRO F 58 52.43 20.22 -49.14
N GLU F 59 53.49 20.07 -49.93
CA GLU F 59 54.76 19.52 -49.44
C GLU F 59 55.30 20.32 -48.27
N GLY F 60 55.61 19.62 -47.18
CA GLY F 60 56.17 20.26 -45.99
C GLY F 60 55.14 20.59 -44.93
N PHE F 61 53.89 20.73 -45.34
CA PHE F 61 52.81 21.03 -44.40
C PHE F 61 52.56 19.86 -43.46
N TRP F 62 52.33 20.16 -42.19
CA TRP F 62 52.07 19.14 -41.18
C TRP F 62 50.71 18.49 -41.39
N MET F 63 50.63 17.18 -41.10
CA MET F 63 49.38 16.45 -41.20
C MET F 63 48.60 16.49 -39.90
N PRO F 64 47.45 17.18 -39.90
CA PRO F 64 46.62 17.36 -38.71
C PRO F 64 45.42 16.40 -38.66
N TYR F 65 44.72 16.40 -37.53
CA TYR F 65 43.49 15.61 -37.37
C TYR F 65 43.71 14.10 -37.58
N LEU F 66 44.97 13.67 -37.53
CA LEU F 66 45.29 12.27 -37.70
C LEU F 66 45.14 11.50 -36.39
N THR F 67 44.66 10.26 -36.48
CA THR F 67 44.55 9.39 -35.32
C THR F 67 45.75 8.46 -35.25
N ILE F 68 46.58 8.64 -34.22
CA ILE F 68 47.83 7.91 -34.12
C ILE F 68 48.02 7.24 -32.75
N ALA F 69 48.08 5.92 -32.76
CA ALA F 69 48.35 5.15 -31.54
C ALA F 69 49.78 4.65 -31.54
N TYR F 70 50.34 4.44 -30.34
CA TYR F 70 51.74 4.04 -30.22
C TYR F 70 51.91 2.76 -29.41
N ALA F 71 52.89 1.96 -29.81
CA ALA F 71 53.20 0.73 -29.09
C ALA F 71 54.70 0.57 -28.92
N LEU F 72 55.15 0.49 -27.67
CA LEU F 72 56.55 0.35 -27.36
C LEU F 72 56.83 -0.95 -26.60
N ALA F 73 57.73 -1.77 -27.15
CA ALA F 73 58.06 -3.04 -26.54
C ALA F 73 59.57 -3.23 -26.41
N ASN F 74 60.04 -3.51 -25.21
CA ASN F 74 61.46 -3.78 -24.97
C ASN F 74 61.79 -5.24 -25.26
N ALA F 75 62.61 -5.48 -26.28
CA ALA F 75 62.93 -6.83 -26.72
C ALA F 75 63.78 -7.59 -25.70
N ASP F 76 64.41 -6.84 -24.80
CA ASP F 76 65.25 -7.44 -23.77
C ASP F 76 64.42 -8.06 -22.65
N THR F 77 63.42 -7.31 -22.18
CA THR F 77 62.58 -7.75 -21.07
C THR F 77 61.28 -8.37 -21.56
N GLY F 78 60.85 -7.99 -22.76
CA GLY F 78 59.61 -8.48 -23.32
C GLY F 78 58.42 -7.63 -22.90
N ALA F 79 58.68 -6.64 -22.06
CA ALA F 79 57.63 -5.73 -21.60
C ALA F 79 57.13 -4.87 -22.77
N ILE F 80 55.82 -4.70 -22.84
CA ILE F 80 55.20 -3.92 -23.91
C ILE F 80 54.11 -3.02 -23.36
N LYS F 81 54.12 -1.75 -23.78
CA LYS F 81 53.11 -0.80 -23.34
C LYS F 81 52.45 -0.13 -24.54
N THR F 82 51.22 0.35 -24.33
CA THR F 82 50.47 1.02 -25.40
C THR F 82 49.93 2.36 -24.95
N GLY F 83 49.80 3.29 -25.90
CA GLY F 83 49.28 4.61 -25.62
C GLY F 83 48.94 5.37 -26.88
N THR F 84 48.46 6.60 -26.73
CA THR F 84 48.08 7.43 -27.87
C THR F 84 48.89 8.71 -27.94
N LEU F 85 49.09 9.22 -29.15
CA LEU F 85 49.80 10.47 -29.36
C LEU F 85 48.82 11.63 -29.50
N MET F 86 49.11 12.73 -28.81
CA MET F 86 48.24 13.90 -28.82
C MET F 86 48.82 15.02 -29.67
N PRO F 87 47.96 15.76 -30.39
CA PRO F 87 48.41 16.85 -31.24
C PRO F 87 48.74 18.11 -30.45
N MET F 88 49.94 18.65 -30.67
CA MET F 88 50.39 19.81 -29.92
C MET F 88 51.40 20.62 -30.72
N VAL F 89 51.66 21.85 -30.27
CA VAL F 89 52.60 22.72 -30.94
C VAL F 89 53.80 23.05 -30.05
N ALA F 90 54.98 23.04 -30.63
CA ALA F 90 56.19 23.37 -29.91
C ALA F 90 57.00 24.44 -30.65
N ASP F 91 58.20 24.73 -30.17
CA ASP F 91 59.07 25.70 -30.80
C ASP F 91 59.53 25.19 -32.17
N ASP F 92 59.52 23.87 -32.34
CA ASP F 92 59.95 23.25 -33.59
C ASP F 92 58.76 22.93 -34.49
N GLY F 93 57.61 23.53 -34.19
CA GLY F 93 56.43 23.34 -35.01
C GLY F 93 55.42 22.38 -34.38
N PRO F 94 54.36 22.04 -35.13
CA PRO F 94 53.28 21.17 -34.66
C PRO F 94 53.56 19.69 -34.95
N HIS F 95 53.22 18.82 -33.99
CA HIS F 95 53.41 17.39 -34.15
C HIS F 95 52.56 16.60 -33.16
N TYR F 96 52.55 15.28 -33.30
CA TYR F 96 51.85 14.42 -32.35
C TYR F 96 52.83 13.88 -31.31
N GLY F 97 52.63 14.27 -30.06
CA GLY F 97 53.54 13.90 -29.00
C GLY F 97 52.87 13.62 -27.66
N ALA F 98 53.58 12.88 -26.81
CA ALA F 98 53.06 12.53 -25.49
C ALA F 98 54.19 12.06 -24.57
N ASN F 99 54.14 12.49 -23.32
CA ASN F 99 55.13 12.09 -22.33
C ASN F 99 54.97 10.63 -21.93
N ILE F 100 56.09 9.90 -21.88
CA ILE F 100 56.07 8.48 -21.56
C ILE F 100 57.11 8.13 -20.51
N ALA F 101 56.69 7.38 -19.50
CA ALA F 101 57.58 6.95 -18.44
C ALA F 101 58.41 5.75 -18.88
N MET F 102 59.72 5.82 -18.67
CA MET F 102 60.62 4.73 -19.03
C MET F 102 61.20 4.07 -17.79
N GLU F 103 62.27 4.64 -17.26
CA GLU F 103 62.88 4.15 -16.02
C GLU F 103 61.94 4.32 -14.84
N LYS F 104 61.11 5.36 -14.89
CA LYS F 104 60.20 5.67 -13.80
C LYS F 104 58.91 4.86 -13.85
N ASP F 105 58.80 3.95 -14.81
CA ASP F 105 57.62 3.11 -14.95
C ASP F 105 57.45 2.19 -13.75
N LYS F 106 56.29 2.30 -13.09
CA LYS F 106 55.99 1.51 -11.91
C LYS F 106 56.00 0.01 -12.21
N LYS F 107 55.56 -0.35 -13.42
CA LYS F 107 55.51 -1.76 -13.82
C LYS F 107 56.90 -2.29 -14.11
N GLY F 108 57.81 -1.40 -14.49
CA GLY F 108 59.17 -1.79 -14.80
C GLY F 108 59.29 -2.52 -16.13
N GLY F 109 60.51 -2.83 -16.53
CA GLY F 109 60.76 -3.55 -17.76
C GLY F 109 60.86 -2.65 -18.97
N PHE F 110 60.72 -1.35 -18.74
CA PHE F 110 60.82 -0.38 -19.83
C PHE F 110 62.08 0.46 -19.66
N GLY F 111 63.13 -0.17 -19.17
CA GLY F 111 64.39 0.49 -18.94
C GLY F 111 65.31 0.44 -20.15
N VAL F 112 66.61 0.60 -19.90
CA VAL F 112 67.62 0.58 -20.95
C VAL F 112 67.69 -0.78 -21.65
N GLY F 113 67.73 -0.74 -22.97
CA GLY F 113 67.82 -1.95 -23.77
C GLY F 113 67.37 -1.73 -25.19
N THR F 114 67.05 -2.80 -25.89
CA THR F 114 66.57 -2.71 -27.26
C THR F 114 65.05 -2.61 -27.24
N TYR F 115 64.50 -1.64 -27.96
CA TYR F 115 63.06 -1.42 -27.96
C TYR F 115 62.50 -1.29 -29.37
N ALA F 116 61.25 -1.71 -29.54
CA ALA F 116 60.58 -1.59 -30.82
C ALA F 116 59.36 -0.69 -30.73
N LEU F 117 59.21 0.21 -31.69
CA LEU F 117 58.10 1.15 -31.71
C LEU F 117 57.18 0.88 -32.89
N THR F 118 55.89 0.71 -32.61
CA THR F 118 54.90 0.49 -33.65
C THR F 118 53.81 1.55 -33.60
N PHE F 119 53.69 2.33 -34.67
CA PHE F 119 52.68 3.37 -34.75
C PHE F 119 51.54 2.98 -35.70
N LEU F 120 50.31 3.20 -35.26
CA LEU F 120 49.14 2.93 -36.09
C LEU F 120 48.46 4.23 -36.48
N ILE F 121 48.50 4.56 -37.76
CA ILE F 121 47.97 5.83 -38.23
C ILE F 121 46.69 5.62 -39.04
N SER F 122 45.69 6.44 -38.77
CA SER F 122 44.41 6.33 -39.46
C SER F 122 44.09 7.55 -40.32
N ASN F 123 43.07 7.41 -41.15
CA ASN F 123 42.64 8.51 -42.02
C ASN F 123 42.09 9.67 -41.20
N PRO F 124 42.20 10.90 -41.71
CA PRO F 124 41.70 12.04 -40.95
C PRO F 124 40.18 12.15 -40.99
N GLU F 125 39.54 11.32 -41.82
CA GLU F 125 38.08 11.31 -41.90
C GLU F 125 37.48 10.83 -40.59
N LYS F 126 38.27 10.07 -39.84
CA LYS F 126 37.84 9.58 -38.52
C LYS F 126 37.68 10.70 -37.51
N GLN F 127 38.41 11.80 -37.72
CA GLN F 127 38.34 12.93 -36.79
C GLN F 127 37.47 14.06 -37.33
N GLY F 128 36.71 13.79 -38.38
CA GLY F 128 35.78 14.76 -38.92
C GLY F 128 36.40 15.71 -39.94
N PHE F 129 37.61 15.41 -40.38
CA PHE F 129 38.27 16.22 -41.39
C PHE F 129 37.72 15.92 -42.77
N GLY F 130 37.40 16.97 -43.53
CA GLY F 130 36.78 16.78 -44.83
C GLY F 130 37.76 16.79 -45.98
N ARG F 131 37.26 16.48 -47.17
CA ARG F 131 38.07 16.47 -48.38
C ARG F 131 37.22 16.74 -49.61
N HIS F 132 37.65 17.70 -50.43
CA HIS F 132 36.94 18.03 -51.66
C HIS F 132 36.98 16.86 -52.64
N VAL F 133 35.89 16.65 -53.36
CA VAL F 133 35.80 15.56 -54.31
C VAL F 133 35.37 16.05 -55.69
N ASP F 134 35.47 17.36 -55.90
CA ASP F 134 35.10 17.96 -57.19
C ASP F 134 36.13 17.63 -58.26
N GLU F 135 35.76 17.86 -59.51
CA GLU F 135 36.67 17.61 -60.63
C GLU F 135 37.82 18.61 -60.64
N GLU F 136 37.53 19.84 -60.23
CA GLU F 136 38.50 20.92 -60.29
C GLU F 136 39.46 20.95 -59.10
N THR F 137 38.91 20.86 -57.89
CA THR F 137 39.72 21.04 -56.68
C THR F 137 39.66 19.83 -55.75
N GLY F 138 39.15 18.72 -56.26
CA GLY F 138 39.03 17.52 -55.47
C GLY F 138 40.35 16.79 -55.28
N VAL F 139 40.35 15.83 -54.35
CA VAL F 139 41.55 15.06 -54.05
C VAL F 139 41.20 13.57 -53.94
N GLY F 140 42.22 12.73 -53.86
CA GLY F 140 42.03 11.30 -53.78
C GLY F 140 41.49 10.86 -52.42
N LYS F 141 41.12 9.59 -52.33
CA LYS F 141 40.60 9.03 -51.08
C LYS F 141 41.66 9.06 -49.98
N TRP F 142 41.22 9.09 -48.73
CA TRP F 142 42.14 9.11 -47.60
C TRP F 142 42.78 7.73 -47.42
N PHE F 143 44.02 7.73 -46.94
CA PHE F 143 44.76 6.48 -46.75
C PHE F 143 44.10 5.56 -45.73
N GLU F 144 44.09 4.27 -46.04
CA GLU F 144 43.59 3.25 -45.12
C GLU F 144 44.50 3.17 -43.90
N PRO F 145 43.99 2.66 -42.77
CA PRO F 145 44.80 2.56 -41.56
C PRO F 145 45.94 1.56 -41.74
N PHE F 146 47.16 1.97 -41.37
CA PHE F 146 48.33 1.14 -41.55
C PHE F 146 49.28 1.31 -40.37
N VAL F 147 50.21 0.36 -40.23
CA VAL F 147 51.16 0.40 -39.13
C VAL F 147 52.60 0.51 -39.62
N VAL F 148 53.43 1.16 -38.81
CA VAL F 148 54.85 1.30 -39.11
C VAL F 148 55.68 0.84 -37.92
N THR F 149 56.81 0.19 -38.20
CA THR F 149 57.64 -0.35 -37.13
C THR F 149 59.05 0.25 -37.17
N TYR F 150 59.54 0.61 -35.99
CA TYR F 150 60.89 1.14 -35.87
C TYR F 150 61.61 0.51 -34.68
N PHE F 151 62.93 0.38 -34.79
CA PHE F 151 63.74 -0.19 -33.72
C PHE F 151 64.82 0.79 -33.29
N PHE F 152 64.95 0.99 -31.99
CA PHE F 152 65.93 1.93 -31.45
C PHE F 152 66.35 1.56 -30.04
N LYS F 153 67.54 2.02 -29.64
CA LYS F 153 68.09 1.73 -28.32
C LYS F 153 67.92 2.91 -27.37
N TYR F 154 67.24 2.67 -26.25
CA TYR F 154 67.05 3.69 -25.24
C TYR F 154 68.32 3.85 -24.40
N THR F 155 68.88 5.05 -24.43
CA THR F 155 70.13 5.32 -23.73
C THR F 155 69.88 5.89 -22.33
N GLY F 156 68.61 5.97 -21.95
CA GLY F 156 68.24 6.47 -20.64
C GLY F 156 67.61 7.85 -20.67
N THR F 157 67.15 8.29 -19.51
CA THR F 157 66.53 9.61 -19.38
C THR F 157 67.54 10.74 -19.58
N PRO F 158 67.25 11.66 -20.50
CA PRO F 158 68.12 12.81 -20.80
C PRO F 158 67.74 14.04 -19.99
N SER G 2 18.10 -35.92 54.92
CA SER G 2 17.19 -36.90 55.51
C SER G 2 15.76 -36.37 55.57
N GLN G 3 15.62 -35.07 55.38
CA GLN G 3 14.31 -34.44 55.41
C GLN G 3 13.92 -33.93 54.02
N ALA G 4 12.73 -33.35 53.92
CA ALA G 4 12.25 -32.84 52.64
C ALA G 4 11.45 -31.54 52.82
N ILE G 5 11.54 -30.66 51.84
CA ILE G 5 10.83 -29.40 51.86
C ILE G 5 9.82 -29.34 50.72
N GLY G 6 8.58 -28.99 51.05
CA GLY G 6 7.53 -28.91 50.06
C GLY G 6 7.01 -27.49 49.87
N ILE G 7 6.82 -27.10 48.61
CA ILE G 7 6.34 -25.77 48.30
C ILE G 7 5.07 -25.82 47.45
N LEU G 8 4.05 -25.08 47.88
CA LEU G 8 2.79 -25.03 47.15
C LEU G 8 2.26 -23.60 47.04
N GLU G 9 1.94 -23.19 45.82
CA GLU G 9 1.43 -21.84 45.57
C GLU G 9 0.02 -21.93 44.99
N LEU G 10 -0.90 -21.17 45.58
CA LEU G 10 -2.29 -21.16 45.12
C LEU G 10 -2.73 -19.76 44.71
N THR G 11 -3.74 -19.68 43.85
CA THR G 11 -4.23 -18.40 43.37
C THR G 11 -5.29 -17.83 44.30
N SER G 12 -5.73 -18.63 45.26
CA SER G 12 -6.75 -18.21 46.21
C SER G 12 -6.22 -18.26 47.65
N ILE G 13 -6.49 -17.20 48.41
CA ILE G 13 -6.04 -17.11 49.79
C ILE G 13 -6.75 -18.13 50.68
N ALA G 14 -8.07 -18.26 50.48
CA ALA G 14 -8.87 -19.20 51.26
C ALA G 14 -8.48 -20.64 50.96
N LYS G 15 -8.30 -20.96 49.69
CA LYS G 15 -7.91 -22.30 49.27
C LYS G 15 -6.54 -22.66 49.84
N GLY G 16 -5.66 -21.66 49.94
CA GLY G 16 -4.35 -21.86 50.51
C GLY G 16 -4.47 -22.29 51.97
N MET G 17 -5.34 -21.60 52.70
CA MET G 17 -5.60 -21.94 54.10
C MET G 17 -6.33 -23.28 54.19
N GLU G 18 -7.23 -23.51 53.24
CA GLU G 18 -7.98 -24.76 53.18
C GLU G 18 -7.04 -25.94 52.93
N LEU G 19 -6.12 -25.76 51.99
CA LEU G 19 -5.14 -26.80 51.66
C LEU G 19 -4.13 -26.96 52.78
N GLY G 20 -3.86 -25.87 53.50
CA GLY G 20 -2.94 -25.90 54.62
C GLY G 20 -3.40 -26.83 55.71
N ASP G 21 -4.66 -26.70 56.11
CA ASP G 21 -5.25 -27.57 57.11
C ASP G 21 -5.30 -29.01 56.62
N ALA G 22 -5.63 -29.18 55.34
CA ALA G 22 -5.72 -30.50 54.73
C ALA G 22 -4.36 -31.21 54.66
N MET G 23 -3.33 -30.47 54.28
CA MET G 23 -1.99 -31.04 54.14
C MET G 23 -1.40 -31.44 55.48
N LEU G 24 -1.59 -30.58 56.49
CA LEU G 24 -1.08 -30.84 57.82
C LEU G 24 -1.72 -32.08 58.43
N LYS G 25 -2.99 -32.29 58.11
CA LYS G 25 -3.73 -33.45 58.59
C LYS G 25 -3.46 -34.69 57.72
N SER G 26 -2.92 -34.46 56.53
CA SER G 26 -2.68 -35.55 55.58
C SER G 26 -1.47 -36.39 55.98
N ALA G 27 -0.50 -35.76 56.62
CA ALA G 27 0.72 -36.45 57.02
C ALA G 27 1.41 -35.72 58.18
N ASN G 28 2.39 -36.38 58.79
CA ASN G 28 3.12 -35.80 59.90
C ASN G 28 4.18 -34.83 59.40
N VAL G 29 3.77 -33.60 59.11
CA VAL G 29 4.68 -32.56 58.64
C VAL G 29 4.48 -31.26 59.39
N ASP G 30 5.55 -30.47 59.48
CA ASP G 30 5.49 -29.18 60.18
C ASP G 30 5.35 -28.04 59.18
N LEU G 31 4.50 -27.08 59.51
CA LEU G 31 4.28 -25.91 58.65
C LEU G 31 5.42 -24.91 58.79
N LEU G 32 6.10 -24.65 57.68
CA LEU G 32 7.24 -23.73 57.69
C LEU G 32 6.80 -22.31 57.33
N VAL G 33 5.96 -22.19 56.31
CA VAL G 33 5.50 -20.89 55.87
C VAL G 33 4.04 -20.93 55.41
N SER G 34 3.28 -19.89 55.76
CA SER G 34 1.89 -19.79 55.37
C SER G 34 1.47 -18.32 55.32
N LYS G 35 1.58 -17.71 54.14
CA LYS G 35 1.27 -16.30 53.98
C LYS G 35 0.79 -15.98 52.57
N THR G 36 0.07 -14.87 52.44
CA THR G 36 -0.44 -14.43 51.15
C THR G 36 0.63 -13.69 50.37
N ILE G 37 0.67 -13.92 49.06
CA ILE G 37 1.63 -13.26 48.19
C ILE G 37 0.92 -12.42 47.13
N SER G 38 1.58 -11.35 46.70
CA SER G 38 1.03 -10.46 45.67
C SER G 38 0.80 -11.22 44.36
N PRO G 39 -0.29 -10.88 43.65
CA PRO G 39 -1.26 -9.83 44.01
C PRO G 39 -2.38 -10.33 44.91
N GLY G 40 -2.57 -11.64 44.97
CA GLY G 40 -3.62 -12.23 45.80
C GLY G 40 -3.46 -13.74 45.89
N LYS G 41 -2.22 -14.20 45.76
CA LYS G 41 -1.92 -15.62 45.83
C LYS G 41 -1.59 -16.05 47.25
N PHE G 42 -1.51 -17.36 47.46
CA PHE G 42 -1.17 -17.90 48.77
C PHE G 42 -0.03 -18.90 48.68
N LEU G 43 0.95 -18.77 49.56
CA LEU G 43 2.13 -19.64 49.54
C LEU G 43 2.21 -20.48 50.81
N LEU G 44 2.37 -21.79 50.62
CA LEU G 44 2.48 -22.71 51.75
C LEU G 44 3.76 -23.54 51.65
N MET G 45 4.47 -23.66 52.77
CA MET G 45 5.70 -24.44 52.82
C MET G 45 5.66 -25.43 53.99
N LEU G 46 5.93 -26.70 53.69
CA LEU G 46 5.89 -27.75 54.70
C LEU G 46 7.22 -28.50 54.76
N GLY G 47 7.55 -29.01 55.94
CA GLY G 47 8.77 -29.76 56.14
C GLY G 47 8.52 -31.07 56.85
N GLY G 48 9.38 -32.05 56.59
CA GLY G 48 9.24 -33.36 57.20
C GLY G 48 9.91 -34.45 56.38
N ASP G 49 9.60 -35.71 56.69
CA ASP G 49 10.14 -36.84 55.95
C ASP G 49 9.74 -36.80 54.49
N ILE G 50 10.55 -37.44 53.64
CA ILE G 50 10.32 -37.45 52.20
C ILE G 50 8.98 -38.09 51.84
N GLY G 51 8.66 -39.19 52.52
CA GLY G 51 7.40 -39.89 52.29
C GLY G 51 6.20 -39.05 52.67
N ALA G 52 6.24 -38.45 53.86
CA ALA G 52 5.14 -37.61 54.34
C ALA G 52 4.97 -36.37 53.47
N ILE G 53 6.09 -35.77 53.08
CA ILE G 53 6.08 -34.57 52.25
C ILE G 53 5.53 -34.87 50.86
N GLN G 54 5.90 -36.02 50.33
CA GLN G 54 5.42 -36.43 49.01
C GLN G 54 3.91 -36.63 49.00
N GLN G 55 3.40 -37.26 50.06
CA GLN G 55 1.97 -37.51 50.19
C GLN G 55 1.20 -36.21 50.40
N ALA G 56 1.77 -35.33 51.23
CA ALA G 56 1.15 -34.05 51.53
C ALA G 56 1.07 -33.17 50.28
N ILE G 57 2.17 -33.14 49.53
CA ILE G 57 2.22 -32.36 48.29
C ILE G 57 1.28 -32.92 47.25
N GLU G 58 1.17 -34.25 47.21
CA GLU G 58 0.25 -34.91 46.29
C GLU G 58 -1.19 -34.58 46.64
N THR G 59 -1.52 -34.67 47.92
CA THR G 59 -2.87 -34.35 48.40
C THR G 59 -3.23 -32.90 48.13
N GLY G 60 -2.30 -32.00 48.39
CA GLY G 60 -2.52 -30.58 48.16
C GLY G 60 -2.76 -30.23 46.70
N THR G 61 -1.94 -30.79 45.82
CA THR G 61 -2.05 -30.54 44.39
C THR G 61 -3.33 -31.15 43.82
N SER G 62 -3.71 -32.31 44.34
CA SER G 62 -4.88 -33.02 43.87
C SER G 62 -6.17 -32.27 44.20
N GLN G 63 -6.11 -31.46 45.26
CA GLN G 63 -7.29 -30.72 45.72
C GLN G 63 -7.19 -29.24 45.39
N ALA G 64 -6.08 -28.85 44.79
CA ALA G 64 -5.86 -27.44 44.44
C ALA G 64 -6.76 -27.01 43.28
N GLY G 65 -7.01 -27.93 42.35
CA GLY G 65 -7.84 -27.66 41.20
C GLY G 65 -7.21 -26.64 40.25
N GLU G 66 -8.04 -25.74 39.75
CA GLU G 66 -7.57 -24.73 38.80
C GLU G 66 -6.95 -23.53 39.52
N MET G 67 -6.96 -23.57 40.85
CA MET G 67 -6.40 -22.49 41.65
C MET G 67 -4.91 -22.69 41.89
N LEU G 68 -4.38 -23.83 41.45
CA LEU G 68 -2.98 -24.16 41.63
C LEU G 68 -2.08 -23.27 40.77
N VAL G 69 -1.11 -22.63 41.40
CA VAL G 69 -0.16 -21.79 40.68
C VAL G 69 1.10 -22.58 40.34
N ASP G 70 1.73 -23.14 41.35
CA ASP G 70 2.95 -23.93 41.17
C ASP G 70 3.19 -24.85 42.35
N SER G 71 3.97 -25.90 42.13
CA SER G 71 4.29 -26.85 43.19
C SER G 71 5.68 -27.45 42.99
N LEU G 72 6.35 -27.76 44.09
CA LEU G 72 7.69 -28.31 44.02
C LEU G 72 8.06 -29.06 45.30
N VAL G 73 8.80 -30.14 45.16
CA VAL G 73 9.26 -30.93 46.29
C VAL G 73 10.77 -31.11 46.27
N LEU G 74 11.43 -30.68 47.35
CA LEU G 74 12.88 -30.79 47.46
C LEU G 74 13.28 -31.87 48.46
N ALA G 75 13.81 -32.98 47.95
CA ALA G 75 14.20 -34.10 48.80
C ALA G 75 15.68 -34.00 49.20
N ASN G 76 16.05 -34.76 50.22
CA ASN G 76 17.43 -34.80 50.71
C ASN G 76 17.97 -33.43 51.09
N ILE G 77 17.22 -32.71 51.92
CA ILE G 77 17.62 -31.38 52.36
C ILE G 77 18.12 -31.42 53.80
N HIS G 78 19.13 -30.60 54.10
CA HIS G 78 19.67 -30.49 55.44
C HIS G 78 18.60 -30.09 56.45
N PRO G 79 18.64 -30.68 57.66
CA PRO G 79 17.63 -30.40 58.68
C PRO G 79 17.79 -29.01 59.29
N SER G 80 18.96 -28.42 59.14
CA SER G 80 19.21 -27.08 59.67
C SER G 80 18.49 -26.03 58.83
N VAL G 81 18.09 -26.41 57.63
CA VAL G 81 17.39 -25.52 56.71
C VAL G 81 15.94 -25.32 57.15
N LEU G 82 15.38 -26.34 57.81
CA LEU G 82 13.99 -26.30 58.23
C LEU G 82 13.65 -25.15 59.17
N PRO G 83 14.37 -25.01 60.30
CA PRO G 83 13.98 -23.88 61.16
C PRO G 83 14.50 -22.54 60.64
N ALA G 84 15.46 -22.59 59.72
CA ALA G 84 16.00 -21.37 59.13
C ALA G 84 14.97 -20.71 58.22
N ILE G 85 14.07 -21.51 57.67
CA ILE G 85 13.02 -20.99 56.80
C ILE G 85 11.78 -20.60 57.60
N SER G 86 11.42 -21.43 58.58
CA SER G 86 10.23 -21.19 59.40
C SER G 86 10.49 -20.11 60.44
N GLY G 87 11.75 -19.92 60.79
CA GLY G 87 12.14 -18.94 61.79
C GLY G 87 13.61 -18.63 61.69
N LEU G 88 14.26 -18.44 62.83
CA LEU G 88 15.68 -18.13 62.84
C LEU G 88 16.48 -19.01 63.80
N ASN G 89 17.63 -19.47 63.34
CA ASN G 89 18.54 -20.21 64.20
C ASN G 89 19.45 -19.21 64.89
N SER G 90 19.82 -19.50 66.14
CA SER G 90 20.63 -18.57 66.91
C SER G 90 22.01 -18.34 66.26
N VAL G 91 22.43 -17.08 66.24
CA VAL G 91 23.72 -16.71 65.66
C VAL G 91 24.67 -16.16 66.72
N ASP G 92 25.01 -17.00 67.69
CA ASP G 92 25.86 -16.57 68.79
C ASP G 92 27.27 -16.25 68.33
N LYS G 93 27.67 -16.82 67.19
CA LYS G 93 29.01 -16.59 66.66
C LYS G 93 29.13 -15.25 65.94
N ARG G 94 30.18 -14.52 66.27
CA ARG G 94 30.44 -13.21 65.65
C ARG G 94 31.68 -13.23 64.76
N GLN G 95 32.32 -14.39 64.66
CA GLN G 95 33.58 -14.50 63.92
C GLN G 95 33.41 -14.09 62.46
N ALA G 96 32.39 -14.64 61.81
CA ALA G 96 32.12 -14.35 60.40
C ALA G 96 30.64 -14.51 60.04
N VAL G 97 30.16 -13.70 59.11
CA VAL G 97 28.78 -13.81 58.64
C VAL G 97 28.75 -14.00 57.13
N GLY G 98 27.84 -14.84 56.65
CA GLY G 98 27.71 -15.10 55.23
C GLY G 98 26.33 -14.80 54.69
N ILE G 99 26.28 -14.18 53.51
CA ILE G 99 25.02 -13.86 52.85
C ILE G 99 25.05 -14.24 51.38
N VAL G 100 24.13 -15.09 50.96
CA VAL G 100 24.04 -15.50 49.56
C VAL G 100 22.63 -15.33 49.02
N GLU G 101 22.46 -14.42 48.07
CA GLU G 101 21.16 -14.16 47.47
C GLU G 101 21.03 -14.85 46.11
N THR G 102 19.94 -15.58 45.93
CA THR G 102 19.71 -16.30 44.67
C THR G 102 18.30 -16.04 44.14
N TRP G 103 18.12 -16.24 42.83
CA TRP G 103 16.81 -16.11 42.21
C TRP G 103 15.93 -17.32 42.54
N SER G 104 14.73 -17.05 43.03
CA SER G 104 13.76 -18.07 43.45
C SER G 104 14.25 -18.80 44.70
N VAL G 105 13.30 -19.22 45.54
CA VAL G 105 13.64 -19.89 46.79
C VAL G 105 14.18 -21.29 46.53
N ALA G 106 13.85 -21.84 45.36
CA ALA G 106 14.33 -23.16 44.97
C ALA G 106 15.85 -23.19 44.87
N ALA G 107 16.41 -22.20 44.18
CA ALA G 107 17.86 -22.11 44.03
C ALA G 107 18.55 -21.80 45.36
N CYS G 108 17.90 -20.97 46.17
CA CYS G 108 18.44 -20.57 47.47
C CYS G 108 18.49 -21.76 48.43
N ILE G 109 17.45 -22.58 48.42
CA ILE G 109 17.38 -23.75 49.28
C ILE G 109 18.45 -24.77 48.92
N SER G 110 18.57 -25.05 47.62
CA SER G 110 19.54 -26.01 47.11
C SER G 110 20.98 -25.57 47.38
N ALA G 111 21.23 -24.26 47.29
CA ALA G 111 22.56 -23.71 47.53
C ALA G 111 22.93 -23.84 49.00
N ALA G 112 21.96 -23.59 49.88
CA ALA G 112 22.17 -23.69 51.31
C ALA G 112 22.44 -25.12 51.75
N ASP G 113 21.73 -26.06 51.15
CA ASP G 113 21.90 -27.48 51.48
C ASP G 113 23.30 -27.97 51.18
N LEU G 114 23.82 -27.61 50.00
CA LEU G 114 25.17 -27.99 49.61
C LEU G 114 26.20 -27.26 50.46
N ALA G 115 25.88 -26.02 50.83
CA ALA G 115 26.78 -25.20 51.64
C ALA G 115 26.97 -25.78 53.04
N VAL G 116 25.86 -26.12 53.68
CA VAL G 116 25.88 -26.66 55.04
C VAL G 116 26.60 -28.01 55.12
N LYS G 117 26.40 -28.84 54.11
CA LYS G 117 27.00 -30.17 54.09
C LYS G 117 28.48 -30.12 53.73
N GLY G 118 28.91 -29.00 53.14
CA GLY G 118 30.29 -28.86 52.70
C GLY G 118 31.13 -27.99 53.61
N SER G 119 30.63 -27.70 54.80
CA SER G 119 31.35 -26.88 55.76
C SER G 119 30.90 -27.13 57.18
N ASN G 120 31.47 -26.37 58.12
CA ASN G 120 31.10 -26.47 59.53
C ASN G 120 30.40 -25.22 60.02
N VAL G 121 29.95 -24.39 59.09
CA VAL G 121 29.26 -23.14 59.43
C VAL G 121 27.81 -23.40 59.82
N THR G 122 27.24 -22.47 60.59
CA THR G 122 25.85 -22.57 61.02
C THR G 122 24.95 -21.66 60.18
N LEU G 123 23.91 -22.24 59.61
CA LEU G 123 22.94 -21.49 58.81
C LEU G 123 22.01 -20.70 59.72
N VAL G 124 22.09 -19.37 59.63
CA VAL G 124 21.31 -18.51 60.51
C VAL G 124 19.83 -18.49 60.12
N ARG G 125 19.55 -18.10 58.88
CA ARG G 125 18.17 -18.02 58.41
C ARG G 125 18.08 -17.90 56.90
N VAL G 126 16.95 -18.31 56.34
CA VAL G 126 16.67 -18.13 54.91
C VAL G 126 15.42 -17.27 54.73
N HIS G 127 15.58 -16.13 54.07
CA HIS G 127 14.49 -15.17 53.94
C HIS G 127 13.98 -15.01 52.51
N MET G 128 12.66 -15.04 52.36
CA MET G 128 12.03 -14.81 51.07
C MET G 128 11.42 -13.42 51.02
N ALA G 129 12.00 -12.54 50.20
CA ALA G 129 11.57 -11.14 50.14
C ALA G 129 10.15 -10.99 49.60
N PHE G 130 9.82 -11.75 48.55
CA PHE G 130 8.52 -11.64 47.93
C PHE G 130 8.14 -12.90 47.15
N GLY G 131 7.61 -13.89 47.85
CA GLY G 131 7.13 -15.11 47.22
C GLY G 131 8.25 -16.10 46.91
N ILE G 132 7.86 -17.23 46.33
CA ILE G 132 8.80 -18.30 46.00
C ILE G 132 9.51 -18.04 44.68
N GLY G 133 8.99 -17.09 43.91
CA GLY G 133 9.57 -16.74 42.62
C GLY G 133 10.46 -15.52 42.67
N GLY G 134 10.40 -14.80 43.78
CA GLY G 134 11.18 -13.59 43.95
C GLY G 134 12.56 -13.86 44.50
N LYS G 135 13.30 -12.80 44.79
CA LYS G 135 14.65 -12.91 45.33
C LYS G 135 14.66 -13.54 46.72
N CYS G 136 15.51 -14.54 46.91
CA CYS G 136 15.66 -15.18 48.21
C CYS G 136 17.13 -15.15 48.65
N TYR G 137 17.36 -15.21 49.96
CA TYR G 137 18.72 -15.11 50.49
C TYR G 137 18.93 -16.03 51.70
N MET G 138 20.16 -16.55 51.82
CA MET G 138 20.53 -17.39 52.94
C MET G 138 21.57 -16.70 53.83
N VAL G 139 21.49 -16.96 55.14
CA VAL G 139 22.43 -16.36 56.08
C VAL G 139 23.19 -17.42 56.86
N VAL G 140 24.51 -17.38 56.77
CA VAL G 140 25.36 -18.33 57.47
C VAL G 140 26.28 -17.64 58.47
N ALA G 141 26.69 -18.36 59.50
CA ALA G 141 27.56 -17.80 60.53
C ALA G 141 28.55 -18.85 61.08
N GLY G 142 29.74 -18.39 61.44
CA GLY G 142 30.77 -19.28 61.96
C GLY G 142 32.15 -18.67 61.82
N ASP G 143 33.17 -19.53 61.84
CA ASP G 143 34.55 -19.10 61.66
C ASP G 143 34.77 -18.51 60.27
N VAL G 144 35.79 -17.66 60.15
CA VAL G 144 36.12 -17.00 58.88
C VAL G 144 36.37 -17.99 57.76
N LEU G 145 37.10 -19.06 58.07
CA LEU G 145 37.38 -20.10 57.09
C LEU G 145 36.13 -20.89 56.75
N ASP G 146 35.30 -21.15 57.74
CA ASP G 146 34.08 -21.92 57.56
C ASP G 146 33.05 -21.16 56.72
N VAL G 147 32.89 -19.88 57.01
CA VAL G 147 31.92 -19.05 56.30
C VAL G 147 32.28 -18.89 54.81
N ALA G 148 33.57 -18.73 54.54
CA ALA G 148 34.05 -18.56 53.18
C ALA G 148 33.78 -19.80 52.34
N ALA G 149 34.07 -20.96 52.90
CA ALA G 149 33.86 -22.23 52.22
C ALA G 149 32.38 -22.45 51.90
N ALA G 150 31.52 -22.11 52.86
CA ALA G 150 30.09 -22.24 52.68
C ALA G 150 29.57 -21.31 51.58
N VAL G 151 30.05 -20.07 51.58
CA VAL G 151 29.64 -19.09 50.58
C VAL G 151 30.09 -19.52 49.18
N ALA G 152 31.29 -20.07 49.09
CA ALA G 152 31.82 -20.55 47.82
C ALA G 152 30.99 -21.70 47.28
N THR G 153 30.65 -22.65 48.14
CA THR G 153 29.83 -23.79 47.75
C THR G 153 28.44 -23.37 47.28
N ALA G 154 27.82 -22.45 48.01
CA ALA G 154 26.48 -21.97 47.67
C ALA G 154 26.50 -21.20 46.35
N SER G 155 27.54 -20.41 46.14
CA SER G 155 27.67 -19.60 44.93
C SER G 155 27.81 -20.47 43.70
N LEU G 156 28.52 -21.59 43.85
CA LEU G 156 28.74 -22.52 42.75
C LEU G 156 27.45 -23.20 42.33
N ALA G 157 26.62 -23.55 43.32
CA ALA G 157 25.36 -24.22 43.07
C ALA G 157 24.40 -23.35 42.26
N ALA G 158 24.16 -22.14 42.75
CA ALA G 158 23.26 -21.21 42.08
C ALA G 158 23.87 -20.66 40.79
N GLY G 159 25.19 -20.55 40.76
CA GLY G 159 25.89 -20.03 39.61
C GLY G 159 25.84 -20.99 38.43
N ALA G 160 25.73 -22.28 38.72
CA ALA G 160 25.66 -23.30 37.67
C ALA G 160 24.34 -23.19 36.91
N LYS G 161 23.32 -22.66 37.58
CA LYS G 161 22.01 -22.48 36.96
C LYS G 161 21.81 -21.03 36.56
N GLY G 162 22.79 -20.19 36.87
CA GLY G 162 22.73 -18.77 36.54
C GLY G 162 21.70 -18.03 37.37
N LEU G 163 21.41 -18.54 38.56
CA LEU G 163 20.40 -17.93 39.42
C LEU G 163 21.03 -17.20 40.60
N LEU G 164 22.36 -17.06 40.56
CA LEU G 164 23.08 -16.38 41.62
C LEU G 164 23.05 -14.87 41.41
N VAL G 165 22.64 -14.14 42.44
CA VAL G 165 22.57 -12.69 42.37
C VAL G 165 23.89 -12.05 42.76
N TYR G 166 24.32 -12.31 43.99
CA TYR G 166 25.57 -11.76 44.51
C TYR G 166 26.01 -12.52 45.76
N ALA G 167 27.32 -12.56 45.98
CA ALA G 167 27.86 -13.22 47.17
C ALA G 167 28.82 -12.29 47.91
N SER G 168 28.81 -12.39 49.24
CA SER G 168 29.67 -11.55 50.07
C SER G 168 30.05 -12.23 51.39
N ILE G 169 31.34 -12.20 51.71
CA ILE G 169 31.81 -12.70 52.99
C ILE G 169 32.22 -11.53 53.87
N ILE G 170 31.55 -11.40 55.01
CA ILE G 170 31.77 -10.25 55.90
C ILE G 170 32.31 -10.67 57.26
N PRO G 171 33.64 -10.67 57.41
CA PRO G 171 34.29 -10.97 58.68
C PRO G 171 34.29 -9.75 59.59
N ARG G 172 34.02 -9.97 60.88
CA ARG G 172 33.94 -8.90 61.86
C ARG G 172 32.97 -7.80 61.41
N PRO G 173 31.66 -8.11 61.43
CA PRO G 173 30.63 -7.15 61.01
C PRO G 173 30.43 -6.04 62.03
N HIS G 174 30.14 -4.84 61.55
CA HIS G 174 29.86 -3.69 62.42
C HIS G 174 28.66 -3.97 63.32
N GLU G 175 28.67 -3.37 64.51
CA GLU G 175 27.62 -3.60 65.50
C GLU G 175 26.23 -3.24 64.95
N ALA G 176 26.17 -2.20 64.15
CA ALA G 176 24.90 -1.78 63.55
C ALA G 176 24.49 -2.73 62.44
N MET G 177 25.46 -3.23 61.68
CA MET G 177 25.18 -4.14 60.57
C MET G 177 24.89 -5.55 61.07
N TRP G 178 25.57 -5.96 62.13
CA TRP G 178 25.40 -7.28 62.73
C TRP G 178 23.99 -7.45 63.29
N ARG G 179 23.49 -6.40 63.94
CA ARG G 179 22.15 -6.41 64.51
C ARG G 179 21.08 -6.55 63.44
N GLN G 180 21.27 -5.82 62.33
CA GLN G 180 20.34 -5.89 61.22
C GLN G 180 20.36 -7.28 60.59
N MET G 181 21.56 -7.86 60.49
CA MET G 181 21.72 -9.20 59.94
C MET G 181 21.08 -10.24 60.84
N VAL G 182 21.25 -10.05 62.15
CA VAL G 182 20.72 -10.98 63.14
C VAL G 182 19.20 -10.90 63.26
N GLU G 183 18.66 -9.69 63.08
CA GLU G 183 17.23 -9.46 63.24
C GLU G 183 16.50 -9.62 61.91
N GLY G 184 17.25 -9.65 60.82
CA GLY G 184 16.66 -9.75 59.49
C GLY G 184 16.25 -11.17 59.16
N GLY H 2 58.43 -26.73 41.13
CA GLY H 2 58.10 -25.62 42.00
C GLY H 2 56.60 -25.38 42.10
N GLU H 3 55.88 -26.37 42.62
CA GLU H 3 54.43 -26.27 42.77
C GLU H 3 54.04 -26.15 44.23
N VAL H 4 53.14 -25.22 44.54
CA VAL H 4 52.66 -25.03 45.90
C VAL H 4 51.37 -25.79 46.15
N PRO H 5 51.35 -26.64 47.19
CA PRO H 5 50.18 -27.46 47.50
C PRO H 5 49.07 -26.66 48.19
N ILE H 6 47.83 -26.94 47.83
CA ILE H 6 46.69 -26.21 48.39
C ILE H 6 45.83 -27.10 49.29
N GLY H 7 45.97 -26.93 50.60
CA GLY H 7 45.18 -27.66 51.56
C GLY H 7 45.42 -29.16 51.56
N ASP H 8 44.39 -29.90 51.96
CA ASP H 8 44.49 -31.36 52.02
C ASP H 8 43.69 -32.00 50.89
N PRO H 9 44.20 -33.11 50.34
CA PRO H 9 43.52 -33.81 49.24
C PRO H 9 42.34 -34.65 49.73
N LYS H 10 41.35 -34.82 48.86
CA LYS H 10 40.16 -35.59 49.22
C LYS H 10 40.03 -36.83 48.34
N GLU H 11 39.52 -37.91 48.93
CA GLU H 11 39.32 -39.15 48.20
C GLU H 11 37.84 -39.54 48.19
N LEU H 12 37.23 -39.48 47.01
CA LEU H 12 35.83 -39.81 46.86
C LEU H 12 35.50 -40.16 45.42
N ASN H 13 34.43 -40.93 45.24
CA ASN H 13 33.99 -41.38 43.91
C ASN H 13 35.08 -42.12 43.14
N GLY H 14 35.98 -42.77 43.88
CA GLY H 14 37.02 -43.58 43.27
C GLY H 14 38.16 -42.77 42.66
N MET H 15 38.17 -41.47 42.92
CA MET H 15 39.19 -40.59 42.36
C MET H 15 39.83 -39.71 43.42
N GLU H 16 41.12 -39.42 43.24
CA GLU H 16 41.84 -38.53 44.13
C GLU H 16 41.86 -37.12 43.56
N ILE H 17 41.46 -36.15 44.37
CA ILE H 17 41.35 -34.76 43.92
C ILE H 17 42.26 -33.84 44.74
N ALA H 18 43.34 -33.38 44.12
CA ALA H 18 44.29 -32.49 44.78
C ALA H 18 44.41 -31.17 44.04
N ALA H 19 44.81 -30.13 44.77
CA ALA H 19 44.95 -28.80 44.18
C ALA H 19 46.37 -28.26 44.37
N VAL H 20 46.91 -27.65 43.34
CA VAL H 20 48.26 -27.09 43.39
C VAL H 20 48.35 -25.77 42.62
N TYR H 21 49.30 -24.94 43.00
CA TYR H 21 49.50 -23.64 42.34
C TYR H 21 50.96 -23.47 41.93
N LEU H 22 51.18 -22.81 40.81
CA LEU H 22 52.54 -22.58 40.31
C LEU H 22 52.63 -21.30 39.48
N GLN H 23 53.77 -21.13 38.80
CA GLN H 23 53.99 -19.98 37.95
C GLN H 23 53.00 -19.99 36.80
N PRO H 24 52.64 -18.80 36.29
CA PRO H 24 51.71 -18.73 35.16
C PRO H 24 52.27 -19.42 33.92
N ILE H 25 51.41 -20.09 33.16
CA ILE H 25 51.85 -20.83 32.00
C ILE H 25 51.19 -20.31 30.72
N GLU H 26 51.85 -20.52 29.60
CA GLU H 26 51.32 -20.13 28.30
C GLU H 26 50.70 -21.34 27.61
N MET H 27 49.39 -21.31 27.42
CA MET H 27 48.69 -22.46 26.87
C MET H 27 48.22 -22.20 25.44
N GLU H 28 48.33 -23.23 24.60
CA GLU H 28 47.85 -23.15 23.23
C GLU H 28 46.59 -23.98 23.06
N PRO H 29 45.60 -23.46 22.32
CA PRO H 29 45.65 -22.18 21.61
C PRO H 29 45.33 -21.00 22.51
N ARG H 30 45.82 -19.82 22.13
CA ARG H 30 45.61 -18.61 22.92
C ARG H 30 44.18 -18.12 22.78
N GLY H 31 43.79 -17.19 23.66
CA GLY H 31 42.44 -16.65 23.65
C GLY H 31 41.48 -17.48 24.46
N ILE H 32 42.02 -18.44 25.19
CA ILE H 32 41.21 -19.29 26.06
C ILE H 32 41.58 -19.07 27.51
N ASP H 33 42.74 -19.60 27.90
CA ASP H 33 43.26 -19.39 29.25
C ASP H 33 43.78 -17.97 29.40
N LEU H 34 43.71 -17.43 30.61
CA LEU H 34 44.22 -16.10 30.89
C LEU H 34 45.68 -15.98 30.49
N ALA H 35 46.03 -14.84 29.89
CA ALA H 35 47.39 -14.58 29.44
C ALA H 35 48.40 -14.67 30.59
N ALA H 36 49.56 -15.23 30.29
CA ALA H 36 50.61 -15.39 31.29
C ALA H 36 51.05 -14.06 31.88
N SER H 37 51.14 -13.04 31.02
CA SER H 37 51.57 -11.71 31.46
C SER H 37 50.47 -11.03 32.26
N LEU H 38 49.23 -11.47 32.06
CA LEU H 38 48.09 -10.89 32.74
C LEU H 38 47.75 -11.64 34.03
N ALA H 39 48.36 -12.80 34.21
CA ALA H 39 48.08 -13.63 35.38
C ALA H 39 49.22 -13.58 36.40
N ASP H 40 48.95 -14.08 37.61
CA ASP H 40 49.96 -14.13 38.65
C ASP H 40 50.31 -15.57 39.02
N ILE H 41 49.35 -16.47 38.89
CA ILE H 41 49.56 -17.88 39.18
C ILE H 41 48.71 -18.77 38.28
N HIS H 42 49.16 -19.99 38.06
CA HIS H 42 48.39 -20.96 37.28
C HIS H 42 47.91 -22.11 38.16
N LEU H 43 46.60 -22.19 38.36
CA LEU H 43 46.02 -23.23 39.21
C LEU H 43 45.68 -24.48 38.41
N GLU H 44 46.20 -25.62 38.86
CA GLU H 44 45.97 -26.89 38.17
C GLU H 44 45.35 -27.92 39.11
N ALA H 45 44.34 -28.64 38.61
CA ALA H 45 43.68 -29.66 39.41
C ALA H 45 44.12 -31.06 38.98
N ASP H 46 44.71 -31.79 39.92
CA ASP H 46 45.19 -33.14 39.67
C ASP H 46 44.15 -34.18 40.06
N ILE H 47 43.55 -34.82 39.06
CA ILE H 47 42.52 -35.82 39.31
C ILE H 47 42.90 -37.17 38.70
N HIS H 48 43.16 -38.14 39.56
CA HIS H 48 43.53 -39.49 39.11
C HIS H 48 42.65 -40.52 39.81
N ALA H 49 42.36 -41.61 39.09
CA ALA H 49 41.50 -42.66 39.62
C ALA H 49 42.21 -43.51 40.69
N LEU H 50 41.51 -43.78 41.78
CA LEU H 50 42.05 -44.59 42.86
C LEU H 50 41.95 -46.09 42.52
N LYS H 51 42.47 -46.91 43.42
CA LYS H 51 42.42 -48.36 43.24
C LYS H 51 40.98 -48.87 43.24
N ASN H 52 40.69 -49.82 42.35
CA ASN H 52 39.36 -50.41 42.24
C ASN H 52 38.29 -49.36 41.96
N ASN H 53 38.57 -48.47 41.02
CA ASN H 53 37.61 -47.44 40.62
C ASN H 53 36.30 -48.03 40.11
N PRO H 54 35.17 -47.41 40.48
CA PRO H 54 33.84 -47.92 40.11
C PRO H 54 33.44 -47.52 38.70
N ASN H 55 34.29 -46.73 38.03
CA ASN H 55 34.03 -46.33 36.66
C ASN H 55 34.84 -47.16 35.69
N GLY H 56 35.48 -48.20 36.19
CA GLY H 56 36.28 -49.09 35.38
C GLY H 56 37.64 -48.51 35.06
N PHE H 57 37.92 -47.34 35.63
CA PHE H 57 39.17 -46.62 35.37
C PHE H 57 40.35 -47.26 36.09
N PRO H 58 41.48 -47.41 35.39
CA PRO H 58 42.70 -47.97 35.99
C PRO H 58 43.36 -47.00 36.96
N GLU H 59 43.91 -47.53 38.04
CA GLU H 59 44.57 -46.73 39.06
C GLU H 59 45.69 -45.86 38.49
N GLY H 60 45.64 -44.56 38.79
CA GLY H 60 46.64 -43.63 38.34
C GLY H 60 46.27 -42.85 37.09
N PHE H 61 45.35 -43.39 36.30
CA PHE H 61 44.92 -42.72 35.07
C PHE H 61 44.17 -41.42 35.37
N TRP H 62 44.44 -40.40 34.56
CA TRP H 62 43.79 -39.10 34.71
C TRP H 62 42.32 -39.18 34.31
N MET H 63 41.48 -38.42 34.99
CA MET H 63 40.05 -38.36 34.68
C MET H 63 39.74 -37.27 33.66
N PRO H 64 39.34 -37.67 32.44
CA PRO H 64 39.07 -36.74 31.35
C PRO H 64 37.59 -36.42 31.17
N TYR H 65 37.29 -35.45 30.31
CA TYR H 65 35.93 -35.09 29.95
C TYR H 65 35.10 -34.65 31.16
N LEU H 66 35.76 -34.36 32.27
CA LEU H 66 35.09 -33.93 33.49
C LEU H 66 34.79 -32.44 33.45
N THR H 67 33.64 -32.06 34.01
CA THR H 67 33.27 -30.65 34.12
C THR H 67 33.61 -30.13 35.51
N ILE H 68 34.57 -29.22 35.59
CA ILE H 68 35.06 -28.74 36.87
C ILE H 68 35.10 -27.21 36.95
N ALA H 69 34.29 -26.65 37.85
CA ALA H 69 34.30 -25.21 38.08
C ALA H 69 35.04 -24.89 39.38
N TYR H 70 35.58 -23.68 39.48
CA TYR H 70 36.39 -23.33 40.64
C TYR H 70 35.88 -22.07 41.34
N ALA H 71 36.01 -22.05 42.66
CA ALA H 71 35.60 -20.91 43.47
C ALA H 71 36.65 -20.59 44.52
N LEU H 72 37.21 -19.39 44.46
CA LEU H 72 38.25 -18.97 45.40
C LEU H 72 37.81 -17.73 46.19
N ALA H 73 37.82 -17.84 47.51
CA ALA H 73 37.43 -16.74 48.37
C ALA H 73 38.48 -16.48 49.45
N ASN H 74 38.94 -15.24 49.54
CA ASN H 74 39.88 -14.84 50.58
C ASN H 74 39.15 -14.49 51.87
N ALA H 75 39.38 -15.27 52.92
CA ALA H 75 38.67 -15.10 54.18
C ALA H 75 39.06 -13.80 54.89
N ASP H 76 40.21 -13.26 54.51
CA ASP H 76 40.69 -12.02 55.10
C ASP H 76 39.96 -10.79 54.55
N THR H 77 39.83 -10.74 53.23
CA THR H 77 39.21 -9.59 52.58
C THR H 77 37.74 -9.82 52.23
N GLY H 78 37.36 -11.09 52.09
CA GLY H 78 35.99 -11.44 51.75
C GLY H 78 35.75 -11.47 50.25
N ALA H 79 36.77 -11.12 49.47
CA ALA H 79 36.66 -11.11 48.03
C ALA H 79 36.50 -12.54 47.49
N ILE H 80 35.61 -12.70 46.52
CA ILE H 80 35.34 -14.01 45.93
C ILE H 80 35.22 -13.94 44.42
N LYS H 81 35.91 -14.85 43.74
CA LYS H 81 35.85 -14.92 42.28
C LYS H 81 35.50 -16.32 41.82
N THR H 82 34.93 -16.44 40.63
CA THR H 82 34.55 -17.73 40.08
C THR H 82 35.08 -17.94 38.68
N GLY H 83 35.34 -19.19 38.33
CA GLY H 83 35.83 -19.53 37.00
C GLY H 83 35.77 -21.02 36.74
N THR H 84 36.20 -21.43 35.56
CA THR H 84 36.19 -22.85 35.20
C THR H 84 37.59 -23.34 34.88
N LEU H 85 37.84 -24.62 35.12
CA LEU H 85 39.12 -25.24 34.82
C LEU H 85 39.06 -25.96 33.47
N MET H 86 40.07 -25.75 32.64
CA MET H 86 40.13 -26.35 31.32
C MET H 86 41.13 -27.51 31.27
N PRO H 87 40.80 -28.57 30.50
CA PRO H 87 41.70 -29.72 30.39
C PRO H 87 42.86 -29.46 29.44
N MET H 88 44.07 -29.74 29.92
CA MET H 88 45.28 -29.47 29.15
C MET H 88 46.42 -30.41 29.55
N VAL H 89 47.45 -30.47 28.73
CA VAL H 89 48.59 -31.35 29.02
C VAL H 89 49.87 -30.54 29.21
N ALA H 90 50.65 -30.92 30.22
CA ALA H 90 51.92 -30.26 30.50
C ALA H 90 53.06 -31.28 30.60
N ASP H 91 54.23 -30.81 31.01
CA ASP H 91 55.38 -31.69 31.18
C ASP H 91 55.17 -32.66 32.34
N ASP H 92 54.32 -32.29 33.29
CA ASP H 92 54.05 -33.11 34.45
C ASP H 92 52.78 -33.95 34.29
N GLY H 93 52.31 -34.08 33.04
CA GLY H 93 51.14 -34.89 32.75
C GLY H 93 49.89 -34.07 32.49
N PRO H 94 48.75 -34.75 32.31
CA PRO H 94 47.46 -34.11 32.03
C PRO H 94 46.68 -33.75 33.28
N HIS H 95 46.06 -32.58 33.27
CA HIS H 95 45.26 -32.11 34.40
C HIS H 95 44.34 -30.97 33.98
N TYR H 96 43.46 -30.55 34.89
CA TYR H 96 42.60 -29.41 34.62
C TYR H 96 43.22 -28.15 35.23
N GLY H 97 43.57 -27.20 34.36
CA GLY H 97 44.26 -26.01 34.81
C GLY H 97 43.86 -24.74 34.08
N ALA H 98 44.12 -23.60 34.72
CA ALA H 98 43.79 -22.29 34.17
C ALA H 98 44.53 -21.18 34.89
N ASN H 99 45.04 -20.21 34.13
CA ASN H 99 45.73 -19.08 34.70
C ASN H 99 44.76 -18.14 35.42
N ILE H 100 45.13 -17.71 36.61
CA ILE H 100 44.26 -16.86 37.42
C ILE H 100 45.01 -15.65 37.97
N ALA H 101 44.42 -14.47 37.82
CA ALA H 101 45.00 -13.24 38.33
C ALA H 101 44.75 -13.09 39.82
N MET H 102 45.82 -12.77 40.56
CA MET H 102 45.72 -12.58 42.00
C MET H 102 45.97 -11.12 42.37
N GLU H 103 47.24 -10.76 42.50
CA GLU H 103 47.61 -9.37 42.79
C GLU H 103 47.22 -8.44 41.65
N LYS H 104 47.22 -8.97 40.43
CA LYS H 104 46.93 -8.17 39.24
C LYS H 104 45.43 -8.03 39.00
N ASP H 105 44.62 -8.57 39.91
CA ASP H 105 43.16 -8.47 39.80
C ASP H 105 42.70 -7.03 39.91
N LYS H 106 41.99 -6.57 38.89
CA LYS H 106 41.49 -5.20 38.84
C LYS H 106 40.57 -4.89 40.01
N LYS H 107 39.78 -5.88 40.42
CA LYS H 107 38.85 -5.70 41.53
C LYS H 107 39.57 -5.64 42.86
N GLY H 108 40.75 -6.26 42.94
CA GLY H 108 41.55 -6.27 44.15
C GLY H 108 40.96 -7.15 45.22
N GLY H 109 41.69 -7.27 46.34
CA GLY H 109 41.23 -8.07 47.46
C GLY H 109 41.62 -9.53 47.34
N PHE H 110 42.34 -9.85 46.28
CA PHE H 110 42.79 -11.22 46.04
C PHE H 110 44.30 -11.36 46.20
N GLY H 111 44.86 -10.62 47.15
CA GLY H 111 46.29 -10.63 47.39
C GLY H 111 46.69 -11.69 48.39
N VAL H 112 47.86 -11.51 49.01
CA VAL H 112 48.37 -12.45 50.00
C VAL H 112 47.47 -12.54 51.23
N GLY H 113 47.18 -13.76 51.67
CA GLY H 113 46.36 -13.98 52.84
C GLY H 113 45.77 -15.37 52.89
N THR H 114 44.73 -15.55 53.70
CA THR H 114 44.06 -16.83 53.80
C THR H 114 42.94 -16.95 52.78
N TYR H 115 42.93 -18.05 52.04
CA TYR H 115 41.95 -18.26 50.98
C TYR H 115 41.33 -19.65 51.06
N ALA H 116 40.07 -19.75 50.62
CA ALA H 116 39.39 -21.05 50.58
C ALA H 116 39.03 -21.40 49.14
N LEU H 117 39.30 -22.64 48.76
CA LEU H 117 39.04 -23.09 47.40
C LEU H 117 37.94 -24.16 47.36
N THR H 118 36.94 -23.92 46.51
CA THR H 118 35.85 -24.87 46.34
C THR H 118 35.75 -25.29 44.88
N PHE H 119 35.92 -26.58 44.63
CA PHE H 119 35.84 -27.12 43.28
C PHE H 119 34.53 -27.87 43.08
N LEU H 120 33.86 -27.60 41.96
CA LEU H 120 32.61 -28.28 41.64
C LEU H 120 32.81 -29.20 40.44
N ILE H 121 32.75 -30.51 40.68
CA ILE H 121 33.03 -31.49 39.65
C ILE H 121 31.77 -32.25 39.25
N SER H 122 31.58 -32.40 37.95
CA SER H 122 30.40 -33.10 37.42
C SER H 122 30.77 -34.37 36.68
N ASN H 123 29.77 -35.20 36.40
CA ASN H 123 30.00 -36.43 35.66
C ASN H 123 30.43 -36.12 34.23
N PRO H 124 31.23 -37.02 33.62
CA PRO H 124 31.69 -36.77 32.25
C PRO H 124 30.59 -37.02 31.21
N GLU H 125 29.46 -37.56 31.65
CA GLU H 125 28.33 -37.80 30.77
C GLU H 125 27.78 -36.49 30.22
N LYS H 126 28.00 -35.41 30.96
CA LYS H 126 27.58 -34.08 30.53
C LYS H 126 28.37 -33.65 29.29
N GLN H 127 29.57 -34.19 29.14
CA GLN H 127 30.43 -33.84 28.02
C GLN H 127 30.39 -34.91 26.93
N GLY H 128 29.43 -35.83 27.04
CA GLY H 128 29.24 -36.86 26.04
C GLY H 128 30.04 -38.13 26.20
N PHE H 129 30.65 -38.31 27.37
CA PHE H 129 31.42 -39.53 27.64
C PHE H 129 30.49 -40.69 27.98
N GLY H 130 30.70 -41.83 27.33
CA GLY H 130 29.83 -42.98 27.50
C GLY H 130 30.32 -43.97 28.53
N ARG H 131 29.50 -44.98 28.81
CA ARG H 131 29.87 -46.04 29.75
C ARG H 131 29.15 -47.34 29.41
N HIS H 132 29.92 -48.43 29.31
CA HIS H 132 29.35 -49.74 29.02
C HIS H 132 28.47 -50.23 30.17
N VAL H 133 27.39 -50.92 29.82
CA VAL H 133 26.45 -51.43 30.81
C VAL H 133 26.17 -52.91 30.63
N ASP H 134 27.04 -53.60 29.90
CA ASP H 134 26.89 -55.03 29.68
C ASP H 134 27.21 -55.80 30.96
N GLU H 135 26.82 -57.07 31.00
CA GLU H 135 27.09 -57.90 32.16
C GLU H 135 28.58 -58.23 32.29
N GLU H 136 29.25 -58.35 31.14
CA GLU H 136 30.64 -58.78 31.12
C GLU H 136 31.62 -57.62 31.33
N THR H 137 31.44 -56.53 30.59
CA THR H 137 32.40 -55.44 30.60
C THR H 137 31.79 -54.11 31.02
N GLY H 138 30.58 -54.16 31.58
CA GLY H 138 29.90 -52.96 32.01
C GLY H 138 30.45 -52.38 33.30
N VAL H 139 30.05 -51.15 33.60
CA VAL H 139 30.48 -50.46 34.81
C VAL H 139 29.32 -49.77 35.50
N GLY H 140 29.56 -49.29 36.71
CA GLY H 140 28.51 -48.63 37.49
C GLY H 140 28.16 -47.25 36.95
N LYS H 141 27.10 -46.67 37.50
CA LYS H 141 26.64 -45.35 37.11
C LYS H 141 27.69 -44.28 37.43
N TRP H 142 27.64 -43.16 36.71
CA TRP H 142 28.58 -42.07 36.93
C TRP H 142 28.25 -41.32 38.22
N PHE H 143 29.28 -40.80 38.87
CA PHE H 143 29.13 -40.10 40.14
C PHE H 143 28.27 -38.84 39.99
N GLU H 144 27.39 -38.62 40.96
CA GLU H 144 26.58 -37.41 41.01
C GLU H 144 27.48 -36.19 41.22
N PRO H 145 26.99 -35.00 40.85
CA PRO H 145 27.82 -33.79 41.03
C PRO H 145 28.06 -33.47 42.50
N PHE H 146 29.32 -33.23 42.85
CA PHE H 146 29.70 -32.98 44.23
C PHE H 146 30.79 -31.91 44.32
N VAL H 147 30.95 -31.36 45.52
CA VAL H 147 31.94 -30.30 45.75
C VAL H 147 33.00 -30.71 46.77
N VAL H 148 34.20 -30.15 46.61
CA VAL H 148 35.27 -30.39 47.55
C VAL H 148 35.83 -29.03 48.01
N THR H 149 36.21 -28.95 49.28
CA THR H 149 36.68 -27.70 49.84
C THR H 149 38.09 -27.85 50.42
N TYR H 150 38.94 -26.86 50.12
CA TYR H 150 40.30 -26.85 50.64
C TYR H 150 40.67 -25.46 51.15
N PHE H 151 41.55 -25.42 52.14
CA PHE H 151 42.01 -24.14 52.69
C PHE H 151 43.52 -24.04 52.61
N PHE H 152 44.02 -22.92 52.09
CA PHE H 152 45.45 -22.72 51.91
C PHE H 152 45.81 -21.24 51.93
N LYS H 153 47.07 -20.95 52.25
CA LYS H 153 47.55 -19.57 52.30
C LYS H 153 48.35 -19.21 51.06
N TYR H 154 47.91 -18.17 50.36
CA TYR H 154 48.60 -17.69 49.18
C TYR H 154 49.81 -16.86 49.57
N THR H 155 50.99 -17.30 49.17
CA THR H 155 52.23 -16.63 49.53
C THR H 155 52.66 -15.62 48.47
N GLY H 156 51.83 -15.45 47.45
CA GLY H 156 52.12 -14.49 46.38
C GLY H 156 52.50 -15.16 45.08
N THR H 157 52.67 -14.36 44.04
CA THR H 157 53.06 -14.85 42.72
C THR H 157 54.50 -15.39 42.73
N PRO H 158 54.67 -16.65 42.30
CA PRO H 158 55.99 -17.29 42.26
C PRO H 158 56.67 -17.13 40.91
N SER I 2 -27.71 -2.83 63.60
CA SER I 2 -27.95 -1.65 64.41
C SER I 2 -26.86 -0.61 64.23
N GLN I 3 -25.75 -1.03 63.63
CA GLN I 3 -24.62 -0.13 63.38
C GLN I 3 -24.45 0.12 61.88
N ALA I 4 -23.47 0.94 61.54
CA ALA I 4 -23.19 1.27 60.14
C ALA I 4 -21.70 1.40 59.89
N ILE I 5 -21.26 1.04 58.69
CA ILE I 5 -19.86 1.12 58.33
C ILE I 5 -19.64 2.13 57.21
N GLY I 6 -18.70 3.04 57.42
CA GLY I 6 -18.37 4.06 56.43
C GLY I 6 -16.96 3.89 55.89
N ILE I 7 -16.83 4.00 54.57
CA ILE I 7 -15.53 3.85 53.93
C ILE I 7 -15.18 5.05 53.06
N LEU I 8 -13.96 5.56 53.25
CA LEU I 8 -13.48 6.70 52.47
C LEU I 8 -12.05 6.46 51.99
N GLU I 9 -11.84 6.62 50.69
CA GLU I 9 -10.52 6.42 50.10
C GLU I 9 -10.01 7.72 49.47
N LEU I 10 -8.77 8.08 49.80
CA LEU I 10 -8.19 9.30 49.28
C LEU I 10 -6.89 9.01 48.50
N THR I 11 -6.56 9.90 47.57
CA THR I 11 -5.36 9.73 46.74
C THR I 11 -4.13 10.35 47.38
N SER I 12 -4.33 11.09 48.45
CA SER I 12 -3.22 11.74 49.15
C SER I 12 -3.12 11.27 50.60
N ILE I 13 -1.90 10.97 51.03
CA ILE I 13 -1.67 10.50 52.39
C ILE I 13 -1.93 11.60 53.41
N ALA I 14 -1.45 12.80 53.11
CA ALA I 14 -1.63 13.95 54.00
C ALA I 14 -3.10 14.34 54.12
N LYS I 15 -3.79 14.40 52.98
CA LYS I 15 -5.21 14.73 52.96
C LYS I 15 -6.03 13.68 53.70
N GLY I 16 -5.58 12.44 53.61
CA GLY I 16 -6.22 11.34 54.32
C GLY I 16 -6.16 11.54 55.82
N MET I 17 -4.99 11.96 56.30
CA MET I 17 -4.82 12.26 57.72
C MET I 17 -5.61 13.51 58.08
N GLU I 18 -5.64 14.46 57.15
CA GLU I 18 -6.40 15.69 57.34
C GLU I 18 -7.89 15.42 57.44
N LEU I 19 -8.38 14.55 56.55
CA LEU I 19 -9.80 14.20 56.53
C LEU I 19 -10.18 13.36 57.74
N GLY I 20 -9.22 12.61 58.27
CA GLY I 20 -9.45 11.79 59.44
C GLY I 20 -9.81 12.59 60.67
N ASP I 21 -9.02 13.63 60.95
CA ASP I 21 -9.28 14.51 62.09
C ASP I 21 -10.60 15.27 61.93
N ALA I 22 -10.88 15.71 60.71
CA ALA I 22 -12.11 16.45 60.42
C ALA I 22 -13.34 15.59 60.61
N MET I 23 -13.29 14.35 60.13
CA MET I 23 -14.41 13.43 60.20
C MET I 23 -14.70 12.99 61.64
N LEU I 24 -13.65 12.73 62.39
CA LEU I 24 -13.79 12.30 63.78
C LEU I 24 -14.41 13.37 64.66
N LYS I 25 -14.10 14.64 64.35
CA LYS I 25 -14.64 15.76 65.09
C LYS I 25 -16.04 16.14 64.61
N SER I 26 -16.40 15.67 63.42
CA SER I 26 -17.68 16.03 62.81
C SER I 26 -18.84 15.28 63.45
N ALA I 27 -18.58 14.08 63.95
CA ALA I 27 -19.62 13.26 64.56
C ALA I 27 -19.03 12.21 65.49
N ASN I 28 -19.88 11.57 66.29
CA ASN I 28 -19.45 10.54 67.21
C ASN I 28 -19.26 9.19 66.53
N VAL I 29 -18.11 9.01 65.91
CA VAL I 29 -17.80 7.76 65.20
C VAL I 29 -16.43 7.23 65.60
N ASP I 30 -16.26 5.91 65.55
CA ASP I 30 -14.99 5.28 65.89
C ASP I 30 -14.20 4.92 64.64
N LEU I 31 -12.89 5.16 64.68
CA LEU I 31 -12.02 4.86 63.56
C LEU I 31 -11.70 3.36 63.51
N LEU I 32 -12.08 2.72 62.40
CA LEU I 32 -11.86 1.28 62.26
C LEU I 32 -10.53 1.01 61.56
N VAL I 33 -10.25 1.76 60.50
CA VAL I 33 -9.02 1.59 59.73
C VAL I 33 -8.48 2.93 59.23
N SER I 34 -7.17 3.10 59.32
CA SER I 34 -6.51 4.31 58.83
C SER I 34 -5.06 4.03 58.46
N LYS I 35 -4.84 3.69 57.19
CA LYS I 35 -3.50 3.35 56.72
C LYS I 35 -3.32 3.67 55.24
N THR I 36 -2.07 3.82 54.83
CA THR I 36 -1.75 4.11 53.43
C THR I 36 -1.71 2.83 52.60
N ILE I 37 -2.25 2.91 51.39
CA ILE I 37 -2.28 1.76 50.49
C ILE I 37 -1.51 2.05 49.20
N SER I 38 -0.97 1.00 48.60
CA SER I 38 -0.23 1.12 47.35
C SER I 38 -1.12 1.68 46.24
N PRO I 39 -0.56 2.54 45.37
CA PRO I 39 0.84 2.97 45.39
C PRO I 39 1.09 4.19 46.29
N GLY I 40 0.02 4.92 46.62
CA GLY I 40 0.15 6.10 47.45
C GLY I 40 -1.19 6.65 47.90
N LYS I 41 -2.18 5.77 47.98
CA LYS I 41 -3.52 6.15 48.41
C LYS I 41 -3.68 5.99 49.92
N PHE I 42 -4.80 6.50 50.45
CA PHE I 42 -5.09 6.41 51.88
C PHE I 42 -6.50 5.85 52.09
N LEU I 43 -6.62 4.89 53.00
CA LEU I 43 -7.90 4.26 53.26
C LEU I 43 -8.40 4.53 54.67
N LEU I 44 -9.64 4.99 54.78
CA LEU I 44 -10.24 5.28 56.08
C LEU I 44 -11.56 4.52 56.24
N MET I 45 -11.73 3.91 57.40
CA MET I 45 -12.96 3.18 57.71
C MET I 45 -13.54 3.63 59.05
N LEU I 46 -14.82 3.98 59.06
CA LEU I 46 -15.48 4.47 60.26
C LEU I 46 -16.72 3.64 60.61
N GLY I 47 -17.01 3.55 61.90
CA GLY I 47 -18.17 2.82 62.37
C GLY I 47 -18.99 3.60 63.37
N GLY I 48 -20.29 3.32 63.43
CA GLY I 48 -21.18 4.01 64.34
C GLY I 48 -22.63 3.97 63.91
N ASP I 49 -23.46 4.81 64.53
CA ASP I 49 -24.87 4.91 64.19
C ASP I 49 -25.07 5.34 62.74
N ILE I 50 -26.23 4.96 62.18
CA ILE I 50 -26.54 5.28 60.79
C ILE I 50 -26.56 6.77 60.54
N GLY I 51 -27.14 7.53 61.48
CA GLY I 51 -27.18 8.97 61.38
C GLY I 51 -25.80 9.59 61.43
N ALA I 52 -25.02 9.15 62.41
CA ALA I 52 -23.66 9.66 62.60
C ALA I 52 -22.74 9.30 61.43
N ILE I 53 -22.86 8.07 60.95
CA ILE I 53 -22.03 7.59 59.85
C ILE I 53 -22.34 8.33 58.55
N GLN I 54 -23.62 8.60 58.32
CA GLN I 54 -24.04 9.31 57.12
C GLN I 54 -23.50 10.74 57.10
N GLN I 55 -23.55 11.40 58.25
CA GLN I 55 -23.06 12.77 58.37
C GLN I 55 -21.54 12.83 58.25
N ALA I 56 -20.86 11.87 58.87
CA ALA I 56 -19.41 11.80 58.83
C ALA I 56 -18.90 11.55 57.41
N ILE I 57 -19.53 10.62 56.71
CA ILE I 57 -19.16 10.28 55.34
C ILE I 57 -19.44 11.45 54.39
N GLU I 58 -20.53 12.16 54.65
CA GLU I 58 -20.89 13.34 53.87
C GLU I 58 -19.85 14.45 54.04
N THR I 59 -19.48 14.72 55.29
CA THR I 59 -18.49 15.73 55.61
C THR I 59 -17.13 15.41 54.98
N GLY I 60 -16.72 14.15 55.07
CA GLY I 60 -15.45 13.71 54.52
C GLY I 60 -15.38 13.85 53.01
N THR I 61 -16.44 13.44 52.33
CA THR I 61 -16.50 13.51 50.88
C THR I 61 -16.56 14.96 50.41
N SER I 62 -17.27 15.79 51.16
CA SER I 62 -17.43 17.20 50.82
C SER I 62 -16.11 17.97 50.92
N GLN I 63 -15.22 17.48 51.77
CA GLN I 63 -13.94 18.15 52.00
C GLN I 63 -12.79 17.41 51.34
N ALA I 64 -13.10 16.29 50.70
CA ALA I 64 -12.10 15.47 50.04
C ALA I 64 -11.55 16.14 48.79
N GLY I 65 -12.40 16.90 48.10
CA GLY I 65 -12.00 17.58 46.89
C GLY I 65 -11.70 16.62 45.75
N GLU I 66 -10.63 16.91 45.00
CA GLU I 66 -10.26 16.08 43.86
C GLU I 66 -9.43 14.86 44.29
N MET I 67 -9.16 14.77 45.59
CA MET I 67 -8.38 13.67 46.12
C MET I 67 -9.25 12.45 46.45
N LEU I 68 -10.56 12.62 46.32
CA LEU I 68 -11.50 11.55 46.62
C LEU I 68 -11.41 10.41 45.60
N VAL I 69 -11.20 9.19 46.11
CA VAL I 69 -11.13 8.02 45.26
C VAL I 69 -12.49 7.31 45.18
N ASP I 70 -13.02 6.94 46.34
CA ASP I 70 -14.30 6.23 46.41
C ASP I 70 -14.93 6.35 47.79
N SER I 71 -16.24 6.13 47.87
CA SER I 71 -16.96 6.19 49.13
C SER I 71 -18.14 5.22 49.15
N LEU I 72 -18.44 4.67 50.31
CA LEU I 72 -19.53 3.72 50.44
C LEU I 72 -20.03 3.63 51.88
N VAL I 73 -21.34 3.43 52.04
CA VAL I 73 -21.95 3.28 53.36
C VAL I 73 -22.77 2.00 53.46
N LEU I 74 -22.45 1.17 54.45
CA LEU I 74 -23.17 -0.08 54.65
C LEU I 74 -24.05 0.00 55.90
N ALA I 75 -25.36 0.04 55.70
CA ALA I 75 -26.31 0.15 56.80
C ALA I 75 -26.81 -1.21 57.25
N ASN I 76 -27.40 -1.25 58.44
CA ASN I 76 -27.96 -2.47 59.03
C ASN I 76 -26.95 -3.62 59.11
N ILE I 77 -25.79 -3.33 59.69
CA ILE I 77 -24.75 -4.34 59.84
C ILE I 77 -24.67 -4.85 61.28
N HIS I 78 -24.37 -6.13 61.43
CA HIS I 78 -24.18 -6.74 62.74
C HIS I 78 -23.09 -6.02 63.53
N PRO I 79 -23.29 -5.86 64.84
CA PRO I 79 -22.32 -5.15 65.67
C PRO I 79 -21.04 -5.94 65.91
N SER I 80 -21.10 -7.26 65.70
CA SER I 80 -19.93 -8.12 65.86
C SER I 80 -18.93 -7.93 64.71
N VAL I 81 -19.41 -7.34 63.62
CA VAL I 81 -18.57 -7.09 62.45
C VAL I 81 -17.61 -5.92 62.67
N LEU I 82 -18.04 -4.97 63.51
CA LEU I 82 -17.26 -3.77 63.78
C LEU I 82 -15.87 -4.05 64.38
N PRO I 83 -15.79 -4.80 65.49
CA PRO I 83 -14.44 -5.02 66.03
C PRO I 83 -13.67 -6.10 65.25
N ALA I 84 -14.37 -6.87 64.43
CA ALA I 84 -13.73 -7.90 63.63
C ALA I 84 -12.86 -7.29 62.53
N ILE I 85 -13.20 -6.08 62.13
CA ILE I 85 -12.43 -5.38 61.10
C ILE I 85 -11.28 -4.60 61.72
N SER I 86 -11.55 -3.94 62.85
CA SER I 86 -10.55 -3.13 63.53
C SER I 86 -9.56 -3.99 64.31
N GLY I 87 -9.99 -5.18 64.69
CA GLY I 87 -9.15 -6.09 65.46
C GLY I 87 -9.66 -7.52 65.44
N LEU I 88 -9.53 -8.20 66.57
CA LEU I 88 -9.97 -9.58 66.69
C LEU I 88 -10.81 -9.81 67.94
N ASN I 89 -11.89 -10.57 67.79
CA ASN I 89 -12.73 -10.94 68.93
C ASN I 89 -12.17 -12.21 69.56
N SER I 90 -12.30 -12.32 70.87
CA SER I 90 -11.76 -13.48 71.59
C SER I 90 -12.42 -14.78 71.15
N VAL I 91 -11.60 -15.80 70.93
CA VAL I 91 -12.10 -17.11 70.52
C VAL I 91 -11.80 -18.16 71.59
N ASP I 92 -12.74 -18.36 72.51
CA ASP I 92 -12.55 -19.31 73.60
C ASP I 92 -12.54 -20.73 73.07
N LYS I 93 -13.14 -20.92 71.89
CA LYS I 93 -13.19 -22.23 71.27
C LYS I 93 -12.26 -22.28 70.06
N ARG I 94 -11.46 -23.35 69.99
CA ARG I 94 -10.55 -23.56 68.87
C ARG I 94 -11.02 -24.77 68.08
N GLN I 95 -12.15 -25.32 68.50
CA GLN I 95 -12.69 -26.56 67.95
C GLN I 95 -12.92 -26.49 66.44
N ALA I 96 -13.51 -25.39 65.97
CA ALA I 96 -13.78 -25.25 64.54
C ALA I 96 -13.71 -23.81 64.08
N VAL I 97 -13.20 -23.61 62.88
CA VAL I 97 -13.05 -22.29 62.28
C VAL I 97 -13.74 -22.20 60.92
N GLY I 98 -14.29 -21.04 60.61
CA GLY I 98 -14.92 -20.83 59.31
C GLY I 98 -14.22 -19.69 58.60
N ILE I 99 -13.95 -19.87 57.31
CA ILE I 99 -13.27 -18.85 56.51
C ILE I 99 -13.94 -18.63 55.16
N VAL I 100 -14.33 -17.40 54.88
CA VAL I 100 -14.93 -17.06 53.60
C VAL I 100 -14.21 -15.87 52.97
N GLU I 101 -13.53 -16.11 51.85
CA GLU I 101 -12.81 -15.05 51.16
C GLU I 101 -13.61 -14.53 49.96
N THR I 102 -13.77 -13.22 49.89
CA THR I 102 -14.52 -12.61 48.80
C THR I 102 -13.76 -11.46 48.16
N TRP I 103 -14.11 -11.14 46.92
CA TRP I 103 -13.53 -10.00 46.23
C TRP I 103 -14.12 -8.71 46.76
N SER I 104 -13.24 -7.77 47.11
CA SER I 104 -13.61 -6.46 47.69
C SER I 104 -14.19 -6.59 49.10
N VAL I 105 -13.91 -5.58 49.93
CA VAL I 105 -14.35 -5.59 51.32
C VAL I 105 -15.85 -5.39 51.45
N ALA I 106 -16.46 -4.80 50.42
CA ALA I 106 -17.90 -4.58 50.41
C ALA I 106 -18.67 -5.89 50.48
N ALA I 107 -18.29 -6.84 49.64
CA ALA I 107 -18.94 -8.14 49.60
C ALA I 107 -18.64 -8.94 50.86
N CYS I 108 -17.41 -8.84 51.35
CA CYS I 108 -17.00 -9.55 52.56
C CYS I 108 -17.73 -9.05 53.79
N ILE I 109 -17.92 -7.73 53.87
CA ILE I 109 -18.62 -7.12 54.98
C ILE I 109 -20.07 -7.56 55.03
N SER I 110 -20.73 -7.51 53.88
CA SER I 110 -22.13 -7.91 53.77
C SER I 110 -22.31 -9.39 54.09
N ALA I 111 -21.34 -10.20 53.68
CA ALA I 111 -21.38 -11.63 53.92
C ALA I 111 -21.18 -11.95 55.40
N ALA I 112 -20.26 -11.25 56.04
CA ALA I 112 -19.98 -11.46 57.45
C ALA I 112 -21.17 -11.03 58.31
N ASP I 113 -21.81 -9.94 57.92
CA ASP I 113 -22.98 -9.42 58.62
C ASP I 113 -24.13 -10.42 58.59
N LEU I 114 -24.38 -10.97 57.40
CA LEU I 114 -25.43 -11.97 57.23
C LEU I 114 -25.09 -13.27 57.95
N ALA I 115 -23.80 -13.59 57.98
CA ALA I 115 -23.33 -14.81 58.62
C ALA I 115 -23.60 -14.80 60.12
N VAL I 116 -23.20 -13.70 60.77
CA VAL I 116 -23.37 -13.56 62.21
C VAL I 116 -24.85 -13.53 62.60
N LYS I 117 -25.65 -12.86 61.77
CA LYS I 117 -27.08 -12.72 62.03
C LYS I 117 -27.86 -14.00 61.67
N GLY I 118 -27.24 -14.86 60.86
CA GLY I 118 -27.91 -16.07 60.41
C GLY I 118 -27.41 -17.33 61.11
N SER I 119 -26.66 -17.16 62.18
CA SER I 119 -26.13 -18.28 62.94
C SER I 119 -25.81 -17.89 64.38
N ASN I 120 -25.26 -18.84 65.13
CA ASN I 120 -24.86 -18.58 66.51
C ASN I 120 -23.35 -18.64 66.67
N VAL I 121 -22.64 -18.59 65.54
CA VAL I 121 -21.19 -18.62 65.55
C VAL I 121 -20.61 -17.25 65.89
N THR I 122 -19.38 -17.25 66.37
CA THR I 122 -18.71 -16.00 66.73
C THR I 122 -17.73 -15.59 65.63
N LEU I 123 -17.89 -14.35 65.15
CA LEU I 123 -17.01 -13.82 64.10
C LEU I 123 -15.65 -13.44 64.68
N VAL I 124 -14.61 -14.14 64.23
CA VAL I 124 -13.27 -13.93 64.77
C VAL I 124 -12.65 -12.64 64.28
N ARG I 125 -12.54 -12.49 62.96
CA ARG I 125 -11.94 -11.30 62.37
C ARG I 125 -12.23 -11.19 60.88
N VAL I 126 -12.17 -9.96 60.37
CA VAL I 126 -12.29 -9.70 58.94
C VAL I 126 -11.02 -9.02 58.42
N HIS I 127 -10.35 -9.67 57.46
CA HIS I 127 -9.06 -9.17 56.99
C HIS I 127 -9.10 -8.71 55.54
N MET I 128 -8.53 -7.54 55.28
CA MET I 128 -8.40 -7.01 53.93
C MET I 128 -6.96 -7.15 53.47
N ALA I 129 -6.72 -8.03 52.50
CA ALA I 129 -5.36 -8.33 52.05
C ALA I 129 -4.69 -7.12 51.40
N PHE I 130 -5.44 -6.40 50.57
CA PHE I 130 -4.87 -5.27 49.85
C PHE I 130 -5.93 -4.27 49.39
N GLY I 131 -6.33 -3.37 50.27
CA GLY I 131 -7.29 -2.33 49.91
C GLY I 131 -8.73 -2.79 49.91
N ILE I 132 -9.63 -1.87 49.57
CA ILE I 132 -11.06 -2.14 49.56
C ILE I 132 -11.49 -2.83 48.26
N GLY I 133 -10.61 -2.81 47.26
CA GLY I 133 -10.90 -3.43 45.98
C GLY I 133 -10.27 -4.80 45.83
N GLY I 134 -9.35 -5.12 46.73
CA GLY I 134 -8.65 -6.40 46.68
C GLY I 134 -9.38 -7.50 47.42
N LYS I 135 -8.74 -8.66 47.51
CA LYS I 135 -9.31 -9.82 48.20
C LYS I 135 -9.49 -9.56 49.69
N CYS I 136 -10.68 -9.85 50.19
CA CYS I 136 -10.98 -9.72 51.61
C CYS I 136 -11.51 -11.04 52.15
N TYR I 137 -11.36 -11.26 53.45
CA TYR I 137 -11.76 -12.52 54.06
C TYR I 137 -12.36 -12.35 55.44
N MET I 138 -13.34 -13.20 55.76
CA MET I 138 -13.96 -13.21 57.08
C MET I 138 -13.62 -14.49 57.83
N VAL I 139 -13.49 -14.39 59.14
CA VAL I 139 -13.16 -15.55 59.97
C VAL I 139 -14.22 -15.79 61.03
N VAL I 140 -14.81 -16.99 61.02
CA VAL I 140 -15.83 -17.34 61.99
C VAL I 140 -15.39 -18.52 62.85
N ALA I 141 -15.94 -18.60 64.06
CA ALA I 141 -15.60 -19.67 64.99
C ALA I 141 -16.82 -20.08 65.83
N GLY I 142 -16.90 -21.36 66.18
CA GLY I 142 -17.99 -21.87 66.97
C GLY I 142 -18.17 -23.37 66.80
N ASP I 143 -19.36 -23.85 67.11
CA ASP I 143 -19.70 -25.26 66.93
C ASP I 143 -19.65 -25.64 65.45
N VAL I 144 -19.44 -26.92 65.19
CA VAL I 144 -19.36 -27.43 63.82
C VAL I 144 -20.62 -27.11 63.02
N LEU I 145 -21.78 -27.28 63.65
CA LEU I 145 -23.05 -26.98 63.01
C LEU I 145 -23.23 -25.49 62.81
N ASP I 146 -22.80 -24.71 63.79
CA ASP I 146 -22.92 -23.25 63.73
C ASP I 146 -22.01 -22.64 62.67
N VAL I 147 -20.77 -23.13 62.61
CA VAL I 147 -19.79 -22.61 61.65
C VAL I 147 -20.19 -22.89 60.20
N ALA I 148 -20.72 -24.09 59.96
CA ALA I 148 -21.11 -24.50 58.62
C ALA I 148 -22.25 -23.62 58.09
N ALA I 149 -23.24 -23.36 58.93
CA ALA I 149 -24.38 -22.53 58.57
C ALA I 149 -23.94 -21.11 58.24
N ALA I 150 -23.05 -20.56 59.06
CA ALA I 150 -22.54 -19.22 58.85
C ALA I 150 -21.76 -19.12 57.54
N VAL I 151 -20.90 -20.11 57.30
CA VAL I 151 -20.09 -20.15 56.08
C VAL I 151 -20.97 -20.29 54.85
N ALA I 152 -22.00 -21.13 54.96
CA ALA I 152 -22.95 -21.33 53.88
C ALA I 152 -23.70 -20.03 53.58
N THR I 153 -24.15 -19.37 54.64
CA THR I 153 -24.87 -18.10 54.51
C THR I 153 -23.98 -17.03 53.88
N ALA I 154 -22.72 -16.98 54.33
CA ALA I 154 -21.77 -16.02 53.79
C ALA I 154 -21.44 -16.28 52.32
N SER I 155 -21.35 -17.56 51.97
CA SER I 155 -21.02 -17.96 50.60
C SER I 155 -22.09 -17.55 49.59
N LEU I 156 -23.35 -17.63 50.01
CA LEU I 156 -24.47 -17.25 49.14
C LEU I 156 -24.49 -15.75 48.87
N ALA I 157 -24.19 -14.97 49.91
CA ALA I 157 -24.19 -13.51 49.81
C ALA I 157 -23.15 -13.00 48.82
N ALA I 158 -21.90 -13.43 49.02
CA ALA I 158 -20.81 -13.01 48.14
C ALA I 158 -20.95 -13.65 46.76
N GLY I 159 -21.53 -14.84 46.74
CA GLY I 159 -21.73 -15.56 45.49
C GLY I 159 -22.78 -14.90 44.62
N ALA I 160 -23.71 -14.20 45.25
CA ALA I 160 -24.77 -13.50 44.53
C ALA I 160 -24.22 -12.34 43.72
N LYS I 161 -23.07 -11.81 44.13
CA LYS I 161 -22.44 -10.70 43.43
C LYS I 161 -21.29 -11.19 42.56
N GLY I 162 -21.02 -12.49 42.65
CA GLY I 162 -19.96 -13.11 41.88
C GLY I 162 -18.59 -12.68 42.36
N LEU I 163 -18.50 -12.29 43.62
CA LEU I 163 -17.24 -11.82 44.19
C LEU I 163 -16.66 -12.83 45.17
N LEU I 164 -17.26 -14.02 45.22
CA LEU I 164 -16.81 -15.07 46.12
C LEU I 164 -15.64 -15.84 45.53
N VAL I 165 -14.56 -15.96 46.29
CA VAL I 165 -13.37 -16.68 45.84
C VAL I 165 -13.45 -18.16 46.22
N TYR I 166 -13.56 -18.43 47.53
CA TYR I 166 -13.64 -19.79 48.03
C TYR I 166 -14.12 -19.83 49.47
N ALA I 167 -14.78 -20.93 49.84
CA ALA I 167 -15.27 -21.11 51.20
C ALA I 167 -14.79 -22.45 51.77
N SER I 168 -14.50 -22.48 53.06
CA SER I 168 -14.01 -23.70 53.69
C SER I 168 -14.37 -23.78 55.17
N ILE I 169 -14.90 -24.94 55.58
CA ILE I 169 -15.19 -25.21 56.98
C ILE I 169 -14.17 -26.20 57.53
N ILE I 170 -13.42 -25.77 58.54
CA ILE I 170 -12.33 -26.57 59.06
C ILE I 170 -12.53 -26.97 60.53
N PRO I 171 -13.11 -28.16 60.76
CA PRO I 171 -13.27 -28.70 62.10
C PRO I 171 -12.01 -29.38 62.61
N ARG I 172 -11.69 -29.15 63.89
CA ARG I 172 -10.48 -29.68 64.52
C ARG I 172 -9.21 -29.33 63.75
N PRO I 173 -8.83 -28.04 63.76
CA PRO I 173 -7.63 -27.57 63.06
C PRO I 173 -6.35 -27.95 63.79
N HIS I 174 -5.30 -28.24 63.03
CA HIS I 174 -3.99 -28.57 63.59
C HIS I 174 -3.45 -27.43 64.46
N GLU I 175 -2.64 -27.79 65.46
CA GLU I 175 -2.09 -26.82 66.41
C GLU I 175 -1.30 -25.72 65.69
N ALA I 176 -0.60 -26.11 64.63
CA ALA I 176 0.15 -25.16 63.83
C ALA I 176 -0.80 -24.28 63.02
N MET I 177 -1.91 -24.87 62.58
CA MET I 177 -2.90 -24.16 61.79
C MET I 177 -3.74 -23.25 62.68
N TRP I 178 -3.99 -23.71 63.91
CA TRP I 178 -4.78 -22.95 64.87
C TRP I 178 -4.07 -21.64 65.21
N ARG I 179 -2.75 -21.71 65.37
CA ARG I 179 -1.94 -20.53 65.65
C ARG I 179 -2.00 -19.55 64.48
N GLN I 180 -1.95 -20.08 63.27
CA GLN I 180 -2.03 -19.26 62.06
C GLN I 180 -3.39 -18.59 61.97
N MET I 181 -4.44 -19.32 62.35
CA MET I 181 -5.80 -18.81 62.33
C MET I 181 -5.96 -17.66 63.33
N VAL I 182 -5.34 -17.81 64.50
CA VAL I 182 -5.42 -16.80 65.54
C VAL I 182 -4.60 -15.57 65.16
N GLU I 183 -3.47 -15.80 64.49
CA GLU I 183 -2.56 -14.74 64.13
C GLU I 183 -2.85 -14.23 62.71
N GLY J 2 -42.61 -41.12 50.19
CA GLY J 2 -41.33 -41.38 50.81
C GLY J 2 -40.42 -40.16 50.81
N GLU J 3 -40.86 -39.10 51.46
CA GLU J 3 -40.09 -37.86 51.53
C GLU J 3 -39.51 -37.64 52.92
N VAL J 4 -38.24 -37.27 52.98
CA VAL J 4 -37.57 -37.00 54.24
C VAL J 4 -37.59 -35.51 54.56
N PRO J 5 -38.09 -35.15 55.74
CA PRO J 5 -38.21 -33.75 56.15
C PRO J 5 -36.87 -33.16 56.60
N ILE J 6 -36.61 -31.92 56.24
CA ILE J 6 -35.36 -31.27 56.61
C ILE J 6 -35.57 -30.15 57.61
N GLY J 7 -35.25 -30.42 58.87
CA GLY J 7 -35.36 -29.43 59.93
C GLY J 7 -36.78 -28.98 60.21
N ASP J 8 -36.91 -27.75 60.67
CA ASP J 8 -38.22 -27.18 60.99
C ASP J 8 -38.62 -26.14 59.96
N PRO J 9 -39.92 -26.07 59.63
CA PRO J 9 -40.39 -25.10 58.64
C PRO J 9 -40.45 -23.69 59.22
N LYS J 10 -40.26 -22.68 58.38
CA LYS J 10 -40.27 -21.30 58.83
C LYS J 10 -41.41 -20.50 58.20
N GLU J 11 -41.98 -19.59 58.96
CA GLU J 11 -43.06 -18.75 58.49
C GLU J 11 -42.66 -17.28 58.50
N LEU J 12 -42.50 -16.70 57.31
CA LEU J 12 -42.10 -15.31 57.17
C LEU J 12 -42.52 -14.78 55.81
N ASN J 13 -42.65 -13.45 55.72
CA ASN J 13 -43.05 -12.78 54.49
C ASN J 13 -44.37 -13.30 53.93
N GLY J 14 -45.24 -13.79 54.82
CA GLY J 14 -46.55 -14.26 54.43
C GLY J 14 -46.53 -15.61 53.75
N MET J 15 -45.37 -16.27 53.76
CA MET J 15 -45.22 -17.56 53.11
C MET J 15 -44.54 -18.58 54.04
N GLU J 16 -44.96 -19.83 53.92
CA GLU J 16 -44.35 -20.91 54.69
C GLU J 16 -43.29 -21.60 53.86
N ILE J 17 -42.09 -21.75 54.42
CA ILE J 17 -40.97 -22.34 53.68
C ILE J 17 -40.44 -23.59 54.36
N ALA J 18 -40.71 -24.74 53.77
CA ALA J 18 -40.24 -26.01 54.31
C ALA J 18 -39.34 -26.74 53.32
N ALA J 19 -38.47 -27.59 53.83
CA ALA J 19 -37.53 -28.33 52.98
C ALA J 19 -37.65 -29.83 53.16
N VAL J 20 -37.61 -30.56 52.06
CA VAL J 20 -37.71 -32.02 52.09
C VAL J 20 -36.81 -32.66 51.05
N TYR J 21 -36.40 -33.90 51.32
CA TYR J 21 -35.55 -34.65 50.39
C TYR J 21 -36.13 -36.03 50.11
N LEU J 22 -35.93 -36.51 48.88
CA LEU J 22 -36.44 -37.81 48.49
C LEU J 22 -35.60 -38.46 47.40
N GLN J 23 -36.10 -39.53 46.81
CA GLN J 23 -35.41 -40.24 45.75
C GLN J 23 -35.26 -39.36 44.51
N PRO J 24 -34.18 -39.57 43.73
CA PRO J 24 -33.95 -38.78 42.52
C PRO J 24 -35.08 -38.94 41.49
N ILE J 25 -35.40 -37.86 40.80
CA ILE J 25 -36.49 -37.87 39.83
C ILE J 25 -36.00 -37.50 38.44
N GLU J 26 -36.74 -37.93 37.42
CA GLU J 26 -36.42 -37.59 36.04
C GLU J 26 -37.30 -36.42 35.59
N MET J 27 -36.67 -35.29 35.32
CA MET J 27 -37.41 -34.08 34.97
C MET J 27 -37.26 -33.71 33.49
N GLU J 28 -38.36 -33.26 32.90
CA GLU J 28 -38.35 -32.81 31.51
C GLU J 28 -38.46 -31.29 31.46
N PRO J 29 -37.70 -30.65 30.55
CA PRO J 29 -36.79 -31.29 29.61
C PRO J 29 -35.43 -31.65 30.21
N ARG J 30 -34.77 -32.63 29.61
CA ARG J 30 -33.46 -33.07 30.09
C ARG J 30 -32.36 -32.06 29.75
N GLY J 31 -31.21 -32.22 30.37
CA GLY J 31 -30.08 -31.33 30.14
C GLY J 31 -30.13 -30.11 31.03
N ILE J 32 -31.05 -30.11 31.99
CA ILE J 32 -31.17 -29.02 32.94
C ILE J 32 -30.86 -29.50 34.35
N ASP J 33 -31.78 -30.26 34.93
CA ASP J 33 -31.57 -30.84 36.25
C ASP J 33 -30.60 -32.01 36.16
N LEU J 34 -29.84 -32.22 37.25
CA LEU J 34 -28.89 -33.33 37.33
C LEU J 34 -29.59 -34.67 37.07
N ALA J 35 -28.91 -35.54 36.32
CA ALA J 35 -29.44 -36.86 35.99
C ALA J 35 -29.76 -37.66 37.25
N ALA J 36 -30.88 -38.39 37.21
CA ALA J 36 -31.33 -39.20 38.34
C ALA J 36 -30.28 -40.25 38.72
N SER J 37 -29.66 -40.85 37.71
CA SER J 37 -28.66 -41.89 37.95
C SER J 37 -27.37 -41.29 38.49
N LEU J 38 -27.17 -40.00 38.26
CA LEU J 38 -25.97 -39.32 38.71
C LEU J 38 -26.17 -38.70 40.09
N ALA J 39 -27.42 -38.66 40.54
CA ALA J 39 -27.75 -38.06 41.83
C ALA J 39 -28.06 -39.12 42.87
N ASP J 40 -28.12 -38.70 44.13
CA ASP J 40 -28.44 -39.61 45.22
C ASP J 40 -29.76 -39.23 45.88
N ILE J 41 -30.08 -37.94 45.89
CA ILE J 41 -31.32 -37.46 46.48
C ILE J 41 -31.87 -36.25 45.73
N HIS J 42 -33.18 -36.05 45.80
CA HIS J 42 -33.82 -34.89 45.20
C HIS J 42 -34.36 -33.94 46.27
N LEU J 43 -33.78 -32.75 46.35
CA LEU J 43 -34.18 -31.77 47.35
C LEU J 43 -35.31 -30.88 46.81
N GLU J 44 -36.41 -30.81 47.56
CA GLU J 44 -37.56 -30.01 47.15
C GLU J 44 -37.93 -29.01 48.24
N ALA J 45 -38.23 -27.78 47.82
CA ALA J 45 -38.64 -26.74 48.75
C ALA J 45 -40.14 -26.50 48.66
N ASP J 46 -40.84 -26.69 49.78
CA ASP J 46 -42.28 -26.50 49.83
C ASP J 46 -42.62 -25.09 50.29
N ILE J 47 -43.15 -24.28 49.37
CA ILE J 47 -43.48 -22.90 49.67
C ILE J 47 -44.96 -22.62 49.44
N HIS J 48 -45.69 -22.36 50.51
CA HIS J 48 -47.11 -22.05 50.43
C HIS J 48 -47.42 -20.77 51.21
N ALA J 49 -48.40 -20.01 50.73
CA ALA J 49 -48.78 -18.76 51.36
C ALA J 49 -49.56 -18.99 52.66
N LEU J 50 -49.19 -18.25 53.70
CA LEU J 50 -49.89 -18.33 54.98
C LEU J 50 -51.16 -17.50 54.95
N LYS J 51 -51.92 -17.54 56.04
CA LYS J 51 -53.15 -16.76 56.15
C LYS J 51 -52.86 -15.26 56.13
N ASN J 52 -53.70 -14.51 55.43
CA ASN J 52 -53.57 -13.05 55.33
C ASN J 52 -52.21 -12.60 54.80
N ASN J 53 -51.76 -13.24 53.73
CA ASN J 53 -50.51 -12.88 53.08
C ASN J 53 -50.51 -11.43 52.59
N PRO J 54 -49.38 -10.72 52.75
CA PRO J 54 -49.29 -9.31 52.38
C PRO J 54 -49.03 -9.12 50.89
N ASN J 55 -48.87 -10.23 50.17
CA ASN J 55 -48.67 -10.16 48.73
C ASN J 55 -49.95 -10.50 47.99
N GLY J 56 -51.04 -10.60 48.74
CA GLY J 56 -52.35 -10.90 48.16
C GLY J 56 -52.54 -12.37 47.85
N PHE J 57 -51.53 -13.19 48.21
CA PHE J 57 -51.56 -14.61 47.91
C PHE J 57 -52.54 -15.35 48.83
N PRO J 58 -53.36 -16.24 48.26
CA PRO J 58 -54.34 -17.02 49.02
C PRO J 58 -53.67 -18.10 49.86
N GLU J 59 -54.21 -18.35 51.05
CA GLU J 59 -53.67 -19.37 51.95
C GLU J 59 -53.64 -20.75 51.30
N GLY J 60 -52.47 -21.39 51.34
CA GLY J 60 -52.29 -22.72 50.79
C GLY J 60 -51.74 -22.72 49.38
N PHE J 61 -51.92 -21.62 48.67
CA PHE J 61 -51.42 -21.50 47.30
C PHE J 61 -49.89 -21.46 47.28
N TRP J 62 -49.30 -22.15 46.31
CA TRP J 62 -47.85 -22.19 46.17
C TRP J 62 -47.29 -20.84 45.72
N MET J 63 -46.10 -20.51 46.20
CA MET J 63 -45.42 -19.28 45.82
C MET J 63 -44.55 -19.51 44.59
N PRO J 64 -44.94 -18.92 43.45
CA PRO J 64 -44.26 -19.10 42.16
C PRO J 64 -43.31 -17.96 41.79
N TYR J 65 -42.55 -18.16 40.71
CA TYR J 65 -41.65 -17.15 40.15
C TYR J 65 -40.59 -16.67 41.14
N LEU J 66 -40.38 -17.43 42.21
CA LEU J 66 -39.37 -17.08 43.21
C LEU J 66 -37.99 -17.54 42.80
N THR J 67 -36.97 -16.74 43.11
CA THR J 67 -35.59 -17.12 42.83
C THR J 67 -34.95 -17.69 44.09
N ILE J 68 -34.64 -18.98 44.05
CA ILE J 68 -34.15 -19.69 45.23
C ILE J 68 -32.87 -20.48 44.96
N ALA J 69 -31.80 -20.08 45.64
CA ALA J 69 -30.54 -20.81 45.55
C ALA J 69 -30.35 -21.64 46.81
N TYR J 70 -29.60 -22.74 46.71
CA TYR J 70 -29.44 -23.64 47.83
C TYR J 70 -27.99 -23.90 48.20
N ALA J 71 -27.73 -24.07 49.49
CA ALA J 71 -26.40 -24.38 49.98
C ALA J 71 -26.45 -25.47 51.05
N LEU J 72 -25.78 -26.58 50.78
CA LEU J 72 -25.76 -27.71 51.70
C LEU J 72 -24.35 -28.01 52.17
N ALA J 73 -24.14 -28.02 53.48
CA ALA J 73 -22.83 -28.28 54.05
C ALA J 73 -22.89 -29.34 55.15
N ASN J 74 -22.05 -30.37 55.00
CA ASN J 74 -21.94 -31.41 56.02
C ASN J 74 -20.98 -30.98 57.11
N ALA J 75 -21.50 -30.83 58.33
CA ALA J 75 -20.70 -30.33 59.45
C ALA J 75 -19.64 -31.32 59.90
N ASP J 76 -19.81 -32.59 59.49
CA ASP J 76 -18.85 -33.63 59.85
C ASP J 76 -17.58 -33.53 59.02
N THR J 77 -17.75 -33.38 57.70
CA THR J 77 -16.60 -33.34 56.80
C THR J 77 -16.18 -31.91 56.49
N GLY J 78 -17.11 -30.97 56.61
CA GLY J 78 -16.83 -29.58 56.32
C GLY J 78 -17.02 -29.22 54.86
N ALA J 79 -17.37 -30.22 54.05
CA ALA J 79 -17.63 -30.01 52.63
C ALA J 79 -18.87 -29.15 52.42
N ILE J 80 -18.79 -28.23 51.47
CA ILE J 80 -19.91 -27.33 51.18
C ILE J 80 -20.11 -27.17 49.68
N LYS J 81 -21.36 -27.29 49.24
CA LYS J 81 -21.70 -27.14 47.83
C LYS J 81 -22.82 -26.12 47.63
N THR J 82 -22.87 -25.53 46.45
CA THR J 82 -23.89 -24.54 46.14
C THR J 82 -24.60 -24.87 44.82
N GLY J 83 -25.87 -24.49 44.74
CA GLY J 83 -26.67 -24.73 43.56
C GLY J 83 -27.96 -23.95 43.57
N THR J 84 -28.76 -24.13 42.53
CA THR J 84 -30.04 -23.44 42.43
C THR J 84 -31.21 -24.44 42.36
N LEU J 85 -32.37 -24.01 42.85
CA LEU J 85 -33.57 -24.84 42.80
C LEU J 85 -34.41 -24.45 41.60
N MET J 86 -34.88 -25.46 40.86
CA MET J 86 -35.67 -25.23 39.66
C MET J 86 -37.14 -25.54 39.91
N PRO J 87 -38.04 -24.75 39.31
CA PRO J 87 -39.48 -24.96 39.48
C PRO J 87 -39.99 -26.13 38.63
N MET J 88 -40.70 -27.05 39.26
CA MET J 88 -41.18 -28.23 38.56
C MET J 88 -42.46 -28.77 39.19
N VAL J 89 -43.16 -29.64 38.47
CA VAL J 89 -44.41 -30.20 38.95
C VAL J 89 -44.32 -31.71 39.09
N ALA J 90 -44.87 -32.22 40.19
CA ALA J 90 -44.91 -33.65 40.45
C ALA J 90 -46.33 -34.10 40.78
N ASP J 91 -46.48 -35.35 41.18
CA ASP J 91 -47.79 -35.88 41.56
C ASP J 91 -48.30 -35.21 42.83
N ASP J 92 -47.38 -34.68 43.64
CA ASP J 92 -47.75 -34.03 44.89
C ASP J 92 -47.86 -32.51 44.75
N GLY J 93 -47.95 -32.04 43.51
CA GLY J 93 -48.11 -30.61 43.26
C GLY J 93 -46.84 -29.94 42.78
N PRO J 94 -46.88 -28.61 42.63
CA PRO J 94 -45.75 -27.81 42.15
C PRO J 94 -44.81 -27.36 43.25
N HIS J 95 -43.51 -27.41 42.99
CA HIS J 95 -42.50 -26.97 43.95
C HIS J 95 -41.16 -26.71 43.27
N TYR J 96 -40.20 -26.19 44.03
CA TYR J 96 -38.86 -25.97 43.52
C TYR J 96 -37.96 -27.14 43.91
N GLY J 97 -37.47 -27.87 42.91
CA GLY J 97 -36.69 -29.06 43.16
C GLY J 97 -35.55 -29.26 42.17
N ALA J 98 -34.55 -30.02 42.59
CA ALA J 98 -33.38 -30.31 41.77
C ALA J 98 -32.63 -31.51 42.32
N ASN J 99 -32.17 -32.37 41.43
CA ASN J 99 -31.39 -33.55 41.81
C ASN J 99 -30.00 -33.17 42.28
N ILE J 100 -29.58 -33.76 43.40
CA ILE J 100 -28.29 -33.46 43.99
C ILE J 100 -27.54 -34.74 44.36
N ALA J 101 -26.26 -34.81 43.97
CA ALA J 101 -25.43 -35.96 44.28
C ALA J 101 -24.91 -35.91 45.71
N MET J 102 -25.06 -37.02 46.43
CA MET J 102 -24.58 -37.10 47.81
C MET J 102 -23.42 -38.07 47.94
N GLU J 103 -23.73 -39.36 48.07
CA GLU J 103 -22.69 -40.39 48.12
C GLU J 103 -21.94 -40.49 46.80
N LYS J 104 -22.65 -40.21 45.71
CA LYS J 104 -22.08 -40.31 44.37
C LYS J 104 -21.30 -39.05 43.97
N ASP J 105 -21.21 -38.09 44.89
CA ASP J 105 -20.48 -36.86 44.63
C ASP J 105 -18.99 -37.12 44.42
N LYS J 106 -18.48 -36.72 43.27
CA LYS J 106 -17.08 -36.92 42.92
C LYS J 106 -16.14 -36.25 43.91
N LYS J 107 -16.54 -35.09 44.42
CA LYS J 107 -15.73 -34.35 45.37
C LYS J 107 -15.74 -35.02 46.74
N GLY J 108 -16.81 -35.74 47.03
CA GLY J 108 -16.95 -36.44 48.29
C GLY J 108 -17.22 -35.51 49.45
N GLY J 109 -17.44 -36.09 50.63
CA GLY J 109 -17.68 -35.31 51.84
C GLY J 109 -19.14 -34.95 52.02
N PHE J 110 -19.98 -35.40 51.08
CA PHE J 110 -21.41 -35.14 51.13
C PHE J 110 -22.19 -36.42 51.38
N GLY J 111 -21.63 -37.31 52.18
CA GLY J 111 -22.26 -38.58 52.47
C GLY J 111 -23.17 -38.51 53.68
N VAL J 112 -23.43 -39.68 54.28
CA VAL J 112 -24.29 -39.76 55.45
C VAL J 112 -23.70 -39.00 56.63
N GLY J 113 -24.52 -38.19 57.29
CA GLY J 113 -24.09 -37.42 58.44
C GLY J 113 -25.00 -36.24 58.72
N THR J 114 -24.51 -35.27 59.48
CA THR J 114 -25.27 -34.08 59.80
C THR J 114 -25.01 -33.00 58.76
N TYR J 115 -26.08 -32.40 58.25
CA TYR J 115 -25.96 -31.39 57.21
C TYR J 115 -26.81 -30.16 57.52
N ALA J 116 -26.34 -29.00 57.07
CA ALA J 116 -27.06 -27.75 57.24
C ALA J 116 -27.44 -27.16 55.89
N LEU J 117 -28.69 -26.72 55.77
CA LEU J 117 -29.18 -26.17 54.51
C LEU J 117 -29.49 -24.68 54.62
N THR J 118 -28.92 -23.89 53.73
CA THR J 118 -29.19 -22.45 53.69
C THR J 118 -29.73 -22.06 52.32
N PHE J 119 -30.95 -21.53 52.32
CA PHE J 119 -31.60 -21.13 51.07
C PHE J 119 -31.64 -19.60 50.93
N LEU J 120 -31.32 -19.11 49.74
CA LEU J 120 -31.37 -17.68 49.47
C LEU J 120 -32.52 -17.38 48.52
N ILE J 121 -33.54 -16.71 49.02
CA ILE J 121 -34.75 -16.45 48.25
C ILE J 121 -34.88 -14.97 47.91
N SER J 122 -35.24 -14.69 46.66
CA SER J 122 -35.38 -13.33 46.20
C SER J 122 -36.82 -13.02 45.80
N ASN J 123 -37.11 -11.73 45.61
CA ASN J 123 -38.44 -11.30 45.22
C ASN J 123 -38.80 -11.79 43.83
N PRO J 124 -40.11 -12.00 43.57
CA PRO J 124 -40.50 -12.47 42.24
C PRO J 124 -40.44 -11.37 41.20
N GLU J 125 -40.20 -10.14 41.64
CA GLU J 125 -40.06 -9.00 40.73
C GLU J 125 -38.82 -9.16 39.87
N LYS J 126 -37.85 -9.92 40.39
CA LYS J 126 -36.61 -10.20 39.66
C LYS J 126 -36.88 -11.08 38.44
N GLN J 127 -37.96 -11.85 38.50
CA GLN J 127 -38.32 -12.75 37.41
C GLN J 127 -39.41 -12.16 36.54
N GLY J 128 -39.69 -10.87 36.72
CA GLY J 128 -40.65 -10.17 35.89
C GLY J 128 -42.09 -10.27 36.36
N PHE J 129 -42.30 -10.78 37.57
CA PHE J 129 -43.63 -10.88 38.14
C PHE J 129 -44.11 -9.51 38.65
N GLY J 130 -45.33 -9.14 38.28
CA GLY J 130 -45.86 -7.84 38.63
C GLY J 130 -46.71 -7.83 39.88
N ARG J 131 -47.11 -6.65 40.31
CA ARG J 131 -47.97 -6.51 41.49
C ARG J 131 -48.82 -5.23 41.39
N HIS J 132 -50.12 -5.38 41.58
CA HIS J 132 -51.03 -4.24 41.55
C HIS J 132 -50.78 -3.29 42.71
N VAL J 133 -50.91 -2.00 42.45
CA VAL J 133 -50.68 -0.97 43.46
C VAL J 133 -51.86 -0.01 43.57
N ASP J 134 -53.00 -0.43 43.02
CA ASP J 134 -54.21 0.39 43.07
C ASP J 134 -54.81 0.42 44.48
N GLU J 135 -55.72 1.36 44.71
CA GLU J 135 -56.37 1.48 46.01
C GLU J 135 -57.33 0.33 46.27
N GLU J 136 -57.96 -0.16 45.20
CA GLU J 136 -59.00 -1.19 45.32
C GLU J 136 -58.44 -2.61 45.41
N THR J 137 -57.53 -2.95 44.50
CA THR J 137 -57.04 -4.32 44.40
C THR J 137 -55.53 -4.44 44.56
N GLY J 138 -54.90 -3.39 45.06
CA GLY J 138 -53.46 -3.38 45.23
C GLY J 138 -53.00 -4.19 46.43
N VAL J 139 -51.70 -4.45 46.49
CA VAL J 139 -51.11 -5.22 47.58
C VAL J 139 -49.83 -4.56 48.08
N GLY J 140 -49.31 -5.06 49.20
CA GLY J 140 -48.10 -4.50 49.79
C GLY J 140 -46.85 -4.83 48.99
N LYS J 141 -45.75 -4.19 49.37
CA LYS J 141 -44.46 -4.41 48.70
C LYS J 141 -43.96 -5.84 48.87
N TRP J 142 -43.12 -6.28 47.93
CA TRP J 142 -42.54 -7.62 47.99
C TRP J 142 -41.45 -7.69 49.06
N PHE J 143 -41.31 -8.86 49.67
CA PHE J 143 -40.32 -9.05 50.73
C PHE J 143 -38.89 -8.88 50.21
N GLU J 144 -38.06 -8.24 51.02
CA GLU J 144 -36.64 -8.09 50.71
C GLU J 144 -35.96 -9.45 50.72
N PRO J 145 -34.82 -9.59 50.02
CA PRO J 145 -34.13 -10.88 49.98
C PRO J 145 -33.59 -11.29 51.35
N PHE J 146 -33.86 -12.53 51.73
CA PHE J 146 -33.48 -13.04 53.04
C PHE J 146 -33.04 -14.49 52.97
N VAL J 147 -32.35 -14.96 54.00
CA VAL J 147 -31.88 -16.33 54.03
C VAL J 147 -32.51 -17.11 55.18
N VAL J 148 -32.67 -18.41 54.98
CA VAL J 148 -33.22 -19.29 56.01
C VAL J 148 -32.29 -20.48 56.24
N THR J 149 -32.19 -20.90 57.50
CA THR J 149 -31.29 -21.99 57.86
C THR J 149 -32.04 -23.14 58.52
N TYR J 150 -31.69 -24.36 58.09
CA TYR J 150 -32.27 -25.57 58.67
C TYR J 150 -31.18 -26.60 58.93
N PHE J 151 -31.39 -27.44 59.94
CA PHE J 151 -30.42 -28.48 60.27
C PHE J 151 -31.07 -29.86 60.24
N PHE J 152 -30.43 -30.78 59.54
CA PHE J 152 -30.96 -32.13 59.40
C PHE J 152 -29.85 -33.15 59.16
N LYS J 153 -30.13 -34.40 59.46
CA LYS J 153 -29.14 -35.47 59.28
C LYS J 153 -29.43 -36.27 58.01
N TYR J 154 -28.46 -36.31 57.11
CA TYR J 154 -28.58 -37.09 55.88
C TYR J 154 -28.33 -38.56 56.16
N THR J 155 -29.35 -39.39 55.92
CA THR J 155 -29.25 -40.82 56.21
C THR J 155 -28.81 -41.62 54.99
N GLY J 156 -28.49 -40.91 53.90
CA GLY J 156 -28.04 -41.58 52.69
C GLY J 156 -29.09 -41.51 51.60
N THR J 157 -28.74 -42.01 50.42
CA THR J 157 -29.65 -42.02 49.29
C THR J 157 -30.83 -42.97 49.53
N PRO J 158 -32.07 -42.44 49.40
CA PRO J 158 -33.29 -43.21 49.61
C PRO J 158 -33.82 -43.80 48.31
N SER K 2 24.45 21.01 60.39
CA SER K 2 25.77 20.58 60.84
C SER K 2 26.01 19.11 60.48
N GLN K 3 24.95 18.41 60.12
CA GLN K 3 25.04 17.01 59.74
C GLN K 3 24.75 16.82 58.25
N ALA K 4 24.82 15.57 57.80
CA ALA K 4 24.58 15.26 56.40
C ALA K 4 23.86 13.93 56.24
N ILE K 5 23.02 13.84 55.21
CA ILE K 5 22.28 12.61 54.95
C ILE K 5 22.71 11.99 53.62
N GLY K 6 23.04 10.69 53.67
CA GLY K 6 23.45 9.96 52.49
C GLY K 6 22.48 8.86 52.11
N ILE K 7 22.20 8.76 50.82
CA ILE K 7 21.28 7.74 50.32
C ILE K 7 21.92 6.91 49.21
N LEU K 8 21.82 5.59 49.33
CA LEU K 8 22.37 4.69 48.31
C LEU K 8 21.38 3.58 47.98
N GLU K 9 21.09 3.43 46.70
CA GLU K 9 20.14 2.42 46.24
C GLU K 9 20.82 1.40 45.33
N LEU K 10 20.61 0.12 45.60
CA LEU K 10 21.21 -0.95 44.82
C LEU K 10 20.14 -1.86 44.22
N THR K 11 20.48 -2.51 43.11
CA THR K 11 19.53 -3.39 42.42
C THR K 11 19.60 -4.81 42.96
N SER K 12 20.59 -5.08 43.80
CA SER K 12 20.77 -6.40 44.38
C SER K 12 20.68 -6.34 45.90
N ILE K 13 19.94 -7.27 46.49
CA ILE K 13 19.76 -7.31 47.93
C ILE K 13 21.06 -7.65 48.64
N ALA K 14 21.79 -8.64 48.09
CA ALA K 14 23.06 -9.07 48.67
C ALA K 14 24.11 -7.96 48.59
N LYS K 15 24.19 -7.31 47.45
CA LYS K 15 25.14 -6.21 47.25
C LYS K 15 24.81 -5.06 48.20
N GLY K 16 23.51 -4.88 48.46
CA GLY K 16 23.06 -3.87 49.39
C GLY K 16 23.57 -4.13 50.80
N MET K 17 23.50 -5.38 51.22
CA MET K 17 24.04 -5.78 52.52
C MET K 17 25.55 -5.70 52.52
N GLU K 18 26.16 -6.08 51.40
CA GLU K 18 27.61 -6.02 51.23
C GLU K 18 28.12 -4.59 51.31
N LEU K 19 27.43 -3.68 50.64
CA LEU K 19 27.81 -2.28 50.63
C LEU K 19 27.56 -1.62 51.98
N GLY K 20 26.55 -2.12 52.69
CA GLY K 20 26.21 -1.62 54.01
C GLY K 20 27.33 -1.80 55.01
N ASP K 21 27.88 -3.02 55.07
CA ASP K 21 29.00 -3.32 55.95
C ASP K 21 30.24 -2.52 55.54
N ALA K 22 30.46 -2.41 54.23
CA ALA K 22 31.61 -1.70 53.69
C ALA K 22 31.55 -0.20 54.00
N MET K 23 30.38 0.39 53.83
CA MET K 23 30.20 1.83 54.05
C MET K 23 30.33 2.18 55.54
N LEU K 24 29.77 1.33 56.39
CA LEU K 24 29.81 1.55 57.83
C LEU K 24 31.23 1.48 58.38
N LYS K 25 32.05 0.61 57.79
CA LYS K 25 33.43 0.46 58.20
C LYS K 25 34.33 1.51 57.56
N SER K 26 33.82 2.17 56.52
CA SER K 26 34.60 3.14 55.78
C SER K 26 34.77 4.46 56.52
N ALA K 27 33.77 4.81 57.34
CA ALA K 27 33.79 6.06 58.09
C ALA K 27 32.86 5.99 59.29
N ASN K 28 32.98 6.97 60.19
CA ASN K 28 32.13 7.02 61.37
C ASN K 28 30.75 7.60 61.05
N VAL K 29 29.87 6.75 60.53
CA VAL K 29 28.51 7.17 60.19
C VAL K 29 27.49 6.19 60.75
N ASP K 30 26.30 6.69 61.04
CA ASP K 30 25.24 5.85 61.59
C ASP K 30 24.24 5.42 60.53
N LEU K 31 23.84 4.16 60.58
CA LEU K 31 22.88 3.61 59.63
C LEU K 31 21.46 4.05 60.00
N LEU K 32 20.82 4.78 59.08
CA LEU K 32 19.47 5.28 59.32
C LEU K 32 18.42 4.30 58.80
N VAL K 33 18.66 3.76 57.60
CA VAL K 33 17.73 2.83 56.99
C VAL K 33 18.45 1.73 56.22
N SER K 34 17.94 0.51 56.34
CA SER K 34 18.51 -0.63 55.63
C SER K 34 17.44 -1.70 55.41
N LYS K 35 16.76 -1.63 54.27
CA LYS K 35 15.69 -2.58 53.95
C LYS K 35 15.53 -2.78 52.45
N THR K 36 14.93 -3.90 52.07
CA THR K 36 14.69 -4.20 50.66
C THR K 36 13.44 -3.49 50.16
N ILE K 37 13.51 -2.97 48.93
CA ILE K 37 12.38 -2.28 48.32
C ILE K 37 11.92 -2.99 47.06
N SER K 38 10.64 -2.85 46.75
CA SER K 38 10.06 -3.44 45.54
C SER K 38 10.74 -2.89 44.28
N PRO K 39 10.94 -3.76 43.27
CA PRO K 39 10.54 -5.17 43.26
C PRO K 39 11.61 -6.08 43.85
N GLY K 40 12.85 -5.59 43.95
CA GLY K 40 13.94 -6.38 44.50
C GLY K 40 15.18 -5.54 44.72
N LYS K 41 14.98 -4.25 44.94
CA LYS K 41 16.09 -3.33 45.19
C LYS K 41 16.40 -3.21 46.68
N PHE K 42 17.50 -2.56 46.99
CA PHE K 42 17.90 -2.35 48.39
C PHE K 42 18.21 -0.89 48.64
N LEU K 43 17.69 -0.36 49.75
CA LEU K 43 17.89 1.05 50.09
C LEU K 43 18.69 1.19 51.38
N LEU K 44 19.74 2.00 51.33
CA LEU K 44 20.58 2.25 52.49
C LEU K 44 20.66 3.75 52.78
N MET K 45 20.50 4.12 54.04
CA MET K 45 20.58 5.52 54.44
C MET K 45 21.53 5.71 55.62
N LEU K 46 22.46 6.65 55.48
CA LEU K 46 23.44 6.91 56.52
C LEU K 46 23.44 8.38 56.94
N GLY K 47 23.78 8.62 58.20
CA GLY K 47 23.82 9.98 58.71
C GLY K 47 25.11 10.28 59.45
N GLY K 48 25.51 11.55 59.45
CA GLY K 48 26.73 11.97 60.10
C GLY K 48 27.28 13.26 59.54
N ASP K 49 28.53 13.57 59.88
CA ASP K 49 29.21 14.76 59.36
C ASP K 49 29.32 14.73 57.84
N ILE K 50 29.43 15.91 57.25
CA ILE K 50 29.49 16.06 55.79
C ILE K 50 30.69 15.33 55.20
N GLY K 51 31.83 15.43 55.88
CA GLY K 51 33.05 14.77 55.43
C GLY K 51 32.92 13.26 55.45
N ALA K 52 32.42 12.73 56.55
CA ALA K 52 32.24 11.28 56.70
C ALA K 52 31.20 10.74 55.72
N ILE K 53 30.12 11.49 55.54
CA ILE K 53 29.05 11.08 54.64
C ILE K 53 29.50 11.08 53.18
N GLN K 54 30.29 12.07 52.80
CA GLN K 54 30.81 12.17 51.44
C GLN K 54 31.72 10.99 51.08
N GLN K 55 32.58 10.60 52.02
CA GLN K 55 33.49 9.49 51.79
C GLN K 55 32.76 8.15 51.69
N ALA K 56 31.76 7.97 52.56
CA ALA K 56 30.99 6.74 52.58
C ALA K 56 30.19 6.54 51.29
N ILE K 57 29.55 7.61 50.83
CA ILE K 57 28.77 7.57 49.59
C ILE K 57 29.67 7.32 48.38
N GLU K 58 30.86 7.93 48.42
CA GLU K 58 31.84 7.75 47.36
C GLU K 58 32.33 6.30 47.31
N THR K 59 32.67 5.75 48.47
CA THR K 59 33.12 4.36 48.58
C THR K 59 32.04 3.39 48.09
N GLY K 60 30.81 3.63 48.51
CA GLY K 60 29.69 2.78 48.13
C GLY K 60 29.44 2.78 46.63
N THR K 61 29.46 3.96 46.03
CA THR K 61 29.21 4.10 44.60
C THR K 61 30.33 3.50 43.76
N SER K 62 31.57 3.62 44.23
CA SER K 62 32.73 3.12 43.50
C SER K 62 32.74 1.60 43.42
N GLN K 63 32.13 0.94 44.40
CA GLN K 63 32.14 -0.51 44.47
C GLN K 63 30.78 -1.10 44.09
N ALA K 64 29.82 -0.24 43.79
CA ALA K 64 28.47 -0.67 43.45
C ALA K 64 28.42 -1.34 42.08
N GLY K 65 29.24 -0.85 41.15
CA GLY K 65 29.27 -1.39 39.81
C GLY K 65 27.99 -1.12 39.05
N GLU K 66 27.51 -2.12 38.32
CA GLU K 66 26.30 -1.99 37.52
C GLU K 66 25.04 -2.23 38.34
N MET K 67 25.23 -2.54 39.62
CA MET K 67 24.11 -2.79 40.52
C MET K 67 23.60 -1.51 41.16
N LEU K 68 24.29 -0.40 40.92
CA LEU K 68 23.91 0.89 41.50
C LEU K 68 22.61 1.41 40.89
N VAL K 69 21.66 1.73 41.75
CA VAL K 69 20.38 2.27 41.29
C VAL K 69 20.38 3.79 41.32
N ASP K 70 20.66 4.36 42.50
CA ASP K 70 20.69 5.81 42.65
C ASP K 70 21.48 6.21 43.89
N SER K 71 21.95 7.46 43.92
CA SER K 71 22.71 7.97 45.05
C SER K 71 22.48 9.47 45.22
N LEU K 72 22.51 9.93 46.47
CA LEU K 72 22.30 11.33 46.77
C LEU K 72 22.88 11.71 48.14
N VAL K 73 23.42 12.93 48.22
CA VAL K 73 23.96 13.44 49.47
C VAL K 73 23.35 14.79 49.81
N LEU K 74 22.76 14.89 51.00
CA LEU K 74 22.13 16.13 51.46
C LEU K 74 22.96 16.79 52.55
N ALA K 75 23.58 17.92 52.21
CA ALA K 75 24.43 18.64 53.15
C ALA K 75 23.65 19.71 53.91
N ASN K 76 24.22 20.18 55.01
CA ASN K 76 23.62 21.22 55.84
C ASN K 76 22.20 20.89 56.30
N ILE K 77 22.04 19.71 56.88
CA ILE K 77 20.74 19.26 57.36
C ILE K 77 20.66 19.32 58.88
N HIS K 78 19.48 19.67 59.39
CA HIS K 78 19.24 19.72 60.82
C HIS K 78 19.53 18.37 61.47
N PRO K 79 20.13 18.39 62.67
CA PRO K 79 20.50 17.14 63.36
C PRO K 79 19.27 16.40 63.89
N SER K 80 18.16 17.10 64.04
CA SER K 80 16.93 16.49 64.52
C SER K 80 16.29 15.61 63.43
N VAL K 81 16.73 15.81 62.19
CA VAL K 81 16.21 15.05 61.07
C VAL K 81 16.78 13.63 61.06
N LEU K 82 17.99 13.47 61.59
CA LEU K 82 18.65 12.17 61.60
C LEU K 82 17.87 11.10 62.37
N PRO K 83 17.50 11.34 63.64
CA PRO K 83 16.76 10.27 64.31
C PRO K 83 15.29 10.23 63.89
N ALA K 84 14.82 11.31 63.26
CA ALA K 84 13.44 11.36 62.79
C ALA K 84 13.21 10.41 61.63
N ILE K 85 14.28 10.13 60.88
CA ILE K 85 14.20 9.20 59.76
C ILE K 85 14.43 7.78 60.24
N SER K 86 15.39 7.61 61.15
CA SER K 86 15.75 6.30 61.66
C SER K 86 14.73 5.80 62.69
N GLY K 87 14.02 6.74 63.31
CA GLY K 87 13.05 6.39 64.34
C GLY K 87 12.08 7.52 64.62
N LEU K 88 11.73 7.70 65.89
CA LEU K 88 10.80 8.75 66.29
C LEU K 88 11.35 9.57 67.46
N ASN K 89 11.19 10.89 67.36
CA ASN K 89 11.61 11.79 68.43
C ASN K 89 10.50 11.99 69.47
N SER K 90 10.91 12.14 70.72
CA SER K 90 9.96 12.30 71.83
C SER K 90 9.13 13.58 71.71
N VAL K 91 7.82 13.45 71.95
CA VAL K 91 6.91 14.59 71.90
C VAL K 91 5.92 14.56 73.05
N ASP K 92 6.28 15.19 74.17
CA ASP K 92 5.44 15.22 75.36
C ASP K 92 4.18 16.06 75.14
N LYS K 93 4.22 16.91 74.12
CA LYS K 93 3.09 17.79 73.84
C LYS K 93 2.29 17.32 72.65
N ARG K 94 0.97 17.33 72.80
CA ARG K 94 0.05 16.88 71.76
C ARG K 94 -0.78 18.03 71.18
N GLN K 95 -0.49 19.24 71.62
CA GLN K 95 -1.31 20.42 71.31
C GLN K 95 -1.57 20.63 69.82
N ALA K 96 -0.56 20.44 68.98
CA ALA K 96 -0.75 20.62 67.54
C ALA K 96 0.15 19.68 66.73
N VAL K 97 -0.40 19.18 65.63
CA VAL K 97 0.34 18.29 64.74
C VAL K 97 0.36 18.78 63.30
N GLY K 98 1.48 18.60 62.63
CA GLY K 98 1.63 19.01 61.24
C GLY K 98 2.03 17.87 60.33
N ILE K 99 1.42 17.81 59.15
CA ILE K 99 1.73 16.77 58.18
C ILE K 99 1.92 17.35 56.78
N VAL K 100 3.09 17.10 56.20
CA VAL K 100 3.40 17.56 54.85
C VAL K 100 3.92 16.42 53.99
N GLU K 101 3.16 16.05 52.97
CA GLU K 101 3.55 14.97 52.07
C GLU K 101 4.17 15.51 50.79
N THR K 102 5.34 14.97 50.44
CA THR K 102 6.04 15.44 49.24
C THR K 102 6.48 14.27 48.37
N TRP K 103 6.69 14.54 47.09
CA TRP K 103 7.20 13.55 46.16
C TRP K 103 8.70 13.35 46.38
N SER K 104 9.10 12.08 46.53
CA SER K 104 10.48 11.69 46.79
C SER K 104 10.96 12.13 48.18
N VAL K 105 11.81 11.31 48.79
CA VAL K 105 12.30 11.59 50.13
C VAL K 105 13.29 12.75 50.13
N ALA K 106 13.89 13.00 48.97
CA ALA K 106 14.83 14.10 48.81
C ALA K 106 14.14 15.44 49.04
N ALA K 107 12.98 15.62 48.43
CA ALA K 107 12.22 16.85 48.59
C ALA K 107 11.69 16.98 50.00
N CYS K 108 11.29 15.84 50.58
CA CYS K 108 10.77 15.83 51.94
C CYS K 108 11.85 16.18 52.95
N ILE K 109 13.06 15.66 52.71
CA ILE K 109 14.20 15.93 53.57
C ILE K 109 14.59 17.41 53.52
N SER K 110 14.68 17.94 52.31
CA SER K 110 15.04 19.35 52.11
C SER K 110 14.01 20.26 52.74
N ALA K 111 12.75 19.86 52.67
CA ALA K 111 11.65 20.63 53.25
C ALA K 111 11.74 20.60 54.76
N ALA K 112 12.06 19.43 55.31
CA ALA K 112 12.17 19.26 56.76
C ALA K 112 13.33 20.07 57.33
N ASP K 113 14.44 20.11 56.58
CA ASP K 113 15.63 20.85 57.01
C ASP K 113 15.33 22.33 57.15
N LEU K 114 14.66 22.90 56.16
CA LEU K 114 14.27 24.30 56.19
C LEU K 114 13.21 24.54 57.26
N ALA K 115 12.35 23.55 57.47
CA ALA K 115 11.28 23.64 58.45
C ALA K 115 11.82 23.74 59.87
N VAL K 116 12.74 22.85 60.22
CA VAL K 116 13.31 22.82 61.57
C VAL K 116 14.13 24.08 61.87
N LYS K 117 14.87 24.55 60.89
CA LYS K 117 15.72 25.72 61.05
C LYS K 117 14.91 27.02 61.04
N GLY K 118 13.70 26.95 60.50
CA GLY K 118 12.86 28.13 60.37
C GLY K 118 11.74 28.22 61.38
N SER K 119 11.81 27.39 62.42
CA SER K 119 10.79 27.41 63.47
C SER K 119 11.30 26.84 64.78
N ASN K 120 10.43 26.78 65.77
CA ASN K 120 10.76 26.21 67.07
C ASN K 120 10.00 24.92 67.32
N VAL K 121 9.41 24.38 66.26
CA VAL K 121 8.65 23.14 66.35
C VAL K 121 9.57 21.92 66.37
N THR K 122 9.07 20.82 66.93
CA THR K 122 9.84 19.59 67.00
C THR K 122 9.42 18.61 65.91
N LEU K 123 10.39 18.15 65.12
CA LEU K 123 10.14 17.19 64.06
C LEU K 123 9.95 15.79 64.64
N VAL K 124 8.75 15.25 64.49
CA VAL K 124 8.43 13.94 65.07
C VAL K 124 9.11 12.83 64.27
N ARG K 125 8.82 12.78 62.98
CA ARG K 125 9.39 11.75 62.12
C ARG K 125 9.18 12.05 60.64
N VAL K 126 10.04 11.48 59.80
CA VAL K 126 9.90 11.56 58.36
C VAL K 126 9.75 10.15 57.80
N HIS K 127 8.64 9.89 57.12
CA HIS K 127 8.33 8.54 56.66
C HIS K 127 8.36 8.40 55.15
N MET K 128 9.01 7.35 54.67
CA MET K 128 9.03 7.03 53.25
C MET K 128 8.11 5.85 52.96
N ALA K 129 7.02 6.13 52.25
CA ALA K 129 6.00 5.13 51.98
C ALA K 129 6.52 3.99 51.10
N PHE K 130 7.30 4.35 50.09
CA PHE K 130 7.80 3.36 49.14
C PHE K 130 9.06 3.84 48.44
N GLY K 131 10.20 3.65 49.07
CA GLY K 131 11.48 4.00 48.47
C GLY K 131 11.80 5.48 48.57
N ILE K 132 12.94 5.87 48.03
CA ILE K 132 13.39 7.25 48.06
C ILE K 132 12.75 8.08 46.95
N GLY K 133 12.16 7.38 46.00
CA GLY K 133 11.51 8.05 44.87
C GLY K 133 10.01 8.15 45.04
N GLY K 134 9.47 7.44 46.02
CA GLY K 134 8.03 7.43 46.26
C GLY K 134 7.58 8.55 47.16
N LYS K 135 6.30 8.54 47.51
CA LYS K 135 5.73 9.57 48.38
C LYS K 135 6.36 9.55 49.76
N CYS K 136 6.78 10.72 50.22
CA CYS K 136 7.36 10.86 51.55
C CYS K 136 6.60 11.93 52.33
N TYR K 137 6.66 11.86 53.65
CA TYR K 137 5.92 12.78 54.49
C TYR K 137 6.70 13.18 55.73
N MET K 138 6.52 14.42 56.17
CA MET K 138 7.17 14.91 57.38
C MET K 138 6.14 15.17 58.47
N VAL K 139 6.53 14.92 59.72
CA VAL K 139 5.64 15.13 60.86
C VAL K 139 6.25 16.11 61.85
N VAL K 140 5.54 17.21 62.13
CA VAL K 140 6.01 18.20 63.08
C VAL K 140 5.06 18.35 64.25
N ALA K 141 5.60 18.80 65.39
CA ALA K 141 4.79 18.98 66.59
C ALA K 141 5.28 20.16 67.42
N GLY K 142 4.34 20.84 68.06
CA GLY K 142 4.65 22.01 68.87
C GLY K 142 3.45 22.92 69.04
N ASP K 143 3.71 24.17 69.36
CA ASP K 143 2.65 25.18 69.48
C ASP K 143 1.95 25.38 68.14
N VAL K 144 0.70 25.83 68.21
CA VAL K 144 -0.10 26.07 67.01
C VAL K 144 0.57 27.03 66.04
N LEU K 145 1.17 28.09 66.59
CA LEU K 145 1.88 29.08 65.78
C LEU K 145 3.16 28.50 65.19
N ASP K 146 3.86 27.68 65.99
CA ASP K 146 5.11 27.08 65.56
C ASP K 146 4.91 26.06 64.45
N VAL K 147 3.89 25.22 64.60
CA VAL K 147 3.58 24.18 63.62
C VAL K 147 3.19 24.78 62.28
N ALA K 148 2.41 25.86 62.34
CA ALA K 148 1.93 26.53 61.14
C ALA K 148 3.10 27.10 60.32
N ALA K 149 4.03 27.75 61.01
CA ALA K 149 5.20 28.32 60.36
C ALA K 149 6.05 27.25 59.70
N ALA K 150 6.23 26.14 60.41
CA ALA K 150 6.98 25.00 59.89
C ALA K 150 6.30 24.41 58.66
N VAL K 151 4.99 24.25 58.74
CA VAL K 151 4.20 23.71 57.63
C VAL K 151 4.25 24.65 56.43
N ALA K 152 4.15 25.94 56.70
CA ALA K 152 4.24 26.95 55.65
C ALA K 152 5.62 26.95 55.01
N THR K 153 6.64 26.89 55.84
CA THR K 153 8.02 26.87 55.38
C THR K 153 8.31 25.63 54.53
N ALA K 154 7.82 24.48 54.99
CA ALA K 154 8.02 23.22 54.27
C ALA K 154 7.28 23.21 52.93
N SER K 155 6.08 23.76 52.91
CA SER K 155 5.25 23.80 51.71
C SER K 155 5.90 24.63 50.62
N LEU K 156 6.56 25.72 51.02
CA LEU K 156 7.25 26.59 50.09
C LEU K 156 8.44 25.88 49.45
N ALA K 157 9.14 25.10 50.26
CA ALA K 157 10.32 24.36 49.80
C ALA K 157 9.97 23.33 48.74
N ALA K 158 9.02 22.46 49.05
CA ALA K 158 8.60 21.42 48.13
C ALA K 158 7.79 21.98 46.96
N GLY K 159 7.06 23.06 47.22
CA GLY K 159 6.24 23.69 46.19
C GLY K 159 7.07 24.36 45.11
N ALA K 160 8.26 24.79 45.47
CA ALA K 160 9.16 25.45 44.52
C ALA K 160 9.66 24.46 43.47
N LYS K 161 9.69 23.19 43.83
CA LYS K 161 10.14 22.14 42.92
C LYS K 161 8.93 21.40 42.33
N GLY K 162 7.75 21.79 42.80
CA GLY K 162 6.52 21.17 42.33
C GLY K 162 6.39 19.74 42.81
N LEU K 163 7.02 19.43 43.95
CA LEU K 163 6.99 18.09 44.49
C LEU K 163 6.12 18.00 45.73
N LEU K 164 5.39 19.07 46.01
CA LEU K 164 4.50 19.11 47.17
C LEU K 164 3.17 18.45 46.85
N VAL K 165 2.77 17.50 47.69
CA VAL K 165 1.50 16.80 47.48
C VAL K 165 0.35 17.53 48.17
N TYR K 166 0.46 17.70 49.49
CA TYR K 166 -0.57 18.37 50.26
C TYR K 166 -0.04 18.79 51.63
N ALA K 167 -0.60 19.87 52.16
CA ALA K 167 -0.22 20.35 53.48
C ALA K 167 -1.48 20.54 54.33
N SER K 168 -1.36 20.25 55.62
CA SER K 168 -2.50 20.39 56.52
C SER K 168 -2.05 20.68 57.95
N ILE K 169 -2.67 21.68 58.58
CA ILE K 169 -2.42 21.98 59.98
C ILE K 169 -3.60 21.53 60.82
N ILE K 170 -3.36 20.60 61.74
CA ILE K 170 -4.43 20.01 62.52
C ILE K 170 -4.24 20.31 64.01
N PRO K 171 -4.86 21.40 64.49
CA PRO K 171 -4.81 21.76 65.91
C PRO K 171 -5.81 20.93 66.72
N ARG K 172 -5.38 20.49 67.90
CA ARG K 172 -6.18 19.63 68.77
C ARG K 172 -6.67 18.40 68.03
N PRO K 173 -5.75 17.48 67.69
CA PRO K 173 -6.09 16.25 66.97
C PRO K 173 -6.80 15.24 67.88
N HIS K 174 -7.74 14.49 67.30
CA HIS K 174 -8.46 13.47 68.06
C HIS K 174 -7.49 12.44 68.65
N GLU K 175 -7.87 11.86 69.78
CA GLU K 175 -7.01 10.92 70.50
C GLU K 175 -6.59 9.74 69.66
N ALA K 176 -7.50 9.24 68.83
CA ALA K 176 -7.21 8.11 67.96
C ALA K 176 -6.28 8.52 66.81
N MET K 177 -6.49 9.71 66.29
CA MET K 177 -5.68 10.20 65.17
C MET K 177 -4.31 10.68 65.62
N TRP K 178 -4.25 11.30 66.80
CA TRP K 178 -3.00 11.81 67.33
C TRP K 178 -2.01 10.69 67.61
N ARG K 179 -2.51 9.61 68.20
CA ARG K 179 -1.70 8.44 68.51
C ARG K 179 -1.18 7.79 67.24
N GLN K 180 -2.06 7.68 66.24
CA GLN K 180 -1.70 7.09 64.96
C GLN K 180 -0.66 7.92 64.22
N MET K 181 -0.80 9.24 64.30
CA MET K 181 0.14 10.16 63.64
C MET K 181 1.53 10.09 64.27
N VAL K 182 1.57 10.03 65.59
CA VAL K 182 2.84 9.98 66.32
C VAL K 182 3.53 8.63 66.21
N GLU K 183 2.74 7.56 66.21
CA GLU K 183 3.28 6.21 66.21
C GLU K 183 3.43 5.62 64.80
N GLY K 184 2.80 6.28 63.83
CA GLY K 184 2.77 5.89 62.43
C GLY K 184 3.41 4.57 61.99
N GLY L 2 -2.57 53.99 56.29
CA GLY L 2 -3.31 52.98 57.03
C GLY L 2 -2.84 51.57 56.72
N GLU L 3 -1.57 51.29 57.04
CA GLU L 3 -1.00 49.98 56.79
C GLU L 3 -0.76 49.23 58.10
N VAL L 4 -1.15 47.96 58.13
CA VAL L 4 -0.97 47.13 59.31
C VAL L 4 0.31 46.29 59.20
N PRO L 5 1.19 46.40 60.21
CA PRO L 5 2.47 45.70 60.21
C PRO L 5 2.32 44.23 60.59
N ILE L 6 3.09 43.36 59.93
CA ILE L 6 3.01 41.93 60.17
C ILE L 6 4.27 41.40 60.84
N GLY L 7 4.16 41.14 62.14
CA GLY L 7 5.26 40.59 62.92
C GLY L 7 6.46 41.51 63.03
N ASP L 8 7.63 40.90 63.19
CA ASP L 8 8.87 41.65 63.34
C ASP L 8 9.72 41.55 62.07
N PRO L 9 10.42 42.64 61.71
CA PRO L 9 11.27 42.63 60.52
C PRO L 9 12.58 41.88 60.76
N LYS L 10 13.12 41.28 59.70
CA LYS L 10 14.36 40.52 59.79
C LYS L 10 15.47 41.14 58.95
N GLU L 11 16.70 41.08 59.45
CA GLU L 11 17.85 41.63 58.73
C GLU L 11 18.87 40.55 58.41
N LEU L 12 19.01 40.23 57.13
CA LEU L 12 19.94 39.20 56.68
C LEU L 12 20.28 39.38 55.21
N ASN L 13 21.45 38.85 54.82
CA ASN L 13 21.94 38.93 53.44
C ASN L 13 22.03 40.35 52.91
N GLY L 14 22.25 41.30 53.82
CA GLY L 14 22.41 42.70 53.44
C GLY L 14 21.11 43.38 53.06
N MET L 15 20.00 42.72 53.32
CA MET L 15 18.68 43.27 52.97
C MET L 15 17.70 43.21 54.14
N GLU L 16 16.84 44.22 54.23
CA GLU L 16 15.80 44.26 55.24
C GLU L 16 14.48 43.77 54.67
N ILE L 17 13.85 42.82 55.37
CA ILE L 17 12.61 42.23 54.89
C ILE L 17 11.46 42.43 55.87
N ALA L 18 10.53 43.30 55.53
CA ALA L 18 9.38 43.58 56.38
C ALA L 18 8.06 43.28 55.65
N ALA L 19 7.02 42.99 56.43
CA ALA L 19 5.72 42.65 55.85
C ALA L 19 4.63 43.58 56.40
N VAL L 20 3.72 44.00 55.52
CA VAL L 20 2.63 44.88 55.93
C VAL L 20 1.33 44.54 55.20
N TYR L 21 0.20 44.86 55.84
CA TYR L 21 -1.10 44.60 55.24
C TYR L 21 -1.97 45.85 55.28
N LEU L 22 -2.79 46.03 54.26
CA LEU L 22 -3.68 47.19 54.18
C LEU L 22 -4.93 46.89 53.36
N GLN L 23 -5.67 47.95 53.03
CA GLN L 23 -6.88 47.83 52.23
C GLN L 23 -6.53 47.31 50.84
N PRO L 24 -7.46 46.60 50.20
CA PRO L 24 -7.21 46.06 48.85
C PRO L 24 -6.94 47.17 47.83
N ILE L 25 -6.04 46.90 46.90
CA ILE L 25 -5.65 47.89 45.90
C ILE L 25 -5.93 47.40 44.48
N GLU L 26 -6.10 48.34 43.56
CA GLU L 26 -6.32 48.02 42.16
C GLU L 26 -5.03 48.18 41.37
N MET L 27 -4.51 47.07 40.85
CA MET L 27 -3.23 47.08 40.16
C MET L 27 -3.39 46.92 38.64
N GLU L 28 -2.58 47.66 37.89
CA GLU L 28 -2.57 47.56 36.44
C GLU L 28 -1.29 46.86 35.98
N PRO L 29 -1.41 45.98 34.96
CA PRO L 29 -2.63 45.64 34.24
C PRO L 29 -3.49 44.62 34.97
N ARG L 30 -4.78 44.62 34.68
CA ARG L 30 -5.72 43.71 35.33
C ARG L 30 -5.55 42.28 34.81
N GLY L 31 -6.13 41.33 35.52
CA GLY L 31 -6.04 39.92 35.16
C GLY L 31 -4.81 39.27 35.75
N ILE L 32 -4.13 39.98 36.63
CA ILE L 32 -2.96 39.45 37.31
C ILE L 32 -3.20 39.34 38.81
N ASP L 33 -3.21 40.49 39.49
CA ASP L 33 -3.51 40.52 40.92
C ASP L 33 -4.99 40.31 41.17
N LEU L 34 -5.32 39.70 42.30
CA LEU L 34 -6.70 39.47 42.70
C LEU L 34 -7.52 40.77 42.72
N ALA L 35 -8.75 40.69 42.24
CA ALA L 35 -9.64 41.85 42.20
C ALA L 35 -9.84 42.43 43.60
N ALA L 36 -9.87 43.76 43.68
CA ALA L 36 -10.05 44.45 44.96
C ALA L 36 -11.36 44.08 45.63
N SER L 37 -12.42 43.94 44.82
CA SER L 37 -13.73 43.60 45.36
C SER L 37 -13.79 42.14 45.79
N LEU L 38 -12.89 41.32 45.25
CA LEU L 38 -12.86 39.90 45.55
C LEU L 38 -11.92 39.60 46.72
N ALA L 39 -11.12 40.59 47.09
CA ALA L 39 -10.15 40.43 48.16
C ALA L 39 -10.61 41.13 49.44
N ASP L 40 -9.92 40.84 50.54
CA ASP L 40 -10.23 41.47 51.82
C ASP L 40 -9.08 42.35 52.27
N ILE L 41 -7.86 41.97 51.90
CA ILE L 41 -6.67 42.74 52.24
C ILE L 41 -5.61 42.64 51.16
N HIS L 42 -4.75 43.66 51.09
CA HIS L 42 -3.63 43.65 50.15
C HIS L 42 -2.31 43.57 50.90
N LEU L 43 -1.61 42.45 50.75
CA LEU L 43 -0.34 42.24 51.44
C LEU L 43 0.83 42.76 50.62
N GLU L 44 1.64 43.61 51.23
CA GLU L 44 2.81 44.18 50.55
C GLU L 44 4.08 43.90 51.35
N ALA L 45 5.13 43.50 50.65
CA ALA L 45 6.42 43.23 51.28
C ALA L 45 7.41 44.36 51.03
N ASP L 46 7.87 44.98 52.11
CA ASP L 46 8.82 46.09 52.00
C ASP L 46 10.25 45.57 52.11
N ILE L 47 10.96 45.62 50.99
CA ILE L 47 12.33 45.11 50.94
C ILE L 47 13.32 46.19 50.52
N HIS L 48 14.20 46.55 51.45
CA HIS L 48 15.21 47.56 51.18
C HIS L 48 16.60 47.03 51.58
N ALA L 49 17.62 47.47 50.85
CA ALA L 49 18.98 47.01 51.10
C ALA L 49 19.55 47.64 52.36
N LEU L 50 20.19 46.81 53.18
CA LEU L 50 20.82 47.29 54.41
C LEU L 50 22.18 47.92 54.13
N LYS L 51 22.80 48.45 55.17
CA LYS L 51 24.12 49.07 55.05
C LYS L 51 25.18 48.07 54.64
N ASN L 52 26.07 48.49 53.74
CA ASN L 52 27.17 47.66 53.27
C ASN L 52 26.71 46.34 52.66
N ASN L 53 25.70 46.41 51.80
CA ASN L 53 25.20 45.23 51.09
C ASN L 53 26.29 44.59 50.24
N PRO L 54 26.35 43.25 50.26
CA PRO L 54 27.40 42.52 49.54
C PRO L 54 27.07 42.36 48.05
N ASN L 55 25.91 42.84 47.64
CA ASN L 55 25.52 42.78 46.24
C ASN L 55 25.71 44.13 45.56
N GLY L 56 26.37 45.05 46.25
CA GLY L 56 26.64 46.37 45.70
C GLY L 56 25.44 47.30 45.76
N PHE L 57 24.37 46.81 46.37
CA PHE L 57 23.13 47.58 46.45
C PHE L 57 23.26 48.71 47.47
N PRO L 58 22.80 49.92 47.10
CA PRO L 58 22.86 51.09 48.00
C PRO L 58 21.84 51.01 49.12
N GLU L 59 22.22 51.48 50.31
CA GLU L 59 21.34 51.48 51.47
C GLU L 59 20.04 52.25 51.21
N GLY L 60 18.91 51.59 51.48
CA GLY L 60 17.61 52.20 51.30
C GLY L 60 16.96 51.89 49.97
N PHE L 61 17.76 51.52 48.99
CA PHE L 61 17.24 51.17 47.66
C PHE L 61 16.43 49.89 47.72
N TRP L 62 15.31 49.86 46.99
CA TRP L 62 14.46 48.69 46.95
C TRP L 62 15.11 47.54 46.18
N MET L 63 14.86 46.31 46.63
CA MET L 63 15.40 45.13 45.97
C MET L 63 14.47 44.63 44.87
N PRO L 64 14.89 44.76 43.61
CA PRO L 64 14.09 44.39 42.44
C PRO L 64 14.42 43.01 41.87
N TYR L 65 13.61 42.56 40.92
CA TYR L 65 13.83 41.31 40.19
C TYR L 65 13.87 40.08 41.10
N LEU L 66 13.38 40.23 42.33
CA LEU L 66 13.37 39.13 43.28
C LEU L 66 12.15 38.23 43.07
N THR L 67 12.35 36.93 43.25
CA THR L 67 11.26 35.97 43.17
C THR L 67 10.76 35.63 44.57
N ILE L 68 9.53 36.03 44.88
CA ILE L 68 9.01 35.88 46.23
C ILE L 68 7.65 35.20 46.26
N ALA L 69 7.59 34.02 46.87
CA ALA L 69 6.33 33.32 47.07
C ALA L 69 5.86 33.47 48.51
N TYR L 70 4.55 33.39 48.71
CA TYR L 70 3.98 33.62 50.03
C TYR L 70 3.12 32.45 50.50
N ALA L 71 3.15 32.20 51.79
CA ALA L 71 2.34 31.14 52.39
C ALA L 71 1.69 31.66 53.67
N LEU L 72 0.35 31.64 53.71
CA LEU L 72 -0.38 32.13 54.87
C LEU L 72 -1.23 31.03 55.49
N ALA L 73 -1.01 30.79 56.78
CA ALA L 73 -1.76 29.75 57.49
C ALA L 73 -2.31 30.29 58.81
N ASN L 74 -3.63 30.14 58.99
CA ASN L 74 -4.27 30.54 60.24
C ASN L 74 -4.18 29.43 61.28
N ALA L 75 -3.46 29.71 62.37
CA ALA L 75 -3.21 28.70 63.40
C ALA L 75 -4.46 28.32 64.16
N ASP L 76 -5.48 29.17 64.08
CA ASP L 76 -6.75 28.92 64.76
C ASP L 76 -7.58 27.88 64.03
N THR L 77 -7.68 28.02 62.71
CA THR L 77 -8.49 27.13 61.90
C THR L 77 -7.67 26.03 61.24
N GLY L 78 -6.38 26.28 61.07
CA GLY L 78 -5.49 25.32 60.44
C GLY L 78 -5.47 25.46 58.92
N ALA L 79 -6.29 26.36 58.40
CA ALA L 79 -6.34 26.62 56.97
C ALA L 79 -5.02 27.24 56.49
N ILE L 80 -4.55 26.77 55.35
CA ILE L 80 -3.28 27.27 54.78
C ILE L 80 -3.40 27.50 53.29
N LYS L 81 -2.92 28.65 52.84
CA LYS L 81 -2.95 28.98 51.42
C LYS L 81 -1.57 29.39 50.91
N THR L 82 -1.34 29.23 49.63
CA THR L 82 -0.05 29.58 49.02
C THR L 82 -0.24 30.46 47.80
N GLY L 83 0.72 31.33 47.55
CA GLY L 83 0.67 32.23 46.41
C GLY L 83 1.99 32.90 46.13
N THR L 84 2.02 33.75 45.12
CA THR L 84 3.24 34.46 44.75
C THR L 84 3.05 35.96 44.87
N LEU L 85 4.12 36.68 45.17
CA LEU L 85 4.08 38.13 45.28
C LEU L 85 4.54 38.78 43.98
N MET L 86 3.78 39.77 43.53
CA MET L 86 4.09 40.47 42.29
C MET L 86 4.67 41.85 42.56
N PRO L 87 5.64 42.29 41.74
CA PRO L 87 6.26 43.60 41.93
C PRO L 87 5.37 44.73 41.40
N MET L 88 5.14 45.75 42.23
CA MET L 88 4.27 46.84 41.86
C MET L 88 4.67 48.13 42.58
N VAL L 89 4.17 49.25 42.10
CA VAL L 89 4.50 50.55 42.69
C VAL L 89 3.27 51.24 43.25
N ALA L 90 3.43 51.84 44.42
CA ALA L 90 2.35 52.59 45.05
C ALA L 90 2.81 53.99 45.44
N ASP L 91 1.95 54.72 46.15
CA ASP L 91 2.28 56.05 46.61
C ASP L 91 3.40 56.04 47.65
N ASP L 92 3.58 54.90 48.32
CA ASP L 92 4.60 54.76 49.34
C ASP L 92 5.86 54.10 48.78
N GLY L 93 5.98 54.09 47.46
CA GLY L 93 7.15 53.52 46.80
C GLY L 93 6.92 52.15 46.21
N PRO L 94 7.99 51.52 45.69
CA PRO L 94 7.92 50.21 45.04
C PRO L 94 8.07 49.06 46.03
N HIS L 95 7.27 48.00 45.83
CA HIS L 95 7.34 46.83 46.70
C HIS L 95 6.68 45.62 46.03
N TYR L 96 6.78 44.47 46.68
CA TYR L 96 6.13 43.26 46.19
C TYR L 96 4.79 43.08 46.90
N GLY L 97 3.71 43.15 46.13
CA GLY L 97 2.38 43.09 46.71
C GLY L 97 1.36 42.35 45.86
N ALA L 98 0.30 41.89 46.52
CA ALA L 98 -0.77 41.15 45.86
C ALA L 98 -2.00 41.10 46.75
N ASN L 99 -3.17 41.30 46.14
CA ASN L 99 -4.43 41.24 46.89
C ASN L 99 -4.76 39.80 47.31
N ILE L 100 -5.17 39.65 48.56
CA ILE L 100 -5.46 38.33 49.10
C ILE L 100 -6.80 38.33 49.83
N ALA L 101 -7.62 37.32 49.53
CA ALA L 101 -8.93 37.18 50.16
C ALA L 101 -8.80 36.58 51.56
N MET L 102 -9.43 37.22 52.54
CA MET L 102 -9.42 36.73 53.90
C MET L 102 -10.82 36.26 54.30
N GLU L 103 -11.65 37.19 54.73
CA GLU L 103 -13.04 36.87 55.06
C GLU L 103 -13.80 36.44 53.81
N LYS L 104 -13.42 37.00 52.66
CA LYS L 104 -14.09 36.73 51.40
C LYS L 104 -13.60 35.44 50.75
N ASP L 105 -12.69 34.73 51.41
CA ASP L 105 -12.16 33.48 50.89
C ASP L 105 -13.24 32.42 50.78
N LYS L 106 -13.44 31.91 49.58
CA LYS L 106 -14.45 30.88 49.31
C LYS L 106 -14.24 29.62 50.14
N LYS L 107 -12.98 29.27 50.36
CA LYS L 107 -12.65 28.07 51.12
C LYS L 107 -12.90 28.28 52.61
N GLY L 108 -12.85 29.55 53.04
CA GLY L 108 -13.08 29.90 54.43
C GLY L 108 -11.93 29.50 55.34
N GLY L 109 -12.03 29.87 56.61
CA GLY L 109 -11.01 29.52 57.59
C GLY L 109 -9.89 30.54 57.62
N PHE L 110 -10.00 31.58 56.80
CA PHE L 110 -8.99 32.62 56.74
C PHE L 110 -9.52 33.94 57.28
N GLY L 111 -10.36 33.86 58.31
CA GLY L 111 -10.95 35.04 58.90
C GLY L 111 -10.10 35.62 60.01
N VAL L 112 -10.74 36.39 60.90
CA VAL L 112 -10.04 37.01 62.02
C VAL L 112 -9.47 35.96 62.96
N GLY L 113 -8.22 36.16 63.36
CA GLY L 113 -7.56 35.25 64.27
C GLY L 113 -6.04 35.36 64.20
N THR L 114 -5.35 34.34 64.70
CA THR L 114 -3.89 34.31 64.64
C THR L 114 -3.42 33.66 63.35
N TYR L 115 -2.49 34.32 62.67
CA TYR L 115 -1.99 33.83 61.39
C TYR L 115 -0.46 33.88 61.33
N ALA L 116 0.14 32.95 60.59
CA ALA L 116 1.59 32.92 60.40
C ALA L 116 1.94 33.11 58.93
N LEU L 117 2.92 33.98 58.66
CA LEU L 117 3.32 34.25 57.28
C LEU L 117 4.75 33.79 57.00
N THR L 118 4.90 33.00 55.95
CA THR L 118 6.21 32.51 55.54
C THR L 118 6.49 32.91 54.09
N PHE L 119 7.54 33.70 53.90
CA PHE L 119 7.91 34.16 52.56
C PHE L 119 9.15 33.44 52.05
N LEU L 120 9.09 33.01 50.79
CA LEU L 120 10.22 32.34 50.15
C LEU L 120 10.81 33.23 49.08
N ILE L 121 12.03 33.71 49.33
CA ILE L 121 12.69 34.65 48.42
C ILE L 121 13.87 34.01 47.71
N SER L 122 13.99 34.26 46.42
CA SER L 122 15.08 33.71 45.62
C SER L 122 15.97 34.81 45.08
N ASN L 123 17.13 34.42 44.55
CA ASN L 123 18.08 35.35 43.97
C ASN L 123 17.51 36.01 42.72
N PRO L 124 17.95 37.25 42.42
CA PRO L 124 17.44 37.93 41.23
C PRO L 124 18.05 37.39 39.93
N GLU L 125 19.04 36.52 40.06
CA GLU L 125 19.67 35.89 38.90
C GLU L 125 18.69 34.98 38.16
N LYS L 126 17.68 34.50 38.88
CA LYS L 126 16.64 33.67 38.29
C LYS L 126 15.79 34.46 37.30
N GLN L 127 15.74 35.78 37.49
CA GLN L 127 14.94 36.63 36.63
C GLN L 127 15.78 37.35 35.58
N GLY L 128 17.03 36.90 35.42
CA GLY L 128 17.90 37.44 34.39
C GLY L 128 18.68 38.68 34.80
N PHE L 129 18.67 38.99 36.09
CA PHE L 129 19.42 40.13 36.59
C PHE L 129 20.91 39.78 36.69
N GLY L 130 21.76 40.65 36.18
CA GLY L 130 23.19 40.38 36.13
C GLY L 130 23.94 40.96 37.32
N ARG L 131 25.23 40.62 37.42
CA ARG L 131 26.08 41.14 38.47
C ARG L 131 27.53 41.18 38.01
N HIS L 132 28.17 42.33 38.17
CA HIS L 132 29.57 42.48 37.80
C HIS L 132 30.48 41.61 38.68
N VAL L 133 31.52 41.05 38.07
CA VAL L 133 32.45 40.18 38.79
C VAL L 133 33.89 40.63 38.61
N ASP L 134 34.06 41.88 38.17
CA ASP L 134 35.39 42.45 37.95
C ASP L 134 36.09 42.76 39.27
N GLU L 135 37.40 42.98 39.22
CA GLU L 135 38.16 43.31 40.40
C GLU L 135 37.82 44.69 40.92
N GLU L 136 37.50 45.60 40.00
CA GLU L 136 37.25 46.99 40.35
C GLU L 136 35.82 47.24 40.81
N THR L 137 34.85 46.74 40.07
CA THR L 137 33.45 47.05 40.33
C THR L 137 32.59 45.82 40.59
N GLY L 138 33.23 44.68 40.83
CA GLY L 138 32.51 43.45 41.07
C GLY L 138 31.91 43.36 42.47
N VAL L 139 31.04 42.39 42.66
CA VAL L 139 30.37 42.19 43.94
C VAL L 139 30.36 40.72 44.33
N GLY L 140 29.95 40.43 45.56
CA GLY L 140 29.92 39.06 46.04
C GLY L 140 28.80 38.25 45.41
N LYS L 141 28.81 36.95 45.66
CA LYS L 141 27.79 36.04 45.11
C LYS L 141 26.40 36.37 45.65
N TRP L 142 25.37 36.00 44.90
CA TRP L 142 23.99 36.25 45.31
C TRP L 142 23.58 35.30 46.43
N PHE L 143 22.70 35.78 47.30
CA PHE L 143 22.24 34.99 48.44
C PHE L 143 21.50 33.72 48.01
N GLU L 144 21.78 32.62 48.70
CA GLU L 144 21.06 31.38 48.48
C GLU L 144 19.59 31.55 48.87
N PRO L 145 18.70 30.72 48.30
CA PRO L 145 17.29 30.84 48.65
C PRO L 145 17.01 30.50 50.11
N PHE L 146 16.27 31.37 50.78
CA PHE L 146 15.99 31.23 52.21
C PHE L 146 14.56 31.65 52.53
N VAL L 147 14.08 31.23 53.70
CA VAL L 147 12.73 31.55 54.13
C VAL L 147 12.71 32.38 55.41
N VAL L 148 11.70 33.22 55.55
CA VAL L 148 11.52 34.03 56.74
C VAL L 148 10.12 33.84 57.29
N THR L 149 10.00 33.84 58.62
CA THR L 149 8.71 33.59 59.25
C THR L 149 8.29 34.75 60.15
N TYR L 150 7.02 35.13 60.04
CA TYR L 150 6.46 36.19 60.88
C TYR L 150 5.09 35.78 61.41
N PHE L 151 4.74 36.30 62.59
CA PHE L 151 3.46 36.00 63.20
C PHE L 151 2.70 37.28 63.49
N PHE L 152 1.43 37.32 63.09
CA PHE L 152 0.60 38.50 63.28
C PHE L 152 -0.88 38.14 63.34
N LYS L 153 -1.67 39.01 63.96
CA LYS L 153 -3.10 38.78 64.10
C LYS L 153 -3.90 39.60 63.10
N TYR L 154 -4.69 38.91 62.27
CA TYR L 154 -5.53 39.58 61.29
C TYR L 154 -6.78 40.14 61.96
N THR L 155 -6.93 41.46 61.90
CA THR L 155 -8.04 42.14 62.56
C THR L 155 -9.23 42.33 61.64
N GLY L 156 -9.13 41.77 60.43
CA GLY L 156 -10.22 41.86 59.47
C GLY L 156 -9.92 42.80 58.32
N THR L 157 -10.83 42.85 57.35
CA THR L 157 -10.69 43.72 56.19
C THR L 157 -10.79 45.18 56.59
N PRO L 158 -9.77 45.99 56.22
CA PRO L 158 -9.74 47.42 56.53
C PRO L 158 -10.31 48.26 55.40
N SER M 2 -41.39 -31.33 -43.43
CA SER M 2 -41.87 -30.64 -44.63
C SER M 2 -42.28 -29.21 -44.32
N GLN M 3 -42.44 -28.91 -43.04
CA GLN M 3 -42.81 -27.57 -42.60
C GLN M 3 -41.65 -26.90 -41.86
N ALA M 4 -41.86 -25.66 -41.44
CA ALA M 4 -40.82 -24.90 -40.74
C ALA M 4 -41.41 -24.02 -39.64
N ILE M 5 -40.65 -23.84 -38.57
CA ILE M 5 -41.06 -23.00 -37.44
C ILE M 5 -40.15 -21.79 -37.30
N GLY M 6 -40.74 -20.61 -37.22
CA GLY M 6 -39.98 -19.38 -37.08
C GLY M 6 -40.18 -18.67 -35.75
N ILE M 7 -39.08 -18.20 -35.17
CA ILE M 7 -39.14 -17.50 -33.89
C ILE M 7 -38.48 -16.14 -33.97
N LEU M 8 -39.17 -15.11 -33.48
CA LEU M 8 -38.65 -13.75 -33.47
C LEU M 8 -38.91 -13.09 -32.13
N GLU M 9 -37.86 -12.55 -31.53
CA GLU M 9 -37.97 -11.89 -30.22
C GLU M 9 -37.60 -10.42 -30.31
N LEU M 10 -38.45 -9.57 -29.75
CA LEU M 10 -38.21 -8.13 -29.76
C LEU M 10 -38.15 -7.59 -28.34
N THR M 11 -37.47 -6.46 -28.16
CA THR M 11 -37.30 -5.86 -26.85
C THR M 11 -38.44 -4.89 -26.53
N SER M 12 -39.27 -4.61 -27.53
CA SER M 12 -40.38 -3.68 -27.35
C SER M 12 -41.71 -4.38 -27.62
N ILE M 13 -42.68 -4.14 -26.74
CA ILE M 13 -43.99 -4.75 -26.86
C ILE M 13 -44.73 -4.21 -28.09
N ALA M 14 -44.64 -2.90 -28.29
CA ALA M 14 -45.30 -2.28 -29.43
C ALA M 14 -44.69 -2.74 -30.75
N LYS M 15 -43.37 -2.77 -30.81
CA LYS M 15 -42.67 -3.21 -32.01
C LYS M 15 -42.96 -4.68 -32.33
N GLY M 16 -43.13 -5.47 -31.28
CA GLY M 16 -43.48 -6.88 -31.44
C GLY M 16 -44.80 -7.09 -32.14
N MET M 17 -45.81 -6.33 -31.74
CA MET M 17 -47.11 -6.40 -32.39
C MET M 17 -47.05 -5.81 -33.80
N GLU M 18 -46.26 -4.77 -33.95
CA GLU M 18 -46.07 -4.12 -35.26
C GLU M 18 -45.41 -5.06 -36.26
N LEU M 19 -44.38 -5.77 -35.81
CA LEU M 19 -43.66 -6.70 -36.67
C LEU M 19 -44.52 -7.92 -36.97
N GLY M 20 -45.41 -8.25 -36.05
CA GLY M 20 -46.31 -9.37 -36.22
C GLY M 20 -47.23 -9.18 -37.41
N ASP M 21 -47.86 -8.01 -37.49
CA ASP M 21 -48.72 -7.68 -38.62
C ASP M 21 -47.93 -7.64 -39.92
N ALA M 22 -46.72 -7.09 -39.85
CA ALA M 22 -45.85 -6.99 -41.01
C ALA M 22 -45.39 -8.35 -41.52
N MET M 23 -45.00 -9.22 -40.58
CA MET M 23 -44.50 -10.54 -40.94
C MET M 23 -45.59 -11.43 -41.51
N LEU M 24 -46.78 -11.34 -40.92
CA LEU M 24 -47.93 -12.13 -41.35
C LEU M 24 -48.35 -11.76 -42.77
N LYS M 25 -48.21 -10.48 -43.11
CA LYS M 25 -48.56 -10.01 -44.45
C LYS M 25 -47.43 -10.28 -45.44
N SER M 26 -46.24 -10.56 -44.91
CA SER M 26 -45.05 -10.76 -45.74
C SER M 26 -45.07 -12.12 -46.43
N ALA M 27 -45.68 -13.10 -45.77
CA ALA M 27 -45.74 -14.46 -46.31
C ALA M 27 -46.89 -15.24 -45.70
N ASN M 28 -47.20 -16.39 -46.30
CA ASN M 28 -48.28 -17.24 -45.82
C ASN M 28 -47.84 -18.10 -44.64
N VAL M 29 -47.88 -17.53 -43.45
CA VAL M 29 -47.49 -18.25 -42.24
C VAL M 29 -48.53 -18.10 -41.13
N ASP M 30 -48.64 -19.11 -40.28
CA ASP M 30 -49.58 -19.09 -39.17
C ASP M 30 -48.89 -18.73 -37.86
N LEU M 31 -49.54 -17.90 -37.06
CA LEU M 31 -48.99 -17.49 -35.78
C LEU M 31 -49.16 -18.58 -34.74
N LEU M 32 -48.05 -19.07 -34.20
CA LEU M 32 -48.08 -20.15 -33.22
C LEU M 32 -48.12 -19.62 -31.78
N VAL M 33 -47.30 -18.62 -31.50
CA VAL M 33 -47.25 -18.04 -30.17
C VAL M 33 -47.04 -16.53 -30.22
N SER M 34 -47.75 -15.80 -29.36
CA SER M 34 -47.62 -14.34 -29.31
C SER M 34 -47.99 -13.80 -27.94
N LYS M 35 -47.00 -13.66 -27.07
CA LYS M 35 -47.24 -13.18 -25.71
C LYS M 35 -46.01 -12.46 -25.15
N THR M 36 -46.24 -11.61 -24.17
CA THR M 36 -45.15 -10.86 -23.53
C THR M 36 -44.47 -11.70 -22.46
N ILE M 37 -43.14 -11.60 -22.41
CA ILE M 37 -42.35 -12.33 -21.43
C ILE M 37 -41.59 -11.38 -20.51
N SER M 38 -41.33 -11.83 -19.28
CA SER M 38 -40.58 -11.05 -18.31
C SER M 38 -39.17 -10.75 -18.81
N PRO M 39 -38.66 -9.54 -18.52
CA PRO M 39 -39.34 -8.49 -17.75
C PRO M 39 -40.21 -7.57 -18.61
N GLY M 40 -39.99 -7.56 -19.92
CA GLY M 40 -40.75 -6.71 -20.81
C GLY M 40 -40.52 -6.99 -22.28
N LYS M 41 -40.15 -8.23 -22.59
CA LYS M 41 -39.90 -8.63 -23.97
C LYS M 41 -41.16 -9.18 -24.63
N PHE M 42 -41.10 -9.39 -25.94
CA PHE M 42 -42.23 -9.93 -26.68
C PHE M 42 -41.78 -11.11 -27.54
N LEU M 43 -42.54 -12.20 -27.50
CA LEU M 43 -42.20 -13.41 -28.24
C LEU M 43 -43.22 -13.75 -29.32
N LEU M 44 -42.73 -13.97 -30.53
CA LEU M 44 -43.58 -14.34 -31.65
C LEU M 44 -43.10 -15.64 -32.28
N MET M 45 -44.04 -16.55 -32.55
CA MET M 45 -43.71 -17.82 -33.18
C MET M 45 -44.60 -18.07 -34.39
N LEU M 46 -43.98 -18.39 -35.52
CA LEU M 46 -44.72 -18.62 -36.75
C LEU M 46 -44.42 -19.99 -37.35
N GLY M 47 -45.41 -20.56 -38.04
CA GLY M 47 -45.25 -21.86 -38.68
C GLY M 47 -45.72 -21.85 -40.12
N GLY M 48 -45.14 -22.72 -40.94
CA GLY M 48 -45.51 -22.80 -42.34
C GLY M 48 -44.42 -23.39 -43.20
N ASP M 49 -44.56 -23.23 -44.52
CA ASP M 49 -43.57 -23.71 -45.48
C ASP M 49 -42.20 -23.07 -45.24
N ILE M 50 -41.16 -23.76 -45.66
CA ILE M 50 -39.78 -23.29 -45.47
C ILE M 50 -39.54 -21.95 -46.15
N GLY M 51 -40.07 -21.79 -47.36
CA GLY M 51 -39.93 -20.55 -48.09
C GLY M 51 -40.63 -19.40 -47.40
N ALA M 52 -41.88 -19.64 -46.99
CA ALA M 52 -42.66 -18.62 -46.30
C ALA M 52 -42.05 -18.25 -44.95
N ILE M 53 -41.59 -19.27 -44.22
CA ILE M 53 -41.00 -19.06 -42.91
C ILE M 53 -39.69 -18.29 -43.00
N GLN M 54 -38.88 -18.61 -44.01
CA GLN M 54 -37.62 -17.93 -44.23
C GLN M 54 -37.83 -16.46 -44.57
N GLN M 55 -38.82 -16.19 -45.41
CA GLN M 55 -39.13 -14.82 -45.83
C GLN M 55 -39.69 -14.01 -44.66
N ALA M 56 -40.55 -14.62 -43.88
CA ALA M 56 -41.16 -13.96 -42.73
C ALA M 56 -40.11 -13.59 -41.68
N ILE M 57 -39.21 -14.52 -41.39
CA ILE M 57 -38.14 -14.28 -40.43
C ILE M 57 -37.17 -13.22 -40.94
N GLU M 58 -36.89 -13.25 -42.24
CA GLU M 58 -36.03 -12.26 -42.86
C GLU M 58 -36.63 -10.86 -42.80
N THR M 59 -37.90 -10.75 -43.18
CA THR M 59 -38.62 -9.49 -43.15
C THR M 59 -38.69 -8.92 -41.73
N GLY M 60 -38.99 -9.78 -40.77
CA GLY M 60 -39.08 -9.39 -39.37
C GLY M 60 -37.76 -8.89 -38.82
N THR M 61 -36.68 -9.60 -39.12
CA THR M 61 -35.35 -9.23 -38.64
C THR M 61 -34.86 -7.94 -39.29
N SER M 62 -35.20 -7.75 -40.56
CA SER M 62 -34.74 -6.58 -41.30
C SER M 62 -35.38 -5.29 -40.79
N GLN M 63 -36.57 -5.41 -40.20
CA GLN M 63 -37.29 -4.23 -39.72
C GLN M 63 -37.27 -4.13 -38.20
N ALA M 64 -36.63 -5.11 -37.55
CA ALA M 64 -36.57 -5.14 -36.09
C ALA M 64 -35.65 -4.04 -35.56
N GLY M 65 -34.59 -3.74 -36.29
CA GLY M 65 -33.65 -2.73 -35.89
C GLY M 65 -32.88 -3.11 -34.63
N GLU M 66 -32.72 -2.15 -33.73
CA GLU M 66 -31.97 -2.38 -32.49
C GLU M 66 -32.85 -3.00 -31.41
N MET M 67 -34.12 -3.21 -31.73
CA MET M 67 -35.07 -3.79 -30.79
C MET M 67 -35.07 -5.32 -30.85
N LEU M 68 -34.32 -5.88 -31.81
CA LEU M 68 -34.26 -7.32 -31.99
C LEU M 68 -33.53 -8.00 -30.84
N VAL M 69 -34.18 -9.00 -30.24
CA VAL M 69 -33.58 -9.75 -29.15
C VAL M 69 -32.90 -11.02 -29.64
N ASP M 70 -33.66 -11.87 -30.32
CA ASP M 70 -33.14 -13.12 -30.85
C ASP M 70 -34.03 -13.65 -31.97
N SER M 71 -33.48 -14.52 -32.81
CA SER M 71 -34.23 -15.11 -33.91
C SER M 71 -33.72 -16.51 -34.25
N LEU M 72 -34.62 -17.38 -34.70
CA LEU M 72 -34.26 -18.75 -35.04
C LEU M 72 -35.27 -19.38 -36.00
N VAL M 73 -34.78 -20.21 -36.92
CA VAL M 73 -35.63 -20.92 -37.86
C VAL M 73 -35.35 -22.42 -37.84
N LEU M 74 -36.39 -23.21 -37.60
CA LEU M 74 -36.24 -24.66 -37.56
C LEU M 74 -36.87 -25.31 -38.78
N ALA M 75 -36.03 -25.81 -39.68
CA ALA M 75 -36.51 -26.42 -40.91
C ALA M 75 -36.66 -27.93 -40.75
N ASN M 76 -37.41 -28.54 -41.67
CA ASN M 76 -37.64 -29.99 -41.67
C ASN M 76 -38.23 -30.50 -40.36
N ILE M 77 -39.30 -29.86 -39.92
CA ILE M 77 -39.96 -30.24 -38.68
C ILE M 77 -41.26 -30.99 -38.95
N HIS M 78 -41.57 -31.96 -38.11
CA HIS M 78 -42.82 -32.71 -38.21
C HIS M 78 -44.01 -31.76 -38.12
N PRO M 79 -45.06 -32.02 -38.91
CA PRO M 79 -46.22 -31.12 -38.93
C PRO M 79 -47.05 -31.22 -37.65
N SER M 80 -46.87 -32.31 -36.91
CA SER M 80 -47.58 -32.49 -35.65
C SER M 80 -47.00 -31.59 -34.56
N VAL M 81 -45.80 -31.08 -34.80
CA VAL M 81 -45.12 -30.22 -33.85
C VAL M 81 -45.71 -28.80 -33.85
N LEU M 82 -46.23 -28.38 -34.99
CA LEU M 82 -46.78 -27.03 -35.13
C LEU M 82 -47.95 -26.74 -34.17
N PRO M 83 -49.00 -27.57 -34.16
CA PRO M 83 -50.08 -27.22 -33.23
C PRO M 83 -49.78 -27.64 -31.78
N ALA M 84 -48.77 -28.48 -31.60
CA ALA M 84 -48.37 -28.91 -30.27
C ALA M 84 -47.73 -27.76 -29.51
N ILE M 85 -47.17 -26.80 -30.24
CA ILE M 85 -46.57 -25.62 -29.65
C ILE M 85 -47.62 -24.54 -29.43
N SER M 86 -48.51 -24.40 -30.40
CA SER M 86 -49.56 -23.39 -30.35
C SER M 86 -50.68 -23.77 -29.39
N GLY M 87 -50.82 -25.07 -29.15
CA GLY M 87 -51.86 -25.56 -28.25
C GLY M 87 -51.61 -26.99 -27.81
N LEU M 88 -52.68 -27.77 -27.69
CA LEU M 88 -52.56 -29.16 -27.29
C LEU M 88 -53.35 -30.06 -28.23
N ASN M 89 -52.73 -31.18 -28.61
CA ASN M 89 -53.38 -32.18 -29.45
C ASN M 89 -54.15 -33.21 -28.65
N SER M 90 -55.26 -33.68 -29.21
CA SER M 90 -56.10 -34.69 -28.57
C SER M 90 -55.32 -35.98 -28.34
N VAL M 91 -55.51 -36.61 -27.19
CA VAL M 91 -54.77 -37.83 -26.85
C VAL M 91 -55.69 -39.03 -26.85
N ASP M 92 -55.78 -39.69 -28.00
CA ASP M 92 -56.64 -40.85 -28.18
C ASP M 92 -56.13 -42.04 -27.37
N LYS M 93 -54.84 -42.02 -27.05
CA LYS M 93 -54.26 -43.09 -26.27
C LYS M 93 -53.97 -42.62 -24.85
N ARG M 94 -54.41 -43.42 -23.88
CA ARG M 94 -54.19 -43.11 -22.48
C ARG M 94 -53.26 -44.14 -21.86
N GLN M 95 -52.82 -45.08 -22.68
CA GLN M 95 -52.01 -46.21 -22.24
C GLN M 95 -50.70 -45.79 -21.56
N ALA M 96 -50.00 -44.85 -22.18
CA ALA M 96 -48.71 -44.40 -21.66
C ALA M 96 -48.43 -42.94 -22.02
N VAL M 97 -47.76 -42.23 -21.12
CA VAL M 97 -47.39 -40.84 -21.35
C VAL M 97 -45.88 -40.64 -21.21
N GLY M 98 -45.33 -39.77 -22.06
CA GLY M 98 -43.91 -39.48 -22.01
C GLY M 98 -43.64 -38.01 -21.78
N ILE M 99 -42.66 -37.71 -20.94
CA ILE M 99 -42.30 -36.33 -20.62
C ILE M 99 -40.79 -36.10 -20.68
N VAL M 100 -40.38 -35.16 -21.52
CA VAL M 100 -38.98 -34.80 -21.64
C VAL M 100 -38.78 -33.28 -21.52
N GLU M 101 -38.11 -32.86 -20.44
CA GLU M 101 -37.86 -31.44 -20.22
C GLU M 101 -36.44 -31.08 -20.65
N THR M 102 -36.32 -30.03 -21.46
CA THR M 102 -35.01 -29.61 -21.95
C THR M 102 -34.77 -28.11 -21.79
N TRP M 103 -33.51 -27.72 -21.77
CA TRP M 103 -33.13 -26.30 -21.71
C TRP M 103 -33.34 -25.62 -23.06
N SER M 104 -34.03 -24.49 -23.03
CA SER M 104 -34.38 -23.71 -24.23
C SER M 104 -35.38 -24.46 -25.12
N VAL M 105 -36.25 -23.69 -25.78
CA VAL M 105 -37.29 -24.27 -26.64
C VAL M 105 -36.68 -24.84 -27.91
N ALA M 106 -35.49 -24.37 -28.25
CA ALA M 106 -34.77 -24.84 -29.43
C ALA M 106 -34.45 -26.33 -29.32
N ALA M 107 -33.91 -26.73 -28.17
CA ALA M 107 -33.57 -28.13 -27.94
C ALA M 107 -34.80 -29.02 -27.84
N CYS M 108 -35.85 -28.51 -27.20
CA CYS M 108 -37.09 -29.26 -27.03
C CYS M 108 -37.78 -29.51 -28.36
N ILE M 109 -37.76 -28.49 -29.22
CA ILE M 109 -38.38 -28.58 -30.54
C ILE M 109 -37.68 -29.62 -31.40
N SER M 110 -36.35 -29.57 -31.42
CA SER M 110 -35.56 -30.49 -32.21
C SER M 110 -35.73 -31.92 -31.70
N ALA M 111 -35.87 -32.06 -30.40
CA ALA M 111 -36.06 -33.38 -29.79
C ALA M 111 -37.44 -33.95 -30.13
N ALA M 112 -38.45 -33.10 -30.10
CA ALA M 112 -39.81 -33.51 -30.42
C ALA M 112 -39.94 -33.91 -31.89
N ASP M 113 -39.28 -33.15 -32.75
CA ASP M 113 -39.32 -33.41 -34.19
C ASP M 113 -38.76 -34.78 -34.53
N LEU M 114 -37.62 -35.11 -33.93
CA LEU M 114 -37.01 -36.41 -34.14
C LEU M 114 -37.85 -37.50 -33.50
N ALA M 115 -38.50 -37.16 -32.38
CA ALA M 115 -39.33 -38.12 -31.65
C ALA M 115 -40.53 -38.55 -32.47
N VAL M 116 -41.25 -37.58 -33.03
CA VAL M 116 -42.44 -37.87 -33.82
C VAL M 116 -42.09 -38.62 -35.10
N LYS M 117 -40.96 -38.23 -35.71
CA LYS M 117 -40.52 -38.85 -36.95
C LYS M 117 -39.86 -40.20 -36.70
N GLY M 118 -39.44 -40.44 -35.46
CA GLY M 118 -38.75 -41.67 -35.12
C GLY M 118 -39.61 -42.67 -34.37
N SER M 119 -40.91 -42.42 -34.33
CA SER M 119 -41.84 -43.30 -33.65
C SER M 119 -43.26 -43.16 -34.21
N ASN M 120 -44.20 -43.88 -33.61
CA ASN M 120 -45.60 -43.80 -34.01
C ASN M 120 -46.45 -43.19 -32.91
N VAL M 121 -45.80 -42.55 -31.94
CA VAL M 121 -46.49 -41.92 -30.82
C VAL M 121 -47.06 -40.56 -31.21
N THR M 122 -48.07 -40.11 -30.47
CA THR M 122 -48.70 -38.83 -30.73
C THR M 122 -48.19 -37.76 -29.77
N LEU M 123 -47.71 -36.65 -30.32
CA LEU M 123 -47.21 -35.53 -29.52
C LEU M 123 -48.38 -34.73 -28.94
N VAL M 124 -48.49 -34.72 -27.63
CA VAL M 124 -49.61 -34.07 -26.96
C VAL M 124 -49.48 -32.55 -27.01
N ARG M 125 -48.37 -32.04 -26.47
CA ARG M 125 -48.15 -30.59 -26.43
C ARG M 125 -46.71 -30.25 -26.09
N VAL M 126 -46.28 -29.07 -26.51
CA VAL M 126 -44.97 -28.53 -26.12
C VAL M 126 -45.16 -27.21 -25.39
N HIS M 127 -44.71 -27.16 -24.14
CA HIS M 127 -44.93 -26.00 -23.29
C HIS M 127 -43.66 -25.25 -22.95
N MET M 128 -43.71 -23.92 -23.05
CA MET M 128 -42.58 -23.07 -22.66
C MET M 128 -42.89 -22.41 -21.33
N ALA M 129 -42.16 -22.80 -20.30
CA ALA M 129 -42.40 -22.31 -18.95
C ALA M 129 -42.11 -20.82 -18.83
N PHE M 130 -41.02 -20.37 -19.43
CA PHE M 130 -40.61 -18.98 -19.33
C PHE M 130 -39.68 -18.55 -20.46
N GLY M 131 -40.26 -18.19 -21.61
CA GLY M 131 -39.48 -17.69 -22.72
C GLY M 131 -38.81 -18.77 -23.56
N ILE M 132 -38.07 -18.33 -24.58
CA ILE M 132 -37.38 -19.24 -25.49
C ILE M 132 -36.04 -19.70 -24.93
N GLY M 133 -35.56 -19.02 -23.91
CA GLY M 133 -34.29 -19.37 -23.29
C GLY M 133 -34.48 -20.19 -22.03
N GLY M 134 -35.72 -20.23 -21.55
CA GLY M 134 -36.04 -20.94 -20.33
C GLY M 134 -36.34 -22.41 -20.56
N LYS M 135 -36.75 -23.09 -19.48
CA LYS M 135 -37.07 -24.50 -19.53
C LYS M 135 -38.28 -24.80 -20.42
N CYS M 136 -38.13 -25.77 -21.31
CA CYS M 136 -39.21 -26.21 -22.17
C CYS M 136 -39.42 -27.72 -22.01
N TYR M 137 -40.62 -28.19 -22.30
CA TYR M 137 -40.95 -29.60 -22.09
C TYR M 137 -41.85 -30.15 -23.18
N MET M 138 -41.65 -31.43 -23.51
CA MET M 138 -42.49 -32.10 -24.49
C MET M 138 -43.35 -33.19 -23.84
N VAL M 139 -44.57 -33.35 -24.34
CA VAL M 139 -45.48 -34.36 -23.82
C VAL M 139 -45.91 -35.32 -24.92
N VAL M 140 -45.66 -36.61 -24.73
CA VAL M 140 -46.02 -37.62 -25.72
C VAL M 140 -47.03 -38.62 -25.16
N ALA M 141 -47.81 -39.24 -26.05
CA ALA M 141 -48.80 -40.23 -25.64
C ALA M 141 -48.93 -41.32 -26.69
N GLY M 142 -49.19 -42.55 -26.24
CA GLY M 142 -49.32 -43.69 -27.12
C GLY M 142 -49.08 -44.99 -26.40
N ASP M 143 -48.74 -46.03 -27.16
CA ASP M 143 -48.41 -47.34 -26.59
C ASP M 143 -47.16 -47.23 -25.73
N VAL M 144 -47.02 -48.14 -24.77
CA VAL M 144 -45.88 -48.14 -23.87
C VAL M 144 -44.55 -48.22 -24.63
N LEU M 145 -44.51 -49.07 -25.65
CA LEU M 145 -43.31 -49.20 -26.47
C LEU M 145 -43.08 -47.94 -27.30
N ASP M 146 -44.17 -47.37 -27.80
CA ASP M 146 -44.09 -46.17 -28.63
C ASP M 146 -43.66 -44.96 -27.82
N VAL M 147 -44.23 -44.80 -26.63
CA VAL M 147 -43.92 -43.66 -25.77
C VAL M 147 -42.45 -43.72 -25.32
N ALA M 148 -41.99 -44.92 -25.00
CA ALA M 148 -40.62 -45.13 -24.56
C ALA M 148 -39.62 -44.79 -25.66
N ALA M 149 -39.92 -45.22 -26.88
CA ALA M 149 -39.05 -44.97 -28.03
C ALA M 149 -38.89 -43.47 -28.30
N ALA M 150 -40.01 -42.73 -28.23
CA ALA M 150 -39.98 -41.29 -28.44
C ALA M 150 -39.14 -40.59 -27.38
N VAL M 151 -39.33 -40.97 -26.13
CA VAL M 151 -38.58 -40.39 -25.02
C VAL M 151 -37.10 -40.71 -25.16
N ALA M 152 -36.80 -41.94 -25.57
CA ALA M 152 -35.43 -42.36 -25.80
C ALA M 152 -34.79 -41.55 -26.92
N THR M 153 -35.54 -41.38 -28.02
CA THR M 153 -35.09 -40.60 -29.15
C THR M 153 -34.86 -39.15 -28.75
N ALA M 154 -35.78 -38.61 -27.98
CA ALA M 154 -35.69 -37.23 -27.50
C ALA M 154 -34.52 -37.04 -26.54
N SER M 155 -34.30 -38.03 -25.67
CA SER M 155 -33.23 -37.96 -24.69
C SER M 155 -31.84 -37.94 -25.33
N LEU M 156 -31.68 -38.71 -26.40
CA LEU M 156 -30.40 -38.75 -27.10
C LEU M 156 -30.12 -37.43 -27.79
N ALA M 157 -31.16 -36.83 -28.37
CA ALA M 157 -31.04 -35.57 -29.09
C ALA M 157 -30.65 -34.40 -28.18
N ALA M 158 -31.40 -34.22 -27.10
CA ALA M 158 -31.14 -33.13 -26.16
C ALA M 158 -29.87 -33.39 -25.35
N GLY M 159 -29.60 -34.67 -25.10
CA GLY M 159 -28.43 -35.06 -24.34
C GLY M 159 -27.13 -34.81 -25.09
N ALA M 160 -27.18 -34.87 -26.41
CA ALA M 160 -26.01 -34.64 -27.24
C ALA M 160 -25.58 -33.18 -27.18
N LYS M 161 -26.52 -32.30 -26.87
CA LYS M 161 -26.24 -30.87 -26.77
C LYS M 161 -26.11 -30.46 -25.31
N GLY M 162 -26.36 -31.40 -24.42
CA GLY M 162 -26.26 -31.16 -22.99
C GLY M 162 -27.35 -30.23 -22.48
N LEU M 163 -28.47 -30.20 -23.17
CA LEU M 163 -29.57 -29.32 -22.79
C LEU M 163 -30.74 -30.09 -22.20
N LEU M 164 -30.53 -31.39 -21.96
CA LEU M 164 -31.57 -32.23 -21.38
C LEU M 164 -31.58 -32.13 -19.86
N VAL M 165 -32.76 -31.85 -19.31
CA VAL M 165 -32.91 -31.73 -17.86
C VAL M 165 -33.21 -33.09 -17.24
N TYR M 166 -34.30 -33.71 -17.67
CA TYR M 166 -34.71 -35.01 -17.16
C TYR M 166 -35.72 -35.68 -18.07
N ALA M 167 -35.72 -37.01 -18.08
CA ALA M 167 -36.65 -37.77 -18.89
C ALA M 167 -37.38 -38.81 -18.03
N SER M 168 -38.64 -39.05 -18.35
CA SER M 168 -39.44 -40.00 -17.58
C SER M 168 -40.53 -40.67 -18.42
N ILE M 169 -40.63 -41.99 -18.32
CA ILE M 169 -41.70 -42.74 -18.96
C ILE M 169 -42.71 -43.17 -17.92
N ILE M 170 -43.95 -42.69 -18.08
CA ILE M 170 -44.98 -42.92 -17.07
C ILE M 170 -46.15 -43.74 -17.61
N PRO M 171 -46.10 -45.07 -17.43
CA PRO M 171 -47.20 -45.95 -17.81
C PRO M 171 -48.30 -45.96 -16.75
N ARG M 172 -49.55 -45.95 -17.20
CA ARG M 172 -50.70 -45.89 -16.30
C ARG M 172 -50.62 -44.70 -15.35
N PRO M 173 -50.82 -43.48 -15.88
CA PRO M 173 -50.76 -42.26 -15.08
C PRO M 173 -51.98 -42.10 -14.18
N HIS M 174 -51.77 -41.55 -12.98
CA HIS M 174 -52.87 -41.28 -12.05
C HIS M 174 -53.91 -40.34 -12.66
N GLU M 175 -55.16 -40.51 -12.24
CA GLU M 175 -56.27 -39.72 -12.78
C GLU M 175 -56.07 -38.21 -12.58
N ALA M 176 -55.51 -37.84 -11.44
CA ALA M 176 -55.24 -36.43 -11.15
C ALA M 176 -54.09 -35.90 -11.97
N MET M 177 -53.09 -36.74 -12.20
CA MET M 177 -51.90 -36.37 -12.96
C MET M 177 -52.14 -36.32 -14.47
N TRP M 178 -53.00 -37.22 -14.94
CA TRP M 178 -53.30 -37.32 -16.37
C TRP M 178 -53.93 -36.06 -16.96
N ARG M 179 -54.88 -35.47 -16.23
CA ARG M 179 -55.54 -34.26 -16.69
C ARG M 179 -54.56 -33.10 -16.80
N GLN M 180 -53.69 -32.97 -15.80
CA GLN M 180 -52.65 -31.94 -15.80
C GLN M 180 -51.63 -32.19 -16.91
N MET M 181 -51.27 -33.45 -17.09
CA MET M 181 -50.30 -33.84 -18.11
C MET M 181 -50.82 -33.60 -19.52
N VAL M 182 -52.09 -33.93 -19.74
CA VAL M 182 -52.70 -33.78 -21.05
C VAL M 182 -52.98 -32.32 -21.38
N GLY N 2 -23.29 -66.86 -31.28
CA GLY N 2 -24.39 -66.75 -30.34
C GLY N 2 -24.82 -65.31 -30.14
N GLU N 3 -25.30 -64.69 -31.21
CA GLU N 3 -25.75 -63.30 -31.15
C GLU N 3 -27.27 -63.20 -31.28
N VAL N 4 -27.88 -62.39 -30.42
CA VAL N 4 -29.32 -62.18 -30.44
C VAL N 4 -29.66 -60.93 -31.25
N PRO N 5 -30.53 -61.08 -32.26
CA PRO N 5 -30.90 -59.97 -33.14
C PRO N 5 -31.90 -59.03 -32.47
N ILE N 6 -31.75 -57.73 -32.69
CA ILE N 6 -32.62 -56.74 -32.08
C ILE N 6 -33.53 -56.05 -33.10
N GLY N 7 -34.79 -56.46 -33.13
CA GLY N 7 -35.77 -55.88 -34.01
C GLY N 7 -35.50 -56.08 -35.49
N ASP N 8 -36.00 -55.14 -36.30
CA ASP N 8 -35.83 -55.22 -37.74
C ASP N 8 -34.79 -54.20 -38.21
N PRO N 9 -33.99 -54.57 -39.21
CA PRO N 9 -32.97 -53.65 -39.72
C PRO N 9 -33.58 -52.55 -40.58
N LYS N 10 -32.93 -51.38 -40.60
CA LYS N 10 -33.42 -50.24 -41.37
C LYS N 10 -32.44 -49.84 -42.46
N GLU N 11 -32.97 -49.40 -43.59
CA GLU N 11 -32.15 -48.98 -44.72
C GLU N 11 -32.39 -47.51 -45.05
N LEU N 12 -31.37 -46.68 -44.80
CA LEU N 12 -31.48 -45.24 -45.05
C LEU N 12 -30.10 -44.62 -45.21
N ASN N 13 -30.04 -43.48 -45.90
CA ASN N 13 -28.80 -42.75 -46.15
C ASN N 13 -27.74 -43.63 -46.83
N GLY N 14 -28.20 -44.60 -47.61
CA GLY N 14 -27.32 -45.46 -48.36
C GLY N 14 -26.62 -46.52 -47.50
N MET N 15 -27.05 -46.64 -46.26
CA MET N 15 -26.44 -47.60 -45.34
C MET N 15 -27.50 -48.44 -44.63
N GLU N 16 -27.16 -49.71 -44.37
CA GLU N 16 -28.04 -50.59 -43.63
C GLU N 16 -27.66 -50.62 -42.16
N ILE N 17 -28.64 -50.39 -41.29
CA ILE N 17 -28.39 -50.31 -39.87
C ILE N 17 -29.15 -51.36 -39.08
N ALA N 18 -28.43 -52.36 -38.58
CA ALA N 18 -29.04 -53.43 -37.80
C ALA N 18 -28.43 -53.49 -36.40
N ALA N 19 -29.20 -54.02 -35.45
CA ALA N 19 -28.75 -54.12 -34.07
C ALA N 19 -28.76 -55.56 -33.58
N VAL N 20 -27.72 -55.93 -32.84
CA VAL N 20 -27.59 -57.27 -32.30
C VAL N 20 -26.96 -57.24 -30.92
N TYR N 21 -27.24 -58.24 -30.11
CA TYR N 21 -26.69 -58.31 -28.76
C TYR N 21 -26.05 -59.67 -28.52
N LEU N 22 -24.98 -59.69 -27.73
CA LEU N 22 -24.28 -60.93 -27.43
C LEU N 22 -23.59 -60.87 -26.06
N GLN N 23 -22.75 -61.87 -25.79
CA GLN N 23 -22.01 -61.94 -24.54
C GLN N 23 -21.04 -60.77 -24.43
N PRO N 24 -20.75 -60.33 -23.19
CA PRO N 24 -19.80 -59.23 -22.98
C PRO N 24 -18.40 -59.56 -23.48
N ILE N 25 -17.72 -58.56 -24.03
CA ILE N 25 -16.38 -58.76 -24.59
C ILE N 25 -15.35 -57.88 -23.89
N GLU N 26 -14.09 -58.30 -23.96
CA GLU N 26 -12.99 -57.53 -23.39
C GLU N 26 -12.27 -56.74 -24.47
N MET N 27 -12.35 -55.42 -24.38
CA MET N 27 -11.79 -54.55 -25.41
C MET N 27 -10.53 -53.84 -24.95
N GLU N 28 -9.55 -53.75 -25.84
CA GLU N 28 -8.31 -53.04 -25.57
C GLU N 28 -8.29 -51.72 -26.33
N PRO N 29 -7.80 -50.64 -25.69
CA PRO N 29 -7.27 -50.65 -24.32
C PRO N 29 -8.36 -50.57 -23.25
N ARG N 30 -8.04 -51.08 -22.06
CA ARG N 30 -8.98 -51.08 -20.95
C ARG N 30 -9.12 -49.67 -20.36
N GLY N 31 -10.15 -49.48 -19.54
CA GLY N 31 -10.40 -48.21 -18.91
C GLY N 31 -11.24 -47.31 -19.80
N ILE N 32 -11.73 -47.88 -20.90
CA ILE N 32 -12.58 -47.16 -21.82
C ILE N 32 -13.98 -47.78 -21.84
N ASP N 33 -14.09 -48.95 -22.47
CA ASP N 33 -15.34 -49.68 -22.50
C ASP N 33 -15.62 -50.30 -21.14
N LEU N 34 -16.90 -50.43 -20.81
CA LEU N 34 -17.32 -51.06 -19.56
C LEU N 34 -16.71 -52.44 -19.40
N ALA N 35 -16.27 -52.76 -18.20
CA ALA N 35 -15.66 -54.06 -17.90
C ALA N 35 -16.62 -55.21 -18.23
N ALA N 36 -16.07 -56.27 -18.80
CA ALA N 36 -16.85 -57.45 -19.16
C ALA N 36 -17.54 -58.06 -17.95
N SER N 37 -16.85 -58.08 -16.82
CA SER N 37 -17.37 -58.66 -15.60
C SER N 37 -18.48 -57.79 -14.99
N LEU N 38 -18.49 -56.51 -15.36
CA LEU N 38 -19.48 -55.58 -14.85
C LEU N 38 -20.71 -55.49 -15.76
N ALA N 39 -20.61 -56.06 -16.95
CA ALA N 39 -21.70 -56.02 -17.92
C ALA N 39 -22.41 -57.36 -18.04
N ASP N 40 -23.56 -57.34 -18.68
CA ASP N 40 -24.33 -58.57 -18.90
C ASP N 40 -24.42 -58.90 -20.39
N ILE N 41 -24.41 -57.87 -21.22
CA ILE N 41 -24.46 -58.04 -22.67
C ILE N 41 -23.68 -56.96 -23.40
N HIS N 42 -23.23 -57.28 -24.61
CA HIS N 42 -22.55 -56.31 -25.45
C HIS N 42 -23.40 -55.98 -26.68
N LEU N 43 -23.89 -54.75 -26.75
CA LEU N 43 -24.74 -54.34 -27.86
C LEU N 43 -23.91 -53.79 -29.02
N GLU N 44 -24.10 -54.35 -30.19
CA GLU N 44 -23.34 -53.93 -31.38
C GLU N 44 -24.26 -53.51 -32.52
N ALA N 45 -23.92 -52.40 -33.16
CA ALA N 45 -24.67 -51.90 -34.30
C ALA N 45 -23.92 -52.20 -35.59
N ASP N 46 -24.54 -52.98 -36.48
CA ASP N 46 -23.91 -53.35 -37.74
C ASP N 46 -24.30 -52.38 -38.85
N ILE N 47 -23.34 -51.58 -39.29
CA ILE N 47 -23.60 -50.57 -40.30
C ILE N 47 -22.72 -50.79 -41.53
N HIS N 48 -23.35 -51.16 -42.63
CA HIS N 48 -22.65 -51.39 -43.89
C HIS N 48 -23.32 -50.59 -45.00
N ALA N 49 -22.52 -50.15 -45.96
CA ALA N 49 -23.03 -49.33 -47.06
C ALA N 49 -23.85 -50.16 -48.04
N LEU N 50 -25.00 -49.62 -48.43
CA LEU N 50 -25.86 -50.28 -49.41
C LEU N 50 -25.36 -50.03 -50.83
N LYS N 51 -26.04 -50.63 -51.80
CA LYS N 51 -25.68 -50.44 -53.20
C LYS N 51 -25.87 -48.98 -53.61
N ASN N 52 -24.93 -48.47 -54.41
CA ASN N 52 -24.97 -47.11 -54.90
C ASN N 52 -25.06 -46.07 -53.79
N ASN N 53 -24.23 -46.23 -52.76
CA ASN N 53 -24.17 -45.29 -51.66
C ASN N 53 -23.77 -43.90 -52.14
N PRO N 54 -24.43 -42.86 -51.58
CA PRO N 54 -24.19 -41.48 -52.02
C PRO N 54 -22.95 -40.85 -51.39
N ASN N 55 -22.28 -41.59 -50.51
CA ASN N 55 -21.06 -41.10 -49.89
C ASN N 55 -19.81 -41.70 -50.55
N GLY N 56 -20.01 -42.38 -51.66
CA GLY N 56 -18.91 -42.99 -52.39
C GLY N 56 -18.42 -44.29 -51.76
N PHE N 57 -19.11 -44.72 -50.72
CA PHE N 57 -18.73 -45.93 -50.00
C PHE N 57 -19.10 -47.18 -50.80
N PRO N 58 -18.17 -48.15 -50.86
CA PRO N 58 -18.41 -49.39 -51.59
C PRO N 58 -19.40 -50.28 -50.84
N GLU N 59 -20.26 -50.98 -51.59
CA GLU N 59 -21.25 -51.87 -51.00
C GLU N 59 -20.63 -52.95 -50.11
N GLY N 60 -21.13 -53.04 -48.89
CA GLY N 60 -20.66 -54.05 -47.94
C GLY N 60 -19.60 -53.53 -46.97
N PHE N 61 -18.90 -52.47 -47.35
CA PHE N 61 -17.88 -51.89 -46.50
C PHE N 61 -18.49 -51.25 -45.24
N TRP N 62 -17.82 -51.45 -44.11
CA TRP N 62 -18.28 -50.89 -42.84
C TRP N 62 -18.13 -49.38 -42.82
N MET N 63 -19.05 -48.70 -42.15
CA MET N 63 -19.00 -47.25 -42.03
C MET N 63 -18.20 -46.83 -40.79
N PRO N 64 -17.02 -46.24 -41.01
CA PRO N 64 -16.11 -45.86 -39.93
C PRO N 64 -16.23 -44.38 -39.55
N TYR N 65 -15.56 -43.99 -38.46
CA TYR N 65 -15.50 -42.60 -38.01
C TYR N 65 -16.88 -42.00 -37.75
N LEU N 66 -17.89 -42.86 -37.61
CA LEU N 66 -19.24 -42.41 -37.33
C LEU N 66 -19.45 -42.16 -35.85
N THR N 67 -20.22 -41.14 -35.51
CA THR N 67 -20.56 -40.85 -34.13
C THR N 67 -21.93 -41.45 -33.82
N ILE N 68 -21.95 -42.44 -32.94
CA ILE N 68 -23.18 -43.18 -32.67
C ILE N 68 -23.47 -43.29 -31.18
N ALA N 69 -24.58 -42.69 -30.75
CA ALA N 69 -25.04 -42.81 -29.38
C ALA N 69 -26.22 -43.78 -29.30
N TYR N 70 -26.40 -44.42 -28.15
CA TYR N 70 -27.44 -45.42 -28.01
C TYR N 70 -28.36 -45.13 -26.83
N ALA N 71 -29.63 -45.50 -26.98
CA ALA N 71 -30.60 -45.32 -25.92
C ALA N 71 -31.46 -46.57 -25.77
N LEU N 72 -31.41 -47.17 -24.59
CA LEU N 72 -32.16 -48.39 -24.32
C LEU N 72 -33.14 -48.18 -23.17
N ALA N 73 -34.42 -48.44 -23.43
CA ALA N 73 -35.45 -48.26 -22.42
C ALA N 73 -36.35 -49.49 -22.32
N ASN N 74 -36.48 -50.04 -21.12
CA ASN N 74 -37.37 -51.17 -20.88
C ASN N 74 -38.79 -50.66 -20.63
N ALA N 75 -39.70 -51.00 -21.54
CA ALA N 75 -41.06 -50.49 -21.48
C ALA N 75 -41.84 -51.02 -20.29
N ASP N 76 -41.36 -52.11 -19.70
CA ASP N 76 -42.02 -52.71 -18.55
C ASP N 76 -41.75 -51.90 -17.28
N THR N 77 -40.50 -51.52 -17.08
CA THR N 77 -40.12 -50.81 -15.87
C THR N 77 -40.06 -49.30 -16.09
N GLY N 78 -39.84 -48.90 -17.33
CA GLY N 78 -39.76 -47.49 -17.68
C GLY N 78 -38.36 -46.93 -17.50
N ALA N 79 -37.44 -47.76 -17.03
CA ALA N 79 -36.05 -47.37 -16.85
C ALA N 79 -35.38 -47.08 -18.19
N ILE N 80 -34.61 -46.00 -18.24
CA ILE N 80 -33.91 -45.61 -19.45
C ILE N 80 -32.48 -45.19 -19.15
N LYS N 81 -31.54 -45.71 -19.93
CA LYS N 81 -30.12 -45.37 -19.76
C LYS N 81 -29.53 -44.89 -21.07
N THR N 82 -28.46 -44.11 -20.98
CA THR N 82 -27.81 -43.58 -22.17
C THR N 82 -26.30 -43.84 -22.14
N GLY N 83 -25.72 -43.99 -23.33
CA GLY N 83 -24.29 -44.22 -23.46
C GLY N 83 -23.84 -44.03 -24.89
N THR N 84 -22.55 -44.24 -25.13
CA THR N 84 -21.99 -44.07 -26.46
C THR N 84 -21.36 -45.36 -26.98
N LEU N 85 -21.38 -45.52 -28.29
CA LEU N 85 -20.76 -46.68 -28.92
C LEU N 85 -19.36 -46.34 -29.43
N MET N 86 -18.40 -47.20 -29.14
CA MET N 86 -17.01 -46.98 -29.51
C MET N 86 -16.63 -47.87 -30.69
N PRO N 87 -15.80 -47.35 -31.60
CA PRO N 87 -15.39 -48.13 -32.77
C PRO N 87 -14.32 -49.16 -32.42
N MET N 88 -14.56 -50.42 -32.81
CA MET N 88 -13.65 -51.50 -32.48
C MET N 88 -13.71 -52.61 -33.50
N VAL N 89 -12.71 -53.49 -33.49
CA VAL N 89 -12.66 -54.59 -34.45
C VAL N 89 -12.69 -55.93 -33.72
N ALA N 90 -13.48 -56.87 -34.25
CA ALA N 90 -13.56 -58.20 -33.69
C ALA N 90 -13.32 -59.26 -34.75
N ASP N 91 -13.52 -60.52 -34.40
CA ASP N 91 -13.35 -61.62 -35.33
C ASP N 91 -14.40 -61.59 -36.44
N ASP N 92 -15.53 -60.96 -36.16
CA ASP N 92 -16.62 -60.86 -37.13
C ASP N 92 -16.60 -59.53 -37.89
N GLY N 93 -15.46 -58.84 -37.82
CA GLY N 93 -15.29 -57.59 -38.53
C GLY N 93 -15.36 -56.36 -37.63
N PRO N 94 -15.32 -55.17 -38.24
CA PRO N 94 -15.36 -53.88 -37.53
C PRO N 94 -16.78 -53.36 -37.29
N HIS N 95 -17.01 -52.81 -36.11
CA HIS N 95 -18.32 -52.24 -35.77
C HIS N 95 -18.22 -51.32 -34.56
N TYR N 96 -19.31 -50.64 -34.25
CA TYR N 96 -19.38 -49.79 -33.07
C TYR N 96 -20.03 -50.57 -31.93
N GLY N 97 -19.26 -50.82 -30.87
CA GLY N 97 -19.74 -51.63 -29.76
C GLY N 97 -19.28 -51.18 -28.40
N ALA N 98 -20.02 -51.60 -27.38
CA ALA N 98 -19.72 -51.24 -26.00
C ALA N 98 -20.45 -52.16 -25.03
N ASN N 99 -19.75 -52.57 -23.98
CA ASN N 99 -20.35 -53.42 -22.96
C ASN N 99 -21.37 -52.67 -22.13
N ILE N 100 -22.52 -53.28 -21.90
CA ILE N 100 -23.60 -52.63 -21.16
C ILE N 100 -24.18 -53.54 -20.08
N ALA N 101 -24.34 -52.98 -18.88
CA ALA N 101 -24.90 -53.73 -17.76
C ALA N 101 -26.42 -53.78 -17.84
N MET N 102 -26.97 -54.99 -17.70
CA MET N 102 -28.41 -55.19 -17.74
C MET N 102 -28.94 -55.60 -16.38
N GLU N 103 -28.86 -56.90 -16.10
CA GLU N 103 -29.27 -57.43 -14.79
C GLU N 103 -28.36 -56.93 -13.68
N LYS N 104 -27.09 -56.69 -14.00
CA LYS N 104 -26.11 -56.27 -13.01
C LYS N 104 -26.14 -54.76 -12.76
N ASP N 105 -27.08 -54.07 -13.39
CA ASP N 105 -27.23 -52.63 -13.22
C ASP N 105 -27.62 -52.27 -11.79
N LYS N 106 -26.81 -51.45 -11.15
CA LYS N 106 -27.05 -51.03 -9.77
C LYS N 106 -28.38 -50.32 -9.61
N LYS N 107 -28.77 -49.56 -10.62
CA LYS N 107 -30.02 -48.80 -10.58
C LYS N 107 -31.22 -49.73 -10.76
N GLY N 108 -31.00 -50.87 -11.42
CA GLY N 108 -32.06 -51.84 -11.64
C GLY N 108 -33.07 -51.40 -12.68
N GLY N 109 -34.02 -52.28 -12.98
CA GLY N 109 -35.07 -52.00 -13.94
C GLY N 109 -34.67 -52.31 -15.37
N PHE N 110 -33.45 -52.81 -15.54
CA PHE N 110 -32.95 -53.16 -16.87
C PHE N 110 -32.79 -54.66 -17.01
N GLY N 111 -33.69 -55.41 -16.40
CA GLY N 111 -33.65 -56.86 -16.44
C GLY N 111 -34.41 -57.44 -17.62
N VAL N 112 -34.80 -58.71 -17.50
CA VAL N 112 -35.53 -59.40 -18.55
C VAL N 112 -36.88 -58.74 -18.81
N GLY N 113 -37.18 -58.56 -20.09
CA GLY N 113 -38.44 -57.95 -20.49
C GLY N 113 -38.38 -57.38 -21.89
N THR N 114 -39.32 -56.50 -22.21
CA THR N 114 -39.35 -55.85 -23.52
C THR N 114 -38.53 -54.57 -23.47
N TYR N 115 -37.66 -54.40 -24.46
CA TYR N 115 -36.79 -53.23 -24.49
C TYR N 115 -36.80 -52.55 -25.85
N ALA N 116 -36.61 -51.24 -25.84
CA ALA N 116 -36.54 -50.47 -27.08
C ALA N 116 -35.17 -49.83 -27.22
N LEU N 117 -34.59 -49.92 -28.42
CA LEU N 117 -33.27 -49.38 -28.67
C LEU N 117 -33.34 -48.22 -29.67
N THR N 118 -32.76 -47.09 -29.28
CA THR N 118 -32.71 -45.93 -30.16
C THR N 118 -31.27 -45.50 -30.39
N PHE N 119 -30.86 -45.55 -31.66
CA PHE N 119 -29.50 -45.17 -32.02
C PHE N 119 -29.46 -43.80 -32.71
N LEU N 120 -28.54 -42.95 -32.30
CA LEU N 120 -28.37 -41.63 -32.90
C LEU N 120 -27.05 -41.57 -33.65
N ILE N 121 -27.14 -41.46 -34.97
CA ILE N 121 -25.96 -41.49 -35.83
C ILE N 121 -25.69 -40.13 -36.45
N SER N 122 -24.43 -39.72 -36.43
CA SER N 122 -24.04 -38.43 -36.99
C SER N 122 -23.11 -38.61 -38.18
N ASN N 123 -22.91 -37.52 -38.92
CA ASN N 123 -22.02 -37.53 -40.09
C ASN N 123 -20.58 -37.80 -39.69
N PRO N 124 -19.80 -38.41 -40.59
CA PRO N 124 -18.41 -38.70 -40.27
C PRO N 124 -17.53 -37.44 -40.33
N GLU N 125 -18.10 -36.35 -40.82
CA GLU N 125 -17.38 -35.08 -40.86
C GLU N 125 -17.11 -34.58 -39.45
N LYS N 126 -17.94 -35.00 -38.50
CA LYS N 126 -17.78 -34.64 -37.11
C LYS N 126 -16.51 -35.25 -36.50
N GLN N 127 -16.06 -36.37 -37.06
CA GLN N 127 -14.88 -37.05 -36.53
C GLN N 127 -13.66 -36.79 -37.42
N GLY N 128 -13.79 -35.81 -38.31
CA GLY N 128 -12.68 -35.40 -39.16
C GLY N 128 -12.53 -36.19 -40.44
N PHE N 129 -13.55 -36.99 -40.77
CA PHE N 129 -13.52 -37.76 -42.01
C PHE N 129 -13.88 -36.85 -43.20
N GLY N 130 -13.06 -36.91 -44.24
CA GLY N 130 -13.23 -36.04 -45.39
C GLY N 130 -14.04 -36.65 -46.52
N ARG N 131 -14.32 -35.83 -47.53
CA ARG N 131 -15.04 -36.28 -48.72
C ARG N 131 -14.66 -35.44 -49.93
N HIS N 132 -14.28 -36.11 -51.01
CA HIS N 132 -13.92 -35.44 -52.25
C HIS N 132 -15.11 -34.73 -52.88
N VAL N 133 -14.86 -33.56 -53.47
CA VAL N 133 -15.91 -32.77 -54.09
C VAL N 133 -15.56 -32.38 -55.51
N ASP N 134 -14.59 -33.07 -56.10
CA ASP N 134 -14.17 -32.81 -57.47
C ASP N 134 -15.20 -33.32 -58.46
N GLU N 135 -15.10 -32.88 -59.71
CA GLU N 135 -16.02 -33.31 -60.75
C GLU N 135 -15.79 -34.78 -61.12
N GLU N 136 -14.53 -35.21 -61.04
CA GLU N 136 -14.17 -36.56 -61.47
C GLU N 136 -14.40 -37.62 -60.40
N THR N 137 -13.94 -37.34 -59.19
CA THR N 137 -13.96 -38.33 -58.12
C THR N 137 -14.72 -37.88 -56.88
N GLY N 138 -15.51 -36.82 -57.01
CA GLY N 138 -16.24 -36.27 -55.88
C GLY N 138 -17.48 -37.10 -55.51
N VAL N 139 -18.03 -36.81 -54.34
CA VAL N 139 -19.21 -37.53 -53.86
C VAL N 139 -20.24 -36.57 -53.26
N GLY N 140 -21.43 -37.10 -52.98
CA GLY N 140 -22.50 -36.28 -52.43
C GLY N 140 -22.26 -35.88 -50.99
N LYS N 141 -23.11 -34.99 -50.48
CA LYS N 141 -22.99 -34.51 -49.10
C LYS N 141 -23.22 -35.63 -48.09
N TRP N 142 -22.66 -35.47 -46.90
CA TRP N 142 -22.81 -36.44 -45.83
C TRP N 142 -24.22 -36.37 -45.24
N PHE N 143 -24.71 -37.53 -44.79
CA PHE N 143 -26.06 -37.60 -44.24
C PHE N 143 -26.22 -36.74 -42.99
N GLU N 144 -27.35 -36.06 -42.90
CA GLU N 144 -27.71 -35.29 -41.71
C GLU N 144 -27.91 -36.22 -40.53
N PRO N 145 -27.79 -35.71 -39.31
CA PRO N 145 -27.98 -36.60 -38.15
C PRO N 145 -29.40 -37.13 -38.07
N PHE N 146 -29.53 -38.44 -37.91
CA PHE N 146 -30.83 -39.09 -37.90
C PHE N 146 -30.87 -40.20 -36.86
N VAL N 147 -32.06 -40.61 -36.47
CA VAL N 147 -32.21 -41.64 -35.46
C VAL N 147 -32.92 -42.87 -36.00
N VAL N 148 -32.57 -44.02 -35.45
CA VAL N 148 -33.21 -45.28 -35.81
C VAL N 148 -33.71 -45.98 -34.55
N THR N 149 -34.87 -46.60 -34.64
CA THR N 149 -35.49 -47.23 -33.48
C THR N 149 -35.74 -48.72 -33.74
N TYR N 150 -35.42 -49.54 -32.75
CA TYR N 150 -35.67 -50.97 -32.85
C TYR N 150 -36.27 -51.48 -31.54
N PHE N 151 -37.11 -52.51 -31.64
CA PHE N 151 -37.74 -53.09 -30.48
C PHE N 151 -37.42 -54.59 -30.37
N PHE N 152 -37.00 -55.02 -29.19
CA PHE N 152 -36.63 -56.40 -28.99
C PHE N 152 -36.80 -56.83 -27.53
N LYS N 153 -36.94 -58.13 -27.31
CA LYS N 153 -37.12 -58.67 -25.96
C LYS N 153 -35.83 -59.29 -25.44
N TYR N 154 -35.35 -58.77 -24.31
CA TYR N 154 -34.14 -59.28 -23.67
C TYR N 154 -34.43 -60.57 -22.91
N THR N 155 -33.77 -61.65 -23.30
CA THR N 155 -34.02 -62.95 -22.68
C THR N 155 -33.03 -63.18 -21.54
N GLY N 156 -32.21 -62.17 -21.26
CA GLY N 156 -31.24 -62.25 -20.18
C GLY N 156 -29.83 -62.37 -20.70
N THR N 157 -28.87 -62.33 -19.78
CA THR N 157 -27.47 -62.47 -20.13
C THR N 157 -27.17 -63.89 -20.62
N PRO N 158 -26.58 -64.00 -21.82
CA PRO N 158 -26.23 -65.30 -22.41
C PRO N 158 -24.80 -65.70 -22.10
N SER O 2 -56.94 -35.04 11.56
CA SER O 2 -56.95 -36.46 11.23
C SER O 2 -56.23 -36.74 9.91
N GLN O 3 -55.99 -35.68 9.15
CA GLN O 3 -55.30 -35.78 7.88
C GLN O 3 -53.92 -35.13 7.93
N ALA O 4 -53.19 -35.22 6.82
CA ALA O 4 -51.85 -34.64 6.76
C ALA O 4 -51.57 -34.03 5.39
N ILE O 5 -50.77 -32.98 5.37
CA ILE O 5 -50.40 -32.30 4.12
C ILE O 5 -48.91 -32.44 3.86
N GLY O 6 -48.55 -32.88 2.66
CA GLY O 6 -47.16 -33.05 2.29
C GLY O 6 -46.74 -32.10 1.19
N ILE O 7 -45.55 -31.51 1.35
CA ILE O 7 -45.03 -30.56 0.36
C ILE O 7 -43.63 -30.99 -0.10
N LEU O 8 -43.45 -31.01 -1.42
CA LEU O 8 -42.17 -31.40 -2.01
C LEU O 8 -41.77 -30.46 -3.14
N GLU O 9 -40.56 -29.93 -3.06
CA GLU O 9 -40.06 -29.02 -4.09
C GLU O 9 -38.84 -29.60 -4.79
N LEU O 10 -38.87 -29.59 -6.13
CA LEU O 10 -37.78 -30.12 -6.92
C LEU O 10 -37.21 -29.05 -7.85
N THR O 11 -35.95 -29.23 -8.25
CA THR O 11 -35.29 -28.25 -9.10
C THR O 11 -35.53 -28.53 -10.58
N SER O 12 -36.13 -29.68 -10.87
CA SER O 12 -36.43 -30.08 -12.23
C SER O 12 -37.92 -30.28 -12.44
N ILE O 13 -38.45 -29.74 -13.55
CA ILE O 13 -39.87 -29.85 -13.85
C ILE O 13 -40.28 -31.29 -14.17
N ALA O 14 -39.45 -31.97 -14.97
CA ALA O 14 -39.73 -33.35 -15.36
C ALA O 14 -39.66 -34.29 -14.16
N LYS O 15 -38.63 -34.12 -13.33
CA LYS O 15 -38.45 -34.95 -12.14
C LYS O 15 -39.61 -34.76 -11.17
N GLY O 16 -40.14 -33.54 -11.12
CA GLY O 16 -41.28 -33.24 -10.29
C GLY O 16 -42.50 -34.04 -10.70
N MET O 17 -42.73 -34.11 -12.00
CA MET O 17 -43.82 -34.91 -12.54
C MET O 17 -43.54 -36.39 -12.36
N GLU O 18 -42.28 -36.78 -12.51
CA GLU O 18 -41.86 -38.17 -12.32
C GLU O 18 -42.08 -38.62 -10.89
N LEU O 19 -41.71 -37.75 -9.94
CA LEU O 19 -41.88 -38.06 -8.52
C LEU O 19 -43.36 -38.03 -8.14
N GLY O 20 -44.12 -37.21 -8.85
CA GLY O 20 -45.55 -37.11 -8.62
C GLY O 20 -46.28 -38.41 -8.89
N ASP O 21 -46.00 -39.01 -10.04
CA ASP O 21 -46.59 -40.29 -10.39
C ASP O 21 -46.14 -41.39 -9.44
N ALA O 22 -44.87 -41.35 -9.06
CA ALA O 22 -44.31 -42.32 -8.14
C ALA O 22 -44.94 -42.21 -6.76
N MET O 23 -45.10 -40.98 -6.28
CA MET O 23 -45.66 -40.74 -4.96
C MET O 23 -47.14 -41.10 -4.91
N LEU O 24 -47.87 -40.76 -5.97
CA LEU O 24 -49.30 -41.04 -6.06
C LEU O 24 -49.56 -42.54 -6.08
N LYS O 25 -48.66 -43.29 -6.72
CA LYS O 25 -48.79 -44.74 -6.79
C LYS O 25 -48.25 -45.42 -5.55
N SER O 26 -47.47 -44.67 -4.76
CA SER O 26 -46.84 -45.21 -3.57
C SER O 26 -47.82 -45.38 -2.41
N ALA O 27 -48.83 -44.51 -2.37
CA ALA O 27 -49.82 -44.54 -1.29
C ALA O 27 -51.13 -43.88 -1.71
N ASN O 28 -52.16 -44.07 -0.89
CA ASN O 28 -53.47 -43.50 -1.16
C ASN O 28 -53.56 -42.03 -0.76
N VAL O 29 -53.08 -41.14 -1.63
CA VAL O 29 -53.10 -39.71 -1.36
C VAL O 29 -53.67 -38.93 -2.54
N ASP O 30 -54.28 -37.78 -2.25
CA ASP O 30 -54.85 -36.95 -3.30
C ASP O 30 -53.93 -35.78 -3.64
N LEU O 31 -53.80 -35.49 -4.94
CA LEU O 31 -52.95 -34.40 -5.39
C LEU O 31 -53.66 -33.07 -5.20
N LEU O 32 -53.05 -32.19 -4.39
CA LEU O 32 -53.64 -30.89 -4.10
C LEU O 32 -53.13 -29.81 -5.05
N VAL O 33 -51.82 -29.83 -5.30
CA VAL O 33 -51.21 -28.84 -6.18
C VAL O 33 -50.08 -29.44 -7.01
N SER O 34 -50.01 -29.03 -8.28
CA SER O 34 -48.96 -29.51 -9.18
C SER O 34 -48.70 -28.48 -10.28
N LYS O 35 -47.77 -27.58 -10.03
CA LYS O 35 -47.44 -26.53 -10.99
C LYS O 35 -45.99 -26.08 -10.88
N THR O 36 -45.47 -25.49 -11.94
CA THR O 36 -44.10 -24.99 -11.97
C THR O 36 -44.00 -23.62 -11.34
N ILE O 37 -42.94 -23.40 -10.57
CA ILE O 37 -42.69 -22.11 -9.93
C ILE O 37 -41.39 -21.49 -10.43
N SER O 38 -41.34 -20.16 -10.41
CA SER O 38 -40.15 -19.42 -10.82
C SER O 38 -38.94 -19.79 -9.96
N PRO O 39 -37.75 -19.85 -10.57
CA PRO O 39 -37.51 -19.62 -12.00
C PRO O 39 -37.68 -20.87 -12.87
N GLY O 40 -37.66 -22.04 -12.24
CA GLY O 40 -37.81 -23.29 -12.96
C GLY O 40 -37.99 -24.48 -12.04
N LYS O 41 -38.53 -24.22 -10.86
CA LYS O 41 -38.76 -25.27 -9.88
C LYS O 41 -40.16 -25.86 -10.03
N PHE O 42 -40.43 -26.96 -9.32
CA PHE O 42 -41.73 -27.60 -9.36
C PHE O 42 -42.25 -27.82 -7.94
N LEU O 43 -43.52 -27.48 -7.71
CA LEU O 43 -44.11 -27.59 -6.39
C LEU O 43 -45.23 -28.63 -6.37
N LEU O 44 -45.15 -29.55 -5.41
CA LEU O 44 -46.17 -30.59 -5.27
C LEU O 44 -46.76 -30.59 -3.87
N MET O 45 -48.09 -30.69 -3.79
CA MET O 45 -48.79 -30.74 -2.51
C MET O 45 -49.74 -31.93 -2.48
N LEU O 46 -49.64 -32.74 -1.43
CA LEU O 46 -50.48 -33.93 -1.30
C LEU O 46 -51.24 -33.94 0.03
N GLY O 47 -52.40 -34.57 0.02
CA GLY O 47 -53.22 -34.67 1.22
C GLY O 47 -53.69 -36.09 1.48
N GLY O 48 -53.92 -36.42 2.74
CA GLY O 48 -54.35 -37.75 3.11
C GLY O 48 -54.00 -38.09 4.55
N ASP O 49 -54.12 -39.37 4.90
CA ASP O 49 -53.78 -39.85 6.23
C ASP O 49 -52.31 -39.58 6.56
N ILE O 50 -52.01 -39.48 7.85
CA ILE O 50 -50.66 -39.20 8.32
C ILE O 50 -49.66 -40.27 7.89
N GLY O 51 -50.08 -41.53 7.99
CA GLY O 51 -49.24 -42.65 7.59
C GLY O 51 -48.96 -42.65 6.10
N ALA O 52 -50.01 -42.47 5.31
CA ALA O 52 -49.90 -42.45 3.86
C ALA O 52 -49.06 -41.27 3.38
N ILE O 53 -49.27 -40.10 4.00
CA ILE O 53 -48.53 -38.89 3.63
C ILE O 53 -47.05 -39.02 3.96
N GLN O 54 -46.75 -39.64 5.10
CA GLN O 54 -45.37 -39.84 5.53
C GLN O 54 -44.62 -40.76 4.57
N GLN O 55 -45.28 -41.83 4.14
CA GLN O 55 -44.69 -42.79 3.22
C GLN O 55 -44.47 -42.20 1.83
N ALA O 56 -45.44 -41.43 1.35
CA ALA O 56 -45.35 -40.80 0.04
C ALA O 56 -44.21 -39.80 -0.03
N ILE O 57 -44.11 -38.97 1.01
CA ILE O 57 -43.04 -37.98 1.09
C ILE O 57 -41.68 -38.62 1.21
N GLU O 58 -41.62 -39.73 1.96
CA GLU O 58 -40.38 -40.49 2.13
C GLU O 58 -39.92 -41.06 0.80
N THR O 59 -40.84 -41.68 0.07
CA THR O 59 -40.55 -42.25 -1.24
C THR O 59 -40.07 -41.18 -2.21
N GLY O 60 -40.75 -40.04 -2.20
CA GLY O 60 -40.38 -38.93 -3.06
C GLY O 60 -39.01 -38.38 -2.74
N THR O 61 -38.74 -38.20 -1.45
CA THR O 61 -37.45 -37.65 -1.00
C THR O 61 -36.30 -38.62 -1.25
N SER O 62 -36.58 -39.91 -1.11
CA SER O 62 -35.56 -40.94 -1.29
C SER O 62 -35.09 -41.04 -2.74
N GLN O 63 -35.96 -40.65 -3.67
CA GLN O 63 -35.66 -40.75 -5.09
C GLN O 63 -35.37 -39.39 -5.71
N ALA O 64 -35.46 -38.34 -4.89
CA ALA O 64 -35.25 -36.98 -5.37
C ALA O 64 -33.78 -36.72 -5.69
N GLY O 65 -32.89 -37.34 -4.91
CA GLY O 65 -31.46 -37.15 -5.11
C GLY O 65 -31.00 -35.75 -4.81
N GLU O 66 -30.11 -35.22 -5.65
CA GLU O 66 -29.56 -33.89 -5.46
C GLU O 66 -30.47 -32.80 -6.02
N MET O 67 -31.60 -33.22 -6.61
CA MET O 67 -32.55 -32.28 -7.19
C MET O 67 -33.56 -31.77 -6.16
N LEU O 68 -33.50 -32.33 -4.95
CA LEU O 68 -34.40 -31.96 -3.88
C LEU O 68 -34.15 -30.53 -3.39
N VAL O 69 -35.20 -29.72 -3.37
CA VAL O 69 -35.10 -28.35 -2.89
C VAL O 69 -35.49 -28.24 -1.42
N ASP O 70 -36.70 -28.70 -1.09
CA ASP O 70 -37.18 -28.65 0.29
C ASP O 70 -38.33 -29.63 0.48
N SER O 71 -38.57 -30.00 1.74
CA SER O 71 -39.65 -30.92 2.06
C SER O 71 -40.21 -30.65 3.46
N LEU O 72 -41.49 -30.89 3.64
CA LEU O 72 -42.14 -30.66 4.93
C LEU O 72 -43.43 -31.47 5.06
N VAL O 73 -43.70 -31.94 6.28
CA VAL O 73 -44.91 -32.71 6.55
C VAL O 73 -45.70 -32.11 7.71
N LEU O 74 -46.96 -31.78 7.46
CA LEU O 74 -47.83 -31.21 8.49
C LEU O 74 -48.88 -32.22 8.93
N ALA O 75 -48.73 -32.73 10.15
CA ALA O 75 -49.64 -33.73 10.69
C ALA O 75 -50.76 -33.08 11.50
N ASN O 76 -51.83 -33.84 11.73
CA ASN O 76 -52.98 -33.37 12.51
C ASN O 76 -53.59 -32.08 11.96
N ILE O 77 -53.90 -32.09 10.67
CA ILE O 77 -54.47 -30.92 10.02
C ILE O 77 -55.97 -31.11 9.75
N HIS O 78 -56.72 -30.03 9.87
CA HIS O 78 -58.16 -30.04 9.60
C HIS O 78 -58.45 -30.51 8.16
N PRO O 79 -59.53 -31.29 8.00
CA PRO O 79 -59.87 -31.83 6.67
C PRO O 79 -60.43 -30.78 5.73
N SER O 80 -60.90 -29.66 6.29
CA SER O 80 -61.44 -28.57 5.47
C SER O 80 -60.34 -27.81 4.73
N VAL O 81 -59.10 -27.98 5.19
CA VAL O 81 -57.95 -27.32 4.57
C VAL O 81 -57.56 -27.97 3.25
N LEU O 82 -57.82 -29.27 3.13
CA LEU O 82 -57.45 -30.03 1.94
C LEU O 82 -58.09 -29.50 0.64
N PRO O 83 -59.43 -29.37 0.59
CA PRO O 83 -59.97 -28.86 -0.67
C PRO O 83 -59.81 -27.36 -0.82
N ALA O 84 -59.51 -26.67 0.28
CA ALA O 84 -59.29 -25.23 0.24
C ALA O 84 -57.99 -24.89 -0.48
N ILE O 85 -57.06 -25.84 -0.47
CA ILE O 85 -55.78 -25.66 -1.15
C ILE O 85 -55.86 -26.12 -2.60
N SER O 86 -56.53 -27.24 -2.83
CA SER O 86 -56.64 -27.82 -4.16
C SER O 86 -57.67 -27.07 -5.01
N GLY O 87 -58.60 -26.40 -4.33
CA GLY O 87 -59.65 -25.67 -5.00
C GLY O 87 -60.32 -24.68 -4.08
N LEU O 88 -61.63 -24.54 -4.21
CA LEU O 88 -62.39 -23.63 -3.36
C LEU O 88 -63.60 -24.31 -2.74
N ASN O 89 -63.81 -24.05 -1.46
CA ASN O 89 -64.97 -24.59 -0.75
C ASN O 89 -66.18 -23.67 -0.84
N SER O 90 -67.36 -24.28 -0.89
CA SER O 90 -68.61 -23.53 -1.01
C SER O 90 -68.81 -22.63 0.22
N VAL O 91 -69.25 -21.39 -0.02
CA VAL O 91 -69.46 -20.45 1.07
C VAL O 91 -70.93 -20.11 1.22
N ASP O 92 -71.63 -20.86 2.07
CA ASP O 92 -73.06 -20.65 2.28
C ASP O 92 -73.34 -19.34 3.00
N LYS O 93 -72.33 -18.83 3.71
CA LYS O 93 -72.49 -17.59 4.43
C LYS O 93 -71.72 -16.45 3.77
N ARG O 94 -72.40 -15.32 3.58
CA ARG O 94 -71.80 -14.14 2.98
C ARG O 94 -71.70 -13.00 3.97
N GLN O 95 -72.10 -13.28 5.22
CA GLN O 95 -72.19 -12.27 6.26
C GLN O 95 -70.87 -11.56 6.55
N ALA O 96 -69.79 -12.34 6.66
CA ALA O 96 -68.48 -11.79 6.96
C ALA O 96 -67.36 -12.60 6.33
N VAL O 97 -66.30 -11.93 5.91
CA VAL O 97 -65.16 -12.60 5.30
C VAL O 97 -63.87 -12.25 6.04
N GLY O 98 -62.98 -13.24 6.17
CA GLY O 98 -61.71 -13.05 6.83
C GLY O 98 -60.54 -13.37 5.91
N ILE O 99 -59.51 -12.53 5.97
CA ILE O 99 -58.33 -12.73 5.15
C ILE O 99 -57.06 -12.57 5.97
N VAL O 100 -56.23 -13.62 5.98
CA VAL O 100 -54.98 -13.59 6.71
C VAL O 100 -53.81 -13.99 5.82
N GLU O 101 -52.92 -13.04 5.56
CA GLU O 101 -51.75 -13.29 4.74
C GLU O 101 -50.52 -13.53 5.62
N THR O 102 -49.81 -14.62 5.35
CA THR O 102 -48.63 -14.96 6.13
C THR O 102 -47.45 -15.29 5.23
N TRP O 103 -46.24 -15.17 5.79
CA TRP O 103 -45.03 -15.52 5.07
C TRP O 103 -44.90 -17.04 5.01
N SER O 104 -44.68 -17.55 3.80
CA SER O 104 -44.57 -18.99 3.53
C SER O 104 -45.90 -19.70 3.72
N VAL O 105 -46.13 -20.74 2.94
CA VAL O 105 -47.38 -21.48 3.01
C VAL O 105 -47.47 -22.30 4.29
N ALA O 106 -46.32 -22.58 4.88
CA ALA O 106 -46.26 -23.33 6.13
C ALA O 106 -46.97 -22.59 7.25
N ALA O 107 -46.69 -21.30 7.39
CA ALA O 107 -47.32 -20.48 8.42
C ALA O 107 -48.81 -20.31 8.15
N CYS O 108 -49.14 -20.16 6.87
CA CYS O 108 -50.54 -19.97 6.46
C CYS O 108 -51.36 -21.23 6.72
N ILE O 109 -50.77 -22.39 6.45
CA ILE O 109 -51.43 -23.67 6.66
C ILE O 109 -51.71 -23.92 8.13
N SER O 110 -50.69 -23.70 8.96
CA SER O 110 -50.82 -23.90 10.40
C SER O 110 -51.83 -22.95 11.01
N ALA O 111 -51.88 -21.73 10.49
CA ALA O 111 -52.81 -20.71 10.97
C ALA O 111 -54.25 -21.08 10.60
N ALA O 112 -54.43 -21.58 9.39
CA ALA O 112 -55.75 -21.97 8.92
C ALA O 112 -56.31 -23.15 9.70
N ASP O 113 -55.45 -24.10 10.03
CA ASP O 113 -55.85 -25.28 10.80
C ASP O 113 -56.37 -24.89 12.17
N LEU O 114 -55.64 -24.01 12.84
CA LEU O 114 -56.03 -23.53 14.16
C LEU O 114 -57.29 -22.67 14.10
N ALA O 115 -57.43 -21.91 13.01
CA ALA O 115 -58.57 -21.03 12.83
C ALA O 115 -59.88 -21.80 12.70
N VAL O 116 -59.88 -22.81 11.83
CA VAL O 116 -61.07 -23.62 11.59
C VAL O 116 -61.46 -24.41 12.84
N LYS O 117 -60.46 -24.92 13.54
CA LYS O 117 -60.69 -25.72 14.74
C LYS O 117 -61.04 -24.84 15.94
N GLY O 118 -60.72 -23.55 15.83
CA GLY O 118 -60.95 -22.63 16.92
C GLY O 118 -62.14 -21.72 16.69
N SER O 119 -62.94 -22.05 15.68
CA SER O 119 -64.13 -21.27 15.37
C SER O 119 -65.16 -22.09 14.60
N ASN O 120 -66.26 -21.45 14.22
CA ASN O 120 -67.30 -22.11 13.46
C ASN O 120 -67.39 -21.54 12.04
N VAL O 121 -66.35 -20.81 11.64
CA VAL O 121 -66.30 -20.22 10.31
C VAL O 121 -65.90 -21.26 9.27
N THR O 122 -66.26 -21.01 8.01
CA THR O 122 -65.92 -21.91 6.92
C THR O 122 -64.73 -21.40 6.13
N LEU O 123 -63.70 -22.23 6.00
CA LEU O 123 -62.51 -21.88 5.25
C LEU O 123 -62.77 -21.96 3.75
N VAL O 124 -62.72 -20.82 3.09
CA VAL O 124 -63.03 -20.76 1.66
C VAL O 124 -61.89 -21.34 0.82
N ARG O 125 -60.70 -20.77 0.98
CA ARG O 125 -59.55 -21.21 0.20
C ARG O 125 -58.23 -20.68 0.78
N VAL O 126 -57.14 -21.38 0.47
CA VAL O 126 -55.80 -20.93 0.84
C VAL O 126 -54.98 -20.76 -0.43
N HIS O 127 -54.50 -19.55 -0.66
CA HIS O 127 -53.81 -19.22 -1.90
C HIS O 127 -52.33 -18.90 -1.69
N MET O 128 -51.48 -19.48 -2.55
CA MET O 128 -50.06 -19.19 -2.54
C MET O 128 -49.70 -18.28 -3.71
N ALA O 129 -49.31 -17.05 -3.40
CA ALA O 129 -49.04 -16.05 -4.43
C ALA O 129 -47.83 -16.40 -5.28
N PHE O 130 -46.78 -16.91 -4.65
CA PHE O 130 -45.55 -17.24 -5.36
C PHE O 130 -44.70 -18.26 -4.61
N GLY O 131 -45.02 -19.54 -4.79
CA GLY O 131 -44.26 -20.60 -4.19
C GLY O 131 -44.57 -20.84 -2.74
N ILE O 132 -43.89 -21.82 -2.14
CA ILE O 132 -44.10 -22.17 -0.74
C ILE O 132 -43.32 -21.26 0.19
N GLY O 133 -42.37 -20.51 -0.37
CA GLY O 133 -41.56 -19.59 0.42
C GLY O 133 -42.05 -18.17 0.34
N GLY O 134 -42.95 -17.89 -0.60
CA GLY O 134 -43.48 -16.56 -0.79
C GLY O 134 -44.69 -16.29 0.09
N LYS O 135 -45.31 -15.12 -0.11
CA LYS O 135 -46.49 -14.74 0.66
C LYS O 135 -47.66 -15.67 0.36
N CYS O 136 -48.30 -16.17 1.40
CA CYS O 136 -49.48 -17.01 1.25
C CYS O 136 -50.64 -16.44 2.06
N TYR O 137 -51.86 -16.76 1.68
CA TYR O 137 -53.03 -16.22 2.35
C TYR O 137 -54.16 -17.23 2.46
N MET O 138 -54.90 -17.15 3.56
CA MET O 138 -56.04 -18.02 3.79
C MET O 138 -57.33 -17.21 3.78
N VAL O 139 -58.41 -17.81 3.29
CA VAL O 139 -59.69 -17.13 3.21
C VAL O 139 -60.77 -17.88 4.00
N VAL O 140 -61.37 -17.19 4.96
CA VAL O 140 -62.42 -17.78 5.79
C VAL O 140 -63.73 -17.02 5.62
N ALA O 141 -64.85 -17.70 5.89
CA ALA O 141 -66.17 -17.08 5.75
C ALA O 141 -67.13 -17.60 6.82
N GLY O 142 -68.03 -16.73 7.26
CA GLY O 142 -69.00 -17.08 8.28
C GLY O 142 -69.56 -15.87 8.99
N ASP O 143 -70.09 -16.08 10.19
CA ASP O 143 -70.61 -15.00 11.02
C ASP O 143 -69.52 -14.02 11.42
N VAL O 144 -69.92 -12.77 11.70
CA VAL O 144 -68.97 -11.73 12.09
C VAL O 144 -68.16 -12.13 13.31
N LEU O 145 -68.82 -12.73 14.29
CA LEU O 145 -68.14 -13.19 15.50
C LEU O 145 -67.24 -14.39 15.20
N ASP O 146 -67.73 -15.27 14.33
CA ASP O 146 -66.97 -16.46 13.95
C ASP O 146 -65.73 -16.12 13.13
N VAL O 147 -65.89 -15.22 12.17
CA VAL O 147 -64.79 -14.81 11.30
C VAL O 147 -63.69 -14.09 12.08
N ALA O 148 -64.10 -13.23 13.01
CA ALA O 148 -63.16 -12.48 13.83
C ALA O 148 -62.34 -13.42 14.70
N ALA O 149 -63.02 -14.38 15.33
CA ALA O 149 -62.38 -15.36 16.19
C ALA O 149 -61.37 -16.19 15.41
N ALA O 150 -61.76 -16.61 14.21
CA ALA O 150 -60.90 -17.39 13.34
C ALA O 150 -59.68 -16.58 12.94
N VAL O 151 -59.90 -15.32 12.58
CA VAL O 151 -58.82 -14.42 12.19
C VAL O 151 -57.87 -14.18 13.34
N ALA O 152 -58.43 -14.01 14.54
CA ALA O 152 -57.64 -13.81 15.75
C ALA O 152 -56.78 -15.03 16.06
N THR O 153 -57.40 -16.20 15.98
CA THR O 153 -56.69 -17.46 16.24
C THR O 153 -55.57 -17.67 15.22
N ALA O 154 -55.86 -17.39 13.97
CA ALA O 154 -54.88 -17.52 12.89
C ALA O 154 -53.74 -16.52 13.05
N SER O 155 -54.08 -15.32 13.49
CA SER O 155 -53.10 -14.25 13.66
C SER O 155 -52.08 -14.60 14.75
N LEU O 156 -52.54 -15.27 15.79
CA LEU O 156 -51.69 -15.67 16.90
C LEU O 156 -50.68 -16.73 16.47
N ALA O 157 -51.13 -17.67 15.64
CA ALA O 157 -50.28 -18.76 15.15
C ALA O 157 -49.13 -18.26 14.29
N ALA O 158 -49.46 -17.50 13.26
CA ALA O 158 -48.44 -16.97 12.34
C ALA O 158 -47.60 -15.89 13.00
N GLY O 159 -48.22 -15.15 13.93
CA GLY O 159 -47.55 -14.08 14.64
C GLY O 159 -46.49 -14.59 15.61
N ALA O 160 -46.69 -15.81 16.11
CA ALA O 160 -45.76 -16.42 17.05
C ALA O 160 -44.44 -16.73 16.37
N LYS O 161 -44.48 -16.92 15.05
CA LYS O 161 -43.27 -17.21 14.28
C LYS O 161 -42.77 -15.97 13.55
N GLY O 162 -43.51 -14.88 13.68
CA GLY O 162 -43.14 -13.63 13.03
C GLY O 162 -43.30 -13.72 11.53
N LEU O 163 -44.19 -14.59 11.07
CA LEU O 163 -44.41 -14.80 9.65
C LEU O 163 -45.74 -14.19 9.21
N LEU O 164 -46.38 -13.45 10.11
CA LEU O 164 -47.66 -12.82 9.81
C LEU O 164 -47.43 -11.49 9.09
N VAL O 165 -48.08 -11.32 7.94
CA VAL O 165 -47.95 -10.11 7.17
C VAL O 165 -48.99 -9.08 7.59
N TYR O 166 -50.26 -9.45 7.47
CA TYR O 166 -51.36 -8.56 7.84
C TYR O 166 -52.65 -9.33 8.00
N ALA O 167 -53.54 -8.82 8.86
CA ALA O 167 -54.84 -9.44 9.08
C ALA O 167 -55.94 -8.40 8.93
N SER O 168 -57.09 -8.83 8.40
CA SER O 168 -58.20 -7.92 8.19
C SER O 168 -59.54 -8.62 8.29
N ILE O 169 -60.46 -8.02 9.05
CA ILE O 169 -61.83 -8.51 9.14
C ILE O 169 -62.76 -7.60 8.37
N ILE O 170 -63.42 -8.16 7.35
CA ILE O 170 -64.25 -7.36 6.45
C ILE O 170 -65.72 -7.80 6.49
N PRO O 171 -66.52 -7.13 7.34
CA PRO O 171 -67.96 -7.38 7.40
C PRO O 171 -68.70 -6.63 6.29
N ARG O 172 -69.69 -7.30 5.68
CA ARG O 172 -70.44 -6.73 4.56
C ARG O 172 -69.51 -6.26 3.44
N PRO O 173 -68.89 -7.21 2.72
CA PRO O 173 -67.94 -6.89 1.65
C PRO O 173 -68.62 -6.35 0.40
N HIS O 174 -67.97 -5.41 -0.28
CA HIS O 174 -68.48 -4.83 -1.51
C HIS O 174 -68.70 -5.91 -2.58
N GLU O 175 -69.69 -5.68 -3.45
CA GLU O 175 -70.05 -6.64 -4.48
C GLU O 175 -68.89 -6.97 -5.42
N ALA O 176 -68.08 -5.96 -5.73
CA ALA O 176 -66.92 -6.13 -6.60
C ALA O 176 -65.80 -6.87 -5.90
N MET O 177 -65.63 -6.61 -4.60
CA MET O 177 -64.59 -7.22 -3.80
C MET O 177 -64.89 -8.66 -3.42
N TRP O 178 -66.16 -8.96 -3.20
CA TRP O 178 -66.59 -10.29 -2.77
C TRP O 178 -66.27 -11.40 -3.77
N ARG O 179 -66.49 -11.13 -5.06
CA ARG O 179 -66.23 -12.13 -6.09
C ARG O 179 -64.75 -12.51 -6.17
N GLN O 180 -63.87 -11.52 -6.10
CA GLN O 180 -62.44 -11.77 -6.14
C GLN O 180 -61.94 -12.51 -4.90
N MET O 181 -62.48 -12.14 -3.74
CA MET O 181 -62.10 -12.76 -2.47
C MET O 181 -62.51 -14.22 -2.38
N VAL O 182 -63.72 -14.53 -2.84
CA VAL O 182 -64.24 -15.90 -2.76
C VAL O 182 -63.56 -16.83 -3.75
N GLU O 183 -63.23 -16.31 -4.93
CA GLU O 183 -62.63 -17.13 -5.97
C GLU O 183 -61.11 -17.06 -5.93
N GLY P 2 -65.42 -5.20 41.52
CA GLY P 2 -66.04 -4.58 40.36
C GLY P 2 -65.44 -5.09 39.06
N GLU P 3 -65.58 -6.39 38.81
CA GLU P 3 -65.05 -7.00 37.60
C GLU P 3 -66.17 -7.41 36.65
N VAL P 4 -66.01 -7.10 35.37
CA VAL P 4 -67.00 -7.46 34.37
C VAL P 4 -66.61 -8.76 33.69
N PRO P 5 -67.53 -9.75 33.70
CA PRO P 5 -67.25 -11.07 33.12
C PRO P 5 -67.31 -11.07 31.61
N ILE P 6 -66.40 -11.81 30.98
CA ILE P 6 -66.35 -11.90 29.52
C ILE P 6 -66.73 -13.28 29.03
N GLY P 7 -67.95 -13.41 28.53
CA GLY P 7 -68.43 -14.67 27.99
C GLY P 7 -68.53 -15.77 29.02
N ASP P 8 -68.38 -17.02 28.55
CA ASP P 8 -68.47 -18.18 29.42
C ASP P 8 -67.10 -18.82 29.64
N PRO P 9 -66.86 -19.33 30.85
CA PRO P 9 -65.56 -19.96 31.13
C PRO P 9 -65.47 -21.35 30.51
N LYS P 10 -64.24 -21.76 30.16
CA LYS P 10 -64.02 -23.06 29.53
C LYS P 10 -63.17 -23.97 30.40
N GLU P 11 -63.47 -25.27 30.36
CA GLU P 11 -62.71 -26.25 31.13
C GLU P 11 -62.05 -27.27 30.19
N LEU P 12 -60.72 -27.21 30.13
CA LEU P 12 -59.96 -28.10 29.27
C LEU P 12 -58.51 -28.21 29.73
N ASN P 13 -57.86 -29.30 29.35
CA ASN P 13 -56.47 -29.57 29.72
C ASN P 13 -56.24 -29.55 31.22
N GLY P 14 -57.27 -29.89 31.98
CA GLY P 14 -57.17 -29.95 33.42
C GLY P 14 -57.17 -28.60 34.10
N MET P 15 -57.46 -27.55 33.33
CA MET P 15 -57.45 -26.19 33.87
C MET P 15 -58.73 -25.44 33.49
N GLU P 16 -59.18 -24.57 34.40
CA GLU P 16 -60.35 -23.73 34.14
C GLU P 16 -59.91 -22.35 33.65
N ILE P 17 -60.49 -21.91 32.54
CA ILE P 17 -60.10 -20.65 31.93
C ILE P 17 -61.27 -19.67 31.83
N ALA P 18 -61.24 -18.63 32.66
CA ALA P 18 -62.29 -17.62 32.64
C ALA P 18 -61.68 -16.25 32.36
N ALA P 19 -62.49 -15.34 31.80
CA ALA P 19 -62.02 -14.02 31.45
C ALA P 19 -62.84 -12.92 32.13
N VAL P 20 -62.15 -11.89 32.62
CA VAL P 20 -62.82 -10.78 33.28
C VAL P 20 -62.13 -9.45 32.98
N TYR P 21 -62.88 -8.37 33.04
CA TYR P 21 -62.34 -7.04 32.77
C TYR P 21 -62.68 -6.07 33.90
N LEU P 22 -61.78 -5.15 34.19
CA LEU P 22 -62.00 -4.16 35.24
C LEU P 22 -61.22 -2.88 34.96
N GLN P 23 -61.17 -2.00 35.96
CA GLN P 23 -60.44 -0.75 35.86
C GLN P 23 -58.94 -0.99 35.69
N PRO P 24 -58.25 -0.06 35.01
CA PRO P 24 -56.80 -0.15 34.79
C PRO P 24 -56.03 -0.15 36.12
N ILE P 25 -54.95 -0.92 36.18
CA ILE P 25 -54.17 -1.04 37.41
C ILE P 25 -52.73 -0.60 37.22
N GLU P 26 -52.09 -0.21 38.32
CA GLU P 26 -50.69 0.18 38.30
C GLU P 26 -49.80 -0.96 38.79
N MET P 27 -48.97 -1.48 37.90
CA MET P 27 -48.15 -2.64 38.21
C MET P 27 -46.67 -2.29 38.37
N GLU P 28 -46.02 -2.91 39.36
CA GLU P 28 -44.59 -2.73 39.58
C GLU P 28 -43.82 -3.96 39.15
N PRO P 29 -42.66 -3.77 38.52
CA PRO P 29 -42.00 -2.49 38.23
C PRO P 29 -42.56 -1.81 36.98
N ARG P 30 -42.43 -0.49 36.91
CA ARG P 30 -42.93 0.28 35.78
C ARG P 30 -42.06 0.08 34.55
N GLY P 31 -42.58 0.50 33.39
CA GLY P 31 -41.86 0.37 32.14
C GLY P 31 -42.10 -0.96 31.46
N ILE P 32 -43.05 -1.72 31.99
CA ILE P 32 -43.42 -3.00 31.41
C ILE P 32 -44.86 -2.98 30.91
N ASP P 33 -45.80 -3.02 31.85
CA ASP P 33 -47.22 -2.93 31.51
C ASP P 33 -47.60 -1.51 31.12
N LEU P 34 -48.59 -1.39 30.24
CA LEU P 34 -49.09 -0.09 29.79
C LEU P 34 -49.51 0.77 30.98
N ALA P 35 -49.17 2.06 30.90
CA ALA P 35 -49.51 3.01 31.96
C ALA P 35 -51.00 3.07 32.23
N ALA P 36 -51.36 3.17 33.51
CA ALA P 36 -52.75 3.22 33.93
C ALA P 36 -53.49 4.40 33.30
N SER P 37 -52.79 5.53 33.20
CA SER P 37 -53.38 6.74 32.62
C SER P 37 -53.53 6.61 31.10
N LEU P 38 -52.76 5.72 30.51
CA LEU P 38 -52.78 5.51 29.07
C LEU P 38 -53.76 4.42 28.68
N ALA P 39 -54.23 3.66 29.68
CA ALA P 39 -55.15 2.56 29.43
C ALA P 39 -56.58 2.91 29.85
N ASP P 40 -57.53 2.09 29.43
CA ASP P 40 -58.92 2.29 29.80
C ASP P 40 -59.44 1.15 30.67
N ILE P 41 -58.90 -0.05 30.44
CA ILE P 41 -59.29 -1.21 31.22
C ILE P 41 -58.13 -2.18 31.40
N HIS P 42 -58.18 -2.98 32.47
CA HIS P 42 -57.16 -3.99 32.72
C HIS P 42 -57.75 -5.40 32.56
N LEU P 43 -57.28 -6.13 31.56
CA LEU P 43 -57.76 -7.47 31.29
C LEU P 43 -56.97 -8.52 32.05
N GLU P 44 -57.67 -9.36 32.80
CA GLU P 44 -57.03 -10.40 33.61
C GLU P 44 -57.58 -11.79 33.26
N ALA P 45 -56.67 -12.75 33.14
CA ALA P 45 -57.07 -14.13 32.84
C ALA P 45 -56.97 -15.01 34.09
N ASP P 46 -58.11 -15.59 34.48
CA ASP P 46 -58.15 -16.45 35.65
C ASP P 46 -57.97 -17.92 35.28
N ILE P 47 -56.82 -18.48 35.64
CA ILE P 47 -56.50 -19.85 35.31
C ILE P 47 -56.22 -20.68 36.55
N HIS P 48 -57.11 -21.63 36.83
CA HIS P 48 -56.95 -22.50 37.98
C HIS P 48 -57.08 -23.97 37.57
N ALA P 49 -56.36 -24.83 38.27
CA ALA P 49 -56.36 -26.25 37.94
C ALA P 49 -57.66 -26.92 38.39
N LEU P 50 -58.22 -27.75 37.52
CA LEU P 50 -59.43 -28.49 37.83
C LEU P 50 -59.12 -29.74 38.65
N LYS P 51 -60.15 -30.47 39.05
CA LYS P 51 -59.98 -31.69 39.81
C LYS P 51 -59.25 -32.75 39.00
N ASN P 52 -58.34 -33.47 39.67
CA ASN P 52 -57.56 -34.54 39.05
C ASN P 52 -56.79 -34.07 37.82
N ASN P 53 -56.11 -32.94 37.94
CA ASN P 53 -55.27 -32.41 36.86
C ASN P 53 -54.18 -33.40 36.46
N PRO P 54 -53.93 -33.52 35.15
CA PRO P 54 -52.95 -34.48 34.66
C PRO P 54 -51.52 -33.95 34.76
N ASN P 55 -51.37 -32.70 35.20
CA ASN P 55 -50.06 -32.11 35.37
C ASN P 55 -49.65 -32.12 36.85
N GLY P 56 -50.42 -32.80 37.67
CA GLY P 56 -50.13 -32.91 39.09
C GLY P 56 -50.52 -31.66 39.87
N PHE P 57 -51.15 -30.71 39.20
CA PHE P 57 -51.52 -29.45 39.83
C PHE P 57 -52.72 -29.64 40.75
N PRO P 58 -52.65 -29.08 41.96
CA PRO P 58 -53.74 -29.16 42.95
C PRO P 58 -54.93 -28.29 42.57
N GLU P 59 -56.13 -28.78 42.84
CA GLU P 59 -57.36 -28.05 42.54
C GLU P 59 -57.39 -26.69 43.23
N GLY P 60 -57.66 -25.65 42.44
CA GLY P 60 -57.75 -24.30 42.97
C GLY P 60 -56.46 -23.51 42.84
N PHE P 61 -55.34 -24.22 42.77
CA PHE P 61 -54.03 -23.58 42.63
C PHE P 61 -53.90 -22.88 41.27
N TRP P 62 -53.30 -21.69 41.29
CA TRP P 62 -53.10 -20.93 40.07
C TRP P 62 -52.03 -21.58 39.18
N MET P 63 -52.21 -21.50 37.87
CA MET P 63 -51.24 -22.04 36.94
C MET P 63 -50.17 -21.00 36.59
N PRO P 64 -48.94 -21.24 37.04
CA PRO P 64 -47.83 -20.30 36.84
C PRO P 64 -46.93 -20.66 35.66
N TYR P 65 -46.01 -19.76 35.32
CA TYR P 65 -45.01 -19.99 34.28
C TYR P 65 -45.62 -20.29 32.91
N LEU P 66 -46.91 -19.97 32.75
CA LEU P 66 -47.60 -20.19 31.48
C LEU P 66 -47.38 -19.04 30.50
N THR P 67 -47.26 -19.37 29.23
CA THR P 67 -47.15 -18.35 28.18
C THR P 67 -48.50 -18.11 27.53
N ILE P 68 -49.04 -16.91 27.73
CA ILE P 68 -50.39 -16.61 27.26
C ILE P 68 -50.45 -15.30 26.47
N ALA P 69 -50.81 -15.40 25.19
CA ALA P 69 -51.00 -14.23 24.35
C ALA P 69 -52.49 -13.94 24.15
N TYR P 70 -52.82 -12.68 23.90
CA TYR P 70 -54.21 -12.27 23.78
C TYR P 70 -54.52 -11.57 22.47
N ALA P 71 -55.73 -11.80 21.97
CA ALA P 71 -56.18 -11.17 20.74
C ALA P 71 -57.62 -10.68 20.89
N LEU P 72 -57.82 -9.37 20.73
CA LEU P 72 -59.14 -8.77 20.86
C LEU P 72 -59.58 -8.09 19.57
N ALA P 73 -60.73 -8.49 19.06
CA ALA P 73 -61.26 -7.93 17.82
C ALA P 73 -62.70 -7.49 17.97
N ASN P 74 -62.98 -6.23 17.62
CA ASN P 74 -64.32 -5.69 17.63
C ASN P 74 -65.07 -6.01 16.34
N ALA P 75 -66.13 -6.80 16.46
CA ALA P 75 -66.87 -7.27 15.29
C ALA P 75 -67.62 -6.13 14.60
N ASP P 76 -67.83 -5.03 15.31
CA ASP P 76 -68.53 -3.88 14.78
C ASP P 76 -67.66 -3.07 13.82
N THR P 77 -66.42 -2.79 14.23
CA THR P 77 -65.51 -1.96 13.45
C THR P 77 -64.54 -2.80 12.62
N GLY P 78 -64.29 -4.03 13.06
CA GLY P 78 -63.36 -4.91 12.37
C GLY P 78 -61.93 -4.71 12.82
N ALA P 79 -61.72 -3.75 13.72
CA ALA P 79 -60.39 -3.48 14.27
C ALA P 79 -59.90 -4.65 15.12
N ILE P 80 -58.63 -5.00 14.96
CA ILE P 80 -58.05 -6.11 15.70
C ILE P 80 -56.66 -5.76 16.26
N LYS P 81 -56.45 -6.09 17.53
CA LYS P 81 -55.17 -5.84 18.17
C LYS P 81 -54.63 -7.11 18.84
N THR P 82 -53.32 -7.19 19.01
CA THR P 82 -52.69 -8.36 19.62
C THR P 82 -51.73 -7.96 20.73
N GLY P 83 -51.59 -8.83 21.74
CA GLY P 83 -50.68 -8.58 22.83
C GLY P 83 -50.44 -9.82 23.67
N THR P 84 -49.64 -9.68 24.72
CA THR P 84 -49.31 -10.80 25.60
C THR P 84 -49.74 -10.52 27.04
N LEU P 85 -50.07 -11.59 27.76
CA LEU P 85 -50.44 -11.47 29.17
C LEU P 85 -49.27 -11.76 30.09
N MET P 86 -49.08 -10.91 31.09
CA MET P 86 -47.97 -11.06 32.03
C MET P 86 -48.48 -11.56 33.39
N PRO P 87 -47.68 -12.40 34.05
CA PRO P 87 -48.04 -12.96 35.35
C PRO P 87 -47.83 -11.95 36.48
N MET P 88 -48.86 -11.75 37.31
CA MET P 88 -48.80 -10.77 38.38
C MET P 88 -49.69 -11.15 39.55
N VAL P 89 -49.48 -10.50 40.69
CA VAL P 89 -50.26 -10.78 41.89
C VAL P 89 -51.05 -9.56 42.34
N ALA P 90 -52.30 -9.79 42.73
CA ALA P 90 -53.16 -8.72 43.22
C ALA P 90 -53.75 -9.08 44.58
N ASP P 91 -54.67 -8.25 45.06
CA ASP P 91 -55.34 -8.50 46.33
C ASP P 91 -56.23 -9.74 46.26
N ASP P 92 -56.65 -10.08 45.05
CA ASP P 92 -57.51 -11.24 44.84
C ASP P 92 -56.70 -12.47 44.41
N GLY P 93 -55.40 -12.43 44.64
CA GLY P 93 -54.53 -13.54 44.32
C GLY P 93 -53.72 -13.32 43.05
N PRO P 94 -52.98 -14.36 42.61
CA PRO P 94 -52.13 -14.27 41.42
C PRO P 94 -52.87 -14.62 40.14
N HIS P 95 -52.60 -13.88 39.08
CA HIS P 95 -53.23 -14.13 37.78
C HIS P 95 -52.44 -13.46 36.65
N TYR P 96 -52.84 -13.72 35.41
CA TYR P 96 -52.23 -13.07 34.27
C TYR P 96 -53.05 -11.86 33.84
N GLY P 97 -52.45 -10.68 33.95
CA GLY P 97 -53.15 -9.45 33.65
C GLY P 97 -52.28 -8.41 32.98
N ALA P 98 -52.91 -7.47 32.28
CA ALA P 98 -52.20 -6.41 31.57
C ALA P 98 -53.15 -5.28 31.20
N ASN P 99 -52.69 -4.05 31.35
CA ASN P 99 -53.49 -2.88 30.98
C ASN P 99 -53.61 -2.75 29.47
N ILE P 100 -54.82 -2.50 29.00
CA ILE P 100 -55.07 -2.40 27.57
C ILE P 100 -55.90 -1.16 27.22
N ALA P 101 -55.46 -0.41 26.22
CA ALA P 101 -56.18 0.77 25.77
C ALA P 101 -57.36 0.39 24.88
N MET P 102 -58.53 0.94 25.19
CA MET P 102 -59.73 0.67 24.39
C MET P 102 -60.18 1.92 23.65
N GLU P 103 -60.94 2.77 24.34
CA GLU P 103 -61.38 4.04 23.78
C GLU P 103 -60.19 4.96 23.52
N LYS P 104 -59.15 4.83 24.34
CA LYS P 104 -57.98 5.69 24.24
C LYS P 104 -57.00 5.21 23.17
N ASP P 105 -57.39 4.16 22.45
CA ASP P 105 -56.55 3.63 21.37
C ASP P 105 -56.40 4.64 20.25
N LYS P 106 -55.16 4.98 19.94
CA LYS P 106 -54.86 5.96 18.88
C LYS P 106 -55.39 5.50 17.53
N LYS P 107 -55.36 4.20 17.28
CA LYS P 107 -55.84 3.64 16.03
C LYS P 107 -57.37 3.67 15.96
N GLY P 108 -58.01 3.67 17.12
CA GLY P 108 -59.46 3.70 17.19
C GLY P 108 -60.10 2.39 16.78
N GLY P 109 -61.42 2.33 16.88
CA GLY P 109 -62.17 1.14 16.51
C GLY P 109 -62.27 0.13 17.63
N PHE P 110 -61.72 0.47 18.79
CA PHE P 110 -61.77 -0.40 19.95
C PHE P 110 -62.65 0.17 21.06
N GLY P 111 -63.74 0.83 20.66
CA GLY P 111 -64.65 1.44 21.60
C GLY P 111 -65.76 0.49 22.03
N VAL P 112 -66.86 1.07 22.51
CA VAL P 112 -68.00 0.29 22.95
C VAL P 112 -68.63 -0.49 21.80
N GLY P 113 -68.92 -1.76 22.04
CA GLY P 113 -69.53 -2.61 21.04
C GLY P 113 -69.33 -4.09 21.33
N THR P 114 -69.51 -4.92 20.31
CA THR P 114 -69.32 -6.35 20.46
C THR P 114 -67.88 -6.74 20.16
N TYR P 115 -67.27 -7.51 21.07
CA TYR P 115 -65.88 -7.90 20.92
C TYR P 115 -65.68 -9.39 21.17
N ALA P 116 -64.69 -9.98 20.49
CA ALA P 116 -64.35 -11.38 20.69
C ALA P 116 -62.93 -11.50 21.21
N LEU P 117 -62.74 -12.35 22.22
CA LEU P 117 -61.43 -12.53 22.84
C LEU P 117 -60.87 -13.91 22.59
N THR P 118 -59.64 -13.97 22.07
CA THR P 118 -58.97 -15.23 21.81
C THR P 118 -57.63 -15.30 22.55
N PHE P 119 -57.49 -16.26 23.45
CA PHE P 119 -56.26 -16.42 24.21
C PHE P 119 -55.47 -17.63 23.72
N LEU P 120 -54.16 -17.45 23.56
CA LEU P 120 -53.28 -18.53 23.13
C LEU P 120 -52.35 -18.95 24.26
N ILE P 121 -52.55 -20.16 24.77
CA ILE P 121 -51.81 -20.65 25.92
C ILE P 121 -50.85 -21.77 25.53
N SER P 122 -49.62 -21.69 26.04
CA SER P 122 -48.61 -22.69 25.74
C SER P 122 -48.18 -23.44 27.01
N ASN P 123 -47.45 -24.53 26.82
CA ASN P 123 -46.96 -25.33 27.94
C ASN P 123 -45.95 -24.57 28.79
N PRO P 124 -45.87 -24.91 30.09
CA PRO P 124 -44.93 -24.21 30.98
C PRO P 124 -43.48 -24.64 30.74
N GLU P 125 -43.28 -25.67 29.93
CA GLU P 125 -41.94 -26.13 29.59
C GLU P 125 -41.18 -25.08 28.79
N LYS P 126 -41.92 -24.22 28.11
CA LYS P 126 -41.33 -23.12 27.34
C LYS P 126 -40.65 -22.09 28.24
N GLN P 127 -41.10 -22.00 29.48
CA GLN P 127 -40.54 -21.04 30.42
C GLN P 127 -39.56 -21.69 31.38
N GLY P 128 -39.17 -22.93 31.07
CA GLY P 128 -38.18 -23.64 31.86
C GLY P 128 -38.75 -24.39 33.06
N PHE P 129 -40.08 -24.51 33.11
CA PHE P 129 -40.72 -25.24 34.20
C PHE P 129 -40.62 -26.74 33.93
N GLY P 130 -40.20 -27.49 34.96
CA GLY P 130 -39.98 -28.91 34.81
C GLY P 130 -41.16 -29.77 35.21
N ARG P 131 -41.05 -31.07 34.97
CA ARG P 131 -42.08 -32.02 35.34
C ARG P 131 -41.48 -33.40 35.61
N HIS P 132 -41.84 -33.97 36.76
CA HIS P 132 -41.35 -35.30 37.11
C HIS P 132 -41.92 -36.35 36.18
N VAL P 133 -41.10 -37.35 35.86
CA VAL P 133 -41.52 -38.43 34.96
C VAL P 133 -41.25 -39.79 35.57
N ASP P 134 -41.01 -39.81 36.88
CA ASP P 134 -40.76 -41.05 37.59
C ASP P 134 -42.04 -41.86 37.73
N GLU P 135 -41.91 -43.14 38.08
CA GLU P 135 -43.06 -44.01 38.27
C GLU P 135 -43.86 -43.63 39.51
N GLU P 136 -43.14 -43.16 40.54
CA GLU P 136 -43.77 -42.89 41.83
C GLU P 136 -44.42 -41.50 41.92
N THR P 137 -43.68 -40.46 41.51
CA THR P 137 -44.15 -39.09 41.69
C THR P 137 -44.23 -38.33 40.38
N GLY P 138 -44.14 -39.05 39.27
CA GLY P 138 -44.19 -38.43 37.96
C GLY P 138 -45.60 -38.04 37.54
N VAL P 139 -45.69 -37.24 36.48
CA VAL P 139 -46.98 -36.79 35.97
C VAL P 139 -46.99 -36.91 34.45
N GLY P 140 -48.16 -36.72 33.85
CA GLY P 140 -48.30 -36.83 32.41
C GLY P 140 -47.66 -35.68 31.66
N LYS P 141 -47.58 -35.81 30.34
CA LYS P 141 -46.99 -34.78 29.50
C LYS P 141 -47.81 -33.49 29.56
N TRP P 142 -47.16 -32.36 29.29
CA TRP P 142 -47.84 -31.08 29.31
C TRP P 142 -48.73 -30.93 28.07
N PHE P 143 -49.84 -30.21 28.22
CA PHE P 143 -50.79 -30.01 27.13
C PHE P 143 -50.15 -29.26 25.98
N GLU P 144 -50.47 -29.67 24.75
CA GLU P 144 -50.03 -28.97 23.56
C GLU P 144 -50.64 -27.58 23.50
N PRO P 145 -50.01 -26.67 22.74
CA PRO P 145 -50.55 -25.31 22.66
C PRO P 145 -51.91 -25.25 22.00
N PHE P 146 -52.85 -24.55 22.66
CA PHE P 146 -54.22 -24.47 22.18
C PHE P 146 -54.80 -23.08 22.40
N VAL P 147 -55.89 -22.78 21.70
CA VAL P 147 -56.53 -21.48 21.82
C VAL P 147 -57.96 -21.58 22.35
N VAL P 148 -58.40 -20.54 23.03
CA VAL P 148 -59.77 -20.47 23.54
C VAL P 148 -60.43 -19.16 23.10
N THR P 149 -61.73 -19.24 22.80
CA THR P 149 -62.45 -18.07 22.29
C THR P 149 -63.63 -17.71 23.18
N TYR P 150 -63.79 -16.41 23.43
CA TYR P 150 -64.90 -15.91 24.22
C TYR P 150 -65.52 -14.68 23.56
N PHE P 151 -66.83 -14.50 23.76
CA PHE P 151 -67.53 -13.34 23.20
C PHE P 151 -68.23 -12.53 24.29
N PHE P 152 -68.04 -11.22 24.26
CA PHE P 152 -68.63 -10.34 25.26
C PHE P 152 -68.83 -8.93 24.72
N LYS P 153 -69.74 -8.19 25.32
CA LYS P 153 -70.04 -6.83 24.90
C LYS P 153 -69.39 -5.80 25.82
N TYR P 154 -68.54 -4.95 25.24
CA TYR P 154 -67.87 -3.90 25.99
C TYR P 154 -68.80 -2.72 26.26
N THR P 155 -69.06 -2.45 27.53
CA THR P 155 -69.97 -1.37 27.92
C THR P 155 -69.20 -0.09 28.18
N GLY P 156 -67.90 -0.12 27.92
CA GLY P 156 -67.05 1.04 28.13
C GLY P 156 -66.11 0.86 29.31
N THR P 157 -65.22 1.82 29.50
CA THR P 157 -64.28 1.78 30.61
C THR P 157 -64.98 1.95 31.95
N PRO P 158 -64.75 1.00 32.88
CA PRO P 158 -65.37 1.03 34.21
C PRO P 158 -64.47 1.71 35.24
N SER Q 2 -64.32 14.23 -17.22
CA SER Q 2 -65.35 14.41 -16.21
C SER Q 2 -65.17 13.42 -15.06
N GLN Q 3 -64.35 12.40 -15.28
CA GLN Q 3 -64.09 11.40 -14.26
C GLN Q 3 -62.65 11.48 -13.76
N ALA Q 4 -62.32 10.63 -12.79
CA ALA Q 4 -60.98 10.62 -12.21
C ALA Q 4 -60.52 9.20 -11.88
N ILE Q 5 -59.22 8.96 -12.01
CA ILE Q 5 -58.64 7.65 -11.72
C ILE Q 5 -57.70 7.71 -10.54
N GLY Q 6 -57.90 6.81 -9.58
CA GLY Q 6 -57.06 6.75 -8.39
C GLY Q 6 -56.24 5.49 -8.35
N ILE Q 7 -54.96 5.63 -7.99
CA ILE Q 7 -54.06 4.49 -7.92
C ILE Q 7 -53.39 4.41 -6.55
N LEU Q 8 -53.41 3.23 -5.95
CA LEU Q 8 -52.80 3.02 -4.64
C LEU Q 8 -51.99 1.73 -4.62
N GLU Q 9 -50.73 1.85 -4.20
CA GLU Q 9 -49.84 0.69 -4.13
C GLU Q 9 -49.41 0.42 -2.70
N LEU Q 10 -49.53 -0.83 -2.28
CA LEU Q 10 -49.18 -1.24 -0.92
C LEU Q 10 -48.12 -2.33 -0.93
N THR Q 11 -47.37 -2.43 0.17
CA THR Q 11 -46.31 -3.43 0.29
C THR Q 11 -46.85 -4.74 0.82
N SER Q 12 -48.11 -4.72 1.26
CA SER Q 12 -48.76 -5.92 1.81
C SER Q 12 -49.98 -6.28 0.98
N ILE Q 13 -50.13 -7.56 0.65
CA ILE Q 13 -51.25 -8.04 -0.14
C ILE Q 13 -52.57 -7.94 0.62
N ALA Q 14 -52.54 -8.33 1.89
CA ALA Q 14 -53.71 -8.29 2.75
C ALA Q 14 -54.17 -6.85 2.99
N LYS Q 15 -53.22 -5.97 3.27
CA LYS Q 15 -53.52 -4.56 3.51
C LYS Q 15 -54.13 -3.90 2.28
N GLY Q 16 -53.68 -4.33 1.11
CA GLY Q 16 -54.23 -3.83 -0.15
C GLY Q 16 -55.71 -4.13 -0.28
N MET Q 17 -56.08 -5.37 0.05
CA MET Q 17 -57.48 -5.78 0.03
C MET Q 17 -58.26 -5.08 1.14
N GLU Q 18 -57.62 -4.90 2.28
CA GLU Q 18 -58.22 -4.21 3.42
C GLU Q 18 -58.53 -2.75 3.09
N LEU Q 19 -57.57 -2.08 2.45
CA LEU Q 19 -57.74 -0.69 2.07
C LEU Q 19 -58.75 -0.56 0.93
N GLY Q 20 -58.83 -1.60 0.11
CA GLY Q 20 -59.76 -1.64 -1.01
C GLY Q 20 -61.20 -1.58 -0.53
N ASP Q 21 -61.53 -2.42 0.45
CA ASP Q 21 -62.86 -2.43 1.04
C ASP Q 21 -63.15 -1.10 1.73
N ALA Q 22 -62.14 -0.57 2.41
CA ALA Q 22 -62.28 0.70 3.12
C ALA Q 22 -62.52 1.85 2.14
N MET Q 23 -61.77 1.86 1.05
CA MET Q 23 -61.87 2.93 0.05
C MET Q 23 -63.20 2.86 -0.69
N LEU Q 24 -63.63 1.64 -1.02
CA LEU Q 24 -64.88 1.44 -1.74
C LEU Q 24 -66.08 1.89 -0.92
N LYS Q 25 -66.00 1.71 0.40
CA LYS Q 25 -67.07 2.10 1.30
C LYS Q 25 -66.97 3.59 1.65
N SER Q 26 -65.82 4.18 1.39
CA SER Q 26 -65.57 5.57 1.74
C SER Q 26 -66.27 6.53 0.78
N ALA Q 27 -66.43 6.12 -0.48
CA ALA Q 27 -67.05 6.97 -1.48
C ALA Q 27 -67.61 6.14 -2.63
N ASN Q 28 -68.40 6.79 -3.48
CA ASN Q 28 -68.99 6.12 -4.64
C ASN Q 28 -68.01 6.00 -5.81
N VAL Q 29 -67.16 4.97 -5.75
CA VAL Q 29 -66.17 4.74 -6.80
C VAL Q 29 -66.18 3.29 -7.24
N ASP Q 30 -65.82 3.05 -8.48
CA ASP Q 30 -65.78 1.69 -9.03
C ASP Q 30 -64.36 1.15 -9.03
N LEU Q 31 -64.22 -0.12 -8.66
CA LEU Q 31 -62.91 -0.77 -8.63
C LEU Q 31 -62.46 -1.16 -10.03
N LEU Q 32 -61.34 -0.60 -10.47
CA LEU Q 32 -60.84 -0.87 -11.81
C LEU Q 32 -59.86 -2.03 -11.82
N VAL Q 33 -58.95 -2.06 -10.84
CA VAL Q 33 -57.95 -3.12 -10.76
C VAL Q 33 -57.64 -3.51 -9.32
N SER Q 34 -57.48 -4.81 -9.10
CA SER Q 34 -57.15 -5.34 -7.78
C SER Q 34 -56.43 -6.67 -7.91
N LYS Q 35 -55.10 -6.62 -7.98
CA LYS Q 35 -54.29 -7.81 -8.14
C LYS Q 35 -52.91 -7.63 -7.52
N THR Q 36 -52.26 -8.75 -7.20
CA THR Q 36 -50.92 -8.72 -6.62
C THR Q 36 -49.85 -8.55 -7.70
N ILE Q 37 -48.85 -7.74 -7.39
CA ILE Q 37 -47.75 -7.50 -8.32
C ILE Q 37 -46.43 -7.94 -7.72
N SER Q 38 -45.50 -8.34 -8.58
CA SER Q 38 -44.16 -8.75 -8.15
C SER Q 38 -43.42 -7.62 -7.44
N PRO Q 39 -42.66 -7.97 -6.38
CA PRO Q 39 -42.47 -9.33 -5.88
C PRO Q 39 -43.52 -9.75 -4.85
N GLY Q 40 -44.20 -8.76 -4.27
CA GLY Q 40 -45.22 -9.06 -3.26
C GLY Q 40 -46.04 -7.83 -2.90
N LYS Q 41 -46.15 -6.90 -3.83
CA LYS Q 41 -46.91 -5.67 -3.61
C LYS Q 41 -48.36 -5.84 -4.04
N PHE Q 42 -49.19 -4.87 -3.71
CA PHE Q 42 -50.60 -4.89 -4.09
C PHE Q 42 -50.99 -3.58 -4.78
N LEU Q 43 -51.69 -3.71 -5.90
CA LEU Q 43 -52.08 -2.54 -6.69
C LEU Q 43 -53.59 -2.38 -6.73
N LEU Q 44 -54.06 -1.18 -6.42
CA LEU Q 44 -55.49 -0.89 -6.45
C LEU Q 44 -55.78 0.30 -7.37
N MET Q 45 -56.79 0.15 -8.22
CA MET Q 45 -57.18 1.22 -9.12
C MET Q 45 -58.69 1.49 -9.02
N LEU Q 46 -59.05 2.75 -8.83
CA LEU Q 46 -60.45 3.13 -8.67
C LEU Q 46 -60.87 4.19 -9.68
N GLY Q 47 -62.14 4.17 -10.06
CA GLY Q 47 -62.68 5.15 -10.99
C GLY Q 47 -63.97 5.75 -10.49
N GLY Q 48 -64.24 6.99 -10.89
CA GLY Q 48 -65.44 7.68 -10.47
C GLY Q 48 -65.29 9.20 -10.56
N ASP Q 49 -66.21 9.91 -9.93
CA ASP Q 49 -66.16 11.37 -9.88
C ASP Q 49 -64.87 11.85 -9.22
N ILE Q 50 -64.47 13.08 -9.56
CA ILE Q 50 -63.24 13.66 -9.03
C ILE Q 50 -63.27 13.77 -7.51
N GLY Q 51 -64.41 14.18 -6.98
CA GLY Q 51 -64.59 14.30 -5.54
C GLY Q 51 -64.49 12.96 -4.82
N ALA Q 52 -65.19 11.97 -5.35
CA ALA Q 52 -65.19 10.63 -4.78
C ALA Q 52 -63.81 9.98 -4.85
N ILE Q 53 -63.14 10.16 -5.98
CA ILE Q 53 -61.82 9.58 -6.20
C ILE Q 53 -60.78 10.21 -5.27
N GLN Q 54 -60.87 11.52 -5.08
CA GLN Q 54 -59.96 12.24 -4.20
C GLN Q 54 -60.10 11.77 -2.75
N GLN Q 55 -61.34 11.58 -2.31
CA GLN Q 55 -61.61 11.14 -0.95
C GLN Q 55 -61.17 9.69 -0.75
N ALA Q 56 -61.42 8.85 -1.75
CA ALA Q 56 -61.05 7.44 -1.69
C ALA Q 56 -59.54 7.27 -1.61
N ILE Q 57 -58.83 8.03 -2.45
CA ILE Q 57 -57.37 7.98 -2.47
C ILE Q 57 -56.79 8.52 -1.16
N GLU Q 58 -57.43 9.55 -0.62
CA GLU Q 58 -57.03 10.12 0.66
C GLU Q 58 -57.21 9.10 1.77
N THR Q 59 -58.39 8.46 1.80
CA THR Q 59 -58.70 7.44 2.79
C THR Q 59 -57.74 6.26 2.69
N GLY Q 60 -57.48 5.82 1.46
CA GLY Q 60 -56.58 4.71 1.23
C GLY Q 60 -55.16 5.00 1.69
N THR Q 61 -54.66 6.19 1.37
CA THR Q 61 -53.32 6.59 1.74
C THR Q 61 -53.20 6.79 3.25
N SER Q 62 -54.26 7.29 3.87
CA SER Q 62 -54.25 7.58 5.31
C SER Q 62 -54.20 6.31 6.15
N GLN Q 63 -54.69 5.20 5.58
CA GLN Q 63 -54.74 3.94 6.32
C GLN Q 63 -53.67 2.97 5.83
N ALA Q 64 -52.90 3.39 4.82
CA ALA Q 64 -51.86 2.55 4.26
C ALA Q 64 -50.70 2.38 5.22
N GLY Q 65 -50.42 3.44 5.98
CA GLY Q 65 -49.32 3.43 6.93
C GLY Q 65 -47.96 3.37 6.27
N GLU Q 66 -47.07 2.56 6.84
CA GLU Q 66 -45.71 2.43 6.32
C GLU Q 66 -45.64 1.43 5.17
N MET Q 67 -46.79 0.83 4.84
CA MET Q 67 -46.87 -0.14 3.76
C MET Q 67 -47.11 0.54 2.42
N LEU Q 68 -47.33 1.84 2.45
CA LEU Q 68 -47.60 2.62 1.25
C LEU Q 68 -46.39 2.72 0.34
N VAL Q 69 -46.57 2.33 -0.92
CA VAL Q 69 -45.50 2.40 -1.91
C VAL Q 69 -45.59 3.71 -2.70
N ASP Q 70 -46.74 3.94 -3.33
CA ASP Q 70 -46.96 5.15 -4.11
C ASP Q 70 -48.45 5.43 -4.29
N SER Q 71 -48.77 6.68 -4.60
CA SER Q 71 -50.16 7.09 -4.81
C SER Q 71 -50.24 8.22 -5.82
N LEU Q 72 -51.31 8.25 -6.60
CA LEU Q 72 -51.49 9.28 -7.62
C LEU Q 72 -52.96 9.44 -8.01
N VAL Q 73 -53.34 10.67 -8.31
CA VAL Q 73 -54.70 10.97 -8.76
C VAL Q 73 -54.69 11.72 -10.08
N LEU Q 74 -55.38 11.16 -11.08
CA LEU Q 74 -55.43 11.76 -12.41
C LEU Q 74 -56.80 12.39 -12.69
N ALA Q 75 -56.83 13.71 -12.73
CA ALA Q 75 -58.08 14.44 -12.96
C ALA Q 75 -58.28 14.77 -14.44
N ASN Q 76 -59.51 15.12 -14.79
CA ASN Q 76 -59.88 15.50 -16.15
C ASN Q 76 -59.56 14.40 -17.16
N ILE Q 77 -60.00 13.19 -16.88
CA ILE Q 77 -59.76 12.06 -17.77
C ILE Q 77 -61.02 11.68 -18.55
N HIS Q 78 -60.82 11.27 -19.80
CA HIS Q 78 -61.92 10.80 -20.64
C HIS Q 78 -62.65 9.64 -20.00
N PRO Q 79 -63.97 9.59 -20.16
CA PRO Q 79 -64.78 8.52 -19.54
C PRO Q 79 -64.57 7.18 -20.22
N SER Q 80 -64.07 7.20 -21.45
CA SER Q 80 -63.80 5.97 -22.20
C SER Q 80 -62.57 5.23 -21.65
N VAL Q 81 -61.77 5.93 -20.86
CA VAL Q 81 -60.57 5.36 -20.28
C VAL Q 81 -60.88 4.42 -19.12
N LEU Q 82 -61.98 4.69 -18.41
CA LEU Q 82 -62.36 3.89 -17.24
C LEU Q 82 -62.60 2.41 -17.56
N PRO Q 83 -63.48 2.08 -18.53
CA PRO Q 83 -63.66 0.64 -18.77
C PRO Q 83 -62.52 0.04 -19.59
N ALA Q 84 -61.71 0.90 -20.20
CA ALA Q 84 -60.57 0.45 -20.99
C ALA Q 84 -59.49 -0.15 -20.09
N ILE Q 85 -59.47 0.29 -18.83
CA ILE Q 85 -58.52 -0.24 -17.86
C ILE Q 85 -59.07 -1.49 -17.18
N SER Q 86 -60.35 -1.46 -16.87
CA SER Q 86 -61.00 -2.59 -16.20
C SER Q 86 -61.30 -3.73 -17.16
N GLY Q 87 -61.44 -3.41 -18.44
CA GLY Q 87 -61.72 -4.41 -19.45
C GLY Q 87 -61.46 -3.92 -20.86
N LEU Q 88 -62.31 -4.34 -21.79
CA LEU Q 88 -62.17 -3.93 -23.19
C LEU Q 88 -63.49 -3.41 -23.75
N ASN Q 89 -63.44 -2.30 -24.47
CA ASN Q 89 -64.61 -1.74 -25.12
C ASN Q 89 -64.83 -2.32 -26.50
N SER Q 90 -66.09 -2.47 -26.89
CA SER Q 90 -66.43 -3.04 -28.20
C SER Q 90 -65.92 -2.16 -29.34
N VAL Q 91 -65.36 -2.80 -30.37
CA VAL Q 91 -64.81 -2.09 -31.52
C VAL Q 91 -65.58 -2.40 -32.79
N ASP Q 92 -66.59 -1.59 -33.09
CA ASP Q 92 -67.43 -1.81 -34.27
C ASP Q 92 -66.67 -1.56 -35.57
N LYS Q 93 -65.59 -0.81 -35.48
CA LYS Q 93 -64.77 -0.51 -36.64
C LYS Q 93 -63.47 -1.29 -36.56
N ARG Q 94 -63.10 -1.94 -37.65
CA ARG Q 94 -61.86 -2.71 -37.71
C ARG Q 94 -60.86 -2.09 -38.68
N GLN Q 95 -61.24 -0.94 -39.24
CA GLN Q 95 -60.48 -0.30 -40.32
C GLN Q 95 -59.02 -0.03 -39.95
N ALA Q 96 -58.79 0.49 -38.75
CA ALA Q 96 -57.44 0.81 -38.33
C ALA Q 96 -57.27 0.68 -36.82
N VAL Q 97 -56.09 0.25 -36.40
CA VAL Q 97 -55.76 0.10 -34.99
C VAL Q 97 -54.51 0.89 -34.61
N GLY Q 98 -54.50 1.44 -33.41
CA GLY Q 98 -53.35 2.20 -32.93
C GLY Q 98 -52.79 1.63 -31.64
N ILE Q 99 -51.47 1.57 -31.55
CA ILE Q 99 -50.80 1.06 -30.36
C ILE Q 99 -49.65 1.98 -29.93
N VAL Q 100 -49.73 2.47 -28.70
CA VAL Q 100 -48.69 3.33 -28.15
C VAL Q 100 -48.20 2.82 -26.80
N GLU Q 101 -46.93 2.41 -26.76
CA GLU Q 101 -46.35 1.89 -25.53
C GLU Q 101 -45.53 2.96 -24.84
N THR Q 102 -45.80 3.16 -23.54
CA THR Q 102 -45.10 4.18 -22.78
C THR Q 102 -44.56 3.64 -21.45
N TRP Q 103 -43.56 4.31 -20.90
CA TRP Q 103 -43.02 3.95 -19.60
C TRP Q 103 -43.95 4.42 -18.50
N SER Q 104 -44.29 3.50 -17.60
CA SER Q 104 -45.22 3.75 -16.48
C SER Q 104 -46.65 3.99 -16.95
N VAL Q 105 -47.61 3.56 -16.14
CA VAL Q 105 -49.02 3.68 -16.49
C VAL Q 105 -49.50 5.13 -16.40
N ALA Q 106 -48.77 5.93 -15.63
CA ALA Q 106 -49.09 7.34 -15.48
C ALA Q 106 -49.02 8.09 -16.82
N ALA Q 107 -47.93 7.87 -17.55
CA ALA Q 107 -47.75 8.52 -18.84
C ALA Q 107 -48.74 8.00 -19.87
N CYS Q 108 -49.05 6.70 -19.80
CA CYS Q 108 -49.99 6.07 -20.72
C CYS Q 108 -51.41 6.61 -20.55
N ILE Q 109 -51.81 6.82 -19.30
CA ILE Q 109 -53.14 7.33 -19.00
C ILE Q 109 -53.33 8.74 -19.55
N SER Q 110 -52.34 9.60 -19.30
CA SER Q 110 -52.40 10.98 -19.76
C SER Q 110 -52.41 11.07 -21.29
N ALA Q 111 -51.69 10.16 -21.94
CA ALA Q 111 -51.62 10.14 -23.39
C ALA Q 111 -52.95 9.73 -24.02
N ALA Q 112 -53.62 8.77 -23.40
CA ALA Q 112 -54.90 8.27 -23.90
C ALA Q 112 -55.99 9.35 -23.81
N ASP Q 113 -55.96 10.13 -22.74
CA ASP Q 113 -56.94 11.19 -22.53
C ASP Q 113 -56.88 12.24 -23.64
N LEU Q 114 -55.67 12.66 -23.99
CA LEU Q 114 -55.47 13.64 -25.05
C LEU Q 114 -55.86 13.05 -26.41
N ALA Q 115 -55.62 11.75 -26.57
CA ALA Q 115 -55.92 11.06 -27.82
C ALA Q 115 -57.42 11.01 -28.11
N VAL Q 116 -58.20 10.59 -27.12
CA VAL Q 116 -59.64 10.46 -27.28
C VAL Q 116 -60.32 11.82 -27.46
N LYS Q 117 -59.86 12.82 -26.72
CA LYS Q 117 -60.44 14.16 -26.80
C LYS Q 117 -59.97 14.91 -28.04
N GLY Q 118 -58.87 14.46 -28.63
CA GLY Q 118 -58.29 15.13 -29.78
C GLY Q 118 -58.54 14.40 -31.08
N SER Q 119 -59.42 13.42 -31.05
CA SER Q 119 -59.75 12.65 -32.25
C SER Q 119 -61.14 12.02 -32.13
N ASN Q 120 -61.51 11.25 -33.15
CA ASN Q 120 -62.79 10.56 -33.14
C ASN Q 120 -62.62 9.04 -33.07
N VAL Q 121 -61.42 8.61 -32.71
CA VAL Q 121 -61.11 7.18 -32.60
C VAL Q 121 -61.62 6.61 -31.28
N THR Q 122 -61.84 5.29 -31.27
CA THR Q 122 -62.31 4.61 -30.06
C THR Q 122 -61.17 3.90 -29.35
N LEU Q 123 -61.01 4.19 -28.06
CA LEU Q 123 -59.99 3.55 -27.24
C LEU Q 123 -60.43 2.15 -26.86
N VAL Q 124 -59.70 1.14 -27.33
CA VAL Q 124 -60.08 -0.24 -27.11
C VAL Q 124 -59.81 -0.68 -25.68
N ARG Q 125 -58.55 -0.58 -25.25
CA ARG Q 125 -58.16 -1.00 -23.91
C ARG Q 125 -56.78 -0.48 -23.52
N VAL Q 126 -56.55 -0.38 -22.21
CA VAL Q 126 -55.22 -0.02 -21.69
C VAL Q 126 -54.69 -1.13 -20.80
N HIS Q 127 -53.55 -1.70 -21.17
CA HIS Q 127 -53.01 -2.85 -20.46
C HIS Q 127 -51.70 -2.52 -19.74
N MET Q 128 -51.60 -2.97 -18.49
CA MET Q 128 -50.38 -2.81 -17.70
C MET Q 128 -49.64 -4.15 -17.61
N ALA Q 129 -48.49 -4.24 -18.25
CA ALA Q 129 -47.73 -5.47 -18.33
C ALA Q 129 -47.21 -5.90 -16.95
N PHE Q 130 -46.71 -4.94 -16.18
CA PHE Q 130 -46.12 -5.25 -14.88
C PHE Q 130 -46.11 -4.05 -13.94
N GLY Q 131 -47.22 -3.82 -13.26
CA GLY Q 131 -47.32 -2.76 -12.28
C GLY Q 131 -47.56 -1.38 -12.89
N ILE Q 132 -47.65 -0.38 -12.02
CA ILE Q 132 -47.91 1.00 -12.45
C ILE Q 132 -46.61 1.67 -12.89
N GLY Q 133 -45.48 1.07 -12.55
CA GLY Q 133 -44.19 1.61 -12.90
C GLY Q 133 -43.59 0.94 -14.12
N GLY Q 134 -44.20 -0.17 -14.53
CA GLY Q 134 -43.70 -0.92 -15.67
C GLY Q 134 -44.27 -0.43 -16.99
N LYS Q 135 -43.94 -1.14 -18.06
CA LYS Q 135 -44.41 -0.79 -19.40
C LYS Q 135 -45.93 -0.91 -19.52
N CYS Q 136 -46.56 0.14 -20.04
CA CYS Q 136 -47.99 0.14 -20.26
C CYS Q 136 -48.28 0.49 -21.72
N TYR Q 137 -49.44 0.07 -22.22
CA TYR Q 137 -49.78 0.28 -23.62
C TYR Q 137 -51.26 0.60 -23.79
N MET Q 138 -51.56 1.46 -24.76
CA MET Q 138 -52.94 1.81 -25.09
C MET Q 138 -53.33 1.28 -26.47
N VAL Q 139 -54.58 0.88 -26.62
CA VAL Q 139 -55.06 0.37 -27.89
C VAL Q 139 -56.23 1.20 -28.41
N VAL Q 140 -56.08 1.74 -29.62
CA VAL Q 140 -57.14 2.55 -30.23
C VAL Q 140 -57.62 1.92 -31.52
N ALA Q 141 -58.87 2.22 -31.90
CA ALA Q 141 -59.45 1.67 -33.12
C ALA Q 141 -60.39 2.67 -33.78
N GLY Q 142 -60.43 2.64 -35.11
CA GLY Q 142 -61.30 3.54 -35.86
C GLY Q 142 -60.83 3.74 -37.28
N ASP Q 143 -61.27 4.84 -37.90
CA ASP Q 143 -60.83 5.19 -39.24
C ASP Q 143 -59.33 5.48 -39.26
N VAL Q 144 -58.72 5.31 -40.43
CA VAL Q 144 -57.29 5.54 -40.60
C VAL Q 144 -56.87 6.95 -40.18
N LEU Q 145 -57.66 7.94 -40.58
CA LEU Q 145 -57.39 9.33 -40.22
C LEU Q 145 -57.61 9.56 -38.74
N ASP Q 146 -58.64 8.92 -38.19
CA ASP Q 146 -58.96 9.07 -36.78
C ASP Q 146 -57.90 8.42 -35.90
N VAL Q 147 -57.47 7.23 -36.28
CA VAL Q 147 -56.47 6.49 -35.53
C VAL Q 147 -55.12 7.21 -35.54
N ALA Q 148 -54.77 7.77 -36.70
CA ALA Q 148 -53.50 8.48 -36.86
C ALA Q 148 -53.43 9.71 -35.97
N ALA Q 149 -54.52 10.48 -35.95
CA ALA Q 149 -54.60 11.70 -35.14
C ALA Q 149 -54.47 11.37 -33.65
N ALA Q 150 -55.16 10.32 -33.23
CA ALA Q 150 -55.11 9.88 -31.84
C ALA Q 150 -53.70 9.39 -31.46
N VAL Q 151 -53.09 8.61 -32.33
CA VAL Q 151 -51.75 8.07 -32.10
C VAL Q 151 -50.69 9.17 -32.01
N ALA Q 152 -50.80 10.15 -32.89
CA ALA Q 152 -49.89 11.29 -32.89
C ALA Q 152 -50.02 12.08 -31.59
N THR Q 153 -51.27 12.32 -31.19
CA THR Q 153 -51.55 13.05 -29.96
C THR Q 153 -51.02 12.29 -28.74
N ALA Q 154 -51.22 10.98 -28.74
CA ALA Q 154 -50.74 10.14 -27.65
C ALA Q 154 -49.22 10.10 -27.59
N SER Q 155 -48.60 10.04 -28.76
CA SER Q 155 -47.15 9.97 -28.86
C SER Q 155 -46.46 11.22 -28.33
N LEU Q 156 -47.08 12.38 -28.58
CA LEU Q 156 -46.54 13.65 -28.13
C LEU Q 156 -46.60 13.78 -26.61
N ALA Q 157 -47.68 13.30 -26.01
CA ALA Q 157 -47.88 13.39 -24.56
C ALA Q 157 -46.82 12.61 -23.79
N ALA Q 158 -46.65 11.34 -24.12
CA ALA Q 158 -45.68 10.50 -23.44
C ALA Q 158 -44.26 10.91 -23.80
N GLY Q 159 -44.10 11.42 -25.01
CA GLY Q 159 -42.80 11.86 -25.51
C GLY Q 159 -42.30 13.10 -24.80
N ALA Q 160 -43.21 13.93 -24.31
CA ALA Q 160 -42.85 15.15 -23.61
C ALA Q 160 -42.16 14.84 -22.28
N LYS Q 161 -42.44 13.66 -21.74
CA LYS Q 161 -41.84 13.23 -20.48
C LYS Q 161 -40.70 12.25 -20.75
N GLY Q 162 -40.49 11.92 -22.02
CA GLY Q 162 -39.44 10.99 -22.41
C GLY Q 162 -39.73 9.58 -21.97
N LEU Q 163 -41.02 9.25 -21.82
CA LEU Q 163 -41.41 7.93 -21.36
C LEU Q 163 -42.05 7.10 -22.48
N LEU Q 164 -41.99 7.61 -23.71
CA LEU Q 164 -42.56 6.92 -24.87
C LEU Q 164 -41.61 5.85 -25.39
N VAL Q 165 -42.12 4.64 -25.54
CA VAL Q 165 -41.30 3.53 -26.03
C VAL Q 165 -41.31 3.43 -27.55
N TYR Q 166 -42.50 3.27 -28.13
CA TYR Q 166 -42.63 3.16 -29.58
C TYR Q 166 -44.08 3.37 -30.01
N ALA Q 167 -44.26 3.88 -31.22
CA ALA Q 167 -45.59 4.09 -31.78
C ALA Q 167 -45.71 3.44 -33.15
N SER Q 168 -46.89 2.92 -33.46
CA SER Q 168 -47.12 2.27 -34.73
C SER Q 168 -48.58 2.37 -35.18
N ILE Q 169 -48.79 2.75 -36.43
CA ILE Q 169 -50.13 2.77 -37.01
C ILE Q 169 -50.29 1.61 -37.97
N ILE Q 170 -51.24 0.73 -37.68
CA ILE Q 170 -51.41 -0.50 -38.45
C ILE Q 170 -52.77 -0.57 -39.13
N PRO Q 171 -52.84 -0.12 -40.40
CA PRO Q 171 -54.06 -0.22 -41.19
C PRO Q 171 -54.24 -1.60 -41.79
N ARG Q 172 -55.46 -2.11 -41.77
CA ARG Q 172 -55.77 -3.45 -42.27
C ARG Q 172 -54.92 -4.53 -41.62
N PRO Q 173 -55.15 -4.81 -40.32
CA PRO Q 173 -54.39 -5.82 -39.58
C PRO Q 173 -54.80 -7.23 -40.01
N HIS Q 174 -53.84 -8.15 -40.02
CA HIS Q 174 -54.11 -9.55 -40.35
C HIS Q 174 -55.14 -10.14 -39.39
N GLU Q 175 -55.92 -11.10 -39.88
CA GLU Q 175 -57.00 -11.69 -39.09
C GLU Q 175 -56.50 -12.29 -37.78
N ALA Q 176 -55.33 -12.92 -37.83
CA ALA Q 176 -54.73 -13.50 -36.64
C ALA Q 176 -54.19 -12.42 -35.69
N MET Q 177 -53.64 -11.36 -36.26
CA MET Q 177 -53.07 -10.28 -35.45
C MET Q 177 -54.16 -9.36 -34.89
N TRP Q 178 -55.19 -9.12 -35.68
CA TRP Q 178 -56.28 -8.25 -35.26
C TRP Q 178 -57.04 -8.84 -34.08
N ARG Q 179 -57.31 -10.13 -34.14
CA ARG Q 179 -58.01 -10.84 -33.07
C ARG Q 179 -57.17 -10.83 -31.80
N GLN Q 180 -55.88 -11.07 -31.95
CA GLN Q 180 -54.96 -11.07 -30.82
C GLN Q 180 -54.85 -9.69 -30.19
N MET Q 181 -54.81 -8.66 -31.04
CA MET Q 181 -54.72 -7.27 -30.58
C MET Q 181 -55.96 -6.84 -29.80
N VAL Q 182 -57.13 -7.22 -30.32
CA VAL Q 182 -58.40 -6.84 -29.70
C VAL Q 182 -58.67 -7.64 -28.42
N GLU Q 183 -58.26 -8.91 -28.40
CA GLU Q 183 -58.56 -9.78 -27.28
C GLU Q 183 -57.42 -9.82 -26.25
N GLY Q 184 -56.27 -9.28 -26.65
CA GLY Q 184 -55.05 -9.23 -25.85
C GLY Q 184 -54.99 -9.92 -24.49
N GLY R 2 -46.68 30.96 -52.75
CA GLY R 2 -46.95 29.59 -53.10
C GLY R 2 -46.99 28.67 -51.89
N GLU R 3 -47.93 28.92 -51.00
CA GLU R 3 -48.08 28.12 -49.78
C GLU R 3 -49.33 27.26 -49.83
N VAL R 4 -49.19 26.00 -49.47
CA VAL R 4 -50.32 25.07 -49.43
C VAL R 4 -50.90 24.98 -48.03
N PRO R 5 -52.22 25.22 -47.90
CA PRO R 5 -52.89 25.19 -46.60
C PRO R 5 -53.15 23.77 -46.11
N ILE R 6 -52.99 23.54 -44.81
CA ILE R 6 -53.17 22.21 -44.24
C ILE R 6 -54.40 22.14 -43.34
N GLY R 7 -55.47 21.55 -43.87
CA GLY R 7 -56.70 21.37 -43.11
C GLY R 7 -57.39 22.66 -42.73
N ASP R 8 -58.12 22.62 -41.63
CA ASP R 8 -58.84 23.79 -41.14
C ASP R 8 -58.16 24.37 -39.90
N PRO R 9 -58.16 25.71 -39.78
CA PRO R 9 -57.55 26.36 -38.62
C PRO R 9 -58.42 26.26 -37.38
N LYS R 10 -57.79 26.25 -36.20
CA LYS R 10 -58.52 26.14 -34.95
C LYS R 10 -58.35 27.38 -34.09
N GLU R 11 -59.41 27.76 -33.40
CA GLU R 11 -59.38 28.94 -32.52
C GLU R 11 -59.65 28.55 -31.08
N LEU R 12 -58.61 28.66 -30.25
CA LEU R 12 -58.72 28.30 -28.84
C LEU R 12 -57.63 29.00 -28.03
N ASN R 13 -57.89 29.15 -26.73
CA ASN R 13 -56.96 29.79 -25.81
C ASN R 13 -56.56 31.20 -26.24
N GLY R 14 -57.46 31.88 -26.94
CA GLY R 14 -57.22 33.25 -27.36
C GLY R 14 -56.27 33.38 -28.53
N MET R 15 -55.94 32.25 -29.14
CA MET R 15 -54.99 32.24 -30.26
C MET R 15 -55.54 31.44 -31.44
N GLU R 16 -55.23 31.90 -32.64
CA GLU R 16 -55.62 31.21 -33.87
C GLU R 16 -54.48 30.33 -34.37
N ILE R 17 -54.79 29.06 -34.63
CA ILE R 17 -53.77 28.10 -35.04
C ILE R 17 -54.07 27.52 -36.41
N ALA R 18 -53.29 27.93 -37.41
CA ALA R 18 -53.44 27.45 -38.77
C ALA R 18 -52.15 26.78 -39.24
N ALA R 19 -52.28 25.86 -40.19
CA ALA R 19 -51.11 25.14 -40.70
C ALA R 19 -50.97 25.30 -42.22
N VAL R 20 -49.74 25.50 -42.67
CA VAL R 20 -49.46 25.66 -44.09
C VAL R 20 -48.14 25.01 -44.47
N TYR R 21 -48.01 24.62 -45.74
CA TYR R 21 -46.78 24.01 -46.24
C TYR R 21 -46.30 24.73 -47.49
N LEU R 22 -44.98 24.80 -47.65
CA LEU R 22 -44.39 25.48 -48.81
C LEU R 22 -43.02 24.90 -49.16
N GLN R 23 -42.31 25.59 -50.05
CA GLN R 23 -40.98 25.18 -50.47
C GLN R 23 -39.99 25.25 -49.29
N PRO R 24 -38.97 24.38 -49.31
CA PRO R 24 -37.94 24.38 -48.25
C PRO R 24 -37.19 25.70 -48.17
N ILE R 25 -36.85 26.12 -46.96
CA ILE R 25 -36.17 27.39 -46.77
C ILE R 25 -34.81 27.21 -46.11
N GLU R 26 -33.92 28.17 -46.33
CA GLU R 26 -32.60 28.16 -45.70
C GLU R 26 -32.59 29.09 -44.50
N MET R 27 -32.42 28.52 -43.31
CA MET R 27 -32.51 29.29 -42.08
C MET R 27 -31.15 29.51 -41.42
N GLU R 28 -30.95 30.71 -40.90
CA GLU R 28 -29.74 31.05 -40.17
C GLU R 28 -30.02 31.15 -38.67
N PRO R 29 -29.10 30.64 -37.83
CA PRO R 29 -27.82 30.05 -38.23
C PRO R 29 -27.97 28.59 -38.67
N ARG R 30 -27.04 28.12 -39.50
CA ARG R 30 -27.08 26.75 -39.98
C ARG R 30 -26.70 25.78 -38.88
N GLY R 31 -26.99 24.50 -39.12
CA GLY R 31 -26.69 23.47 -38.15
C GLY R 31 -27.81 23.32 -37.14
N ILE R 32 -28.92 24.00 -37.41
CA ILE R 32 -30.10 23.92 -36.56
C ILE R 32 -31.26 23.32 -37.33
N ASP R 33 -31.83 24.10 -38.23
CA ASP R 33 -32.91 23.62 -39.09
C ASP R 33 -32.35 22.70 -40.17
N LEU R 34 -33.14 21.73 -40.60
CA LEU R 34 -32.75 20.81 -41.66
C LEU R 34 -32.33 21.56 -42.93
N ALA R 35 -31.27 21.08 -43.57
CA ALA R 35 -30.74 21.69 -44.78
C ALA R 35 -31.80 21.76 -45.88
N ALA R 36 -31.81 22.87 -46.62
CA ALA R 36 -32.77 23.07 -47.70
C ALA R 36 -32.66 21.99 -48.77
N SER R 37 -31.43 21.59 -49.08
CA SER R 37 -31.18 20.57 -50.09
C SER R 37 -31.56 19.18 -49.56
N LEU R 38 -31.61 19.04 -48.25
CA LEU R 38 -31.93 17.77 -47.63
C LEU R 38 -33.42 17.61 -47.33
N ALA R 39 -34.17 18.70 -47.45
CA ALA R 39 -35.60 18.68 -47.14
C ALA R 39 -36.44 18.71 -48.41
N ASP R 40 -37.73 18.42 -48.27
CA ASP R 40 -38.65 18.45 -49.39
C ASP R 40 -39.70 19.53 -49.23
N ILE R 41 -40.07 19.83 -47.99
CA ILE R 41 -41.04 20.88 -47.71
C ILE R 41 -40.75 21.58 -46.38
N HIS R 42 -41.19 22.82 -46.26
CA HIS R 42 -41.04 23.57 -45.02
C HIS R 42 -42.40 23.83 -44.37
N LEU R 43 -42.63 23.23 -43.21
CA LEU R 43 -43.91 23.39 -42.51
C LEU R 43 -43.87 24.57 -41.57
N GLU R 44 -44.85 25.47 -41.71
CA GLU R 44 -44.92 26.66 -40.87
C GLU R 44 -46.26 26.76 -40.15
N ALA R 45 -46.21 27.09 -38.86
CA ALA R 45 -47.42 27.25 -38.05
C ALA R 45 -47.72 28.73 -37.82
N ASP R 46 -48.88 29.18 -38.27
CA ASP R 46 -49.28 30.57 -38.11
C ASP R 46 -50.11 30.77 -36.85
N ILE R 47 -49.52 31.44 -35.87
CA ILE R 47 -50.19 31.66 -34.58
C ILE R 47 -50.30 33.15 -34.28
N HIS R 48 -51.53 33.65 -34.29
CA HIS R 48 -51.77 35.05 -33.99
C HIS R 48 -52.86 35.19 -32.91
N ALA R 49 -52.74 36.22 -32.09
CA ALA R 49 -53.69 36.44 -31.01
C ALA R 49 -55.02 36.97 -31.52
N LEU R 50 -56.12 36.41 -31.01
CA LEU R 50 -57.45 36.87 -31.37
C LEU R 50 -57.84 38.11 -30.58
N LYS R 51 -59.02 38.66 -30.88
CA LYS R 51 -59.52 39.83 -30.17
C LYS R 51 -59.79 39.50 -28.70
N ASN R 52 -59.45 40.45 -27.82
CA ASN R 52 -59.67 40.31 -26.38
C ASN R 52 -59.00 39.07 -25.81
N ASN R 53 -57.74 38.85 -26.18
CA ASN R 53 -56.95 37.73 -25.66
C ASN R 53 -56.82 37.79 -24.14
N PRO R 54 -56.91 36.64 -23.47
CA PRO R 54 -56.87 36.60 -22.01
C PRO R 54 -55.44 36.67 -21.47
N ASN R 55 -54.47 36.70 -22.37
CA ASN R 55 -53.07 36.83 -21.98
C ASN R 55 -52.60 38.27 -22.17
N GLY R 56 -53.54 39.16 -22.46
CA GLY R 56 -53.24 40.56 -22.66
C GLY R 56 -52.68 40.86 -24.02
N PHE R 57 -52.63 39.83 -24.86
CA PHE R 57 -52.07 39.97 -26.21
C PHE R 57 -53.02 40.71 -27.14
N PRO R 58 -52.47 41.66 -27.93
CA PRO R 58 -53.28 42.44 -28.88
C PRO R 58 -53.71 41.61 -30.08
N GLU R 59 -54.92 41.85 -30.56
CA GLU R 59 -55.46 41.12 -31.71
C GLU R 59 -54.55 41.27 -32.94
N GLY R 60 -54.18 40.14 -33.51
CA GLY R 60 -53.34 40.13 -34.70
C GLY R 60 -51.87 39.93 -34.39
N PHE R 61 -51.46 40.26 -33.16
CA PHE R 61 -50.08 40.09 -32.75
C PHE R 61 -49.69 38.61 -32.66
N TRP R 62 -48.50 38.28 -33.12
CA TRP R 62 -48.00 36.92 -33.08
C TRP R 62 -47.69 36.47 -31.66
N MET R 63 -47.92 35.19 -31.38
CA MET R 63 -47.62 34.62 -30.07
C MET R 63 -46.19 34.07 -30.04
N PRO R 64 -45.32 34.72 -29.26
CA PRO R 64 -43.90 34.36 -29.19
C PRO R 64 -43.54 33.48 -27.99
N TYR R 65 -42.31 32.99 -27.96
CA TYR R 65 -41.78 32.21 -26.85
C TYR R 65 -42.57 30.93 -26.56
N LEU R 66 -43.39 30.51 -27.52
CA LEU R 66 -44.19 29.30 -27.36
C LEU R 66 -43.41 28.05 -27.71
N THR R 67 -43.64 26.97 -26.97
CA THR R 67 -43.03 25.68 -27.26
C THR R 67 -44.01 24.80 -28.03
N ILE R 68 -43.69 24.51 -29.29
CA ILE R 68 -44.60 23.80 -30.17
C ILE R 68 -43.93 22.62 -30.86
N ALA R 69 -44.41 21.42 -30.57
CA ALA R 69 -43.93 20.21 -31.24
C ALA R 69 -44.91 19.74 -32.29
N TYR R 70 -44.40 19.03 -33.30
CA TYR R 70 -45.25 18.60 -34.41
C TYR R 70 -45.17 17.10 -34.66
N ALA R 71 -46.29 16.52 -35.08
CA ALA R 71 -46.35 15.11 -35.39
C ALA R 71 -47.11 14.89 -36.70
N LEU R 72 -46.45 14.30 -37.68
CA LEU R 72 -47.05 14.05 -38.98
C LEU R 72 -47.08 12.56 -39.29
N ALA R 73 -48.27 12.04 -39.59
CA ALA R 73 -48.42 10.63 -39.87
C ALA R 73 -49.22 10.39 -41.16
N ASN R 74 -48.63 9.62 -42.07
CA ASN R 74 -49.30 9.24 -43.30
C ASN R 74 -50.20 8.02 -43.10
N ALA R 75 -51.50 8.22 -43.26
CA ALA R 75 -52.48 7.17 -43.00
C ALA R 75 -52.40 6.06 -44.05
N ASP R 76 -51.79 6.37 -45.18
CA ASP R 76 -51.65 5.41 -46.27
C ASP R 76 -50.58 4.38 -45.93
N THR R 77 -49.44 4.85 -45.44
CA THR R 77 -48.32 3.98 -45.14
C THR R 77 -48.27 3.61 -43.65
N GLY R 78 -48.84 4.44 -42.80
CA GLY R 78 -48.84 4.20 -41.38
C GLY R 78 -47.59 4.76 -40.73
N ALA R 79 -46.70 5.31 -41.54
CA ALA R 79 -45.46 5.91 -41.06
C ALA R 79 -45.73 7.14 -40.22
N ILE R 80 -45.01 7.28 -39.11
CA ILE R 80 -45.19 8.42 -38.22
C ILE R 80 -43.85 8.98 -37.77
N LYS R 81 -43.71 10.30 -37.85
CA LYS R 81 -42.48 10.98 -37.43
C LYS R 81 -42.78 12.10 -36.45
N THR R 82 -41.79 12.45 -35.63
CA THR R 82 -41.96 13.51 -34.65
C THR R 82 -40.82 14.53 -34.75
N GLY R 83 -41.12 15.78 -34.40
CA GLY R 83 -40.13 16.83 -34.42
C GLY R 83 -40.61 18.07 -33.70
N THR R 84 -39.77 19.11 -33.69
CA THR R 84 -40.13 20.35 -33.03
C THR R 84 -40.13 21.53 -34.00
N LEU R 85 -40.97 22.52 -33.71
CA LEU R 85 -41.04 23.72 -34.54
C LEU R 85 -40.21 24.84 -33.93
N MET R 86 -39.41 25.50 -34.75
CA MET R 86 -38.54 26.58 -34.28
C MET R 86 -39.09 27.95 -34.69
N PRO R 87 -38.93 28.95 -33.80
CA PRO R 87 -39.42 30.30 -34.08
C PRO R 87 -38.49 31.06 -35.02
N MET R 88 -39.05 31.64 -36.07
CA MET R 88 -38.26 32.34 -37.07
C MET R 88 -39.07 33.44 -37.74
N VAL R 89 -38.39 34.34 -38.44
CA VAL R 89 -39.06 35.44 -39.12
C VAL R 89 -38.85 35.36 -40.63
N ALA R 90 -39.91 35.63 -41.38
CA ALA R 90 -39.83 35.63 -42.84
C ALA R 90 -40.39 36.94 -43.40
N ASP R 91 -40.52 37.00 -44.72
CA ASP R 91 -41.08 38.18 -45.37
C ASP R 91 -42.56 38.35 -45.01
N ASP R 92 -43.20 37.25 -44.61
CA ASP R 92 -44.61 37.28 -44.25
C ASP R 92 -44.80 37.38 -42.74
N GLY R 93 -43.74 37.77 -42.03
CA GLY R 93 -43.80 37.95 -40.59
C GLY R 93 -43.18 36.82 -39.81
N PRO R 94 -43.30 36.86 -38.47
CA PRO R 94 -42.71 35.84 -37.60
C PRO R 94 -43.64 34.66 -37.37
N HIS R 95 -43.08 33.45 -37.37
CA HIS R 95 -43.87 32.24 -37.15
C HIS R 95 -42.97 31.07 -36.76
N TYR R 96 -43.59 29.95 -36.42
CA TYR R 96 -42.84 28.74 -36.11
C TYR R 96 -42.76 27.84 -37.33
N GLY R 97 -41.53 27.64 -37.81
CA GLY R 97 -41.31 26.87 -39.02
C GLY R 97 -40.05 26.02 -38.97
N ALA R 98 -40.02 24.98 -39.79
CA ALA R 98 -38.88 24.06 -39.86
C ALA R 98 -38.93 23.23 -41.13
N ASN R 99 -37.77 23.04 -41.76
CA ASN R 99 -37.68 22.23 -42.95
C ASN R 99 -37.87 20.75 -42.65
N ILE R 100 -38.69 20.08 -43.45
CA ILE R 100 -39.00 18.68 -43.22
C ILE R 100 -38.86 17.85 -44.50
N ALA R 101 -38.18 16.72 -44.39
CA ALA R 101 -38.00 15.83 -45.53
C ALA R 101 -39.24 14.98 -45.76
N MET R 102 -39.70 14.94 -47.02
CA MET R 102 -40.86 14.14 -47.37
C MET R 102 -40.46 12.97 -48.27
N GLU R 103 -40.34 13.23 -49.56
CA GLU R 103 -39.89 12.23 -50.51
C GLU R 103 -38.43 11.84 -50.26
N LYS R 104 -37.65 12.78 -49.76
CA LYS R 104 -36.23 12.57 -49.53
C LYS R 104 -35.95 11.88 -48.20
N ASP R 105 -37.01 11.51 -47.48
CA ASP R 105 -36.88 10.83 -46.20
C ASP R 105 -36.23 9.46 -46.38
N LYS R 106 -35.11 9.25 -45.69
CA LYS R 106 -34.36 8.00 -45.77
C LYS R 106 -35.22 6.79 -45.35
N LYS R 107 -36.10 7.00 -44.38
CA LYS R 107 -36.95 5.93 -43.89
C LYS R 107 -38.07 5.63 -44.89
N GLY R 108 -38.42 6.62 -45.69
CA GLY R 108 -39.47 6.47 -46.68
C GLY R 108 -40.86 6.39 -46.07
N GLY R 109 -41.87 6.33 -46.93
CA GLY R 109 -43.25 6.21 -46.47
C GLY R 109 -43.89 7.56 -46.20
N PHE R 110 -43.14 8.63 -46.43
CA PHE R 110 -43.65 9.98 -46.20
C PHE R 110 -43.84 10.73 -47.52
N GLY R 111 -44.26 10.01 -48.55
CA GLY R 111 -44.44 10.60 -49.87
C GLY R 111 -45.84 11.15 -50.06
N VAL R 112 -46.24 11.29 -51.32
CA VAL R 112 -47.57 11.81 -51.66
C VAL R 112 -48.68 10.93 -51.13
N GLY R 113 -49.68 11.55 -50.51
CA GLY R 113 -50.81 10.83 -49.97
C GLY R 113 -51.55 11.63 -48.90
N THR R 114 -52.34 10.95 -48.10
CA THR R 114 -53.08 11.58 -47.02
C THR R 114 -52.26 11.57 -45.73
N TYR R 115 -52.16 12.73 -45.09
CA TYR R 115 -51.38 12.85 -43.87
C TYR R 115 -52.16 13.59 -42.79
N ALA R 116 -51.89 13.25 -41.53
CA ALA R 116 -52.52 13.92 -40.41
C ALA R 116 -51.48 14.63 -39.56
N LEU R 117 -51.76 15.88 -39.19
CA LEU R 117 -50.81 16.67 -38.42
C LEU R 117 -51.34 16.99 -37.03
N THR R 118 -50.54 16.67 -36.01
CA THR R 118 -50.91 16.97 -34.63
C THR R 118 -49.85 17.84 -33.97
N PHE R 119 -50.26 19.03 -33.55
CA PHE R 119 -49.34 19.96 -32.90
C PHE R 119 -49.58 20.04 -31.40
N LEU R 120 -48.49 20.00 -30.64
CA LEU R 120 -48.56 20.11 -29.19
C LEU R 120 -47.98 21.44 -28.73
N ILE R 121 -48.84 22.30 -28.20
CA ILE R 121 -48.44 23.65 -27.80
C ILE R 121 -48.47 23.81 -26.28
N SER R 122 -47.43 24.43 -25.75
CA SER R 122 -47.33 24.64 -24.31
C SER R 122 -47.33 26.12 -23.95
N ASN R 123 -47.50 26.40 -22.66
CA ASN R 123 -47.50 27.78 -22.17
C ASN R 123 -46.13 28.43 -22.34
N PRO R 124 -46.09 29.76 -22.51
CA PRO R 124 -44.81 30.45 -22.70
C PRO R 124 -44.03 30.57 -21.39
N GLU R 125 -44.66 30.21 -20.27
CA GLU R 125 -44.01 30.24 -18.98
C GLU R 125 -42.87 29.24 -18.90
N LYS R 126 -42.96 28.18 -19.72
CA LYS R 126 -41.91 27.18 -19.80
C LYS R 126 -40.63 27.77 -20.40
N GLN R 127 -40.78 28.81 -21.21
CA GLN R 127 -39.64 29.43 -21.87
C GLN R 127 -39.21 30.72 -21.19
N GLY R 128 -39.70 30.95 -19.98
CA GLY R 128 -39.29 32.10 -19.19
C GLY R 128 -40.05 33.38 -19.46
N PHE R 129 -41.14 33.29 -20.21
CA PHE R 129 -41.97 34.46 -20.48
C PHE R 129 -42.83 34.81 -19.29
N GLY R 130 -42.86 36.08 -18.91
CA GLY R 130 -43.58 36.51 -17.73
C GLY R 130 -44.97 37.04 -18.02
N ARG R 131 -45.73 37.31 -16.95
CA ARG R 131 -47.07 37.86 -17.08
C ARG R 131 -47.44 38.68 -15.83
N HIS R 132 -47.91 39.91 -16.06
CA HIS R 132 -48.34 40.77 -14.95
C HIS R 132 -49.58 40.20 -14.26
N VAL R 133 -49.64 40.35 -12.94
CA VAL R 133 -50.75 39.84 -12.16
C VAL R 133 -51.36 40.90 -11.27
N ASP R 134 -51.06 42.17 -11.55
CA ASP R 134 -51.59 43.28 -10.78
C ASP R 134 -53.07 43.50 -11.04
N GLU R 135 -53.72 44.26 -10.18
CA GLU R 135 -55.13 44.56 -10.33
C GLU R 135 -55.39 45.48 -11.53
N GLU R 136 -54.43 46.36 -11.80
CA GLU R 136 -54.60 47.38 -12.84
C GLU R 136 -54.23 46.87 -14.23
N THR R 137 -53.07 46.22 -14.36
CA THR R 137 -52.56 45.83 -15.67
C THR R 137 -52.32 44.33 -15.80
N GLY R 138 -52.86 43.56 -14.86
CA GLY R 138 -52.68 42.12 -14.87
C GLY R 138 -53.51 41.41 -15.92
N VAL R 139 -53.19 40.13 -16.16
CA VAL R 139 -53.90 39.33 -17.13
C VAL R 139 -54.20 37.94 -16.58
N GLY R 140 -55.01 37.17 -17.30
CA GLY R 140 -55.38 35.84 -16.86
C GLY R 140 -54.26 34.83 -16.95
N LYS R 141 -54.49 33.65 -16.39
CA LYS R 141 -53.50 32.57 -16.41
C LYS R 141 -53.20 32.09 -17.83
N TRP R 142 -52.02 31.52 -18.03
CA TRP R 142 -51.63 30.98 -19.32
C TRP R 142 -52.36 29.67 -19.60
N PHE R 143 -52.64 29.41 -20.87
CA PHE R 143 -53.36 28.21 -21.28
C PHE R 143 -52.59 26.93 -20.95
N GLU R 144 -53.32 25.92 -20.48
CA GLU R 144 -52.76 24.60 -20.23
C GLU R 144 -52.30 23.97 -21.54
N PRO R 145 -51.38 23.01 -21.48
CA PRO R 145 -50.89 22.38 -22.72
C PRO R 145 -51.98 21.58 -23.40
N PHE R 146 -52.13 21.80 -24.70
CA PHE R 146 -53.18 21.15 -25.48
C PHE R 146 -52.70 20.77 -26.86
N VAL R 147 -53.43 19.88 -27.52
CA VAL R 147 -53.06 19.41 -28.85
C VAL R 147 -54.13 19.78 -29.87
N VAL R 148 -53.71 19.98 -31.12
CA VAL R 148 -54.63 20.28 -32.21
C VAL R 148 -54.40 19.33 -33.38
N THR R 149 -55.49 18.93 -34.05
CA THR R 149 -55.38 17.97 -35.14
C THR R 149 -55.93 18.55 -36.45
N TYR R 150 -55.18 18.34 -37.53
CA TYR R 150 -55.61 18.77 -38.86
C TYR R 150 -55.37 17.67 -39.88
N PHE R 151 -56.19 17.62 -40.92
CA PHE R 151 -56.04 16.61 -41.96
C PHE R 151 -55.90 17.26 -43.34
N PHE R 152 -54.88 16.82 -44.09
CA PHE R 152 -54.61 17.38 -45.40
C PHE R 152 -53.88 16.38 -46.29
N LYS R 153 -53.98 16.57 -47.60
CA LYS R 153 -53.33 15.68 -48.55
C LYS R 153 -52.07 16.32 -49.11
N TYR R 154 -50.93 15.64 -48.93
CA TYR R 154 -49.67 16.14 -49.45
C TYR R 154 -49.57 15.88 -50.95
N THR R 155 -49.46 16.95 -51.73
CA THR R 155 -49.44 16.84 -53.18
C THR R 155 -48.01 16.77 -53.70
N GLY R 156 -47.05 16.71 -52.79
CA GLY R 156 -45.65 16.62 -53.16
C GLY R 156 -44.88 17.90 -52.91
N THR R 157 -43.57 17.85 -53.12
CA THR R 157 -42.72 19.02 -52.94
C THR R 157 -43.02 20.09 -53.99
N PRO R 158 -43.32 21.31 -53.53
CA PRO R 158 -43.62 22.44 -54.40
C PRO R 158 -42.39 23.27 -54.74
N SER S 2 40.57 49.81 -22.83
CA SER S 2 41.41 50.54 -21.90
C SER S 2 40.66 50.88 -20.61
N GLN S 3 39.35 50.73 -20.65
CA GLN S 3 38.51 51.00 -19.47
C GLN S 3 37.90 49.70 -18.93
N ALA S 4 37.15 49.83 -17.84
CA ALA S 4 36.53 48.67 -17.21
C ALA S 4 35.15 49.01 -16.66
N ILE S 5 34.25 48.02 -16.68
CA ILE S 5 32.91 48.21 -16.15
C ILE S 5 32.67 47.31 -14.95
N GLY S 6 32.18 47.90 -13.86
CA GLY S 6 31.91 47.15 -12.65
C GLY S 6 30.43 47.10 -12.34
N ILE S 7 29.94 45.92 -11.96
CA ILE S 7 28.53 45.73 -11.65
C ILE S 7 28.36 45.14 -10.25
N LEU S 8 27.48 45.73 -9.46
CA LEU S 8 27.21 45.25 -8.11
C LEU S 8 25.70 45.22 -7.84
N GLU S 9 25.21 44.06 -7.40
CA GLU S 9 23.79 43.90 -7.11
C GLU S 9 23.58 43.57 -5.63
N LEU S 10 22.67 44.28 -4.99
CA LEU S 10 22.38 44.08 -3.57
C LEU S 10 20.91 43.74 -3.36
N THR S 11 20.63 43.05 -2.25
CA THR S 11 19.26 42.64 -1.94
C THR S 11 18.54 43.73 -1.15
N SER S 12 19.31 44.74 -0.73
CA SER S 12 18.77 45.85 0.04
C SER S 12 18.97 47.18 -0.69
N ILE S 13 17.94 48.00 -0.72
CA ILE S 13 18.00 49.29 -1.41
C ILE S 13 18.96 50.24 -0.70
N ALA S 14 18.89 50.27 0.62
CA ALA S 14 19.76 51.12 1.42
C ALA S 14 21.22 50.70 1.29
N LYS S 15 21.46 49.40 1.35
CA LYS S 15 22.80 48.85 1.21
C LYS S 15 23.40 49.18 -0.15
N GLY S 16 22.54 49.21 -1.16
CA GLY S 16 22.96 49.57 -2.51
C GLY S 16 23.49 51.00 -2.56
N MET S 17 22.76 51.90 -1.92
CA MET S 17 23.19 53.30 -1.84
C MET S 17 24.41 53.43 -0.94
N GLU S 18 24.45 52.65 0.13
CA GLU S 18 25.57 52.65 1.07
C GLU S 18 26.85 52.17 0.39
N LEU S 19 26.74 51.10 -0.38
CA LEU S 19 27.90 50.54 -1.08
C LEU S 19 28.33 51.46 -2.22
N GLY S 20 27.37 52.19 -2.77
CA GLY S 20 27.64 53.13 -3.84
C GLY S 20 28.59 54.23 -3.40
N ASP S 21 28.27 54.84 -2.25
CA ASP S 21 29.11 55.88 -1.68
C ASP S 21 30.48 55.34 -1.30
N ALA S 22 30.49 54.13 -0.74
CA ALA S 22 31.73 53.49 -0.32
C ALA S 22 32.63 53.18 -1.52
N MET S 23 32.03 52.65 -2.58
CA MET S 23 32.78 52.27 -3.77
C MET S 23 33.33 53.51 -4.50
N LEU S 24 32.50 54.54 -4.58
CA LEU S 24 32.89 55.78 -5.25
C LEU S 24 34.05 56.47 -4.54
N LYS S 25 34.08 56.35 -3.21
CA LYS S 25 35.15 56.93 -2.42
C LYS S 25 36.37 56.02 -2.38
N SER S 26 36.18 54.76 -2.75
CA SER S 26 37.25 53.77 -2.69
C SER S 26 38.24 53.95 -3.84
N ALA S 27 37.74 54.42 -4.99
CA ALA S 27 38.57 54.60 -6.16
C ALA S 27 37.97 55.62 -7.13
N ASN S 28 38.77 56.04 -8.11
CA ASN S 28 38.31 57.00 -9.11
C ASN S 28 37.47 56.36 -10.20
N VAL S 29 36.18 56.18 -9.92
CA VAL S 29 35.27 55.58 -10.88
C VAL S 29 34.00 56.39 -11.02
N ASP S 30 33.39 56.34 -12.20
CA ASP S 30 32.16 57.08 -12.47
C ASP S 30 30.94 56.16 -12.37
N LEU S 31 29.87 56.67 -11.77
CA LEU S 31 28.64 55.91 -11.61
C LEU S 31 27.86 55.88 -12.92
N LEU S 32 27.65 54.69 -13.46
CA LEU S 32 26.95 54.52 -14.72
C LEU S 32 25.45 54.32 -14.51
N VAL S 33 25.10 53.48 -13.53
CA VAL S 33 23.69 53.20 -13.25
C VAL S 33 23.45 53.03 -11.76
N SER S 34 22.34 53.58 -11.28
CA SER S 34 21.96 53.47 -9.88
C SER S 34 20.45 53.59 -9.70
N LYS S 35 19.78 52.45 -9.72
CA LYS S 35 18.32 52.42 -9.61
C LYS S 35 17.84 51.13 -8.95
N THR S 36 16.63 51.17 -8.39
CA THR S 36 16.06 50.02 -7.74
C THR S 36 15.39 49.08 -8.74
N ILE S 37 15.57 47.77 -8.53
CA ILE S 37 14.98 46.77 -9.40
C ILE S 37 14.00 45.87 -8.64
N SER S 38 13.00 45.36 -9.35
CA SER S 38 12.01 44.45 -8.78
C SER S 38 12.68 43.18 -8.25
N PRO S 39 12.19 42.66 -7.11
CA PRO S 39 11.09 43.22 -6.33
C PRO S 39 11.54 44.26 -5.30
N GLY S 40 12.83 44.26 -4.98
CA GLY S 40 13.36 45.19 -4.00
C GLY S 40 14.88 45.18 -3.95
N LYS S 41 15.51 44.83 -5.06
CA LYS S 41 16.97 44.79 -5.13
C LYS S 41 17.53 46.13 -5.60
N PHE S 42 18.85 46.27 -5.52
CA PHE S 42 19.51 47.49 -5.95
C PHE S 42 20.65 47.20 -6.91
N LEU S 43 20.71 47.95 -8.01
CA LEU S 43 21.72 47.73 -9.03
C LEU S 43 22.67 48.92 -9.17
N LEU S 44 23.97 48.64 -9.12
CA LEU S 44 24.98 49.69 -9.27
C LEU S 44 25.93 49.36 -10.40
N MET S 45 26.20 50.34 -11.25
CA MET S 45 27.13 50.16 -12.36
C MET S 45 28.19 51.27 -12.37
N LEU S 46 29.45 50.87 -12.44
CA LEU S 46 30.55 51.83 -12.41
C LEU S 46 31.48 51.64 -13.61
N GLY S 47 32.11 52.74 -14.02
CA GLY S 47 33.04 52.71 -15.13
C GLY S 47 34.34 53.41 -14.79
N GLY S 48 35.43 52.97 -15.42
CA GLY S 48 36.74 53.56 -15.17
C GLY S 48 37.88 52.61 -15.51
N ASP S 49 39.08 52.97 -15.05
CA ASP S 49 40.27 52.14 -15.25
C ASP S 49 40.11 50.75 -14.63
N ILE S 50 40.84 49.78 -15.17
CA ILE S 50 40.79 48.41 -14.69
C ILE S 50 41.22 48.29 -13.23
N GLY S 51 42.27 49.02 -12.88
CA GLY S 51 42.78 49.03 -11.51
C GLY S 51 41.78 49.62 -10.54
N ALA S 52 41.22 50.76 -10.90
CA ALA S 52 40.24 51.45 -10.06
C ALA S 52 38.97 50.63 -9.90
N ILE S 53 38.53 50.02 -11.01
CA ILE S 53 37.31 49.22 -11.00
C ILE S 53 37.48 47.97 -10.14
N GLN S 54 38.65 47.35 -10.21
CA GLN S 54 38.95 46.15 -9.43
C GLN S 54 38.93 46.45 -7.93
N GLN S 55 39.52 47.59 -7.55
CA GLN S 55 39.55 47.99 -6.15
C GLN S 55 38.18 48.38 -5.64
N ALA S 56 37.42 49.09 -6.47
CA ALA S 56 36.07 49.53 -6.13
C ALA S 56 35.13 48.35 -5.94
N ILE S 57 35.20 47.40 -6.86
CA ILE S 57 34.36 46.20 -6.80
C ILE S 57 34.72 45.34 -5.58
N GLU S 58 36.01 45.28 -5.27
CA GLU S 58 36.49 44.55 -4.11
C GLU S 58 35.96 45.16 -2.82
N THR S 59 36.07 46.48 -2.72
CA THR S 59 35.57 47.21 -1.56
C THR S 59 34.06 47.04 -1.40
N GLY S 60 33.34 47.14 -2.51
CA GLY S 60 31.90 46.99 -2.52
C GLY S 60 31.44 45.59 -2.10
N THR S 61 32.11 44.57 -2.63
CA THR S 61 31.76 43.19 -2.32
C THR S 61 32.10 42.82 -0.88
N SER S 62 33.20 43.38 -0.38
CA SER S 62 33.66 43.08 0.98
C SER S 62 32.72 43.63 2.04
N GLN S 63 31.98 44.69 1.71
CA GLN S 63 31.09 45.34 2.66
C GLN S 63 29.63 45.02 2.37
N ALA S 64 29.39 44.26 1.30
CA ALA S 64 28.04 43.91 0.90
C ALA S 64 27.42 42.91 1.88
N GLY S 65 28.25 42.03 2.41
CA GLY S 65 27.79 41.01 3.35
C GLY S 65 26.85 40.00 2.74
N GLU S 66 25.80 39.65 3.46
CA GLU S 66 24.84 38.65 3.00
C GLU S 66 23.79 39.27 2.08
N MET S 67 23.88 40.59 1.89
CA MET S 67 22.94 41.29 1.02
C MET S 67 23.40 41.26 -0.42
N LEU S 68 24.61 40.74 -0.64
CA LEU S 68 25.19 40.66 -1.97
C LEU S 68 24.45 39.66 -2.85
N VAL S 69 24.01 40.13 -4.02
CA VAL S 69 23.33 39.25 -4.96
C VAL S 69 24.32 38.69 -5.98
N ASP S 70 25.03 39.59 -6.66
CA ASP S 70 26.01 39.20 -7.67
C ASP S 70 27.00 40.32 -7.94
N SER S 71 28.16 39.96 -8.50
CA SER S 71 29.17 40.95 -8.84
C SER S 71 29.98 40.49 -10.05
N LEU S 72 30.42 41.44 -10.87
CA LEU S 72 31.18 41.12 -12.06
C LEU S 72 32.02 42.32 -12.54
N VAL S 73 33.20 42.03 -13.08
CA VAL S 73 34.07 43.07 -13.62
C VAL S 73 34.47 42.75 -15.06
N LEU S 74 34.19 43.70 -15.95
CA LEU S 74 34.52 43.52 -17.37
C LEU S 74 35.69 44.39 -17.78
N ALA S 75 36.83 43.76 -18.04
CA ALA S 75 38.04 44.47 -18.41
C ALA S 75 38.19 44.59 -19.92
N ASN S 76 39.06 45.49 -20.36
CA ASN S 76 39.33 45.72 -21.77
C ASN S 76 38.07 46.05 -22.58
N ILE S 77 37.31 47.03 -22.09
CA ILE S 77 36.09 47.45 -22.74
C ILE S 77 36.28 48.78 -23.48
N HIS S 78 35.62 48.91 -24.63
CA HIS S 78 35.66 50.14 -25.41
C HIS S 78 35.18 51.33 -24.59
N PRO S 79 35.83 52.50 -24.78
CA PRO S 79 35.45 53.68 -24.01
C PRO S 79 34.11 54.27 -24.44
N SER S 80 33.68 53.92 -25.66
CA SER S 80 32.40 54.39 -26.17
C SER S 80 31.23 53.68 -25.49
N VAL S 81 31.52 52.56 -24.84
CA VAL S 81 30.50 51.79 -24.13
C VAL S 81 30.10 52.44 -22.82
N LEU S 82 31.03 53.17 -22.21
CA LEU S 82 30.80 53.81 -20.92
C LEU S 82 29.62 54.80 -20.91
N PRO S 83 29.63 55.80 -21.82
CA PRO S 83 28.48 56.71 -21.74
C PRO S 83 27.22 56.12 -22.38
N ALA S 84 27.39 55.05 -23.15
CA ALA S 84 26.26 54.39 -23.78
C ALA S 84 25.40 53.67 -22.75
N ILE S 85 26.02 53.29 -21.63
CA ILE S 85 25.31 52.63 -20.55
C ILE S 85 24.73 53.65 -19.57
N SER S 86 25.51 54.68 -19.28
CA SER S 86 25.11 55.72 -18.33
C SER S 86 24.12 56.70 -18.93
N GLY S 87 24.13 56.82 -20.25
CA GLY S 87 23.25 57.74 -20.94
C GLY S 87 23.14 57.43 -22.43
N LEU S 88 23.09 58.48 -23.24
CA LEU S 88 23.00 58.31 -24.68
C LEU S 88 24.03 59.15 -25.41
N ASN S 89 24.69 58.55 -26.40
CA ASN S 89 25.67 59.24 -27.22
C ASN S 89 25.03 59.89 -28.43
N SER S 90 25.58 61.03 -28.85
CA SER S 90 25.05 61.77 -30.00
C SER S 90 25.13 60.92 -31.27
N VAL S 91 24.08 60.95 -32.08
CA VAL S 91 24.03 60.17 -33.30
C VAL S 91 24.04 61.07 -34.53
N ASP S 92 25.23 61.35 -35.05
CA ASP S 92 25.39 62.23 -36.20
C ASP S 92 24.84 61.61 -37.48
N LYS S 93 24.73 60.28 -37.49
CA LYS S 93 24.20 59.60 -38.66
C LYS S 93 22.80 59.05 -38.41
N ARG S 94 21.89 59.32 -39.34
CA ARG S 94 20.52 58.82 -39.25
C ARG S 94 20.28 57.83 -40.38
N GLN S 95 21.32 57.59 -41.18
CA GLN S 95 21.22 56.76 -42.37
C GLN S 95 20.78 55.32 -42.04
N ALA S 96 21.39 54.74 -41.02
CA ALA S 96 21.09 53.36 -40.63
C ALA S 96 21.28 53.14 -39.13
N VAL S 97 20.42 52.28 -38.57
CA VAL S 97 20.47 51.94 -37.16
C VAL S 97 20.61 50.44 -36.97
N GLY S 98 21.35 50.04 -35.94
CA GLY S 98 21.54 48.63 -35.64
C GLY S 98 21.05 48.31 -34.24
N ILE S 99 20.37 47.17 -34.11
CA ILE S 99 19.86 46.75 -32.81
C ILE S 99 20.13 45.27 -32.55
N VAL S 100 20.81 44.98 -31.44
CA VAL S 100 21.11 43.62 -31.05
C VAL S 100 20.67 43.36 -29.61
N GLU S 101 19.67 42.50 -29.44
CA GLU S 101 19.15 42.19 -28.12
C GLU S 101 19.71 40.87 -27.61
N THR S 102 20.24 40.89 -26.39
CA THR S 102 20.82 39.70 -25.80
C THR S 102 20.31 39.47 -24.38
N TRP S 103 20.40 38.22 -23.92
CA TRP S 103 20.02 37.88 -22.56
C TRP S 103 21.09 38.34 -21.59
N SER S 104 20.66 39.06 -20.55
CA SER S 104 21.54 39.63 -19.53
C SER S 104 22.43 40.74 -20.09
N VAL S 105 22.74 41.72 -19.25
CA VAL S 105 23.53 42.88 -19.67
C VAL S 105 24.98 42.49 -19.91
N ALA S 106 25.40 41.38 -19.30
CA ALA S 106 26.76 40.88 -19.47
C ALA S 106 27.05 40.51 -20.92
N ALA S 107 26.14 39.76 -21.53
CA ALA S 107 26.29 39.36 -22.92
C ALA S 107 26.20 40.55 -23.86
N CYS S 108 25.30 41.48 -23.55
CA CYS S 108 25.10 42.68 -24.35
C CYS S 108 26.33 43.58 -24.31
N ILE S 109 26.94 43.71 -23.14
CA ILE S 109 28.13 44.53 -22.96
C ILE S 109 29.30 43.98 -23.75
N SER S 110 29.53 42.68 -23.63
CA SER S 110 30.62 42.03 -24.35
C SER S 110 30.43 42.11 -25.86
N ALA S 111 29.19 42.02 -26.30
CA ALA S 111 28.87 42.10 -27.72
C ALA S 111 29.09 43.50 -28.26
N ALA S 112 28.69 44.51 -27.48
CA ALA S 112 28.84 45.89 -27.88
C ALA S 112 30.32 46.28 -27.98
N ASP S 113 31.11 45.78 -27.03
CA ASP S 113 32.54 46.05 -27.00
C ASP S 113 33.23 45.49 -28.25
N LEU S 114 32.88 44.27 -28.61
CA LEU S 114 33.43 43.62 -29.80
C LEU S 114 32.93 44.30 -31.08
N ALA S 115 31.69 44.78 -31.03
CA ALA S 115 31.08 45.44 -32.18
C ALA S 115 31.80 46.74 -32.52
N VAL S 116 32.02 47.58 -31.51
CA VAL S 116 32.67 48.86 -31.71
C VAL S 116 34.11 48.70 -32.16
N LYS S 117 34.80 47.72 -31.60
CA LYS S 117 36.20 47.48 -31.94
C LYS S 117 36.34 46.75 -33.28
N GLY S 118 35.26 46.12 -33.72
CA GLY S 118 35.28 45.35 -34.95
C GLY S 118 34.59 46.04 -36.10
N SER S 119 34.28 47.32 -35.93
CA SER S 119 33.62 48.10 -36.97
C SER S 119 33.89 49.59 -36.81
N ASN S 120 33.26 50.39 -37.68
CA ASN S 120 33.39 51.84 -37.61
C ASN S 120 32.07 52.50 -37.23
N VAL S 121 31.13 51.70 -36.73
CA VAL S 121 29.83 52.21 -36.33
C VAL S 121 29.90 52.88 -34.97
N THR S 122 28.94 53.77 -34.70
CA THR S 122 28.89 54.47 -33.43
C THR S 122 27.85 53.87 -32.50
N LEU S 123 28.27 53.51 -31.29
CA LEU S 123 27.35 52.95 -30.30
C LEU S 123 26.50 54.06 -29.68
N VAL S 124 25.20 54.00 -29.93
CA VAL S 124 24.29 55.04 -29.46
C VAL S 124 24.04 54.92 -27.96
N ARG S 125 23.52 53.77 -27.54
CA ARG S 125 23.21 53.53 -26.13
C ARG S 125 22.96 52.05 -25.84
N VAL S 126 23.14 51.67 -24.59
CA VAL S 126 22.83 50.31 -24.14
C VAL S 126 21.76 50.35 -23.06
N HIS S 127 20.62 49.70 -23.32
CA HIS S 127 19.47 49.78 -22.43
C HIS S 127 19.16 48.45 -21.75
N MET S 128 18.92 48.50 -20.45
CA MET S 128 18.52 47.33 -19.69
C MET S 128 17.04 47.41 -19.34
N ALA S 129 16.25 46.51 -19.94
CA ALA S 129 14.79 46.54 -19.77
C ALA S 129 14.36 46.26 -18.34
N PHE S 130 15.01 45.27 -17.72
CA PHE S 130 14.64 44.87 -16.36
C PHE S 130 15.78 44.15 -15.65
N GLY S 131 16.68 44.92 -15.06
CA GLY S 131 17.77 44.36 -14.28
C GLY S 131 18.92 43.86 -15.14
N ILE S 132 19.95 43.33 -14.48
CA ILE S 132 21.13 42.82 -15.17
C ILE S 132 20.91 41.40 -15.67
N GLY S 133 19.85 40.75 -15.18
CA GLY S 133 19.54 39.40 -15.58
C GLY S 133 18.47 39.33 -16.65
N GLY S 134 17.81 40.46 -16.89
CA GLY S 134 16.74 40.52 -17.87
C GLY S 134 17.23 40.80 -19.27
N LYS S 135 16.30 40.98 -20.19
CA LYS S 135 16.62 41.26 -21.58
C LYS S 135 17.32 42.60 -21.74
N CYS S 136 18.44 42.61 -22.45
CA CYS S 136 19.17 43.84 -22.73
C CYS S 136 19.38 44.01 -24.24
N TYR S 137 19.57 45.25 -24.67
CA TYR S 137 19.70 45.54 -26.09
C TYR S 137 20.71 46.66 -26.35
N MET S 138 21.43 46.55 -27.46
CA MET S 138 22.40 47.57 -27.85
C MET S 138 21.93 48.29 -29.12
N VAL S 139 22.25 49.57 -29.20
CA VAL S 139 21.86 50.38 -30.36
C VAL S 139 23.09 51.00 -31.03
N VAL S 140 23.28 50.69 -32.31
CA VAL S 140 24.41 51.21 -33.07
C VAL S 140 23.94 52.07 -34.23
N ALA S 141 24.80 52.98 -34.67
CA ALA S 141 24.46 53.87 -35.78
C ALA S 141 25.69 54.18 -36.63
N GLY S 142 25.47 54.33 -37.93
CA GLY S 142 26.54 54.61 -38.86
C GLY S 142 26.15 54.23 -40.29
N ASP S 143 27.16 54.02 -41.13
CA ASP S 143 26.92 53.57 -42.50
C ASP S 143 26.29 52.18 -42.53
N VAL S 144 25.58 51.88 -43.60
CA VAL S 144 24.91 50.59 -43.77
C VAL S 144 25.89 49.43 -43.67
N LEU S 145 27.05 49.58 -44.28
CA LEU S 145 28.09 48.55 -44.25
C LEU S 145 28.69 48.41 -42.85
N ASP S 146 28.87 49.53 -42.18
CA ASP S 146 29.46 49.53 -40.84
C ASP S 146 28.53 48.88 -39.81
N VAL S 147 27.25 49.22 -39.89
CA VAL S 147 26.26 48.68 -38.95
C VAL S 147 26.10 47.17 -39.10
N ALA S 148 26.08 46.69 -40.35
CA ALA S 148 25.93 45.27 -40.62
C ALA S 148 27.10 44.47 -40.05
N ALA S 149 28.32 44.96 -40.28
CA ALA S 149 29.52 44.31 -39.79
C ALA S 149 29.52 44.26 -38.26
N ALA S 150 29.14 45.36 -37.64
CA ALA S 150 29.06 45.44 -36.19
C ALA S 150 27.99 44.48 -35.68
N VAL S 151 26.84 44.45 -36.36
CA VAL S 151 25.75 43.56 -36.00
C VAL S 151 26.17 42.11 -36.15
N ALA S 152 26.90 41.80 -37.22
CA ALA S 152 27.40 40.46 -37.46
C ALA S 152 28.38 40.03 -36.37
N THR S 153 29.31 40.93 -36.05
CA THR S 153 30.31 40.67 -35.02
C THR S 153 29.64 40.49 -33.66
N ALA S 154 28.68 41.35 -33.36
CA ALA S 154 27.95 41.27 -32.10
C ALA S 154 27.11 40.00 -32.02
N SER S 155 26.51 39.63 -33.15
CA SER S 155 25.67 38.44 -33.20
C SER S 155 26.48 37.18 -32.94
N LEU S 156 27.72 37.16 -33.44
CA LEU S 156 28.60 36.03 -33.24
C LEU S 156 29.01 35.91 -31.78
N ALA S 157 29.28 37.05 -31.14
CA ALA S 157 29.69 37.08 -29.75
C ALA S 157 28.59 36.56 -28.83
N ALA S 158 27.40 37.14 -28.94
CA ALA S 158 26.27 36.75 -28.10
C ALA S 158 25.74 35.37 -28.50
N GLY S 159 25.85 35.04 -29.78
CA GLY S 159 25.39 33.76 -30.29
C GLY S 159 26.24 32.61 -29.80
N ALA S 160 27.51 32.89 -29.53
CA ALA S 160 28.44 31.87 -29.05
C ALA S 160 28.09 31.41 -27.64
N LYS S 161 27.42 32.27 -26.89
CA LYS S 161 27.02 31.95 -25.53
C LYS S 161 25.54 31.55 -25.47
N GLY S 162 24.88 31.63 -26.61
CA GLY S 162 23.48 31.28 -26.72
C GLY S 162 22.58 32.25 -25.99
N LEU S 163 23.05 33.49 -25.84
CA LEU S 163 22.29 34.50 -25.11
C LEU S 163 21.72 35.55 -26.07
N LEU S 164 21.84 35.30 -27.36
CA LEU S 164 21.34 36.22 -28.38
C LEU S 164 19.84 36.01 -28.60
N VAL S 165 19.08 37.09 -28.51
CA VAL S 165 17.64 37.01 -28.70
C VAL S 165 17.29 37.18 -30.18
N TYR S 166 17.67 38.31 -30.75
CA TYR S 166 17.41 38.59 -32.15
C TYR S 166 18.27 39.74 -32.66
N ALA S 167 18.58 39.72 -33.95
CA ALA S 167 19.37 40.77 -34.56
C ALA S 167 18.65 41.32 -35.80
N SER S 168 18.79 42.62 -36.02
CA SER S 168 18.13 43.26 -37.16
C SER S 168 18.92 44.48 -37.66
N ILE S 169 19.10 44.55 -38.97
CA ILE S 169 19.71 45.70 -39.60
C ILE S 169 18.65 46.51 -40.33
N ILE S 170 18.46 47.76 -39.90
CA ILE S 170 17.40 48.59 -40.44
C ILE S 170 17.94 49.83 -41.13
N PRO S 171 18.13 49.75 -42.46
CA PRO S 171 18.56 50.90 -43.26
C PRO S 171 17.38 51.80 -43.58
N ARG S 172 17.60 53.11 -43.50
CA ARG S 172 16.55 54.11 -43.72
C ARG S 172 15.33 53.85 -42.83
N PRO S 173 15.48 54.09 -41.52
CA PRO S 173 14.40 53.89 -40.54
C PRO S 173 13.33 54.97 -40.65
N HIS S 174 12.08 54.59 -40.42
CA HIS S 174 10.98 55.56 -40.43
C HIS S 174 11.20 56.65 -39.40
N GLU S 175 10.69 57.85 -39.69
CA GLU S 175 10.90 59.01 -38.82
C GLU S 175 10.39 58.78 -37.40
N ALA S 176 9.27 58.09 -37.27
CA ALA S 176 8.71 57.80 -35.96
C ALA S 176 9.52 56.72 -35.25
N MET S 177 10.01 55.75 -36.01
CA MET S 177 10.78 54.64 -35.44
C MET S 177 12.22 55.04 -35.13
N TRP S 178 12.81 55.87 -35.98
CA TRP S 178 14.19 56.30 -35.81
C TRP S 178 14.35 57.14 -34.53
N ARG S 179 13.40 58.04 -34.31
CA ARG S 179 13.42 58.89 -33.13
C ARG S 179 13.24 58.08 -31.85
N GLN S 180 12.34 57.11 -31.90
CA GLN S 180 12.08 56.23 -30.75
C GLN S 180 13.29 55.36 -30.43
N MET S 181 13.94 54.86 -31.47
CA MET S 181 15.12 54.01 -31.30
C MET S 181 16.29 54.78 -30.68
N VAL S 182 16.48 56.01 -31.14
CA VAL S 182 17.59 56.84 -30.68
C VAL S 182 17.35 57.39 -29.27
N GLU S 183 16.10 57.71 -28.96
CA GLU S 183 15.75 58.31 -27.68
C GLU S 183 15.36 57.28 -26.63
N GLY S 184 15.12 56.05 -27.10
CA GLY S 184 14.68 54.91 -26.29
C GLY S 184 14.39 55.09 -24.81
N GLY T 2 39.84 29.39 -59.64
CA GLY T 2 38.69 30.26 -59.80
C GLY T 2 38.06 30.64 -58.48
N GLU T 3 38.83 31.34 -57.64
CA GLU T 3 38.35 31.77 -56.33
C GLU T 3 38.15 33.27 -56.29
N VAL T 4 37.01 33.69 -55.75
CA VAL T 4 36.70 35.11 -55.62
C VAL T 4 37.10 35.63 -54.24
N PRO T 5 37.92 36.69 -54.21
CA PRO T 5 38.42 37.24 -52.94
C PRO T 5 37.36 38.08 -52.23
N ILE T 6 37.30 37.96 -50.91
CA ILE T 6 36.33 38.69 -50.10
C ILE T 6 37.02 39.73 -49.24
N GLY T 7 36.94 41.00 -49.65
CA GLY T 7 37.52 42.09 -48.91
C GLY T 7 39.03 42.03 -48.83
N ASP T 8 39.57 42.59 -47.76
CA ASP T 8 41.02 42.63 -47.57
C ASP T 8 41.45 41.64 -46.48
N PRO T 9 42.62 41.01 -46.67
CA PRO T 9 43.12 40.06 -45.67
C PRO T 9 43.69 40.77 -44.44
N LYS T 10 43.62 40.12 -43.29
CA LYS T 10 44.08 40.72 -42.04
C LYS T 10 45.24 39.93 -41.45
N GLU T 11 46.18 40.63 -40.83
CA GLU T 11 47.33 40.00 -40.19
C GLU T 11 47.33 40.30 -38.69
N LEU T 12 47.09 39.27 -37.88
CA LEU T 12 47.04 39.42 -36.44
C LEU T 12 47.25 38.07 -35.74
N ASN T 13 47.70 38.13 -34.49
CA ASN T 13 47.96 36.95 -33.69
C ASN T 13 48.93 35.97 -34.34
N GLY T 14 49.83 36.51 -35.16
CA GLY T 14 50.85 35.71 -35.80
C GLY T 14 50.32 34.88 -36.96
N MET T 15 49.07 35.15 -37.35
CA MET T 15 48.44 34.40 -38.42
C MET T 15 47.79 35.34 -39.44
N GLU T 16 47.81 34.94 -40.71
CA GLU T 16 47.17 35.72 -41.76
C GLU T 16 45.78 35.18 -42.04
N ILE T 17 44.79 36.06 -42.04
CA ILE T 17 43.40 35.65 -42.22
C ILE T 17 42.78 36.31 -43.45
N ALA T 18 42.58 35.52 -44.50
CA ALA T 18 41.97 36.01 -45.73
C ALA T 18 40.70 35.24 -46.02
N ALA T 19 39.79 35.86 -46.76
CA ALA T 19 38.52 35.22 -47.07
C ALA T 19 38.29 35.13 -48.58
N VAL T 20 37.80 33.99 -49.02
CA VAL T 20 37.52 33.77 -50.43
C VAL T 20 36.26 32.94 -50.63
N TYR T 21 35.61 33.12 -51.77
CA TYR T 21 34.40 32.38 -52.11
C TYR T 21 34.52 31.75 -53.49
N LEU T 22 33.94 30.57 -53.65
CA LEU T 22 33.99 29.88 -54.94
C LEU T 22 32.76 28.99 -55.15
N GLN T 23 32.82 28.16 -56.18
CA GLN T 23 31.75 27.23 -56.48
C GLN T 23 31.60 26.21 -55.37
N PRO T 24 30.37 25.71 -55.16
CA PRO T 24 30.13 24.70 -54.12
C PRO T 24 30.92 23.43 -54.37
N ILE T 25 31.40 22.81 -53.29
CA ILE T 25 32.22 21.62 -53.41
C ILE T 25 31.58 20.42 -52.69
N GLU T 26 31.95 19.22 -53.13
CA GLU T 26 31.44 18.00 -52.50
C GLU T 26 32.48 17.45 -51.53
N MET T 27 32.13 17.46 -50.25
CA MET T 27 33.05 17.06 -49.20
C MET T 27 32.64 15.71 -48.59
N GLU T 28 33.63 14.88 -48.31
CA GLU T 28 33.39 13.60 -47.65
C GLU T 28 33.87 13.66 -46.20
N PRO T 29 33.11 13.08 -45.28
CA PRO T 29 31.85 12.35 -45.56
C PRO T 29 30.65 13.28 -45.69
N ARG T 30 29.63 12.80 -46.41
CA ARG T 30 28.41 13.58 -46.63
C ARG T 30 27.56 13.64 -45.37
N GLY T 31 26.59 14.54 -45.36
CA GLY T 31 25.70 14.69 -44.23
C GLY T 31 26.25 15.64 -43.18
N ILE T 32 27.33 16.33 -43.53
CA ILE T 32 27.95 17.31 -42.65
C ILE T 32 27.85 18.71 -43.25
N ASP T 33 28.66 18.96 -44.28
CA ASP T 33 28.61 20.23 -44.99
C ASP T 33 27.36 20.27 -45.87
N LEU T 34 26.85 21.48 -46.07
CA LEU T 34 25.67 21.69 -46.92
C LEU T 34 25.87 21.10 -48.31
N ALA T 35 24.82 20.47 -48.83
CA ALA T 35 24.85 19.86 -50.15
C ALA T 35 25.20 20.88 -51.23
N ALA T 36 26.02 20.47 -52.20
CA ALA T 36 26.45 21.33 -53.28
C ALA T 36 25.26 21.87 -54.08
N SER T 37 24.26 21.01 -54.30
CA SER T 37 23.08 21.38 -55.05
C SER T 37 22.17 22.33 -54.25
N LEU T 38 22.34 22.33 -52.93
CA LEU T 38 21.52 23.16 -52.06
C LEU T 38 22.20 24.51 -51.78
N ALA T 39 23.46 24.62 -52.16
CA ALA T 39 24.22 25.84 -51.91
C ALA T 39 24.42 26.65 -53.18
N ASP T 40 24.87 27.89 -53.02
CA ASP T 40 25.13 28.75 -54.16
C ASP T 40 26.63 29.05 -54.26
N ILE T 41 27.30 29.09 -53.12
CA ILE T 41 28.74 29.33 -53.09
C ILE T 41 29.40 28.59 -51.94
N HIS T 42 30.69 28.29 -52.09
CA HIS T 42 31.45 27.66 -51.03
C HIS T 42 32.50 28.61 -50.49
N LEU T 43 32.34 29.02 -49.24
CA LEU T 43 33.26 29.95 -48.62
C LEU T 43 34.40 29.21 -47.93
N GLU T 44 35.62 29.56 -48.29
CA GLU T 44 36.81 28.92 -47.72
C GLU T 44 37.71 29.97 -47.10
N ALA T 45 38.22 29.68 -45.90
CA ALA T 45 39.12 30.59 -45.21
C ALA T 45 40.56 30.12 -45.30
N ASP T 46 41.41 30.95 -45.89
CA ASP T 46 42.83 30.62 -46.02
C ASP T 46 43.61 31.21 -44.85
N ILE T 47 44.07 30.34 -43.97
CA ILE T 47 44.77 30.76 -42.77
C ILE T 47 46.18 30.17 -42.70
N HIS T 48 47.17 31.03 -42.81
CA HIS T 48 48.56 30.61 -42.75
C HIS T 48 49.33 31.45 -41.73
N ALA T 49 50.31 30.82 -41.07
CA ALA T 49 51.09 31.48 -40.05
C ALA T 49 52.06 32.49 -40.65
N LEU T 50 52.13 33.68 -40.06
CA LEU T 50 53.06 34.70 -40.50
C LEU T 50 54.47 34.43 -39.98
N LYS T 51 55.42 35.27 -40.38
CA LYS T 51 56.80 35.12 -39.93
C LYS T 51 56.89 35.33 -38.42
N ASN T 52 57.71 34.51 -37.78
CA ASN T 52 57.94 34.59 -36.33
C ASN T 52 56.66 34.51 -35.51
N ASN T 53 55.81 33.53 -35.85
CA ASN T 53 54.57 33.29 -35.11
C ASN T 53 54.84 32.96 -33.65
N PRO T 54 54.02 33.51 -32.75
CA PRO T 54 54.20 33.31 -31.30
C PRO T 54 53.63 31.98 -30.81
N ASN T 55 53.02 31.22 -31.71
CA ASN T 55 52.49 29.91 -31.36
C ASN T 55 53.42 28.80 -31.83
N GLY T 56 54.61 29.19 -32.29
CA GLY T 56 55.60 28.23 -32.75
C GLY T 56 55.32 27.71 -34.15
N PHE T 57 54.26 28.25 -34.76
CA PHE T 57 53.85 27.81 -36.09
C PHE T 57 54.79 28.36 -37.15
N PRO T 58 55.21 27.50 -38.10
CA PRO T 58 56.10 27.92 -39.19
C PRO T 58 55.39 28.80 -40.22
N GLU T 59 56.11 29.79 -40.75
CA GLU T 59 55.55 30.68 -41.75
C GLU T 59 55.04 29.93 -42.97
N GLY T 60 53.79 30.19 -43.34
CA GLY T 60 53.19 29.57 -44.50
C GLY T 60 52.35 28.34 -44.17
N PHE T 61 52.65 27.72 -43.03
CA PHE T 61 51.91 26.53 -42.59
C PHE T 61 50.47 26.87 -42.23
N TRP T 62 49.55 26.00 -42.61
CA TRP T 62 48.13 26.21 -42.32
C TRP T 62 47.85 26.07 -40.83
N MET T 63 46.92 26.88 -40.34
CA MET T 63 46.52 26.84 -38.93
C MET T 63 45.38 25.85 -38.71
N PRO T 64 45.67 24.75 -38.01
CA PRO T 64 44.69 23.67 -37.77
C PRO T 64 44.04 23.77 -36.39
N TYR T 65 43.02 22.94 -36.16
CA TYR T 65 42.35 22.84 -34.86
C TYR T 65 41.75 24.16 -34.38
N LEU T 66 41.60 25.11 -35.30
CA LEU T 66 41.04 26.41 -34.96
C LEU T 66 39.51 26.37 -34.98
N THR T 67 38.89 27.11 -34.05
CA THR T 67 37.44 27.22 -34.01
C THR T 67 37.01 28.53 -34.68
N ILE T 68 36.32 28.40 -35.80
CA ILE T 68 35.97 29.57 -36.60
C ILE T 68 34.49 29.61 -36.95
N ALA T 69 33.80 30.64 -36.46
CA ALA T 69 32.39 30.84 -36.79
C ALA T 69 32.28 31.96 -37.81
N TYR T 70 31.22 31.93 -38.61
CA TYR T 70 31.04 32.90 -39.68
C TYR T 70 29.70 33.62 -39.60
N ALA T 71 29.70 34.89 -39.98
CA ALA T 71 28.48 35.68 -40.01
C ALA T 71 28.43 36.54 -41.27
N LEU T 72 27.39 36.33 -42.07
CA LEU T 72 27.24 37.07 -43.33
C LEU T 72 25.94 37.88 -43.32
N ALA T 73 26.06 39.18 -43.55
CA ALA T 73 24.89 40.05 -43.56
C ALA T 73 24.85 40.94 -44.80
N ASN T 74 23.74 40.89 -45.53
CA ASN T 74 23.54 41.74 -46.69
C ASN T 74 23.01 43.11 -46.28
N ALA T 75 23.81 44.15 -46.53
CA ALA T 75 23.46 45.49 -46.12
C ALA T 75 22.28 46.07 -46.89
N ASP T 76 22.00 45.47 -48.06
CA ASP T 76 20.89 45.92 -48.89
C ASP T 76 19.55 45.45 -48.34
N THR T 77 19.48 44.17 -47.98
CA THR T 77 18.23 43.58 -47.51
C THR T 77 18.15 43.52 -45.99
N GLY T 78 19.31 43.53 -45.33
CA GLY T 78 19.35 43.47 -43.88
C GLY T 78 19.34 42.04 -43.36
N ALA T 79 19.23 41.08 -44.27
CA ALA T 79 19.23 39.67 -43.91
C ALA T 79 20.59 39.24 -43.35
N ILE T 80 20.57 38.46 -42.27
CA ILE T 80 21.79 38.00 -41.63
C ILE T 80 21.71 36.52 -41.25
N LYS T 81 22.76 35.78 -41.57
CA LYS T 81 22.82 34.35 -41.24
C LYS T 81 24.11 34.03 -40.49
N THR T 82 24.08 32.96 -39.69
CA THR T 82 25.25 32.54 -38.94
C THR T 82 25.52 31.05 -39.17
N GLY T 83 26.80 30.68 -39.10
CA GLY T 83 27.19 29.29 -39.29
C GLY T 83 28.62 29.04 -38.87
N THR T 84 29.07 27.80 -39.03
CA THR T 84 30.43 27.43 -38.67
C THR T 84 31.22 26.92 -39.87
N LEU T 85 32.54 27.13 -39.83
CA LEU T 85 33.41 26.65 -40.88
C LEU T 85 34.06 25.33 -40.48
N MET T 86 34.06 24.37 -41.40
CA MET T 86 34.62 23.05 -41.15
C MET T 86 35.97 22.88 -41.83
N PRO T 87 36.91 22.18 -41.18
CA PRO T 87 38.24 21.97 -41.76
C PRO T 87 38.24 20.87 -42.82
N MET T 88 38.80 21.18 -43.98
CA MET T 88 38.80 20.24 -45.10
C MET T 88 40.00 20.48 -46.01
N VAL T 89 40.29 19.50 -46.87
CA VAL T 89 41.43 19.59 -47.78
C VAL T 89 40.99 19.57 -49.24
N ALA T 90 41.60 20.42 -50.04
CA ALA T 90 41.31 20.49 -51.47
C ALA T 90 42.59 20.38 -52.28
N ASP T 91 42.49 20.56 -53.60
CA ASP T 91 43.65 20.53 -54.47
C ASP T 91 44.60 21.69 -54.20
N ASP T 92 44.05 22.76 -53.63
CA ASP T 92 44.85 23.95 -53.33
C ASP T 92 45.32 23.94 -51.88
N GLY T 93 45.25 22.79 -51.24
CA GLY T 93 45.71 22.64 -49.87
C GLY T 93 44.58 22.60 -48.85
N PRO T 94 44.94 22.58 -47.56
CA PRO T 94 44.00 22.51 -46.45
C PRO T 94 43.51 23.88 -45.99
N HIS T 95 42.22 23.99 -45.69
CA HIS T 95 41.65 25.24 -45.21
C HIS T 95 40.31 24.99 -44.52
N TYR T 96 39.74 26.05 -43.94
CA TYR T 96 38.42 25.95 -43.34
C TYR T 96 37.38 26.43 -44.33
N GLY T 97 36.50 25.53 -44.74
CA GLY T 97 35.52 25.84 -45.76
C GLY T 97 34.17 25.17 -45.54
N ALA T 98 33.14 25.76 -46.15
CA ALA T 98 31.78 25.24 -46.03
C ALA T 98 30.88 25.85 -47.10
N ASN T 99 30.03 25.01 -47.69
CA ASN T 99 29.09 25.47 -48.69
C ASN T 99 28.00 26.33 -48.07
N ILE T 100 27.70 27.46 -48.68
CA ILE T 100 26.71 28.40 -48.15
C ILE T 100 25.73 28.85 -49.22
N ALA T 101 24.45 28.80 -48.88
CA ALA T 101 23.40 29.23 -49.80
C ALA T 101 23.27 30.74 -49.81
N MET T 102 23.27 31.32 -51.01
CA MET T 102 23.12 32.76 -51.18
C MET T 102 21.79 33.09 -51.83
N GLU T 103 21.77 33.03 -53.16
CA GLU T 103 20.54 33.25 -53.92
C GLU T 103 19.53 32.14 -53.63
N LYS T 104 20.03 30.96 -53.33
CA LYS T 104 19.18 29.79 -53.10
C LYS T 104 18.63 29.74 -51.67
N ASP T 105 18.92 30.76 -50.88
CA ASP T 105 18.43 30.84 -49.52
C ASP T 105 16.91 30.94 -49.47
N LYS T 106 16.28 29.98 -48.79
CA LYS T 106 14.83 29.94 -48.68
C LYS T 106 14.27 31.19 -48.01
N LYS T 107 15.02 31.73 -47.05
CA LYS T 107 14.59 32.92 -46.33
C LYS T 107 14.73 34.16 -47.20
N GLY T 108 15.62 34.08 -48.18
CA GLY T 108 15.84 35.18 -49.10
C GLY T 108 16.58 36.35 -48.47
N GLY T 109 16.87 37.36 -49.29
CA GLY T 109 17.55 38.55 -48.82
C GLY T 109 19.06 38.42 -48.85
N PHE T 110 19.53 37.25 -49.31
CA PHE T 110 20.96 36.98 -49.40
C PHE T 110 21.39 36.87 -50.86
N GLY T 111 20.78 37.67 -51.72
CA GLY T 111 21.09 37.65 -53.14
C GLY T 111 22.21 38.61 -53.49
N VAL T 112 22.26 38.99 -54.77
CA VAL T 112 23.29 39.91 -55.25
C VAL T 112 23.18 41.26 -54.56
N GLY T 113 24.30 41.78 -54.09
CA GLY T 113 24.33 43.07 -53.43
C GLY T 113 25.57 43.21 -52.56
N THR T 114 25.52 44.15 -51.62
CA THR T 114 26.65 44.35 -50.71
C THR T 114 26.48 43.49 -49.47
N TYR T 115 27.53 42.77 -49.10
CA TYR T 115 27.49 41.87 -47.96
C TYR T 115 28.71 42.06 -47.07
N ALA T 116 28.53 41.84 -45.77
CA ALA T 116 29.62 41.91 -44.82
C ALA T 116 29.86 40.56 -44.16
N LEU T 117 31.13 40.16 -44.08
CA LEU T 117 31.48 38.87 -43.50
C LEU T 117 32.27 39.05 -42.20
N THR T 118 31.81 38.40 -41.14
CA THR T 118 32.50 38.47 -39.86
C THR T 118 32.87 37.08 -39.36
N PHE T 119 34.17 36.84 -39.20
CA PHE T 119 34.66 35.56 -38.73
C PHE T 119 35.14 35.65 -37.28
N LEU T 120 34.73 34.67 -36.47
CA LEU T 120 35.14 34.61 -35.07
C LEU T 120 36.08 33.43 -34.85
N ILE T 121 37.34 33.71 -34.55
CA ILE T 121 38.36 32.67 -34.43
C ILE T 121 38.81 32.51 -32.99
N SER T 122 38.92 31.26 -32.57
CA SER T 122 39.33 30.94 -31.20
C SER T 122 40.64 30.17 -31.16
N ASN T 123 41.22 30.05 -29.97
CA ASN T 123 42.47 29.34 -29.78
C ASN T 123 42.32 27.85 -30.09
N PRO T 124 43.41 27.20 -30.54
CA PRO T 124 43.31 25.77 -30.86
C PRO T 124 43.29 24.92 -29.59
N GLU T 125 43.52 25.53 -28.44
CA GLU T 125 43.46 24.84 -27.17
C GLU T 125 42.03 24.36 -26.90
N LYS T 126 41.07 25.05 -27.49
CA LYS T 126 39.66 24.68 -27.37
C LYS T 126 39.38 23.34 -28.05
N GLN T 127 40.20 22.99 -29.03
CA GLN T 127 40.01 21.76 -29.77
C GLN T 127 40.97 20.66 -29.30
N GLY T 128 41.61 20.89 -28.16
CA GLY T 128 42.48 19.91 -27.55
C GLY T 128 43.92 19.95 -28.04
N PHE T 129 44.28 21.00 -28.77
CA PHE T 129 45.65 21.17 -29.23
C PHE T 129 46.53 21.68 -28.10
N GLY T 130 47.68 21.04 -27.91
CA GLY T 130 48.56 21.38 -26.82
C GLY T 130 49.65 22.37 -27.20
N ARG T 131 50.40 22.81 -26.20
CA ARG T 131 51.51 23.73 -26.42
C ARG T 131 52.58 23.55 -25.34
N HIS T 132 53.82 23.39 -25.77
CA HIS T 132 54.94 23.25 -24.84
C HIS T 132 55.16 24.53 -24.06
N VAL T 133 55.54 24.38 -22.78
CA VAL T 133 55.77 25.53 -21.92
C VAL T 133 57.14 25.45 -21.26
N ASP T 134 58.01 24.61 -21.81
CA ASP T 134 59.36 24.45 -21.30
C ASP T 134 60.20 25.67 -21.66
N GLU T 135 61.35 25.81 -20.99
CA GLU T 135 62.26 26.91 -21.27
C GLU T 135 62.93 26.76 -22.62
N GLU T 136 63.17 25.51 -23.02
CA GLU T 136 63.91 25.22 -24.25
C GLU T 136 63.05 25.25 -25.50
N THR T 137 61.90 24.57 -25.44
CA THR T 137 61.07 24.40 -26.64
C THR T 137 59.65 24.96 -26.46
N GLY T 138 59.45 25.76 -25.42
CA GLY T 138 58.15 26.32 -25.14
C GLY T 138 57.80 27.48 -26.05
N VAL T 139 56.53 27.87 -26.04
CA VAL T 139 56.06 28.96 -26.88
C VAL T 139 55.17 29.91 -26.08
N GLY T 140 54.81 31.04 -26.68
CA GLY T 140 54.00 32.03 -26.00
C GLY T 140 52.57 31.56 -25.85
N LYS T 141 51.78 32.32 -25.08
CA LYS T 141 50.38 31.99 -24.86
C LYS T 141 49.59 32.06 -26.15
N TRP T 142 48.49 31.31 -26.21
CA TRP T 142 47.62 31.32 -27.38
C TRP T 142 46.81 32.60 -27.43
N PHE T 143 46.51 33.06 -28.65
CA PHE T 143 45.75 34.29 -28.83
C PHE T 143 44.36 34.20 -28.22
N GLU T 144 43.93 35.27 -27.58
CA GLU T 144 42.57 35.36 -27.05
C GLU T 144 41.57 35.35 -28.20
N PRO T 145 40.31 34.97 -27.93
CA PRO T 145 39.33 34.93 -29.02
C PRO T 145 39.05 36.32 -29.58
N PHE T 146 39.11 36.44 -30.91
CA PHE T 146 38.94 37.72 -31.58
C PHE T 146 38.16 37.56 -32.86
N VAL T 147 37.63 38.68 -33.37
CA VAL T 147 36.83 38.65 -34.59
C VAL T 147 37.47 39.47 -35.70
N VAL T 148 37.20 39.06 -36.93
CA VAL T 148 37.69 39.78 -38.10
C VAL T 148 36.52 40.09 -39.02
N THR T 149 36.56 41.28 -39.64
CA THR T 149 35.46 41.73 -40.49
C THR T 149 35.94 42.02 -41.90
N TYR T 150 35.18 41.58 -42.88
CA TYR T 150 35.48 41.84 -44.28
C TYR T 150 34.23 42.26 -45.04
N PHE T 151 34.41 43.09 -46.06
CA PHE T 151 33.28 43.55 -46.86
C PHE T 151 33.50 43.22 -48.33
N PHE T 152 32.48 42.64 -48.94
CA PHE T 152 32.59 42.23 -50.34
C PHE T 152 31.21 42.19 -50.99
N LYS T 153 31.20 42.31 -52.31
CA LYS T 153 29.95 42.29 -53.07
C LYS T 153 29.73 40.94 -53.73
N TYR T 154 28.61 40.31 -53.40
CA TYR T 154 28.27 39.01 -53.98
C TYR T 154 27.73 39.19 -55.40
N THR T 155 28.43 38.61 -56.36
CA THR T 155 28.07 38.75 -57.77
C THR T 155 27.18 37.60 -58.22
N GLY T 156 26.81 36.74 -57.28
CA GLY T 156 25.95 35.61 -57.59
C GLY T 156 26.70 34.29 -57.54
N THR T 157 25.96 33.20 -57.70
CA THR T 157 26.55 31.87 -57.70
C THR T 157 27.45 31.66 -58.92
N PRO T 158 28.71 31.27 -58.70
CA PRO T 158 29.68 31.04 -59.77
C PRO T 158 29.73 29.58 -60.20
N SER U 2 1.01 66.93 14.90
CA SER U 2 -0.19 67.74 14.80
C SER U 2 -1.02 67.36 13.58
N GLN U 3 -0.41 66.60 12.67
CA GLN U 3 -1.10 66.15 11.46
C GLN U 3 -1.34 64.65 11.48
N ALA U 4 -2.00 64.15 10.45
CA ALA U 4 -2.31 62.73 10.35
C ALA U 4 -2.19 62.23 8.91
N ILE U 5 -1.79 60.97 8.76
CA ILE U 5 -1.66 60.38 7.43
C ILE U 5 -2.65 59.23 7.26
N GLY U 6 -3.40 59.26 6.17
CA GLY U 6 -4.38 58.23 5.88
C GLY U 6 -4.03 57.42 4.65
N ILE U 7 -4.17 56.10 4.75
CA ILE U 7 -3.87 55.20 3.65
C ILE U 7 -5.05 54.31 3.30
N LEU U 8 -5.38 54.24 2.01
CA LEU U 8 -6.49 53.41 1.55
C LEU U 8 -6.07 52.63 0.31
N GLU U 9 -6.26 51.31 0.35
CA GLU U 9 -5.90 50.45 -0.77
C GLU U 9 -7.13 49.73 -1.34
N LEU U 10 -7.28 49.81 -2.67
CA LEU U 10 -8.41 49.18 -3.34
C LEU U 10 -7.94 48.19 -4.39
N THR U 11 -8.79 47.22 -4.72
CA THR U 11 -8.46 46.19 -5.70
C THR U 11 -8.82 46.63 -7.11
N SER U 12 -9.53 47.75 -7.22
CA SER U 12 -9.94 48.28 -8.52
C SER U 12 -9.37 49.68 -8.76
N ILE U 13 -8.86 49.90 -9.96
CA ILE U 13 -8.28 51.19 -10.33
C ILE U 13 -9.33 52.28 -10.40
N ALA U 14 -10.48 51.96 -11.00
CA ALA U 14 -11.57 52.92 -11.13
C ALA U 14 -12.15 53.29 -9.77
N LYS U 15 -12.36 52.28 -8.92
CA LYS U 15 -12.89 52.50 -7.59
C LYS U 15 -11.94 53.35 -6.75
N GLY U 16 -10.65 53.18 -6.99
CA GLY U 16 -9.63 53.98 -6.31
C GLY U 16 -9.76 55.45 -6.61
N MET U 17 -9.97 55.78 -7.88
CA MET U 17 -10.17 57.16 -8.30
C MET U 17 -11.50 57.69 -7.79
N GLU U 18 -12.51 56.82 -7.76
CA GLU U 18 -13.83 57.17 -7.26
C GLU U 18 -13.77 57.53 -5.78
N LEU U 19 -13.05 56.75 -5.01
CA LEU U 19 -12.91 56.99 -3.58
C LEU U 19 -12.07 58.22 -3.31
N GLY U 20 -11.14 58.51 -4.23
CA GLY U 20 -10.28 59.68 -4.11
C GLY U 20 -11.07 60.98 -4.13
N ASP U 21 -11.96 61.10 -5.12
CA ASP U 21 -12.81 62.28 -5.23
C ASP U 21 -13.77 62.38 -4.05
N ALA U 22 -14.30 61.23 -3.63
CA ALA U 22 -15.23 61.18 -2.52
C ALA U 22 -14.57 61.59 -1.20
N MET U 23 -13.36 61.09 -0.97
CA MET U 23 -12.63 61.37 0.26
C MET U 23 -12.22 62.84 0.34
N LEU U 24 -11.77 63.38 -0.78
CA LEU U 24 -11.33 64.77 -0.84
C LEU U 24 -12.49 65.72 -0.56
N LYS U 25 -13.68 65.35 -1.01
CA LYS U 25 -14.87 66.16 -0.78
C LYS U 25 -15.47 65.91 0.61
N SER U 26 -15.06 64.82 1.23
CA SER U 26 -15.61 64.43 2.54
C SER U 26 -15.04 65.29 3.66
N ALA U 27 -13.80 65.73 3.50
CA ALA U 27 -13.13 66.53 4.52
C ALA U 27 -11.99 67.35 3.92
N ASN U 28 -11.47 68.30 4.71
CA ASN U 28 -10.38 69.15 4.26
C ASN U 28 -9.02 68.45 4.37
N VAL U 29 -8.70 67.63 3.38
CA VAL U 29 -7.43 66.91 3.35
C VAL U 29 -6.76 67.03 1.98
N ASP U 30 -5.44 66.96 1.96
CA ASP U 30 -4.68 67.07 0.72
C ASP U 30 -4.26 65.68 0.21
N LEU U 31 -4.38 65.47 -1.09
CA LEU U 31 -4.00 64.21 -1.71
C LEU U 31 -2.49 64.13 -1.88
N LEU U 32 -1.88 63.13 -1.24
CA LEU U 32 -0.44 62.96 -1.31
C LEU U 32 -0.02 62.03 -2.43
N VAL U 33 -0.74 60.92 -2.59
CA VAL U 33 -0.42 59.94 -3.61
C VAL U 33 -1.67 59.31 -4.22
N SER U 34 -1.64 59.12 -5.54
CA SER U 34 -2.76 58.50 -6.25
C SER U 34 -2.27 57.84 -7.54
N LYS U 35 -1.91 56.57 -7.45
CA LYS U 35 -1.40 55.83 -8.60
C LYS U 35 -1.72 54.35 -8.53
N THR U 36 -1.72 53.68 -9.67
CA THR U 36 -2.00 52.25 -9.74
C THR U 36 -0.76 51.42 -9.41
N ILE U 37 -0.96 50.35 -8.66
CA ILE U 37 0.13 49.46 -8.29
C ILE U 37 -0.11 48.04 -8.83
N SER U 38 0.99 47.32 -9.08
CA SER U 38 0.92 45.95 -9.57
C SER U 38 0.20 45.04 -8.58
N PRO U 39 -0.60 44.09 -9.10
CA PRO U 39 -0.82 43.86 -10.53
C PRO U 39 -1.95 44.70 -11.11
N GLY U 40 -2.82 45.23 -10.25
CA GLY U 40 -3.94 46.04 -10.70
C GLY U 40 -4.66 46.73 -9.57
N LYS U 41 -3.94 46.98 -8.48
CA LYS U 41 -4.50 47.63 -7.30
C LYS U 41 -4.32 49.15 -7.38
N PHE U 42 -4.97 49.87 -6.47
CA PHE U 42 -4.85 51.31 -6.41
C PHE U 42 -4.50 51.78 -4.99
N LEU U 43 -3.53 52.67 -4.89
CA LEU U 43 -3.06 53.15 -3.59
C LEU U 43 -3.33 54.64 -3.42
N LEU U 44 -3.95 55.00 -2.31
CA LEU U 44 -4.24 56.40 -2.00
C LEU U 44 -3.67 56.79 -0.64
N MET U 45 -3.00 57.94 -0.60
CA MET U 45 -2.44 58.46 0.64
C MET U 45 -2.87 59.91 0.85
N LEU U 46 -3.40 60.20 2.04
CA LEU U 46 -3.89 61.54 2.34
C LEU U 46 -3.24 62.11 3.61
N GLY U 47 -3.10 63.42 3.65
CA GLY U 47 -2.52 64.09 4.80
C GLY U 47 -3.37 65.26 5.27
N GLY U 48 -3.30 65.56 6.57
CA GLY U 48 -4.06 66.65 7.13
C GLY U 48 -4.30 66.49 8.62
N ASP U 49 -5.23 67.29 9.16
CA ASP U 49 -5.60 67.20 10.57
C ASP U 49 -6.16 65.83 10.92
N ILE U 50 -6.05 65.47 12.20
CA ILE U 50 -6.51 64.16 12.68
C ILE U 50 -8.00 63.96 12.47
N GLY U 51 -8.78 65.00 12.73
CA GLY U 51 -10.22 64.94 12.55
C GLY U 51 -10.65 64.75 11.12
N ALA U 52 -10.08 65.54 10.21
CA ALA U 52 -10.41 65.47 8.80
C ALA U 52 -9.98 64.14 8.19
N ILE U 53 -8.80 63.67 8.57
CA ILE U 53 -8.27 62.42 8.05
C ILE U 53 -9.10 61.22 8.51
N GLN U 54 -9.55 61.27 9.77
CA GLN U 54 -10.37 60.20 10.32
C GLN U 54 -11.70 60.07 9.59
N GLN U 55 -12.33 61.22 9.32
CA GLN U 55 -13.61 61.23 8.62
C GLN U 55 -13.46 60.78 7.16
N ALA U 56 -12.39 61.24 6.52
CA ALA U 56 -12.12 60.91 5.13
C ALA U 56 -11.83 59.41 4.98
N ILE U 57 -11.03 58.87 5.88
CA ILE U 57 -10.69 57.45 5.86
C ILE U 57 -11.91 56.59 6.15
N GLU U 58 -12.77 57.08 7.05
CA GLU U 58 -14.01 56.39 7.36
C GLU U 58 -14.93 56.34 6.15
N THR U 59 -15.09 57.49 5.49
CA THR U 59 -15.92 57.59 4.29
C THR U 59 -15.39 56.68 3.18
N GLY U 60 -14.07 56.70 2.99
CA GLY U 60 -13.43 55.89 1.97
C GLY U 60 -13.61 54.41 2.23
N THR U 61 -13.41 54.00 3.48
CA THR U 61 -13.55 52.60 3.86
C THR U 61 -14.99 52.13 3.78
N SER U 62 -15.92 53.03 4.12
CA SER U 62 -17.34 52.70 4.12
C SER U 62 -17.89 52.43 2.72
N GLN U 63 -17.24 53.02 1.72
CA GLN U 63 -17.72 52.89 0.33
C GLN U 63 -16.83 51.96 -0.49
N ALA U 64 -15.78 51.44 0.14
CA ALA U 64 -14.84 50.54 -0.53
C ALA U 64 -15.49 49.18 -0.80
N GLY U 65 -16.33 48.75 0.11
CA GLY U 65 -17.01 47.46 -0.02
C GLY U 65 -16.06 46.28 0.06
N GLU U 66 -16.28 45.30 -0.80
CA GLU U 66 -15.47 44.10 -0.81
C GLU U 66 -14.19 44.31 -1.64
N MET U 67 -14.06 45.50 -2.21
CA MET U 67 -12.90 45.83 -3.01
C MET U 67 -11.77 46.38 -2.14
N LEU U 68 -12.07 46.57 -0.86
CA LEU U 68 -11.10 47.10 0.09
C LEU U 68 -9.96 46.11 0.34
N VAL U 69 -8.73 46.58 0.17
CA VAL U 69 -7.56 45.75 0.41
C VAL U 69 -7.05 45.95 1.84
N ASP U 70 -6.74 47.20 2.17
CA ASP U 70 -6.24 47.55 3.49
C ASP U 70 -6.43 49.03 3.81
N SER U 71 -6.42 49.37 5.09
CA SER U 71 -6.57 50.76 5.53
C SER U 71 -5.82 50.99 6.83
N LEU U 72 -5.30 52.20 7.01
CA LEU U 72 -4.55 52.53 8.21
C LEU U 72 -4.51 54.04 8.45
N VAL U 73 -4.54 54.44 9.72
CA VAL U 73 -4.46 55.84 10.09
C VAL U 73 -3.33 56.09 11.09
N LEU U 74 -2.43 56.99 10.75
CA LEU U 74 -1.30 57.31 11.61
C LEU U 74 -1.47 58.69 12.25
N ALA U 75 -1.74 58.71 13.54
CA ALA U 75 -1.95 59.96 14.26
C ALA U 75 -0.66 60.46 14.90
N ASN U 76 -0.65 61.74 15.27
CA ASN U 76 0.50 62.37 15.92
C ASN U 76 1.77 62.25 15.08
N ILE U 77 1.67 62.64 13.82
CA ILE U 77 2.80 62.58 12.89
C ILE U 77 3.37 63.98 12.64
N HIS U 78 4.69 64.05 12.48
CA HIS U 78 5.38 65.29 12.17
C HIS U 78 4.84 65.90 10.87
N PRO U 79 4.72 67.24 10.83
CA PRO U 79 4.18 67.91 9.64
C PRO U 79 5.15 67.90 8.47
N SER U 80 6.43 67.67 8.75
CA SER U 80 7.44 67.59 7.69
C SER U 80 7.32 66.30 6.89
N VAL U 81 6.61 65.33 7.45
CA VAL U 81 6.42 64.05 6.79
C VAL U 81 5.42 64.13 5.65
N LEU U 82 4.46 65.05 5.78
CA LEU U 82 3.40 65.21 4.78
C LEU U 82 3.93 65.55 3.38
N PRO U 83 4.74 66.63 3.25
CA PRO U 83 5.22 66.89 1.89
C PRO U 83 6.36 65.95 1.49
N ALA U 84 6.95 65.28 2.47
CA ALA U 84 8.01 64.32 2.22
C ALA U 84 7.46 63.09 1.53
N ILE U 85 6.16 62.85 1.72
CA ILE U 85 5.50 61.72 1.10
C ILE U 85 4.99 62.08 -0.29
N SER U 86 4.43 63.29 -0.42
CA SER U 86 3.88 63.74 -1.70
C SER U 86 4.99 64.16 -2.65
N GLY U 87 6.13 64.58 -2.10
CA GLY U 87 7.26 64.99 -2.88
C GLY U 87 8.55 65.07 -2.10
N LEU U 88 9.39 66.04 -2.43
CA LEU U 88 10.66 66.25 -1.74
C LEU U 88 10.90 67.71 -1.42
N ASN U 89 11.37 68.00 -0.21
CA ASN U 89 11.74 69.36 0.15
C ASN U 89 13.19 69.61 -0.23
N SER U 90 13.51 70.83 -0.65
CA SER U 90 14.86 71.16 -1.09
C SER U 90 15.89 71.00 0.03
N VAL U 91 17.04 70.41 -0.31
CA VAL U 91 18.12 70.20 0.65
C VAL U 91 19.34 71.01 0.25
N ASP U 92 19.42 72.24 0.77
CA ASP U 92 20.50 73.16 0.43
C ASP U 92 21.85 72.73 0.99
N LYS U 93 21.82 71.87 1.99
CA LYS U 93 23.05 71.42 2.64
C LYS U 93 23.43 70.00 2.23
N ARG U 94 24.72 69.82 1.94
CA ARG U 94 25.27 68.54 1.50
C ARG U 94 26.19 67.92 2.55
N GLN U 95 26.26 68.55 3.73
CA GLN U 95 27.20 68.15 4.77
C GLN U 95 27.05 66.68 5.17
N ALA U 96 25.81 66.23 5.35
CA ALA U 96 25.55 64.83 5.71
C ALA U 96 24.20 64.38 5.17
N VAL U 97 24.14 63.12 4.73
CA VAL U 97 22.91 62.54 4.22
C VAL U 97 22.55 61.27 4.98
N GLY U 98 21.27 61.06 5.22
CA GLY U 98 20.81 59.86 5.91
C GLY U 98 19.81 59.06 5.11
N ILE U 99 19.96 57.74 5.13
CA ILE U 99 19.05 56.84 4.43
C ILE U 99 18.67 55.66 5.32
N VAL U 100 17.38 55.48 5.55
CA VAL U 100 16.89 54.37 6.35
C VAL U 100 15.79 53.60 5.62
N GLU U 101 16.09 52.36 5.26
CA GLU U 101 15.12 51.53 4.55
C GLU U 101 14.43 50.54 5.49
N THR U 102 13.11 50.51 5.43
CA THR U 102 12.32 49.63 6.29
C THR U 102 11.28 48.86 5.48
N TRP U 103 10.84 47.73 6.02
CA TRP U 103 9.79 46.95 5.39
C TRP U 103 8.44 47.64 5.60
N SER U 104 7.71 47.82 4.50
CA SER U 104 6.42 48.50 4.48
C SER U 104 6.55 50.00 4.79
N VAL U 105 5.69 50.80 4.17
CA VAL U 105 5.72 52.25 4.34
C VAL U 105 5.26 52.66 5.73
N ALA U 106 4.51 51.78 6.39
CA ALA U 106 4.02 52.03 7.73
C ALA U 106 5.17 52.21 8.71
N ALA U 107 6.14 51.30 8.65
CA ALA U 107 7.31 51.36 9.52
C ALA U 107 8.19 52.56 9.18
N CYS U 108 8.29 52.87 7.89
CA CYS U 108 9.10 53.99 7.44
C CYS U 108 8.52 55.32 7.91
N ILE U 109 7.20 55.44 7.87
CA ILE U 109 6.52 56.65 8.30
C ILE U 109 6.71 56.90 9.80
N SER U 110 6.52 55.85 10.60
CA SER U 110 6.67 55.95 12.04
C SER U 110 8.11 56.28 12.45
N ALA U 111 9.06 55.72 11.71
CA ALA U 111 10.47 55.95 11.99
C ALA U 111 10.89 57.38 11.66
N ALA U 112 10.37 57.89 10.55
CA ALA U 112 10.69 59.25 10.11
C ALA U 112 10.13 60.29 11.07
N ASP U 113 8.92 60.03 11.57
CA ASP U 113 8.27 60.94 12.52
C ASP U 113 9.08 61.08 13.81
N LEU U 114 9.52 59.95 14.35
CA LEU U 114 10.32 59.94 15.56
C LEU U 114 11.71 60.55 15.33
N ALA U 115 12.24 60.34 14.13
CA ALA U 115 13.56 60.86 13.78
C ALA U 115 13.58 62.38 13.76
N VAL U 116 12.59 62.97 13.08
CA VAL U 116 12.52 64.42 12.95
C VAL U 116 12.26 65.08 14.29
N LYS U 117 11.42 64.46 15.12
CA LYS U 117 11.07 65.01 16.42
C LYS U 117 12.19 64.78 17.44
N GLY U 118 13.07 63.83 17.14
CA GLY U 118 14.15 63.48 18.05
C GLY U 118 15.49 64.03 17.62
N SER U 119 15.48 64.93 16.64
CA SER U 119 16.71 65.54 16.14
C SER U 119 16.42 66.88 15.48
N ASN U 120 17.47 67.49 14.93
CA ASN U 120 17.32 68.77 14.22
C ASN U 120 17.58 68.62 12.73
N VAL U 121 17.58 67.37 12.26
CA VAL U 121 17.81 67.09 10.85
C VAL U 121 16.54 67.32 10.04
N THR U 122 16.71 67.56 8.74
CA THR U 122 15.58 67.77 7.85
C THR U 122 15.27 66.52 7.03
N LEU U 123 14.02 66.06 7.09
CA LEU U 123 13.59 64.91 6.33
C LEU U 123 13.38 65.28 4.87
N VAL U 124 14.21 64.71 4.00
CA VAL U 124 14.16 65.06 2.57
C VAL U 124 12.95 64.45 1.87
N ARG U 125 12.84 63.13 1.94
CA ARG U 125 11.75 62.42 1.27
C ARG U 125 11.62 60.99 1.74
N VAL U 126 10.42 60.43 1.58
CA VAL U 126 10.17 59.03 1.88
C VAL U 126 9.72 58.30 0.62
N HIS U 127 10.47 57.29 0.21
CA HIS U 127 10.22 56.61 -1.05
C HIS U 127 9.75 55.18 -0.86
N MET U 128 8.70 54.81 -1.59
CA MET U 128 8.21 53.44 -1.59
C MET U 128 8.62 52.73 -2.87
N ALA U 129 9.51 51.75 -2.73
CA ALA U 129 10.07 51.04 -3.87
C ALA U 129 9.03 50.24 -4.64
N PHE U 130 8.13 49.58 -3.90
CA PHE U 130 7.12 48.72 -4.53
C PHE U 130 5.92 48.51 -3.62
N GLY U 131 4.99 49.46 -3.65
CA GLY U 131 3.76 49.34 -2.89
C GLY U 131 3.92 49.70 -1.43
N ILE U 132 2.82 49.60 -0.68
CA ILE U 132 2.83 49.93 0.74
C ILE U 132 3.32 48.76 1.58
N GLY U 133 3.38 47.58 0.97
CA GLY U 133 3.84 46.38 1.67
C GLY U 133 5.29 46.04 1.39
N GLY U 134 5.86 46.68 0.37
CA GLY U 134 7.23 46.42 -0.03
C GLY U 134 8.22 47.26 0.74
N LYS U 135 9.49 47.17 0.35
CA LYS U 135 10.55 47.94 0.99
C LYS U 135 10.36 49.43 0.79
N CYS U 136 10.44 50.18 1.87
CA CYS U 136 10.33 51.64 1.82
C CYS U 136 11.55 52.27 2.47
N TYR U 137 11.86 53.51 2.10
CA TYR U 137 13.06 54.16 2.59
C TYR U 137 12.85 55.65 2.86
N MET U 138 13.54 56.15 3.89
CA MET U 138 13.48 57.57 4.24
C MET U 138 14.83 58.24 3.98
N VAL U 139 14.78 59.50 3.59
CA VAL U 139 16.00 60.26 3.32
C VAL U 139 16.08 61.51 4.21
N VAL U 140 17.16 61.61 4.97
CA VAL U 140 17.37 62.74 5.86
C VAL U 140 18.62 63.52 5.49
N ALA U 141 18.65 64.80 5.85
CA ALA U 141 19.79 65.66 5.55
C ALA U 141 20.02 66.68 6.65
N GLY U 142 21.28 67.02 6.90
CA GLY U 142 21.63 67.98 7.93
C GLY U 142 23.05 67.84 8.40
N ASP U 143 23.35 68.34 9.60
CA ASP U 143 24.66 68.22 10.19
C ASP U 143 25.01 66.75 10.47
N VAL U 144 26.32 66.46 10.51
CA VAL U 144 26.79 65.11 10.77
C VAL U 144 26.26 64.55 12.08
N LEU U 145 26.27 65.37 13.11
CA LEU U 145 25.76 64.98 14.42
C LEU U 145 24.24 64.82 14.40
N ASP U 146 23.57 65.72 13.69
CA ASP U 146 22.11 65.69 13.60
C ASP U 146 21.60 64.49 12.83
N VAL U 147 22.25 64.18 11.71
CA VAL U 147 21.85 63.06 10.87
C VAL U 147 22.00 61.71 11.57
N ALA U 148 23.09 61.56 12.31
CA ALA U 148 23.36 60.32 13.03
C ALA U 148 22.31 60.04 14.10
N ALA U 149 21.96 61.07 14.85
CA ALA U 149 20.94 60.96 15.90
C ALA U 149 19.59 60.56 15.34
N ALA U 150 19.22 61.16 14.22
CA ALA U 150 17.95 60.86 13.55
C ALA U 150 17.94 59.41 13.06
N VAL U 151 19.04 58.98 12.46
CA VAL U 151 19.17 57.62 11.95
C VAL U 151 19.09 56.60 13.08
N ALA U 152 19.72 56.92 14.21
CA ALA U 152 19.69 56.06 15.38
C ALA U 152 18.27 55.92 15.92
N THR U 153 17.57 57.04 16.01
CA THR U 153 16.19 57.05 16.50
C THR U 153 15.27 56.24 15.61
N ALA U 154 15.44 56.40 14.29
CA ALA U 154 14.63 55.67 13.32
C ALA U 154 14.91 54.18 13.36
N SER U 155 16.18 53.83 13.56
CA SER U 155 16.60 52.43 13.59
C SER U 155 15.98 51.67 14.78
N LEU U 156 15.88 52.36 15.91
CA LEU U 156 15.32 51.75 17.11
C LEU U 156 13.82 51.49 16.96
N ALA U 157 13.11 52.43 16.34
CA ALA U 157 11.67 52.31 16.16
C ALA U 157 11.31 51.13 15.27
N ALA U 158 11.91 51.08 14.09
CA ALA U 158 11.67 50.01 13.13
C ALA U 158 12.26 48.69 13.60
N GLY U 159 13.36 48.78 14.35
CA GLY U 159 14.03 47.60 14.85
C GLY U 159 13.21 46.89 15.91
N ALA U 160 12.37 47.63 16.61
CA ALA U 160 11.51 47.07 17.65
C ALA U 160 10.45 46.15 17.05
N LYS U 161 10.11 46.39 15.79
CA LYS U 161 9.12 45.58 15.10
C LYS U 161 9.78 44.57 14.16
N GLY U 162 11.10 44.66 14.06
CA GLY U 162 11.85 43.75 13.20
C GLY U 162 11.62 44.02 11.73
N LEU U 163 11.27 45.26 11.40
CA LEU U 163 10.97 45.62 10.02
C LEU U 163 12.06 46.48 9.39
N LEU U 164 13.17 46.62 10.10
CA LEU U 164 14.29 47.42 9.60
C LEU U 164 15.15 46.61 8.64
N VAL U 165 15.39 47.16 7.45
CA VAL U 165 16.20 46.48 6.44
C VAL U 165 17.68 46.81 6.60
N TYR U 166 18.00 48.09 6.51
CA TYR U 166 19.38 48.55 6.63
C TYR U 166 19.45 50.06 6.89
N ALA U 167 20.50 50.48 7.58
CA ALA U 167 20.72 51.90 7.87
C ALA U 167 22.13 52.32 7.46
N SER U 168 22.26 53.56 6.98
CA SER U 168 23.56 54.06 6.54
C SER U 168 23.68 55.57 6.70
N ILE U 169 24.80 56.02 7.27
CA ILE U 169 25.10 57.43 7.37
C ILE U 169 26.20 57.80 6.39
N ILE U 170 25.88 58.70 5.47
CA ILE U 170 26.81 59.04 4.39
C ILE U 170 27.21 60.52 4.43
N PRO U 171 28.35 60.81 5.09
CA PRO U 171 28.90 62.17 5.14
C PRO U 171 29.71 62.48 3.89
N ARG U 172 29.57 63.70 3.38
CA ARG U 172 30.25 64.13 2.15
C ARG U 172 29.97 63.17 0.98
N PRO U 173 28.73 63.18 0.47
CA PRO U 173 28.33 62.30 -0.63
C PRO U 173 28.90 62.72 -1.97
N HIS U 174 29.24 61.75 -2.81
CA HIS U 174 29.76 62.02 -4.15
C HIS U 174 28.76 62.83 -4.98
N GLU U 175 29.28 63.63 -5.89
CA GLU U 175 28.45 64.51 -6.72
C GLU U 175 27.41 63.73 -7.53
N ALA U 176 27.81 62.57 -8.03
CA ALA U 176 26.91 61.71 -8.79
C ALA U 176 25.87 61.05 -7.89
N MET U 177 26.31 60.68 -6.68
CA MET U 177 25.45 60.01 -5.72
C MET U 177 24.49 60.98 -5.03
N TRP U 178 24.95 62.19 -4.79
CA TRP U 178 24.16 63.21 -4.09
C TRP U 178 22.89 63.58 -4.85
N ARG U 179 23.00 63.73 -6.17
CA ARG U 179 21.85 64.07 -6.99
C ARG U 179 20.77 62.98 -6.97
N GLN U 180 21.20 61.73 -7.08
CA GLN U 180 20.28 60.60 -7.06
C GLN U 180 19.59 60.44 -5.70
N MET U 181 20.36 60.63 -4.63
CA MET U 181 19.84 60.49 -3.28
C MET U 181 18.82 61.57 -2.89
N VAL U 182 19.12 62.82 -3.26
CA VAL U 182 18.25 63.94 -2.92
C VAL U 182 16.99 64.00 -3.76
N GLU U 183 17.12 63.66 -5.05
CA GLU U 183 16.00 63.76 -5.98
C GLU U 183 15.23 62.45 -6.13
N GLY U 184 15.81 61.36 -5.64
CA GLY U 184 15.19 60.06 -5.76
C GLY U 184 15.33 59.47 -7.15
N GLY V 2 36.39 55.47 37.97
CA GLY V 2 36.92 55.78 36.66
C GLY V 2 35.88 55.65 35.56
N GLU V 3 34.83 56.45 35.65
CA GLU V 3 33.76 56.42 34.66
C GLU V 3 33.77 57.67 33.80
N VAL V 4 33.65 57.48 32.49
CA VAL V 4 33.63 58.59 31.55
C VAL V 4 32.19 59.00 31.21
N PRO V 5 31.86 60.28 31.40
CA PRO V 5 30.50 60.77 31.15
C PRO V 5 30.21 60.96 29.66
N ILE V 6 28.99 60.61 29.26
CA ILE V 6 28.60 60.71 27.85
C ILE V 6 27.55 61.80 27.65
N GLY V 7 27.99 62.94 27.11
CA GLY V 7 27.10 64.04 26.81
C GLY V 7 26.46 64.66 28.04
N ASP V 8 25.28 65.22 27.85
CA ASP V 8 24.55 65.87 28.94
C ASP V 8 23.37 65.01 29.39
N PRO V 9 23.08 65.00 30.70
CA PRO V 9 21.97 64.22 31.22
C PRO V 9 20.62 64.88 30.96
N LYS V 10 19.58 64.07 30.82
CA LYS V 10 18.24 64.58 30.53
C LYS V 10 17.27 64.26 31.66
N GLU V 11 16.34 65.18 31.92
CA GLU V 11 15.35 65.00 32.96
C GLU V 11 13.95 65.00 32.36
N LEU V 12 13.29 63.85 32.39
CA LEU V 12 11.95 63.71 31.84
C LEU V 12 11.23 62.51 32.43
N ASN V 13 9.90 62.55 32.40
CA ASN V 13 9.05 61.49 32.93
C ASN V 13 9.33 61.17 34.40
N GLY V 14 9.80 62.18 35.13
CA GLY V 14 10.05 62.05 36.56
C GLY V 14 11.31 61.27 36.89
N MET V 15 12.12 60.99 35.87
CA MET V 15 13.34 60.23 36.06
C MET V 15 14.54 60.91 35.39
N GLU V 16 15.71 60.78 36.01
CA GLU V 16 16.94 61.31 35.43
C GLU V 16 17.68 60.22 34.66
N ILE V 17 18.04 60.51 33.42
CA ILE V 17 18.69 59.53 32.56
C ILE V 17 20.07 60.00 32.11
N ALA V 18 21.11 59.39 32.65
CA ALA V 18 22.47 59.73 32.30
C ALA V 18 23.23 58.54 31.72
N ALA V 19 24.24 58.83 30.91
CA ALA V 19 25.02 57.78 30.26
C ALA V 19 26.50 57.90 30.61
N VAL V 20 27.13 56.76 30.87
CA VAL V 20 28.55 56.75 31.22
C VAL V 20 29.25 55.52 30.63
N TYR V 21 30.55 55.65 30.39
CA TYR V 21 31.33 54.54 29.85
C TYR V 21 32.57 54.29 30.70
N LEU V 22 32.95 53.02 30.80
CA LEU V 22 34.12 52.64 31.59
C LEU V 22 34.75 51.36 31.06
N GLN V 23 35.67 50.80 31.84
CA GLN V 23 36.34 49.55 31.48
C GLN V 23 35.35 48.40 31.39
N PRO V 24 35.64 47.41 30.52
CA PRO V 24 34.76 46.25 30.37
C PRO V 24 34.62 45.46 31.67
N ILE V 25 33.43 44.93 31.92
CA ILE V 25 33.15 44.20 33.15
C ILE V 25 32.74 42.76 32.87
N GLU V 26 32.95 41.89 33.86
CA GLU V 26 32.55 40.50 33.76
C GLU V 26 31.23 40.26 34.48
N MET V 27 30.19 39.92 33.72
CA MET V 27 28.85 39.78 34.28
C MET V 27 28.40 38.33 34.37
N GLU V 28 27.74 38.00 35.47
CA GLU V 28 27.17 36.67 35.66
C GLU V 28 25.65 36.73 35.55
N PRO V 29 25.05 35.71 34.89
CA PRO V 29 25.72 34.53 34.33
C PRO V 29 26.31 34.80 32.95
N ARG V 30 27.33 34.03 32.58
CA ARG V 30 28.00 34.19 31.30
C ARG V 30 27.12 33.66 30.17
N GLY V 31 27.47 34.01 28.94
CA GLY V 31 26.73 33.58 27.78
C GLY V 31 25.58 34.52 27.46
N ILE V 32 25.54 35.65 28.18
CA ILE V 32 24.52 36.66 27.95
C ILE V 32 25.16 37.95 27.45
N ASP V 33 25.81 38.67 28.35
CA ASP V 33 26.54 39.89 28.00
C ASP V 33 27.83 39.55 27.26
N LEU V 34 28.24 40.43 26.36
CA LEU V 34 29.49 40.28 25.61
C LEU V 34 30.68 40.08 26.54
N ALA V 35 31.57 39.17 26.18
CA ALA V 35 32.76 38.89 26.97
C ALA V 35 33.60 40.13 27.19
N ALA V 36 34.14 40.26 28.41
CA ALA V 36 34.98 41.41 28.77
C ALA V 36 36.20 41.51 27.88
N SER V 37 36.78 40.36 27.53
CA SER V 37 37.97 40.32 26.69
C SER V 37 37.63 40.65 25.24
N LEU V 38 36.36 40.51 24.88
CA LEU V 38 35.93 40.77 23.51
C LEU V 38 35.45 42.21 23.33
N ALA V 39 35.28 42.92 24.43
CA ALA V 39 34.79 44.29 24.40
C ALA V 39 35.91 45.29 24.67
N ASP V 40 35.64 46.57 24.43
CA ASP V 40 36.61 47.62 24.68
C ASP V 40 36.13 48.54 25.81
N ILE V 41 34.80 48.68 25.91
CA ILE V 41 34.22 49.51 26.96
C ILE V 41 32.87 48.96 27.42
N HIS V 42 32.50 49.28 28.65
CA HIS V 42 31.20 48.88 29.18
C HIS V 42 30.31 50.10 29.38
N LEU V 43 29.23 50.19 28.61
CA LEU V 43 28.33 51.33 28.68
C LEU V 43 27.25 51.08 29.71
N GLU V 44 27.11 52.01 30.66
CA GLU V 44 26.11 51.89 31.70
C GLU V 44 25.22 53.12 31.75
N ALA V 45 23.91 52.89 31.88
CA ALA V 45 22.95 53.97 31.96
C ALA V 45 22.49 54.18 33.41
N ASP V 46 22.73 55.37 33.94
CA ASP V 46 22.34 55.69 35.30
C ASP V 46 20.96 56.35 35.33
N ILE V 47 19.98 55.61 35.86
CA ILE V 47 18.61 56.10 35.90
C ILE V 47 18.09 56.16 37.32
N HIS V 48 17.85 57.37 37.81
CA HIS V 48 17.32 57.57 39.15
C HIS V 48 16.11 58.50 39.10
N ALA V 49 15.17 58.26 40.01
CA ALA V 49 13.93 59.04 40.05
C ALA V 49 14.17 60.45 40.58
N LEU V 50 13.58 61.43 39.91
CA LEU V 50 13.67 62.83 40.34
C LEU V 50 12.67 63.10 41.46
N LYS V 51 12.70 64.33 41.98
CA LYS V 51 11.78 64.73 43.04
C LYS V 51 10.33 64.71 42.55
N ASN V 52 9.43 64.25 43.42
CA ASN V 52 8.01 64.18 43.13
C ASN V 52 7.68 63.38 41.86
N ASN V 53 8.29 62.21 41.74
CA ASN V 53 8.03 61.30 40.62
C ASN V 53 6.56 60.89 40.56
N PRO V 54 6.00 60.84 39.34
CA PRO V 54 4.58 60.52 39.16
C PRO V 54 4.31 59.01 39.19
N ASN V 55 5.37 58.21 39.32
CA ASN V 55 5.23 56.77 39.41
C ASN V 55 5.33 56.29 40.85
N GLY V 56 5.34 57.22 41.78
CA GLY V 56 5.44 56.90 43.20
C GLY V 56 6.84 56.56 43.63
N PHE V 57 7.79 56.68 42.70
CA PHE V 57 9.19 56.35 42.97
C PHE V 57 9.85 57.44 43.82
N PRO V 58 10.60 57.02 44.85
CA PRO V 58 11.32 57.96 45.72
C PRO V 58 12.53 58.57 45.02
N GLU V 59 12.79 59.85 45.28
CA GLU V 59 13.90 60.55 44.68
C GLU V 59 15.25 59.86 44.94
N GLY V 60 15.99 59.60 43.87
CA GLY V 60 17.30 58.98 43.98
C GLY V 60 17.31 57.48 43.75
N PHE V 61 16.17 56.84 43.95
CA PHE V 61 16.05 55.40 43.75
C PHE V 61 16.21 55.02 42.27
N TRP V 62 16.93 53.93 42.02
CA TRP V 62 17.15 53.46 40.66
C TRP V 62 15.87 52.90 40.04
N MET V 63 15.72 53.11 38.73
CA MET V 63 14.56 52.61 38.00
C MET V 63 14.80 51.21 37.44
N PRO V 64 14.08 50.21 37.98
CA PRO V 64 14.25 48.81 37.60
C PRO V 64 13.19 48.33 36.60
N TYR V 65 13.38 47.12 36.07
CA TYR V 65 12.42 46.49 35.18
C TYR V 65 12.13 47.30 33.91
N LEU V 66 13.00 48.25 33.61
CA LEU V 66 12.85 49.08 32.43
C LEU V 66 13.42 48.40 31.19
N THR V 67 12.77 48.60 30.05
CA THR V 67 13.26 48.07 28.78
C THR V 67 14.01 49.16 28.03
N ILE V 68 15.32 48.96 27.89
CA ILE V 68 16.18 49.99 27.30
C ILE V 68 17.07 49.43 26.19
N ALA V 69 16.86 49.92 24.98
CA ALA V 69 17.70 49.54 23.84
C ALA V 69 18.67 50.67 23.54
N TYR V 70 19.83 50.33 22.97
CA TYR V 70 20.87 51.32 22.73
C TYR V 70 21.31 51.39 21.27
N ALA V 71 21.63 52.59 20.82
CA ALA V 71 22.14 52.80 19.47
C ALA V 71 23.32 53.77 19.48
N LEU V 72 24.47 53.30 19.02
CA LEU V 72 25.68 54.12 18.97
C LEU V 72 26.20 54.26 17.54
N ALA V 73 26.36 55.49 17.08
CA ALA V 73 26.84 55.75 15.73
C ALA V 73 28.00 56.74 15.72
N ASN V 74 29.11 56.34 15.10
CA ASN V 74 30.25 57.21 14.93
C ASN V 74 30.10 58.11 13.71
N ALA V 75 30.01 59.42 13.95
CA ALA V 75 29.76 60.38 12.88
C ALA V 75 30.94 60.51 11.92
N ASP V 76 32.11 60.07 12.36
CA ASP V 76 33.32 60.14 11.54
C ASP V 76 33.34 59.06 10.47
N THR V 77 33.03 57.84 10.86
CA THR V 77 33.07 56.70 9.95
C THR V 77 31.69 56.38 9.38
N GLY V 78 30.64 56.77 10.10
CA GLY V 78 29.29 56.49 9.68
C GLY V 78 28.81 55.14 10.17
N ALA V 79 29.70 54.39 10.83
CA ALA V 79 29.35 53.08 11.37
C ALA V 79 28.32 53.20 12.48
N ILE V 80 27.33 52.31 12.47
CA ILE V 80 26.27 52.32 13.47
C ILE V 80 25.95 50.90 13.94
N LYS V 81 25.84 50.75 15.26
CA LYS V 81 25.51 49.46 15.85
C LYS V 81 24.33 49.59 16.81
N THR V 82 23.61 48.50 17.01
CA THR V 82 22.46 48.49 17.90
C THR V 82 22.53 47.35 18.91
N GLY V 83 21.96 47.57 20.09
CA GLY V 83 21.95 46.55 21.11
C GLY V 83 20.98 46.88 22.23
N THR V 84 20.93 46.00 23.23
CA THR V 84 20.03 46.20 24.37
C THR V 84 20.81 46.30 25.67
N LEU V 85 20.26 47.04 26.62
CA LEU V 85 20.88 47.18 27.93
C LEU V 85 20.27 46.20 28.92
N MET V 86 21.14 45.51 29.67
CA MET V 86 20.70 44.51 30.64
C MET V 86 20.84 45.06 32.06
N PRO V 87 19.91 44.69 32.94
CA PRO V 87 19.97 45.16 34.33
C PRO V 87 20.99 44.38 35.14
N MET V 88 21.89 45.09 35.81
CA MET V 88 22.96 44.46 36.59
C MET V 88 23.41 45.34 37.75
N VAL V 89 24.13 44.73 38.69
CA VAL V 89 24.61 45.46 39.86
C VAL V 89 26.13 45.47 39.92
N ALA V 90 26.69 46.63 40.27
CA ALA V 90 28.14 46.77 40.42
C ALA V 90 28.47 47.37 41.77
N ASP V 91 29.75 47.69 41.98
CA ASP V 91 30.18 48.30 43.22
C ASP V 91 29.61 49.70 43.38
N ASP V 92 29.26 50.32 42.27
CA ASP V 92 28.73 51.68 42.27
C ASP V 92 27.20 51.68 42.22
N GLY V 93 26.59 50.53 42.51
CA GLY V 93 25.15 50.42 42.54
C GLY V 93 24.55 49.74 41.33
N PRO V 94 23.21 49.71 41.26
CA PRO V 94 22.49 49.06 40.16
C PRO V 94 22.25 49.99 38.98
N HIS V 95 22.40 49.47 37.77
CA HIS V 95 22.17 50.25 36.56
C HIS V 95 21.99 49.32 35.36
N TYR V 96 21.63 49.90 34.21
CA TYR V 96 21.51 49.12 32.98
C TYR V 96 22.80 49.21 32.18
N GLY V 97 23.47 48.07 32.03
CA GLY V 97 24.77 48.05 31.37
C GLY V 97 25.02 46.81 30.52
N ALA V 98 25.96 46.94 29.59
CA ALA V 98 26.31 45.85 28.68
C ALA V 98 27.65 46.12 28.02
N ASN V 99 28.49 45.08 27.91
CA ASN V 99 29.78 45.22 27.25
C ASN V 99 29.63 45.38 25.75
N ILE V 100 30.36 46.33 25.18
CA ILE V 100 30.27 46.64 23.75
C ILE V 100 31.66 46.77 23.12
N ALA V 101 31.83 46.13 21.98
CA ALA V 101 33.10 46.19 21.26
C ALA V 101 33.22 47.49 20.47
N MET V 102 34.34 48.18 20.64
CA MET V 102 34.59 49.43 19.93
C MET V 102 35.71 49.27 18.91
N GLU V 103 36.95 49.41 19.38
CA GLU V 103 38.11 49.20 18.54
C GLU V 103 38.23 47.75 18.08
N LYS V 104 37.75 46.84 18.91
CA LYS V 104 37.84 45.41 18.62
C LYS V 104 36.73 44.92 17.70
N ASP V 105 35.90 45.85 17.23
CA ASP V 105 34.81 45.51 16.32
C ASP V 105 35.35 45.00 14.99
N LYS V 106 34.94 43.79 14.62
CA LYS V 106 35.39 43.15 13.38
C LYS V 106 35.03 43.98 12.14
N LYS V 107 33.87 44.63 12.19
CA LYS V 107 33.41 45.44 11.07
C LYS V 107 34.21 46.75 10.96
N GLY V 108 34.76 47.19 12.09
CA GLY V 108 35.54 48.42 12.11
C GLY V 108 34.69 49.67 11.99
N GLY V 109 35.33 50.82 12.09
CA GLY V 109 34.64 52.10 11.98
C GLY V 109 34.07 52.57 13.30
N PHE V 110 34.30 51.79 14.35
CA PHE V 110 33.80 52.13 15.68
C PHE V 110 34.95 52.46 16.61
N GLY V 111 35.98 53.12 16.07
CA GLY V 111 37.14 53.48 16.85
C GLY V 111 37.02 54.85 17.50
N VAL V 112 38.16 55.44 17.83
CA VAL V 112 38.20 56.75 18.46
C VAL V 112 37.63 57.83 17.55
N GLY V 113 36.78 58.69 18.11
CA GLY V 113 36.16 59.77 17.36
C GLY V 113 34.92 60.30 18.03
N THR V 114 34.10 61.02 17.26
CA THR V 114 32.85 61.57 17.78
C THR V 114 31.71 60.58 17.60
N TYR V 115 30.96 60.35 18.66
CA TYR V 115 29.87 59.39 18.63
C TYR V 115 28.59 59.95 19.23
N ALA V 116 27.45 59.49 18.72
CA ALA V 116 26.15 59.90 19.25
C ALA V 116 25.42 58.70 19.83
N LEU V 117 24.85 58.88 21.02
CA LEU V 117 24.15 57.80 21.70
C LEU V 117 22.66 58.07 21.81
N THR V 118 21.86 57.12 21.35
CA THR V 118 20.41 57.23 21.43
C THR V 118 19.84 56.05 22.21
N PHE V 119 19.19 56.35 23.33
CA PHE V 119 18.60 55.31 24.17
C PHE V 119 17.09 55.28 24.03
N LEU V 120 16.54 54.08 23.88
CA LEU V 120 15.10 53.90 23.79
C LEU V 120 14.56 53.21 25.04
N ILE V 121 13.80 53.96 25.82
CA ILE V 121 13.31 53.45 27.10
C ILE V 121 11.81 53.22 27.05
N SER V 122 11.38 52.09 27.58
CA SER V 122 9.97 51.73 27.58
C SER V 122 9.40 51.65 28.99
N ASN V 123 8.09 51.59 29.09
CA ASN V 123 7.40 51.48 30.38
C ASN V 123 7.73 50.16 31.06
N PRO V 124 7.70 50.14 32.40
CA PRO V 124 8.00 48.89 33.12
C PRO V 124 6.84 47.89 33.04
N GLU V 125 5.70 48.33 32.51
CA GLU V 125 4.55 47.45 32.34
C GLU V 125 4.85 46.36 31.33
N LYS V 126 5.78 46.63 30.42
CA LYS V 126 6.20 45.66 29.42
C LYS V 126 6.94 44.49 30.07
N GLN V 127 7.54 44.75 31.23
CA GLN V 127 8.29 43.73 31.94
C GLN V 127 7.51 43.14 33.10
N GLY V 128 6.21 43.43 33.15
CA GLY V 128 5.34 42.85 34.16
C GLY V 128 5.27 43.60 35.48
N PHE V 129 5.82 44.82 35.50
CA PHE V 129 5.76 45.64 36.71
C PHE V 129 4.39 46.30 36.88
N GLY V 130 3.83 46.19 38.08
CA GLY V 130 2.50 46.70 38.33
C GLY V 130 2.49 48.11 38.91
N ARG V 131 1.30 48.69 39.03
CA ARG V 131 1.14 50.01 39.62
C ARG V 131 -0.24 50.15 40.25
N HIS V 132 -0.27 50.61 41.51
CA HIS V 132 -1.52 50.82 42.21
C HIS V 132 -2.33 51.94 41.57
N VAL V 133 -3.66 51.78 41.55
CA VAL V 133 -4.54 52.77 40.94
C VAL V 133 -5.65 53.20 41.90
N ASP V 134 -5.47 52.91 43.18
CA ASP V 134 -6.45 53.29 44.20
C ASP V 134 -6.45 54.79 44.46
N GLU V 135 -7.49 55.27 45.11
CA GLU V 135 -7.60 56.69 45.44
C GLU V 135 -6.57 57.09 46.50
N GLU V 136 -6.29 56.16 47.41
CA GLU V 136 -5.42 56.44 48.55
C GLU V 136 -3.93 56.29 48.22
N THR V 137 -3.56 55.18 47.60
CA THR V 137 -2.15 54.86 47.39
C THR V 137 -1.79 54.67 45.92
N GLY V 138 -2.70 55.06 45.03
CA GLY V 138 -2.47 54.91 43.61
C GLY V 138 -1.50 55.91 43.04
N VAL V 139 -1.05 55.67 41.81
CA VAL V 139 -0.09 56.54 41.14
C VAL V 139 -0.51 56.81 39.70
N GLY V 140 0.16 57.76 39.05
CA GLY V 140 -0.17 58.12 37.69
C GLY V 140 0.22 57.05 36.68
N LYS V 141 -0.21 57.24 35.44
CA LYS V 141 0.08 56.30 34.36
C LYS V 141 1.58 56.25 34.05
N TRP V 142 2.02 55.13 33.48
CA TRP V 142 3.42 54.95 33.13
C TRP V 142 3.76 55.76 31.88
N PHE V 143 5.00 56.24 31.82
CA PHE V 143 5.45 57.07 30.71
C PHE V 143 5.40 56.33 29.37
N GLU V 144 4.95 57.04 28.34
CA GLU V 144 4.95 56.50 26.98
C GLU V 144 6.38 56.27 26.52
N PRO V 145 6.59 55.39 25.53
CA PRO V 145 7.95 55.13 25.06
C PRO V 145 8.57 56.35 24.40
N PHE V 146 9.79 56.67 24.82
CA PHE V 146 10.48 57.87 24.33
C PHE V 146 11.97 57.60 24.16
N VAL V 147 12.63 58.47 23.40
CA VAL V 147 14.06 58.33 23.14
C VAL V 147 14.84 59.53 23.66
N VAL V 148 16.09 59.28 24.04
CA VAL V 148 16.98 60.34 24.51
C VAL V 148 18.28 60.31 23.72
N THR V 149 18.82 61.49 23.42
CA THR V 149 20.03 61.58 22.60
C THR V 149 21.16 62.29 23.33
N TYR V 150 22.36 61.73 23.22
CA TYR V 150 23.55 62.33 23.81
C TYR V 150 24.70 62.29 22.83
N PHE V 151 25.60 63.28 22.92
CA PHE V 151 26.76 63.33 22.04
C PHE V 151 28.05 63.37 22.85
N PHE V 152 28.99 62.51 22.51
CA PHE V 152 30.26 62.42 23.23
C PHE V 152 31.37 61.88 22.35
N LYS V 153 32.61 62.18 22.72
CA LYS V 153 33.77 61.72 21.96
C LYS V 153 34.43 60.54 22.64
N TYR V 154 34.52 59.43 21.91
CA TYR V 154 35.16 58.22 22.44
C TYR V 154 36.68 58.36 22.36
N THR V 155 37.33 58.32 23.53
CA THR V 155 38.77 58.50 23.61
C THR V 155 39.50 57.16 23.59
N GLY V 156 38.75 56.08 23.41
CA GLY V 156 39.34 54.76 23.36
C GLY V 156 39.05 53.94 24.60
N THR V 157 39.47 52.68 24.56
CA THR V 157 39.27 51.77 25.69
C THR V 157 40.09 52.20 26.90
N PRO V 158 39.43 52.37 28.05
CA PRO V 158 40.08 52.78 29.30
C PRO V 158 40.50 51.59 30.15
N SER W 2 -14.52 55.06 -38.62
CA SER W 2 -13.89 55.30 -39.91
C SER W 2 -12.42 54.88 -39.90
N GLN W 3 -11.88 54.68 -38.70
CA GLN W 3 -10.50 54.27 -38.56
C GLN W 3 -10.39 52.83 -38.03
N ALA W 4 -9.16 52.34 -37.88
CA ALA W 4 -8.94 50.99 -37.40
C ALA W 4 -7.71 50.92 -36.50
N ILE W 5 -7.76 50.03 -35.51
CA ILE W 5 -6.65 49.84 -34.58
C ILE W 5 -6.05 48.45 -34.70
N GLY W 6 -4.72 48.40 -34.84
CA GLY W 6 -4.02 47.14 -34.96
C GLY W 6 -3.10 46.90 -33.77
N ILE W 7 -3.12 45.67 -33.25
CA ILE W 7 -2.30 45.31 -32.10
C ILE W 7 -1.42 44.10 -32.40
N LEU W 8 -0.13 44.23 -32.09
CA LEU W 8 0.82 43.14 -32.30
C LEU W 8 1.74 42.96 -31.10
N GLU W 9 1.81 41.74 -30.59
CA GLU W 9 2.66 41.44 -29.44
C GLU W 9 3.73 40.42 -29.81
N LEU W 10 4.98 40.74 -29.48
CA LEU W 10 6.10 39.86 -29.79
C LEU W 10 6.87 39.45 -28.53
N THR W 11 7.55 38.31 -28.61
CA THR W 11 8.30 37.80 -27.47
C THR W 11 9.73 38.32 -27.46
N SER W 12 10.13 38.99 -28.54
CA SER W 12 11.48 39.53 -28.65
C SER W 12 11.46 41.05 -28.83
N ILE W 13 12.31 41.74 -28.08
CA ILE W 13 12.40 43.20 -28.15
C ILE W 13 12.96 43.66 -29.49
N ALA W 14 14.01 43.00 -29.96
CA ALA W 14 14.63 43.34 -31.23
C ALA W 14 13.68 43.11 -32.40
N LYS W 15 13.00 41.96 -32.38
CA LYS W 15 12.05 41.62 -33.42
C LYS W 15 10.88 42.61 -33.44
N GLY W 16 10.51 43.09 -32.25
CA GLY W 16 9.46 44.08 -32.12
C GLY W 16 9.84 45.37 -32.81
N MET W 17 11.08 45.81 -32.61
CA MET W 17 11.59 47.01 -33.27
C MET W 17 11.77 46.78 -34.76
N GLU W 18 12.20 45.58 -35.12
CA GLU W 18 12.37 45.20 -36.52
C GLU W 18 11.04 45.20 -37.27
N LEU W 19 10.00 44.66 -36.64
CA LEU W 19 8.68 44.60 -37.24
C LEU W 19 8.04 45.99 -37.31
N GLY W 20 8.40 46.86 -36.38
CA GLY W 20 7.88 48.21 -36.36
C GLY W 20 8.24 49.00 -37.59
N ASP W 21 9.52 48.98 -37.95
CA ASP W 21 10.00 49.66 -39.15
C ASP W 21 9.38 49.06 -40.41
N ALA W 22 9.27 47.73 -40.43
CA ALA W 22 8.68 47.01 -41.55
C ALA W 22 7.21 47.33 -41.73
N MET W 23 6.47 47.36 -40.62
CA MET W 23 5.03 47.62 -40.65
C MET W 23 4.73 49.05 -41.08
N LEU W 24 5.50 50.00 -40.56
CA LEU W 24 5.31 51.41 -40.89
C LEU W 24 5.56 51.67 -42.38
N LYS W 25 6.51 50.94 -42.95
CA LYS W 25 6.83 51.07 -44.36
C LYS W 25 5.89 50.25 -45.23
N SER W 26 5.17 49.31 -44.61
CA SER W 26 4.30 48.41 -45.35
C SER W 26 3.01 49.10 -45.78
N ALA W 27 2.55 50.08 -45.00
CA ALA W 27 1.32 50.79 -45.29
C ALA W 27 1.29 52.14 -44.60
N ASN W 28 0.32 52.98 -44.98
CA ASN W 28 0.17 54.30 -44.38
C ASN W 28 -0.55 54.24 -43.04
N VAL W 29 0.19 53.91 -41.99
CA VAL W 29 -0.37 53.83 -40.65
C VAL W 29 0.49 54.58 -39.64
N ASP W 30 -0.15 55.08 -38.59
CA ASP W 30 0.57 55.81 -37.55
C ASP W 30 0.84 54.93 -36.34
N LEU W 31 2.05 55.04 -35.78
CA LEU W 31 2.42 54.25 -34.60
C LEU W 31 1.82 54.86 -33.34
N LEU W 32 0.98 54.09 -32.66
CA LEU W 32 0.32 54.57 -31.46
C LEU W 32 1.12 54.22 -30.21
N VAL W 33 1.62 52.99 -30.16
CA VAL W 33 2.40 52.54 -29.00
C VAL W 33 3.52 51.59 -29.43
N SER W 34 4.68 51.76 -28.80
CA SER W 34 5.84 50.91 -29.07
C SER W 34 6.77 50.87 -27.86
N LYS W 35 6.54 49.91 -26.97
CA LYS W 35 7.33 49.79 -25.76
C LYS W 35 7.41 48.34 -25.28
N THR W 36 8.42 48.05 -24.47
CA THR W 36 8.62 46.72 -23.92
C THR W 36 7.76 46.50 -22.68
N ILE W 37 7.19 45.31 -22.56
CA ILE W 37 6.34 44.97 -21.42
C ILE W 37 6.94 43.81 -20.63
N SER W 38 6.66 43.78 -19.34
CA SER W 38 7.13 42.70 -18.47
C SER W 38 6.61 41.35 -18.92
N PRO W 39 7.45 40.30 -18.82
CA PRO W 39 8.83 40.37 -18.32
C PRO W 39 9.86 40.70 -19.40
N GLY W 40 9.48 40.54 -20.67
CA GLY W 40 10.40 40.82 -21.76
C GLY W 40 9.73 40.80 -23.12
N LYS W 41 8.43 41.08 -23.14
CA LYS W 41 7.68 41.10 -24.39
C LYS W 41 7.68 42.50 -25.01
N PHE W 42 7.18 42.60 -26.25
CA PHE W 42 7.10 43.87 -26.95
C PHE W 42 5.70 44.11 -27.50
N LEU W 43 5.18 45.31 -27.27
CA LEU W 43 3.82 45.65 -27.70
C LEU W 43 3.82 46.75 -28.75
N LEU W 44 3.12 46.51 -29.86
CA LEU W 44 3.01 47.50 -30.92
C LEU W 44 1.54 47.81 -31.23
N MET W 45 1.23 49.10 -31.35
CA MET W 45 -0.12 49.54 -31.67
C MET W 45 -0.12 50.52 -32.84
N LEU W 46 -0.95 50.24 -33.85
CA LEU W 46 -1.00 51.08 -35.04
C LEU W 46 -2.42 51.57 -35.32
N GLY W 47 -2.52 52.74 -35.93
CA GLY W 47 -3.80 53.32 -36.28
C GLY W 47 -3.84 53.80 -37.72
N GLY W 48 -5.03 53.80 -38.32
CA GLY W 48 -5.18 54.24 -39.69
C GLY W 48 -6.41 53.65 -40.35
N ASP W 49 -6.48 53.77 -41.69
CA ASP W 49 -7.57 53.21 -42.47
C ASP W 49 -7.68 51.70 -42.30
N ILE W 50 -8.88 51.17 -42.51
CA ILE W 50 -9.15 49.75 -42.35
C ILE W 50 -8.28 48.90 -43.28
N GLY W 51 -8.14 49.34 -44.52
CA GLY W 51 -7.33 48.63 -45.50
C GLY W 51 -5.86 48.61 -45.13
N ALA W 52 -5.33 49.77 -44.77
CA ALA W 52 -3.93 49.89 -44.40
C ALA W 52 -3.62 49.13 -43.11
N ILE W 53 -4.52 49.21 -42.14
CA ILE W 53 -4.34 48.54 -40.86
C ILE W 53 -4.38 47.02 -41.02
N GLN W 54 -5.27 46.55 -41.88
CA GLN W 54 -5.40 45.13 -42.14
C GLN W 54 -4.13 44.58 -42.79
N GLN W 55 -3.58 45.34 -43.73
CA GLN W 55 -2.36 44.94 -44.43
C GLN W 55 -1.16 44.98 -43.49
N ALA W 56 -1.11 46.01 -42.64
CA ALA W 56 -0.01 46.16 -41.68
C ALA W 56 -0.01 45.03 -40.65
N ILE W 57 -1.18 44.71 -40.12
CA ILE W 57 -1.31 43.63 -39.13
C ILE W 57 -0.99 42.28 -39.76
N GLU W 58 -1.41 42.09 -41.00
CA GLU W 58 -1.13 40.86 -41.74
C GLU W 58 0.38 40.70 -41.98
N THR W 59 1.01 41.78 -42.45
CA THR W 59 2.45 41.79 -42.69
C THR W 59 3.23 41.52 -41.41
N GLY W 60 2.81 42.18 -40.32
CA GLY W 60 3.45 42.01 -39.03
C GLY W 60 3.36 40.58 -38.50
N THR W 61 2.17 40.00 -38.61
CA THR W 61 1.94 38.64 -38.15
C THR W 61 2.67 37.63 -39.02
N SER W 62 2.74 37.91 -40.32
CA SER W 62 3.39 37.01 -41.27
C SER W 62 4.90 36.94 -41.07
N GLN W 63 5.48 38.00 -40.51
CA GLN W 63 6.92 38.08 -40.32
C GLN W 63 7.31 37.89 -38.85
N ALA W 64 6.30 37.73 -38.00
CA ALA W 64 6.53 37.57 -36.57
C ALA W 64 7.14 36.21 -36.26
N GLY W 65 6.75 35.20 -37.03
CA GLY W 65 7.24 33.85 -36.83
C GLY W 65 6.78 33.24 -35.52
N GLU W 66 7.71 32.54 -34.85
CA GLU W 66 7.39 31.89 -33.59
C GLU W 66 7.49 32.86 -32.42
N MET W 67 7.86 34.10 -32.71
CA MET W 67 8.00 35.12 -31.67
C MET W 67 6.66 35.82 -31.42
N LEU W 68 5.66 35.49 -32.24
CA LEU W 68 4.35 36.10 -32.12
C LEU W 68 3.62 35.67 -30.85
N VAL W 69 3.17 36.64 -30.07
CA VAL W 69 2.42 36.38 -28.85
C VAL W 69 0.93 36.41 -29.14
N ASP W 70 0.46 37.53 -29.69
CA ASP W 70 -0.95 37.70 -30.02
C ASP W 70 -1.14 38.80 -31.05
N SER W 71 -2.28 38.77 -31.75
CA SER W 71 -2.58 39.77 -32.76
C SER W 71 -4.08 39.99 -32.86
N LEU W 72 -4.48 41.22 -33.16
CA LEU W 72 -5.89 41.58 -33.27
C LEU W 72 -6.09 42.84 -34.10
N VAL W 73 -7.18 42.90 -34.85
CA VAL W 73 -7.51 44.07 -35.65
C VAL W 73 -8.92 44.56 -35.32
N LEU W 74 -9.01 45.82 -34.92
CA LEU W 74 -10.31 46.40 -34.57
C LEU W 74 -10.79 47.38 -35.62
N ALA W 75 -11.83 46.98 -36.36
CA ALA W 75 -12.36 47.82 -37.43
C ALA W 75 -13.51 48.67 -36.90
N ASN W 76 -13.85 49.71 -37.66
CA ASN W 76 -14.95 50.62 -37.33
C ASN W 76 -14.80 51.24 -35.94
N ILE W 77 -13.63 51.82 -35.69
CA ILE W 77 -13.34 52.46 -34.42
C ILE W 77 -13.37 53.97 -34.55
N HIS W 78 -13.85 54.65 -33.51
CA HIS W 78 -13.88 56.11 -33.48
C HIS W 78 -12.49 56.71 -33.65
N PRO W 79 -12.38 57.81 -34.40
CA PRO W 79 -11.08 58.43 -34.66
C PRO W 79 -10.53 59.13 -33.42
N SER W 80 -11.40 59.46 -32.48
CA SER W 80 -10.99 60.11 -31.24
C SER W 80 -10.26 59.14 -30.31
N VAL W 81 -10.42 57.85 -30.58
CA VAL W 81 -9.79 56.81 -29.77
C VAL W 81 -8.31 56.68 -30.08
N LEU W 82 -7.93 57.00 -31.31
CA LEU W 82 -6.54 56.88 -31.75
C LEU W 82 -5.56 57.73 -30.93
N PRO W 83 -5.78 59.05 -30.81
CA PRO W 83 -4.80 59.80 -30.03
C PRO W 83 -5.00 59.64 -28.53
N ALA W 84 -6.15 59.11 -28.13
CA ALA W 84 -6.43 58.87 -26.71
C ALA W 84 -5.56 57.76 -26.15
N ILE W 85 -5.12 56.86 -27.03
CA ILE W 85 -4.25 55.76 -26.62
C ILE W 85 -2.78 56.19 -26.69
N SER W 86 -2.44 56.93 -27.74
CA SER W 86 -1.07 57.38 -27.96
C SER W 86 -0.72 58.56 -27.07
N GLY W 87 -1.75 59.29 -26.65
CA GLY W 87 -1.55 60.48 -25.82
C GLY W 87 -2.84 60.90 -25.14
N LEU W 88 -3.05 62.21 -25.05
CA LEU W 88 -4.26 62.74 -24.43
C LEU W 88 -4.95 63.78 -25.32
N ASN W 89 -6.26 63.67 -25.42
CA ASN W 89 -7.08 64.61 -26.19
C ASN W 89 -7.54 65.80 -25.36
N SER W 90 -7.65 66.96 -26.01
CA SER W 90 -8.07 68.18 -25.33
C SER W 90 -9.48 68.05 -24.75
N VAL W 91 -9.65 68.54 -23.52
CA VAL W 91 -10.93 68.46 -22.83
C VAL W 91 -11.52 69.85 -22.63
N ASP W 92 -12.35 70.29 -23.58
CA ASP W 92 -12.93 71.63 -23.50
C ASP W 92 -13.90 71.77 -22.35
N LYS W 93 -14.44 70.66 -21.89
CA LYS W 93 -15.36 70.69 -20.76
C LYS W 93 -14.71 70.09 -19.51
N ARG W 94 -14.83 70.81 -18.40
CA ARG W 94 -14.27 70.37 -17.13
C ARG W 94 -15.37 70.07 -16.11
N GLN W 95 -16.62 70.19 -16.55
CA GLN W 95 -17.78 70.05 -15.68
C GLN W 95 -17.86 68.70 -14.96
N ALA W 96 -17.61 67.62 -15.70
CA ALA W 96 -17.69 66.28 -15.14
C ALA W 96 -16.71 65.34 -15.81
N VAL W 97 -16.17 64.40 -15.04
CA VAL W 97 -15.22 63.43 -15.57
C VAL W 97 -15.70 62.00 -15.33
N GLY W 98 -15.44 61.13 -16.31
CA GLY W 98 -15.82 59.73 -16.20
C GLY W 98 -14.65 58.79 -16.33
N ILE W 99 -14.64 57.75 -15.51
CA ILE W 99 -13.58 56.76 -15.53
C ILE W 99 -14.15 55.34 -15.52
N VAL W 100 -13.80 54.57 -16.54
CA VAL W 100 -14.26 53.19 -16.66
C VAL W 100 -13.09 52.23 -16.86
N GLU W 101 -12.86 51.37 -15.89
CA GLU W 101 -11.77 50.40 -15.96
C GLU W 101 -12.28 49.04 -16.41
N THR W 102 -11.62 48.45 -17.41
CA THR W 102 -12.02 47.15 -17.93
C THR W 102 -10.82 46.23 -18.05
N TRP W 103 -11.08 44.92 -18.06
CA TRP W 103 -10.03 43.93 -18.25
C TRP W 103 -9.59 43.89 -19.72
N SER W 104 -8.28 43.97 -19.93
CA SER W 104 -7.66 43.99 -21.26
C SER W 104 -7.99 45.25 -22.05
N VAL W 105 -7.04 45.69 -22.87
CA VAL W 105 -7.20 46.90 -23.65
C VAL W 105 -8.20 46.70 -24.77
N ALA W 106 -8.40 45.44 -25.16
CA ALA W 106 -9.35 45.09 -26.21
C ALA W 106 -10.77 45.49 -25.82
N ALA W 107 -11.16 45.13 -24.61
CA ALA W 107 -12.50 45.45 -24.11
C ALA W 107 -12.68 46.95 -23.91
N CYS W 108 -11.60 47.60 -23.47
CA CYS W 108 -11.63 49.04 -23.22
C CYS W 108 -11.82 49.83 -24.52
N ILE W 109 -11.17 49.38 -25.58
CA ILE W 109 -11.29 50.03 -26.88
C ILE W 109 -12.70 49.94 -27.43
N SER W 110 -13.27 48.75 -27.39
CA SER W 110 -14.63 48.52 -27.87
C SER W 110 -15.65 49.30 -27.07
N ALA W 111 -15.41 49.40 -25.76
CA ALA W 111 -16.30 50.13 -24.86
C ALA W 111 -16.25 51.62 -25.12
N ALA W 112 -15.05 52.13 -25.37
CA ALA W 112 -14.85 53.56 -25.62
C ALA W 112 -15.51 53.98 -26.94
N ASP W 113 -15.43 53.12 -27.94
CA ASP W 113 -16.04 53.40 -29.24
C ASP W 113 -17.55 53.56 -29.14
N LEU W 114 -18.20 52.66 -28.40
CA LEU W 114 -19.64 52.74 -28.19
C LEU W 114 -20.01 53.93 -27.32
N ALA W 115 -19.15 54.27 -26.37
CA ALA W 115 -19.38 55.38 -25.48
C ALA W 115 -19.37 56.71 -26.22
N VAL W 116 -18.34 56.92 -27.03
CA VAL W 116 -18.17 58.16 -27.78
C VAL W 116 -19.27 58.34 -28.83
N LYS W 117 -19.66 57.24 -29.46
CA LYS W 117 -20.68 57.27 -30.50
C LYS W 117 -22.08 57.39 -29.90
N GLY W 118 -22.20 57.08 -28.61
CA GLY W 118 -23.49 57.09 -27.94
C GLY W 118 -23.67 58.30 -27.05
N SER W 119 -22.79 59.28 -27.18
CA SER W 119 -22.87 60.50 -26.38
C SER W 119 -22.16 61.67 -27.08
N ASN W 120 -22.14 62.82 -26.40
CA ASN W 120 -21.47 63.99 -26.92
C ASN W 120 -20.25 64.36 -26.07
N VAL W 121 -19.82 63.43 -25.23
CA VAL W 121 -18.68 63.64 -24.35
C VAL W 121 -17.36 63.49 -25.11
N THR W 122 -16.30 64.09 -24.59
CA THR W 122 -14.98 64.00 -25.20
C THR W 122 -14.09 62.99 -24.49
N LEU W 123 -13.56 62.05 -25.26
CA LEU W 123 -12.67 61.03 -24.70
C LEU W 123 -11.28 61.62 -24.46
N VAL W 124 -10.90 61.68 -23.18
CA VAL W 124 -9.62 62.29 -22.81
C VAL W 124 -8.45 61.39 -23.17
N ARG W 125 -8.45 60.18 -22.65
CA ARG W 125 -7.35 59.24 -22.89
C ARG W 125 -7.71 57.81 -22.49
N VAL W 126 -7.03 56.85 -23.10
CA VAL W 126 -7.17 55.45 -22.73
C VAL W 126 -5.82 54.90 -22.27
N HIS W 127 -5.77 54.44 -21.01
CA HIS W 127 -4.51 54.04 -20.40
C HIS W 127 -4.44 52.55 -20.12
N MET W 128 -3.31 51.94 -20.47
CA MET W 128 -3.06 50.53 -20.16
C MET W 128 -2.06 50.43 -19.01
N ALA W 129 -2.53 49.96 -17.87
CA ALA W 129 -1.72 49.88 -16.66
C ALA W 129 -0.55 48.92 -16.81
N PHE W 130 -0.80 47.77 -17.43
CA PHE W 130 0.23 46.74 -17.57
C PHE W 130 -0.08 45.80 -18.73
N GLY W 131 0.30 46.21 -19.94
CA GLY W 131 0.13 45.38 -21.11
C GLY W 131 -1.27 45.42 -21.67
N ILE W 132 -1.49 44.67 -22.75
CA ILE W 132 -2.79 44.62 -23.41
C ILE W 132 -3.73 43.63 -22.73
N GLY W 133 -3.17 42.79 -21.87
CA GLY W 133 -3.96 41.80 -21.15
C GLY W 133 -4.30 42.23 -19.73
N GLY W 134 -3.64 43.28 -19.27
CA GLY W 134 -3.85 43.76 -17.92
C GLY W 134 -4.99 44.75 -17.83
N LYS W 135 -5.17 45.34 -16.65
CA LYS W 135 -6.24 46.32 -16.43
C LYS W 135 -6.04 47.58 -17.28
N CYS W 136 -7.09 47.98 -17.98
CA CYS W 136 -7.06 49.21 -18.78
C CYS W 136 -8.21 50.12 -18.38
N TYR W 137 -8.06 51.41 -18.62
CA TYR W 137 -9.07 52.38 -18.21
C TYR W 137 -9.23 53.51 -19.22
N MET W 138 -10.46 53.99 -19.36
CA MET W 138 -10.75 55.11 -20.25
C MET W 138 -11.17 56.34 -19.46
N VAL W 139 -10.81 57.52 -19.97
CA VAL W 139 -11.17 58.77 -19.30
C VAL W 139 -11.99 59.67 -20.22
N VAL W 140 -13.19 60.01 -19.77
CA VAL W 140 -14.08 60.87 -20.55
C VAL W 140 -14.37 62.15 -19.79
N ALA W 141 -14.72 63.21 -20.52
CA ALA W 141 -15.02 64.50 -19.91
C ALA W 141 -16.12 65.23 -20.67
N GLY W 142 -16.93 65.98 -19.94
CA GLY W 142 -18.03 66.71 -20.53
C GLY W 142 -19.10 67.07 -19.52
N ASP W 143 -20.30 67.33 -20.01
CA ASP W 143 -21.44 67.63 -19.14
C ASP W 143 -21.81 66.42 -18.29
N VAL W 144 -22.43 66.67 -17.15
CA VAL W 144 -22.84 65.63 -16.22
C VAL W 144 -23.74 64.59 -16.89
N LEU W 145 -24.69 65.06 -17.69
CA LEU W 145 -25.60 64.16 -18.40
C LEU W 145 -24.87 63.38 -19.49
N ASP W 146 -23.97 64.06 -20.19
CA ASP W 146 -23.22 63.43 -21.28
C ASP W 146 -22.25 62.36 -20.77
N VAL W 147 -21.54 62.68 -19.69
CA VAL W 147 -20.58 61.74 -19.12
C VAL W 147 -21.27 60.50 -18.57
N ALA W 148 -22.41 60.68 -17.93
CA ALA W 148 -23.16 59.57 -17.36
C ALA W 148 -23.64 58.62 -18.45
N ALA W 149 -24.17 59.20 -19.53
CA ALA W 149 -24.64 58.41 -20.67
C ALA W 149 -23.49 57.64 -21.30
N ALA W 150 -22.36 58.31 -21.45
CA ALA W 150 -21.16 57.70 -22.00
C ALA W 150 -20.65 56.56 -21.11
N VAL W 151 -20.62 56.82 -19.81
CA VAL W 151 -20.16 55.82 -18.85
C VAL W 151 -21.08 54.60 -18.83
N ALA W 152 -22.38 54.86 -18.91
CA ALA W 152 -23.37 53.78 -18.95
C ALA W 152 -23.20 52.92 -20.19
N THR W 153 -23.05 53.58 -21.34
CA THR W 153 -22.85 52.88 -22.60
C THR W 153 -21.57 52.05 -22.58
N ALA W 154 -20.50 52.63 -22.04
CA ALA W 154 -19.22 51.94 -21.96
C ALA W 154 -19.31 50.75 -20.99
N SER W 155 -20.03 50.94 -19.89
CA SER W 155 -20.18 49.90 -18.89
C SER W 155 -20.93 48.69 -19.44
N LEU W 156 -21.92 48.94 -20.28
CA LEU W 156 -22.72 47.88 -20.87
C LEU W 156 -21.89 47.03 -21.85
N ALA W 157 -21.03 47.68 -22.62
CA ALA W 157 -20.20 47.00 -23.60
C ALA W 157 -19.23 46.02 -22.92
N ALA W 158 -18.45 46.53 -21.97
CA ALA W 158 -17.47 45.71 -21.26
C ALA W 158 -18.17 44.74 -20.32
N GLY W 159 -19.33 45.15 -19.80
CA GLY W 159 -20.10 44.32 -18.89
C GLY W 159 -20.70 43.12 -19.58
N ALA W 160 -20.95 43.26 -20.88
CA ALA W 160 -21.53 42.18 -21.68
C ALA W 160 -20.53 41.03 -21.84
N LYS W 161 -19.24 41.36 -21.74
CA LYS W 161 -18.19 40.36 -21.88
C LYS W 161 -17.65 39.96 -20.51
N GLY W 162 -18.16 40.61 -19.46
CA GLY W 162 -17.73 40.34 -18.11
C GLY W 162 -16.32 40.81 -17.85
N LEU W 163 -15.89 41.83 -18.60
CA LEU W 163 -14.54 42.35 -18.46
C LEU W 163 -14.52 43.71 -17.78
N LEU W 164 -15.66 44.13 -17.25
CA LEU W 164 -15.77 45.42 -16.57
C LEU W 164 -15.31 45.31 -15.13
N VAL W 165 -14.38 46.19 -14.74
CA VAL W 165 -13.87 46.19 -13.38
C VAL W 165 -14.72 47.06 -12.46
N TYR W 166 -14.83 48.34 -12.82
CA TYR W 166 -15.62 49.29 -12.03
C TYR W 166 -15.92 50.54 -12.84
N ALA W 167 -17.04 51.19 -12.52
CA ALA W 167 -17.44 52.42 -13.18
C ALA W 167 -17.73 53.51 -12.16
N SER W 168 -17.40 54.75 -12.51
CA SER W 168 -17.61 55.87 -11.61
C SER W 168 -17.85 57.18 -12.36
N ILE W 169 -18.88 57.91 -11.94
CA ILE W 169 -19.15 59.23 -12.49
C ILE W 169 -18.77 60.32 -11.49
N ILE W 170 -17.81 61.16 -11.86
CA ILE W 170 -17.28 62.15 -10.95
C ILE W 170 -17.51 63.58 -11.45
N PRO W 171 -18.61 64.21 -11.01
CA PRO W 171 -18.93 65.60 -11.33
C PRO W 171 -18.16 66.57 -10.43
N ARG W 172 -17.65 67.66 -11.01
CA ARG W 172 -16.86 68.64 -10.28
C ARG W 172 -15.69 67.98 -9.55
N PRO W 173 -14.68 67.53 -10.30
CA PRO W 173 -13.53 66.84 -9.70
C PRO W 173 -12.60 67.77 -8.92
N HIS W 174 -12.07 67.25 -7.82
CA HIS W 174 -11.12 67.97 -6.97
C HIS W 174 -9.86 68.38 -7.74
N GLU W 175 -9.24 69.46 -7.30
CA GLU W 175 -8.04 70.00 -7.94
C GLU W 175 -6.94 68.95 -8.03
N ALA W 176 -6.86 68.09 -7.01
CA ALA W 176 -5.89 67.01 -6.97
C ALA W 176 -6.24 65.94 -8.00
N MET W 177 -7.54 65.74 -8.22
CA MET W 177 -8.00 64.74 -9.18
C MET W 177 -7.82 65.26 -10.59
N TRP W 178 -7.98 66.57 -10.75
CA TRP W 178 -7.81 67.23 -12.04
C TRP W 178 -6.37 67.08 -12.52
N ARG W 179 -5.43 67.22 -11.57
CA ARG W 179 -4.01 67.08 -11.87
C ARG W 179 -3.69 65.66 -12.34
N GLN W 180 -4.32 64.68 -11.71
CA GLN W 180 -4.14 63.28 -12.10
C GLN W 180 -4.67 63.05 -13.51
N MET W 181 -5.78 63.71 -13.81
CA MET W 181 -6.40 63.62 -15.13
C MET W 181 -5.49 64.22 -16.19
N VAL W 182 -4.83 65.32 -15.84
CA VAL W 182 -3.94 66.03 -16.75
C VAL W 182 -2.66 65.24 -17.00
N GLU W 183 -2.20 64.54 -15.97
CA GLU W 183 -0.94 63.80 -16.08
C GLU W 183 -1.18 62.35 -16.52
N GLY W 184 -2.46 61.95 -16.48
CA GLY W 184 -2.92 60.61 -16.84
C GLY W 184 -1.93 59.52 -17.22
N GLY X 2 -51.54 54.58 -16.19
CA GLY X 2 -50.73 55.46 -15.36
C GLY X 2 -49.25 55.23 -15.54
N GLU X 3 -48.76 55.45 -16.75
CA GLU X 3 -47.35 55.26 -17.06
C GLU X 3 -46.65 56.59 -17.29
N VAL X 4 -45.48 56.75 -16.70
CA VAL X 4 -44.70 57.97 -16.86
C VAL X 4 -43.65 57.79 -17.96
N PRO X 5 -43.67 58.70 -18.95
CA PRO X 5 -42.74 58.59 -20.08
C PRO X 5 -41.34 59.07 -19.74
N ILE X 6 -40.33 58.37 -20.27
CA ILE X 6 -38.94 58.72 -19.99
C ILE X 6 -38.24 59.25 -21.24
N GLY X 7 -38.06 60.57 -21.30
CA GLY X 7 -37.37 61.20 -22.40
C GLY X 7 -38.09 61.05 -23.74
N ASP X 8 -37.32 61.06 -24.81
CA ASP X 8 -37.86 60.93 -26.16
C ASP X 8 -37.58 59.55 -26.74
N PRO X 9 -38.54 59.00 -27.49
CA PRO X 9 -38.38 57.68 -28.11
C PRO X 9 -37.49 57.72 -29.34
N LYS X 10 -36.81 56.61 -29.63
CA LYS X 10 -35.90 56.54 -30.76
C LYS X 10 -36.37 55.51 -31.79
N GLU X 11 -36.15 55.83 -33.06
CA GLU X 11 -36.54 54.94 -34.15
C GLU X 11 -35.32 54.49 -34.95
N LEU X 12 -35.00 53.20 -34.86
CA LEU X 12 -33.85 52.65 -35.54
C LEU X 12 -33.99 51.13 -35.72
N ASN X 13 -33.27 50.60 -36.71
CA ASN X 13 -33.29 49.18 -37.04
C ASN X 13 -34.69 48.65 -37.33
N GLY X 14 -35.54 49.52 -37.84
CA GLY X 14 -36.89 49.14 -38.23
C GLY X 14 -37.83 48.93 -37.07
N MET X 15 -37.40 49.31 -35.87
CA MET X 15 -38.21 49.12 -34.67
C MET X 15 -38.27 50.40 -33.85
N GLU X 16 -39.41 50.64 -33.22
CA GLU X 16 -39.58 51.80 -32.34
C GLU X 16 -39.31 51.41 -30.90
N ILE X 17 -38.45 52.17 -30.23
CA ILE X 17 -38.05 51.85 -28.86
C ILE X 17 -38.39 53.00 -27.91
N ALA X 18 -39.40 52.80 -27.07
CA ALA X 18 -39.80 53.80 -26.10
C ALA X 18 -39.69 53.25 -24.68
N ALA X 19 -39.51 54.14 -23.73
CA ALA X 19 -39.36 53.74 -22.34
C ALA X 19 -40.40 54.41 -21.45
N VAL X 20 -40.95 53.64 -20.52
CA VAL X 20 -41.95 54.16 -19.60
C VAL X 20 -41.79 53.54 -18.22
N TYR X 21 -42.24 54.27 -17.19
CA TYR X 21 -42.16 53.79 -15.82
C TYR X 21 -43.51 53.90 -15.13
N LEU X 22 -43.80 52.95 -14.25
CA LEU X 22 -45.08 52.94 -13.54
C LEU X 22 -44.93 52.25 -12.18
N GLN X 23 -46.07 51.96 -11.55
CA GLN X 23 -46.08 51.28 -10.26
C GLN X 23 -45.53 49.86 -10.40
N PRO X 24 -44.92 49.33 -9.33
CA PRO X 24 -44.36 47.97 -9.37
C PRO X 24 -45.43 46.93 -9.64
N ILE X 25 -45.08 45.89 -10.40
CA ILE X 25 -46.04 44.86 -10.78
C ILE X 25 -45.61 43.49 -10.30
N GLU X 26 -46.58 42.59 -10.13
CA GLU X 26 -46.29 41.21 -9.74
C GLU X 26 -46.30 40.31 -10.96
N MET X 27 -45.14 39.76 -11.28
CA MET X 27 -44.99 38.95 -12.49
C MET X 27 -44.83 37.47 -12.17
N GLU X 28 -45.45 36.62 -12.97
CA GLU X 28 -45.32 35.18 -12.81
C GLU X 28 -44.45 34.61 -13.93
N PRO X 29 -43.57 33.65 -13.60
CA PRO X 29 -43.40 33.08 -12.25
C PRO X 29 -42.52 33.93 -11.35
N ARG X 30 -42.72 33.78 -10.03
CA ARG X 30 -41.96 34.55 -9.05
C ARG X 30 -40.53 34.02 -8.93
N GLY X 31 -39.67 34.80 -8.28
CA GLY X 31 -38.28 34.41 -8.09
C GLY X 31 -37.39 34.85 -9.24
N ILE X 32 -37.94 35.68 -10.12
CA ILE X 32 -37.19 36.21 -11.25
C ILE X 32 -37.03 37.72 -11.13
N ASP X 33 -38.11 38.44 -11.38
CA ASP X 33 -38.12 39.89 -11.22
C ASP X 33 -38.15 40.28 -9.75
N LEU X 34 -37.53 41.43 -9.44
CA LEU X 34 -37.50 41.97 -8.08
C LEU X 34 -38.91 42.11 -7.52
N ALA X 35 -39.07 41.77 -6.24
CA ALA X 35 -40.35 41.87 -5.56
C ALA X 35 -40.93 43.28 -5.61
N ALA X 36 -42.25 43.36 -5.81
CA ALA X 36 -42.94 44.63 -5.90
C ALA X 36 -42.77 45.47 -4.63
N SER X 37 -42.79 44.81 -3.49
CA SER X 37 -42.65 45.49 -2.21
C SER X 37 -41.22 45.98 -1.99
N LEU X 38 -40.28 45.37 -2.71
CA LEU X 38 -38.87 45.72 -2.59
C LEU X 38 -38.48 46.78 -3.61
N ALA X 39 -39.38 47.02 -4.57
CA ALA X 39 -39.12 47.98 -5.64
C ALA X 39 -39.92 49.25 -5.43
N ASP X 40 -39.58 50.29 -6.18
CA ASP X 40 -40.29 51.57 -6.11
C ASP X 40 -41.00 51.85 -7.42
N ILE X 41 -40.43 51.36 -8.51
CA ILE X 41 -41.02 51.53 -9.83
C ILE X 41 -40.72 50.33 -10.73
N HIS X 42 -41.58 50.10 -11.71
CA HIS X 42 -41.37 49.03 -12.68
C HIS X 42 -41.08 49.60 -14.05
N LEU X 43 -39.86 49.38 -14.54
CA LEU X 43 -39.45 49.91 -15.84
C LEU X 43 -39.80 48.94 -16.95
N GLU X 44 -40.55 49.43 -17.94
CA GLU X 44 -40.96 48.61 -19.07
C GLU X 44 -40.52 49.24 -20.39
N ALA X 45 -39.99 48.42 -21.29
CA ALA X 45 -39.56 48.89 -22.59
C ALA X 45 -40.55 48.51 -23.68
N ASP X 46 -41.11 49.51 -24.35
CA ASP X 46 -42.07 49.27 -25.42
C ASP X 46 -41.37 49.22 -26.77
N ILE X 47 -41.32 48.02 -27.36
CA ILE X 47 -40.64 47.83 -28.63
C ILE X 47 -41.59 47.29 -29.68
N HIS X 48 -41.88 48.11 -30.68
CA HIS X 48 -42.76 47.72 -31.77
C HIS X 48 -42.11 47.98 -33.11
N ALA X 49 -42.41 47.13 -34.09
CA ALA X 49 -41.82 47.26 -35.41
C ALA X 49 -42.41 48.43 -36.18
N LEU X 50 -41.55 49.22 -36.82
CA LEU X 50 -41.98 50.34 -37.63
C LEU X 50 -42.44 49.87 -39.00
N LYS X 51 -42.92 50.80 -39.82
CA LYS X 51 -43.35 50.48 -41.18
C LYS X 51 -42.19 49.99 -42.01
N ASN X 52 -42.44 48.98 -42.84
CA ASN X 52 -41.43 48.41 -43.74
C ASN X 52 -40.18 47.93 -43.01
N ASN X 53 -40.38 47.20 -41.91
CA ASN X 53 -39.29 46.61 -41.16
C ASN X 53 -38.44 45.67 -42.00
N PRO X 54 -37.10 45.73 -41.84
CA PRO X 54 -36.20 44.91 -42.65
C PRO X 54 -36.07 43.48 -42.11
N ASN X 55 -36.73 43.19 -41.01
CA ASN X 55 -36.72 41.86 -40.44
C ASN X 55 -37.99 41.10 -40.76
N GLY X 56 -38.80 41.67 -41.65
CA GLY X 56 -40.04 41.05 -42.06
C GLY X 56 -41.15 41.23 -41.05
N PHE X 57 -40.86 41.97 -39.99
CA PHE X 57 -41.82 42.19 -38.91
C PHE X 57 -42.90 43.17 -39.34
N PRO X 58 -44.17 42.86 -39.03
CA PRO X 58 -45.29 43.74 -39.38
C PRO X 58 -45.32 44.98 -38.50
N GLU X 59 -45.70 46.12 -39.09
CA GLU X 59 -45.78 47.38 -38.36
C GLU X 59 -46.71 47.28 -37.14
N GLY X 60 -46.20 47.67 -35.99
CA GLY X 60 -46.98 47.66 -34.76
C GLY X 60 -46.75 46.41 -33.93
N PHE X 61 -46.30 45.33 -34.57
CA PHE X 61 -46.03 44.09 -33.86
C PHE X 61 -44.84 44.24 -32.92
N TRP X 62 -44.95 43.64 -31.74
CA TRP X 62 -43.89 43.70 -30.74
C TRP X 62 -42.68 42.90 -31.18
N MET X 63 -41.48 43.37 -30.82
CA MET X 63 -40.24 42.67 -31.14
C MET X 63 -39.87 41.69 -30.02
N PRO X 64 -39.94 40.39 -30.32
CA PRO X 64 -39.69 39.32 -29.35
C PRO X 64 -38.28 38.73 -29.44
N TYR X 65 -37.94 37.88 -28.47
CA TYR X 65 -36.68 37.15 -28.44
C TYR X 65 -35.46 38.07 -28.45
N LEU X 66 -35.68 39.34 -28.12
CA LEU X 66 -34.59 40.31 -28.07
C LEU X 66 -33.86 40.26 -26.74
N THR X 67 -32.55 40.46 -26.77
CA THR X 67 -31.75 40.52 -25.55
C THR X 67 -31.52 41.98 -25.18
N ILE X 68 -32.10 42.40 -24.05
CA ILE X 68 -32.08 43.80 -23.66
C ILE X 68 -31.61 44.01 -22.22
N ALA X 69 -30.48 44.69 -22.07
CA ALA X 69 -29.96 45.06 -20.76
C ALA X 69 -30.22 46.54 -20.50
N TYR X 70 -30.31 46.90 -19.22
CA TYR X 70 -30.64 48.28 -18.86
C TYR X 70 -29.60 48.88 -17.93
N ALA X 71 -29.36 50.19 -18.08
CA ALA X 71 -28.43 50.91 -17.22
C ALA X 71 -29.02 52.25 -16.80
N LEU X 72 -29.17 52.43 -15.49
CA LEU X 72 -29.74 53.66 -14.95
C LEU X 72 -28.76 54.39 -14.04
N ALA X 73 -28.49 55.65 -14.36
CA ALA X 73 -27.56 56.45 -13.56
C ALA X 73 -28.18 57.80 -13.20
N ASN X 74 -28.20 58.10 -11.90
CA ASN X 74 -28.70 59.39 -11.43
C ASN X 74 -27.61 60.45 -11.48
N ALA X 75 -27.81 61.47 -12.32
CA ALA X 75 -26.81 62.50 -12.54
C ALA X 75 -26.63 63.38 -11.30
N ASP X 76 -27.62 63.35 -10.41
CA ASP X 76 -27.57 64.15 -9.19
C ASP X 76 -26.63 63.53 -8.15
N THR X 77 -26.77 62.23 -7.94
CA THR X 77 -25.98 61.53 -6.93
C THR X 77 -24.76 60.84 -7.52
N GLY X 78 -24.83 60.51 -8.81
CA GLY X 78 -23.74 59.83 -9.49
C GLY X 78 -23.85 58.32 -9.36
N ALA X 79 -24.86 57.87 -8.62
CA ALA X 79 -25.11 56.44 -8.44
C ALA X 79 -25.53 55.79 -9.75
N ILE X 80 -24.99 54.60 -10.03
CA ILE X 80 -25.31 53.88 -11.26
C ILE X 80 -25.55 52.41 -11.00
N LYS X 81 -26.62 51.88 -11.57
CA LYS X 81 -26.96 50.47 -11.43
C LYS X 81 -27.17 49.82 -12.78
N THR X 82 -26.99 48.50 -12.84
CA THR X 82 -27.16 47.77 -14.09
C THR X 82 -28.08 46.56 -13.90
N GLY X 83 -28.81 46.19 -14.96
CA GLY X 83 -29.71 45.06 -14.90
C GLY X 83 -30.19 44.64 -16.27
N THR X 84 -31.05 43.63 -16.30
CA THR X 84 -31.59 43.11 -17.54
C THR X 84 -33.10 43.23 -17.59
N LEU X 85 -33.65 43.37 -18.79
CA LEU X 85 -35.10 43.46 -18.97
C LEU X 85 -35.67 42.10 -19.36
N MET X 86 -36.76 41.71 -18.71
CA MET X 86 -37.40 40.42 -18.96
C MET X 86 -38.68 40.59 -19.77
N PRO X 87 -38.96 39.64 -20.68
CA PRO X 87 -40.16 39.68 -21.50
C PRO X 87 -41.40 39.24 -20.74
N MET X 88 -42.46 40.05 -20.80
CA MET X 88 -43.68 39.75 -20.06
C MET X 88 -44.90 40.36 -20.75
N VAL X 89 -46.08 39.89 -20.36
CA VAL X 89 -47.32 40.38 -20.95
C VAL X 89 -48.20 41.05 -19.90
N ALA X 90 -48.80 42.18 -20.29
CA ALA X 90 -49.70 42.90 -19.42
C ALA X 90 -51.02 43.16 -20.14
N ASP X 91 -51.89 43.94 -19.52
CA ASP X 91 -53.17 44.29 -20.12
C ASP X 91 -52.98 45.15 -21.36
N ASP X 92 -51.85 45.84 -21.43
CA ASP X 92 -51.55 46.71 -22.56
C ASP X 92 -50.66 46.02 -23.59
N GLY X 93 -50.57 44.70 -23.50
CA GLY X 93 -49.79 43.93 -24.44
C GLY X 93 -48.46 43.45 -23.88
N PRO X 94 -47.63 42.82 -24.74
CA PRO X 94 -46.33 42.27 -24.38
C PRO X 94 -45.19 43.28 -24.52
N HIS X 95 -44.26 43.25 -23.58
CA HIS X 95 -43.11 44.15 -23.60
C HIS X 95 -41.99 43.63 -22.71
N TYR X 96 -40.84 44.29 -22.75
CA TYR X 96 -39.73 43.96 -21.89
C TYR X 96 -39.71 44.84 -20.65
N GLY X 97 -39.89 44.22 -19.50
CA GLY X 97 -39.99 44.96 -18.25
C GLY X 97 -39.34 44.26 -17.07
N ALA X 98 -39.01 45.05 -16.05
CA ALA X 98 -38.37 44.52 -14.85
C ALA X 98 -38.49 45.52 -13.70
N ASN X 99 -38.79 45.01 -12.52
CA ASN X 99 -38.88 45.84 -11.32
C ASN X 99 -37.51 46.32 -10.86
N ILE X 100 -37.42 47.62 -10.54
CA ILE X 100 -36.17 48.22 -10.11
C ILE X 100 -36.37 49.06 -8.85
N ALA X 101 -35.50 48.87 -7.87
CA ALA X 101 -35.59 49.63 -6.62
C ALA X 101 -34.99 51.02 -6.78
N MET X 102 -35.74 52.03 -6.36
CA MET X 102 -35.29 53.41 -6.42
C MET X 102 -35.05 53.96 -5.02
N GLU X 103 -36.13 54.44 -4.40
CA GLU X 103 -36.08 54.91 -3.02
C GLU X 103 -35.77 53.77 -2.06
N LYS X 104 -36.24 52.57 -2.41
CA LYS X 104 -36.06 51.41 -1.56
C LYS X 104 -34.70 50.75 -1.75
N ASP X 105 -33.86 51.33 -2.59
CA ASP X 105 -32.53 50.80 -2.85
C ASP X 105 -31.65 50.87 -1.60
N LYS X 106 -31.15 49.71 -1.19
CA LYS X 106 -30.31 49.61 0.00
C LYS X 106 -29.04 50.46 -0.11
N LYS X 107 -28.50 50.55 -1.32
CA LYS X 107 -27.28 51.33 -1.54
C LYS X 107 -27.56 52.82 -1.52
N GLY X 108 -28.81 53.20 -1.82
CA GLY X 108 -29.21 54.60 -1.82
C GLY X 108 -28.63 55.36 -3.00
N GLY X 109 -29.03 56.64 -3.11
CA GLY X 109 -28.53 57.49 -4.19
C GLY X 109 -29.36 57.37 -5.45
N PHE X 110 -30.42 56.56 -5.40
CA PHE X 110 -31.28 56.37 -6.55
C PHE X 110 -32.67 56.96 -6.30
N GLY X 111 -32.69 58.09 -5.59
CA GLY X 111 -33.93 58.77 -5.26
C GLY X 111 -34.35 59.77 -6.30
N VAL X 112 -35.19 60.72 -5.90
CA VAL X 112 -35.68 61.76 -6.80
C VAL X 112 -34.55 62.63 -7.34
N GLY X 113 -34.56 62.88 -8.64
CA GLY X 113 -33.54 63.71 -9.27
C GLY X 113 -33.46 63.47 -10.76
N THR X 114 -32.35 63.89 -11.37
CA THR X 114 -32.14 63.69 -12.79
C THR X 114 -31.44 62.36 -13.04
N TYR X 115 -31.98 61.57 -13.98
CA TYR X 115 -31.44 60.26 -14.28
C TYR X 115 -31.28 60.03 -15.78
N ALA X 116 -30.28 59.24 -16.15
CA ALA X 116 -30.06 58.88 -17.55
C ALA X 116 -30.21 57.38 -17.74
N LEU X 117 -30.92 56.99 -18.78
CA LEU X 117 -31.16 55.57 -19.05
C LEU X 117 -30.49 55.12 -20.34
N THR X 118 -29.71 54.05 -20.25
CA THR X 118 -29.04 53.47 -21.40
C THR X 118 -29.43 52.01 -21.56
N PHE X 119 -30.06 51.69 -22.70
CA PHE X 119 -30.49 50.32 -22.96
C PHE X 119 -29.58 49.65 -24.00
N LEU X 120 -29.20 48.41 -23.72
CA LEU X 120 -28.37 47.65 -24.65
C LEU X 120 -29.16 46.51 -25.26
N ILE X 121 -29.43 46.61 -26.55
CA ILE X 121 -30.27 45.65 -27.24
C ILE X 121 -29.46 44.80 -28.22
N SER X 122 -29.70 43.49 -28.22
CA SER X 122 -28.98 42.59 -29.09
C SER X 122 -29.89 41.91 -30.10
N ASN X 123 -29.28 41.28 -31.11
CA ASN X 123 -30.03 40.57 -32.15
C ASN X 123 -30.78 39.38 -31.57
N PRO X 124 -31.91 39.00 -32.19
CA PRO X 124 -32.66 37.86 -31.66
C PRO X 124 -31.99 36.54 -32.01
N GLU X 125 -30.96 36.57 -32.85
CA GLU X 125 -30.22 35.38 -33.21
C GLU X 125 -29.48 34.83 -31.99
N LYS X 126 -29.19 35.70 -31.03
CA LYS X 126 -28.54 35.31 -29.79
C LYS X 126 -29.46 34.44 -28.94
N GLN X 127 -30.77 34.61 -29.14
CA GLN X 127 -31.75 33.87 -28.36
C GLN X 127 -32.33 32.70 -29.14
N GLY X 128 -31.70 32.37 -30.26
CA GLY X 128 -32.11 31.22 -31.06
C GLY X 128 -33.21 31.50 -32.06
N PHE X 129 -33.52 32.77 -32.28
CA PHE X 129 -34.54 33.15 -33.25
C PHE X 129 -34.00 33.08 -34.66
N GLY X 130 -34.74 32.45 -35.56
CA GLY X 130 -34.28 32.25 -36.92
C GLY X 130 -34.76 33.30 -37.90
N ARG X 131 -34.25 33.23 -39.12
CA ARG X 131 -34.65 34.14 -40.19
C ARG X 131 -34.48 33.46 -41.54
N HIS X 132 -35.54 33.50 -42.35
CA HIS X 132 -35.51 32.91 -43.69
C HIS X 132 -34.54 33.67 -44.58
N VAL X 133 -33.85 32.93 -45.45
CA VAL X 133 -32.88 33.54 -46.36
C VAL X 133 -33.15 33.14 -47.81
N ASP X 134 -34.36 32.64 -48.06
CA ASP X 134 -34.77 32.27 -49.41
C ASP X 134 -35.01 33.50 -50.27
N GLU X 135 -35.08 33.31 -51.58
CA GLU X 135 -35.33 34.41 -52.50
C GLU X 135 -36.75 34.94 -52.36
N GLU X 136 -37.68 34.04 -52.05
CA GLU X 136 -39.10 34.39 -52.01
C GLU X 136 -39.54 35.02 -50.68
N THR X 137 -39.15 34.40 -49.56
CA THR X 137 -39.65 34.81 -48.26
C THR X 137 -38.54 35.21 -47.29
N GLY X 138 -37.34 35.41 -47.82
CA GLY X 138 -36.20 35.77 -46.98
C GLY X 138 -36.23 37.21 -46.52
N VAL X 139 -35.38 37.53 -45.55
CA VAL X 139 -35.31 38.88 -44.99
C VAL X 139 -33.86 39.33 -44.82
N GLY X 140 -33.66 40.60 -44.52
CA GLY X 140 -32.33 41.16 -44.35
C GLY X 140 -31.64 40.70 -43.08
N LYS X 141 -30.35 41.01 -42.97
CA LYS X 141 -29.56 40.63 -41.80
C LYS X 141 -30.07 41.30 -40.52
N TRP X 142 -29.78 40.68 -39.39
CA TRP X 142 -30.19 41.23 -38.10
C TRP X 142 -29.33 42.43 -37.72
N PHE X 143 -29.94 43.38 -37.02
CA PHE X 143 -29.24 44.60 -36.60
C PHE X 143 -28.08 44.29 -35.65
N GLU X 144 -26.98 44.99 -35.84
CA GLU X 144 -25.83 44.89 -34.95
C GLU X 144 -26.21 45.42 -33.57
N PRO X 145 -25.47 45.01 -32.52
CA PRO X 145 -25.79 45.49 -31.17
C PRO X 145 -25.56 46.99 -31.02
N PHE X 146 -26.54 47.69 -30.47
CA PHE X 146 -26.48 49.14 -30.34
C PHE X 146 -27.11 49.61 -29.03
N VAL X 147 -26.79 50.84 -28.65
CA VAL X 147 -27.31 51.41 -27.41
C VAL X 147 -28.17 52.65 -27.68
N VAL X 148 -29.14 52.88 -26.81
CA VAL X 148 -29.98 54.07 -26.90
C VAL X 148 -29.99 54.82 -25.58
N THR X 149 -30.01 56.15 -25.65
CA THR X 149 -29.94 56.97 -24.46
C THR X 149 -31.14 57.91 -24.33
N TYR X 150 -31.68 58.00 -23.11
CA TYR X 150 -32.79 58.89 -22.82
C TYR X 150 -32.55 59.63 -21.51
N PHE X 151 -33.09 60.84 -21.41
CA PHE X 151 -32.95 61.63 -20.19
C PHE X 151 -34.30 62.03 -19.62
N PHE X 152 -34.49 61.78 -18.33
CA PHE X 152 -35.75 62.07 -17.67
C PHE X 152 -35.55 62.31 -16.17
N LYS X 153 -36.50 63.01 -15.55
CA LYS X 153 -36.42 63.30 -14.13
C LYS X 153 -37.33 62.38 -13.34
N TYR X 154 -36.76 61.64 -12.39
CA TYR X 154 -37.52 60.74 -11.54
C TYR X 154 -38.25 61.52 -10.44
N THR X 155 -39.58 61.44 -10.45
CA THR X 155 -40.38 62.20 -9.50
C THR X 155 -40.73 61.35 -8.28
N GLY X 156 -40.18 60.15 -8.21
CA GLY X 156 -40.41 59.27 -7.07
C GLY X 156 -41.31 58.10 -7.42
N THR X 157 -41.47 57.20 -6.45
CA THR X 157 -42.33 56.04 -6.64
C THR X 157 -43.79 56.43 -6.75
N PRO X 158 -44.46 56.01 -7.84
CA PRO X 158 -45.87 56.31 -8.09
C PRO X 158 -46.79 55.21 -7.57
#